data_8SAK
#
_entry.id   8SAK
#
loop_
_entity.id
_entity.type
_entity.pdbx_description
1 polymer 'Spike glycoprotein'
2 polymer 'JC57-11 Fab heavy chain'
3 polymer 'JC57-11 Fab light chain'
4 branched 2-acetamido-2-deoxy-beta-D-glucopyranose-(1-4)-2-acetamido-2-deoxy-beta-D-glucopyranose
5 branched 2-acetamido-2-deoxy-beta-D-glucopyranose-(1-4)-[alpha-L-fucopyranose-(1-6)]2-acetamido-2-deoxy-beta-D-glucopyranose
6 branched alpha-D-mannopyranose-(1-3)-[alpha-D-mannopyranose-(1-6)]beta-D-mannopyranose-(1-4)-2-acetamido-2-deoxy-beta-D-glucopyranose-(1-4)-2-acetamido-2-deoxy-beta-D-glucopyranose
7 non-polymer 2-acetamido-2-deoxy-beta-D-glucopyranose
#
loop_
_entity_poly.entity_id
_entity_poly.type
_entity_poly.pdbx_seq_one_letter_code
_entity_poly.pdbx_strand_id
1 'polypeptide(L)'
;MRLSVCLLMFLLTPIKGDVDSGPPSSATSCKEADMRNSSSEFFNKQWPMPINASKADGIIYPTGKSYSNISLTLQGLFPK
HGDLGEQYIYSVGHSDSNYDYLGKLFVSDYATKVVPFNNGFVVRIGAAANATGSVIISTVQKTIKKIYPAFMLGSSVGNF
SNGVSGRYFNHTLLLLPDGCGTRLWALYCVIEPRNGSYCPGNSNYNTFAVFDTPHTDCTSAGYNTNATLNSFKEYFDLQN
CSFIYSFNITEDENAEWFGITQNTQGVHLYSSRKGDLYGSNMFLFATLPVYDGIKYYTVIPRSIRSKYSERQAWAAFYIY
SLHKLTYLLDFSVDGYIRRAVDCGHDDLSQLYCSYESFDVGSGVYSVSSFEVHSRGQFIEQPNSVECDFTKLLSGTPPQV
YNFNRLVFTNCNYNLTKLLSLFMVNEFSCDGISPDAIARGCYSSLTVDYFAYPLSMKSYMQPGSAGVISQYNYKQSFANP
TCRIFATAPANLTITKPSSYSFISKCSRLTGDNSHIETPIVINPGEYSICKNFAPNGFSQDGDYFTRQLSQLEGGGILVG
VGSVTPMTDTLQMGFIISVQYGTDTNSVCPMMDLGNSTTITDKLGVCVEYNLYGVSGRGVFINCTAVGVKQQRFVYDGFD
NLIGYYSDDGNYYCVRPCVSVPLSVVYDKTTNSHATIFGSVACEHITTMLHQFSRTTQASLRMRDVSNSGPLQTAVGCVI
GLVNSSMVVDNCQLPLGQSLCAVPSTTRSSSQLQLATINYTQPQLLSPLNSSGFVVQVPTNFSFGITQEYIQTTIQKVTV
DCKQYVCNGFQKCEQLLREYGQFCAKINQALHGANLMQDESVANLFSDIKTHKSQPLNAGLNGDFNLTLLQVPQVSTSQY
SHRSPIEDLLFNKVTIADPGYMQGYDDCMKQGPPSARDLICAQYVAGYKVLPPLYDPNMEGAYTSSLLGSIAGAGWTAGL
SSFAAIPFAQSIFYRMNGIGITQQVLSENQKLIANKFNQALGAMQTGFTTTNLAFSKVQDAVNANAQALSKLASELSNTF
GAISSSISDILKRLDPPEQEAQIDRLINGRLTSLNAFVAQQLVRSETAARSAQLASDKVNECVKSQSKRNGFCGSGTHIV
SFVINAPNGFYFFHVGYVPTNHVNVTAAYGLCNTDTPPRCIAPIDGYFVLNNTTTRDVVDQWYYTGSSFFNPEPITMANA
RYVSQDVKFENLTNQLPPPLLNNQTDLDFKEELEEFFKNVSSQGPNFQEISKINTTLLDLSTEMKVLNEVVKQLNESYID
LKELGNYSY
;
A,B,C
2 'polypeptide(L)'
;EVQLLESGPGVVRPSETLSLSCAVSGGSISDSYRWSWIRQPPGKGLEWVGYIFATGTTTNYNPSLKSRVTISKDTSKNQF
SLKLSSVTAADTAVYYCAREPFKYCSGGVCYAHKDNSLDVWGQGVLVTVSSASTKGPSVFPLAPSSKSTSGGTAALGCLV
KDYFPEPVTVSWNSGALTSGVHTFPAVLQSSGLYSLSSVVTVPSSSLGTQTYICNVNHKPSNTKVDKKVEPKSCDKG
;
H
3 'polypeptide(L)'
;VHSEIVMTQSPATLSLSPGERATLSCRASQSVSSNLAWYQQKPGQAPRLLIHSASSRATGIPDRFSGSGSGTEFSLTISS
LEAEDVGVYHCYQHSSGYTFGPGTKLDIKRTVAAPSVFIFPPSEDQVKSGTVSVVCLLNNFYPREASVKWKVDGALKTGN
SQESVTEQDSKDNTYSLSSTLTLSSTEYQSHKVYACEVTHQGLSSPVTKSFNRGEC
;
L
#
loop_
_chem_comp.id
_chem_comp.type
_chem_comp.name
_chem_comp.formula
BMA D-saccharide, beta linking beta-D-mannopyranose 'C6 H12 O6'
FUC L-saccharide, alpha linking alpha-L-fucopyranose 'C6 H12 O5'
MAN D-saccharide, alpha linking alpha-D-mannopyranose 'C6 H12 O6'
NAG D-saccharide, beta linking 2-acetamido-2-deoxy-beta-D-glucopyranose 'C8 H15 N O6'
#
# COMPACT_ATOMS: atom_id res chain seq x y z
N ASP A 18 -45.13 -13.37 -31.79
CA ASP A 18 -46.24 -14.05 -31.16
C ASP A 18 -47.46 -13.13 -31.08
N VAL A 19 -47.21 -11.82 -31.05
CA VAL A 19 -48.30 -10.86 -31.00
C VAL A 19 -49.03 -10.83 -32.34
N ASP A 20 -50.34 -10.60 -32.29
CA ASP A 20 -51.17 -10.72 -33.48
C ASP A 20 -50.82 -9.67 -34.53
N SER A 21 -50.47 -8.47 -34.10
CA SER A 21 -50.01 -7.38 -34.97
C SER A 21 -51.08 -6.90 -35.94
N GLY A 22 -52.34 -7.22 -35.68
CA GLY A 22 -53.43 -6.75 -36.50
C GLY A 22 -53.61 -7.54 -37.77
N PRO A 23 -54.50 -7.08 -38.65
CA PRO A 23 -54.78 -7.80 -39.89
C PRO A 23 -53.80 -7.40 -40.98
N PRO A 24 -53.56 -8.27 -41.95
CA PRO A 24 -52.69 -7.91 -43.07
C PRO A 24 -53.29 -6.81 -43.93
N SER A 25 -52.41 -6.14 -44.67
CA SER A 25 -52.85 -5.05 -45.53
C SER A 25 -53.76 -5.58 -46.64
N SER A 26 -54.88 -4.90 -46.84
CA SER A 26 -55.85 -5.28 -47.86
C SER A 26 -55.58 -4.65 -49.21
N ALA A 27 -54.59 -3.77 -49.32
CA ALA A 27 -54.29 -3.14 -50.59
C ALA A 27 -53.65 -4.13 -51.56
N THR A 28 -53.86 -3.90 -52.85
CA THR A 28 -53.26 -4.71 -53.89
C THR A 28 -52.08 -4.04 -54.57
N SER A 29 -51.98 -2.72 -54.47
CA SER A 29 -50.90 -1.97 -55.09
C SER A 29 -50.32 -0.99 -54.08
N CYS A 30 -49.01 -0.78 -54.18
CA CYS A 30 -48.32 0.21 -53.36
C CYS A 30 -48.28 1.55 -54.08
N LYS A 31 -48.40 2.62 -53.32
CA LYS A 31 -48.39 3.96 -53.90
C LYS A 31 -47.05 4.25 -54.56
N GLU A 32 -47.10 4.87 -55.74
CA GLU A 32 -45.89 5.25 -56.45
C GLU A 32 -45.20 6.41 -55.73
N ALA A 33 -43.88 6.37 -55.69
CA ALA A 33 -43.08 7.38 -55.01
C ALA A 33 -42.05 7.94 -55.96
N ASP A 34 -41.87 9.26 -55.92
CA ASP A 34 -40.88 9.95 -56.75
C ASP A 34 -39.60 10.08 -55.95
N MET A 35 -38.60 9.27 -56.29
CA MET A 35 -37.33 9.24 -55.58
C MET A 35 -36.36 10.20 -56.26
N ARG A 36 -35.90 11.20 -55.51
CA ARG A 36 -34.91 12.16 -56.00
C ARG A 36 -33.75 12.21 -55.02
N ASN A 37 -32.53 12.08 -55.54
CA ASN A 37 -31.35 11.97 -54.69
C ASN A 37 -30.98 13.34 -54.13
N SER A 38 -29.83 13.41 -53.45
CA SER A 38 -29.37 14.65 -52.85
C SER A 38 -29.06 15.71 -53.90
N SER A 39 -28.83 15.32 -55.15
CA SER A 39 -28.59 16.28 -56.22
C SER A 39 -29.84 17.08 -56.58
N SER A 40 -31.01 16.68 -56.08
CA SER A 40 -32.23 17.42 -56.35
C SER A 40 -32.19 18.78 -55.64
N GLU A 41 -32.93 19.73 -56.20
CA GLU A 41 -32.93 21.08 -55.64
C GLU A 41 -33.50 21.10 -54.23
N PHE A 42 -34.55 20.31 -53.99
CA PHE A 42 -35.25 20.39 -52.71
C PHE A 42 -34.38 19.90 -51.56
N PHE A 43 -33.67 18.79 -51.75
CA PHE A 43 -32.91 18.18 -50.67
C PHE A 43 -31.46 18.63 -50.61
N ASN A 44 -31.01 19.45 -51.55
CA ASN A 44 -29.64 19.98 -51.53
C ASN A 44 -29.61 21.32 -50.79
N LYS A 45 -29.97 21.27 -49.51
CA LYS A 45 -30.02 22.45 -48.65
C LYS A 45 -29.18 22.17 -47.42
N GLN A 46 -27.88 22.43 -47.51
CA GLN A 46 -26.95 22.13 -46.43
C GLN A 46 -27.11 23.19 -45.34
N TRP A 47 -28.11 23.01 -44.49
CA TRP A 47 -28.30 23.84 -43.31
C TRP A 47 -27.46 23.25 -42.18
N PRO A 48 -26.30 23.83 -41.87
CA PRO A 48 -25.35 23.16 -40.98
C PRO A 48 -25.70 23.40 -39.52
N MET A 49 -25.81 22.31 -38.77
CA MET A 49 -26.10 22.34 -37.34
C MET A 49 -25.09 21.46 -36.61
N PRO A 50 -23.89 21.98 -36.38
CA PRO A 50 -22.87 21.19 -35.68
C PRO A 50 -23.23 20.98 -34.22
N ILE A 51 -22.64 19.93 -33.64
CA ILE A 51 -22.84 19.64 -32.23
C ILE A 51 -21.90 20.51 -31.40
N ASN A 52 -22.47 21.22 -30.44
CA ASN A 52 -21.73 22.16 -29.60
C ASN A 52 -21.74 21.62 -28.18
N ALA A 53 -20.57 21.17 -27.71
CA ALA A 53 -20.49 20.55 -26.40
C ALA A 53 -20.78 21.54 -25.27
N SER A 54 -20.45 22.81 -25.48
CA SER A 54 -20.69 23.82 -24.45
C SER A 54 -22.16 23.96 -24.13
N LYS A 55 -23.03 23.67 -25.10
CA LYS A 55 -24.47 23.67 -24.88
C LYS A 55 -25.02 22.30 -24.50
N ALA A 56 -24.14 21.31 -24.29
CA ALA A 56 -24.51 19.95 -23.90
C ALA A 56 -25.48 19.34 -24.91
N ASP A 57 -24.99 19.20 -26.15
CA ASP A 57 -25.80 18.68 -27.24
C ASP A 57 -25.74 17.15 -27.24
N GLY A 58 -26.90 16.52 -27.14
CA GLY A 58 -26.96 15.07 -27.17
C GLY A 58 -26.23 14.39 -26.02
N ILE A 59 -26.32 14.96 -24.83
CA ILE A 59 -25.68 14.39 -23.64
C ILE A 59 -26.71 13.53 -22.92
N ILE A 60 -26.50 12.21 -22.93
CA ILE A 60 -27.39 11.28 -22.25
C ILE A 60 -27.14 11.36 -20.76
N TYR A 61 -28.21 11.49 -19.98
CA TYR A 61 -28.07 11.60 -18.54
C TYR A 61 -27.68 10.25 -17.95
N PRO A 62 -27.00 10.25 -16.79
CA PRO A 62 -26.72 8.99 -16.11
C PRO A 62 -28.00 8.22 -15.81
N THR A 63 -27.88 6.89 -15.89
CA THR A 63 -29.08 6.05 -15.97
C THR A 63 -29.91 6.08 -14.69
N GLY A 64 -29.27 5.99 -13.53
CA GLY A 64 -30.02 5.86 -12.31
C GLY A 64 -29.53 6.69 -11.15
N LYS A 65 -29.00 7.88 -11.43
CA LYS A 65 -28.44 8.76 -10.43
C LYS A 65 -28.71 10.21 -10.82
N SER A 66 -28.51 11.11 -9.86
CA SER A 66 -28.55 12.54 -10.11
C SER A 66 -27.38 13.19 -9.41
N TYR A 67 -26.94 14.32 -9.94
CA TYR A 67 -25.85 15.09 -9.36
C TYR A 67 -26.27 16.55 -9.26
N SER A 68 -25.96 17.17 -8.12
CA SER A 68 -26.29 18.56 -7.88
C SER A 68 -25.01 19.35 -7.69
N ASN A 69 -24.83 20.37 -8.54
CA ASN A 69 -23.82 21.40 -8.31
C ASN A 69 -22.41 20.81 -8.28
N ILE A 70 -22.07 20.05 -9.31
CA ILE A 70 -20.77 19.38 -9.38
C ILE A 70 -20.33 19.28 -10.83
N SER A 71 -19.01 19.33 -11.03
CA SER A 71 -18.39 19.11 -12.33
C SER A 71 -17.68 17.77 -12.27
N LEU A 72 -18.15 16.81 -13.05
CA LEU A 72 -17.72 15.42 -12.94
C LEU A 72 -17.41 14.86 -14.32
N THR A 73 -16.39 14.00 -14.38
CA THR A 73 -16.03 13.30 -15.61
C THR A 73 -16.68 11.92 -15.60
N LEU A 74 -17.37 11.60 -16.68
CA LEU A 74 -18.09 10.33 -16.80
C LEU A 74 -17.81 9.70 -18.15
N GLN A 75 -17.34 8.46 -18.12
CA GLN A 75 -17.21 7.69 -19.35
C GLN A 75 -18.59 7.26 -19.84
N GLY A 76 -18.70 7.10 -21.15
CA GLY A 76 -19.96 6.68 -21.74
C GLY A 76 -20.00 6.97 -23.22
N LEU A 77 -21.21 6.92 -23.75
CA LEU A 77 -21.46 7.13 -25.18
C LEU A 77 -21.94 8.55 -25.37
N PHE A 78 -21.04 9.41 -25.85
CA PHE A 78 -21.32 10.81 -26.12
C PHE A 78 -20.89 11.14 -27.54
N PRO A 79 -21.57 12.09 -28.18
CA PRO A 79 -21.17 12.49 -29.52
C PRO A 79 -19.94 13.39 -29.51
N LYS A 80 -19.24 13.41 -30.64
CA LYS A 80 -18.03 14.21 -30.76
C LYS A 80 -18.37 15.68 -30.93
N HIS A 81 -17.50 16.54 -30.40
CA HIS A 81 -17.69 17.98 -30.47
C HIS A 81 -17.22 18.50 -31.83
N GLY A 82 -18.13 19.18 -32.53
CA GLY A 82 -17.85 19.70 -33.85
C GLY A 82 -18.37 18.84 -34.98
N ASP A 83 -18.85 17.64 -34.69
CA ASP A 83 -19.40 16.78 -35.73
C ASP A 83 -20.66 17.42 -36.33
N LEU A 84 -20.75 17.40 -37.65
CA LEU A 84 -21.89 17.97 -38.34
C LEU A 84 -23.03 16.99 -38.53
N GLY A 85 -22.80 15.70 -38.24
CA GLY A 85 -23.84 14.71 -38.44
C GLY A 85 -24.21 14.56 -39.91
N GLU A 86 -25.44 14.09 -40.13
CA GLU A 86 -25.99 13.96 -41.48
C GLU A 86 -27.38 14.59 -41.48
N GLN A 87 -27.66 15.39 -42.51
CA GLN A 87 -28.92 16.11 -42.61
C GLN A 87 -29.93 15.29 -43.39
N TYR A 88 -31.12 15.15 -42.82
CA TYR A 88 -32.22 14.47 -43.50
C TYR A 88 -33.42 15.40 -43.52
N ILE A 89 -34.04 15.54 -44.69
CA ILE A 89 -35.20 16.39 -44.87
C ILE A 89 -36.37 15.53 -45.32
N TYR A 90 -37.51 15.66 -44.64
CA TYR A 90 -38.67 14.82 -44.89
C TYR A 90 -39.66 15.43 -45.87
N SER A 91 -39.44 16.67 -46.31
CA SER A 91 -40.29 17.33 -47.32
C SER A 91 -41.75 17.37 -46.87
N VAL A 92 -41.97 18.07 -45.76
CA VAL A 92 -43.33 18.25 -45.23
C VAL A 92 -44.10 19.26 -46.08
N LEU A 102 -54.29 12.60 -54.55
CA LEU A 102 -53.13 12.66 -53.66
C LEU A 102 -51.84 12.87 -54.46
N GLY A 103 -51.65 12.05 -55.49
CA GLY A 103 -50.46 12.14 -56.32
C GLY A 103 -49.30 11.33 -55.79
N LYS A 104 -48.22 11.35 -56.57
CA LYS A 104 -47.03 10.58 -56.23
C LYS A 104 -46.36 11.13 -54.98
N LEU A 105 -45.78 10.23 -54.20
CA LEU A 105 -45.06 10.61 -52.99
C LEU A 105 -43.71 11.23 -53.36
N PHE A 106 -43.44 12.42 -52.83
CA PHE A 106 -42.20 13.13 -53.07
C PHE A 106 -41.28 12.90 -51.88
N VAL A 107 -40.45 11.86 -51.96
CA VAL A 107 -39.52 11.50 -50.92
C VAL A 107 -38.13 11.36 -51.53
N SER A 108 -37.17 10.95 -50.72
CA SER A 108 -35.79 10.78 -51.13
C SER A 108 -35.39 9.31 -51.09
N ASP A 109 -34.11 9.05 -51.31
CA ASP A 109 -33.58 7.70 -51.40
C ASP A 109 -32.93 7.23 -50.10
N TYR A 110 -33.45 7.69 -48.95
CA TYR A 110 -32.89 7.28 -47.68
C TYR A 110 -33.07 5.79 -47.43
N ALA A 111 -34.18 5.21 -47.93
CA ALA A 111 -34.44 3.80 -47.69
C ALA A 111 -33.40 2.90 -48.38
N THR A 112 -32.76 3.39 -49.43
CA THR A 112 -31.73 2.61 -50.11
C THR A 112 -30.43 2.60 -49.30
N LYS A 113 -30.07 3.73 -48.71
CA LYS A 113 -28.82 3.81 -47.95
C LYS A 113 -28.93 3.05 -46.64
N VAL A 114 -27.85 2.36 -46.28
CA VAL A 114 -27.76 1.61 -45.05
C VAL A 114 -26.55 2.10 -44.28
N VAL A 115 -26.75 2.52 -43.04
CA VAL A 115 -25.72 3.19 -42.23
C VAL A 115 -25.35 2.26 -41.08
N PRO A 116 -24.06 2.07 -40.81
CA PRO A 116 -23.67 1.26 -39.65
C PRO A 116 -24.13 1.89 -38.35
N PHE A 117 -24.43 1.03 -37.37
CA PHE A 117 -24.95 1.46 -36.08
C PHE A 117 -23.84 1.79 -35.08
N ASN A 118 -22.83 0.93 -34.99
CA ASN A 118 -21.69 1.11 -34.08
C ASN A 118 -22.22 1.16 -32.65
N ASN A 119 -21.96 2.23 -31.90
CA ASN A 119 -22.38 2.31 -30.50
C ASN A 119 -23.73 2.98 -30.34
N GLY A 120 -24.39 3.33 -31.42
CA GLY A 120 -25.66 4.04 -31.38
C GLY A 120 -25.53 5.42 -31.98
N PHE A 121 -26.66 6.12 -32.02
CA PHE A 121 -26.69 7.47 -32.56
C PHE A 121 -27.68 8.31 -31.77
N VAL A 122 -27.49 9.62 -31.86
CA VAL A 122 -28.35 10.61 -31.21
C VAL A 122 -28.91 11.54 -32.29
N VAL A 123 -30.21 11.81 -32.21
CA VAL A 123 -30.93 12.53 -33.25
C VAL A 123 -31.36 13.87 -32.70
N ARG A 124 -31.11 14.93 -33.48
CA ARG A 124 -31.59 16.28 -33.18
C ARG A 124 -32.86 16.52 -34.00
N ILE A 125 -34.01 16.53 -33.33
CA ILE A 125 -35.29 16.66 -34.00
C ILE A 125 -35.68 18.13 -34.03
N GLY A 126 -35.96 18.63 -35.24
CA GLY A 126 -36.37 20.02 -35.40
C GLY A 126 -35.26 21.02 -35.12
N LYS A 146 -43.06 20.20 -36.32
CA LYS A 146 -42.09 19.21 -35.90
C LYS A 146 -42.51 17.80 -36.32
N ILE A 147 -41.60 17.09 -36.98
CA ILE A 147 -41.87 15.74 -37.46
C ILE A 147 -40.85 14.80 -36.87
N TYR A 148 -41.24 13.55 -36.68
CA TYR A 148 -40.30 12.64 -36.06
C TYR A 148 -39.73 11.66 -37.09
N PRO A 149 -38.46 11.30 -36.94
CA PRO A 149 -37.84 10.36 -37.89
C PRO A 149 -38.39 8.96 -37.72
N ALA A 150 -38.32 8.19 -38.81
CA ALA A 150 -38.70 6.78 -38.81
C ALA A 150 -37.47 5.95 -39.13
N PHE A 151 -37.23 4.90 -38.34
CA PHE A 151 -36.01 4.12 -38.46
C PHE A 151 -36.34 2.66 -38.75
N MET A 152 -35.30 1.92 -39.11
CA MET A 152 -35.42 0.48 -39.35
C MET A 152 -34.05 -0.14 -39.09
N LEU A 153 -33.91 -0.82 -37.96
CA LEU A 153 -32.65 -1.43 -37.56
C LEU A 153 -32.70 -2.94 -37.75
N GLY A 154 -31.52 -3.55 -37.75
CA GLY A 154 -31.44 -4.99 -37.95
C GLY A 154 -30.00 -5.44 -37.92
N SER A 155 -29.81 -6.71 -38.28
CA SER A 155 -28.49 -7.34 -38.24
C SER A 155 -27.99 -7.79 -39.61
N SER A 156 -28.83 -8.42 -40.40
CA SER A 156 -28.44 -8.93 -41.71
C SER A 156 -29.13 -8.10 -42.79
N VAL A 157 -28.34 -7.58 -43.71
CA VAL A 157 -28.83 -6.70 -44.77
C VAL A 157 -28.48 -7.30 -46.12
N GLY A 158 -29.37 -7.09 -47.09
CA GLY A 158 -29.16 -7.57 -48.44
C GLY A 158 -29.77 -6.63 -49.46
N ASN A 159 -30.01 -7.14 -50.67
CA ASN A 159 -30.67 -6.37 -51.70
C ASN A 159 -32.02 -7.00 -52.01
N PHE A 160 -32.96 -6.18 -52.47
CA PHE A 160 -34.27 -6.70 -52.83
C PHE A 160 -34.18 -7.47 -54.15
N SER A 161 -35.31 -8.09 -54.53
CA SER A 161 -35.34 -8.90 -55.74
C SER A 161 -35.07 -8.05 -56.97
N ASN A 162 -35.63 -6.84 -57.03
CA ASN A 162 -35.38 -5.97 -58.17
C ASN A 162 -33.96 -5.45 -58.21
N GLY A 163 -33.22 -5.56 -57.10
CA GLY A 163 -31.84 -5.13 -57.05
C GLY A 163 -31.59 -3.88 -56.22
N VAL A 164 -32.62 -3.30 -55.64
CA VAL A 164 -32.46 -2.09 -54.83
C VAL A 164 -32.01 -2.49 -53.44
N SER A 165 -30.86 -1.96 -53.01
CA SER A 165 -30.34 -2.27 -51.69
C SER A 165 -31.22 -1.64 -50.61
N GLY A 166 -31.25 -2.30 -49.45
CA GLY A 166 -31.97 -1.75 -48.31
C GLY A 166 -32.83 -2.73 -47.55
N ARG A 167 -32.81 -4.00 -47.95
CA ARG A 167 -33.61 -5.01 -47.27
C ARG A 167 -32.94 -5.50 -46.00
N TYR A 168 -33.74 -5.68 -44.95
CA TYR A 168 -33.27 -6.21 -43.68
C TYR A 168 -33.78 -7.64 -43.52
N PHE A 169 -32.87 -8.56 -43.23
CA PHE A 169 -33.21 -9.96 -43.07
C PHE A 169 -33.60 -10.25 -41.63
N ASN A 170 -34.41 -11.30 -41.47
CA ASN A 170 -34.85 -11.78 -40.17
C ASN A 170 -35.48 -10.68 -39.33
N HIS A 171 -35.27 -10.73 -38.01
CA HIS A 171 -35.98 -9.82 -37.12
C HIS A 171 -35.43 -8.41 -37.25
N THR A 172 -36.34 -7.45 -37.40
CA THR A 172 -36.00 -6.05 -37.60
C THR A 172 -36.66 -5.21 -36.52
N LEU A 173 -36.02 -4.10 -36.16
CA LEU A 173 -36.55 -3.16 -35.20
C LEU A 173 -37.06 -1.94 -35.95
N LEU A 174 -38.35 -1.64 -35.79
CA LEU A 174 -39.00 -0.54 -36.48
C LEU A 174 -39.46 0.49 -35.46
N LEU A 175 -39.08 1.74 -35.69
CA LEU A 175 -39.47 2.87 -34.84
C LEU A 175 -40.31 3.81 -35.69
N LEU A 176 -41.62 3.56 -35.73
CA LEU A 176 -42.52 4.30 -36.60
C LEU A 176 -43.35 5.26 -35.78
N PRO A 177 -43.17 6.58 -35.91
CA PRO A 177 -44.04 7.52 -35.22
C PRO A 177 -45.42 7.54 -35.84
N ASP A 178 -46.41 7.88 -35.03
CA ASP A 178 -47.79 7.95 -35.51
C ASP A 178 -48.60 8.80 -34.54
N GLY A 179 -49.87 8.97 -34.86
CA GLY A 179 -50.74 9.78 -34.04
C GLY A 179 -50.54 11.26 -34.20
N CYS A 180 -50.03 11.70 -35.36
CA CYS A 180 -49.70 13.11 -35.60
C CYS A 180 -48.76 13.64 -34.52
N GLY A 181 -47.79 12.81 -34.13
CA GLY A 181 -46.85 13.19 -33.11
C GLY A 181 -47.24 12.81 -31.70
N THR A 182 -48.14 11.84 -31.53
CA THR A 182 -48.59 11.43 -30.20
C THR A 182 -48.37 9.96 -29.91
N ARG A 183 -47.58 9.25 -30.71
CA ARG A 183 -47.41 7.82 -30.52
C ARG A 183 -46.13 7.36 -31.21
N LEU A 184 -45.41 6.45 -30.55
CA LEU A 184 -44.21 5.84 -31.09
C LEU A 184 -44.36 4.33 -31.06
N TRP A 185 -44.13 3.68 -32.19
CA TRP A 185 -44.24 2.24 -32.31
C TRP A 185 -42.85 1.61 -32.26
N ALA A 186 -42.72 0.55 -31.46
CA ALA A 186 -41.47 -0.21 -31.35
C ALA A 186 -41.80 -1.66 -31.66
N LEU A 187 -41.73 -2.01 -32.93
CA LEU A 187 -42.02 -3.36 -33.39
C LEU A 187 -40.73 -4.14 -33.61
N TYR A 188 -40.82 -5.46 -33.42
CA TYR A 188 -39.69 -6.38 -33.64
C TYR A 188 -40.25 -7.60 -34.36
N CYS A 189 -40.28 -7.53 -35.68
CA CYS A 189 -40.96 -8.53 -36.50
C CYS A 189 -40.03 -8.96 -37.63
N VAL A 190 -40.49 -9.94 -38.40
CA VAL A 190 -39.84 -10.35 -39.63
C VAL A 190 -40.66 -9.81 -40.79
N ILE A 191 -40.09 -8.89 -41.56
CA ILE A 191 -40.82 -8.19 -42.61
C ILE A 191 -40.59 -8.93 -43.92
N GLU A 192 -41.68 -9.43 -44.51
CA GLU A 192 -41.63 -10.14 -45.78
C GLU A 192 -42.25 -9.27 -46.84
N PRO A 193 -41.49 -8.85 -47.85
CA PRO A 193 -42.02 -7.87 -48.81
C PRO A 193 -43.16 -8.46 -49.64
N ARG A 194 -44.10 -7.58 -50.00
CA ARG A 194 -45.26 -7.98 -50.78
C ARG A 194 -44.99 -7.82 -52.27
N ASN A 195 -45.80 -8.50 -53.07
CA ASN A 195 -45.60 -8.58 -54.51
C ASN A 195 -46.68 -7.84 -55.30
N GLY A 196 -47.11 -6.69 -54.80
CA GLY A 196 -48.07 -5.86 -55.51
C GLY A 196 -47.39 -4.97 -56.53
N SER A 197 -48.10 -3.90 -56.89
CA SER A 197 -47.56 -2.92 -57.82
C SER A 197 -46.75 -1.87 -57.06
N TYR A 198 -45.54 -1.60 -57.54
CA TYR A 198 -44.59 -0.69 -56.91
C TYR A 198 -44.13 -1.21 -55.55
N CYS A 199 -44.59 -2.40 -55.17
CA CYS A 199 -44.20 -3.00 -53.92
C CYS A 199 -42.85 -3.70 -54.07
N PRO A 200 -42.17 -3.99 -52.95
CA PRO A 200 -40.81 -4.54 -53.05
C PRO A 200 -40.71 -5.86 -53.79
N GLY A 201 -41.80 -6.61 -53.90
CA GLY A 201 -41.77 -7.82 -54.71
C GLY A 201 -41.96 -7.60 -56.20
N ASN A 202 -42.15 -6.35 -56.62
CA ASN A 202 -42.38 -6.02 -58.01
C ASN A 202 -41.05 -5.63 -58.68
N SER A 203 -41.11 -5.50 -60.01
CA SER A 203 -39.95 -5.12 -60.80
C SER A 203 -39.83 -3.62 -60.99
N ASN A 204 -40.73 -2.84 -60.39
CA ASN A 204 -40.70 -1.39 -60.52
C ASN A 204 -40.56 -0.74 -59.16
N TYR A 205 -39.62 -1.24 -58.35
CA TYR A 205 -39.51 -0.85 -56.96
C TYR A 205 -38.59 0.35 -56.81
N ASN A 206 -39.16 1.47 -56.36
CA ASN A 206 -38.42 2.60 -55.87
C ASN A 206 -38.33 2.50 -54.35
N THR A 207 -37.88 3.56 -53.70
CA THR A 207 -37.80 3.54 -52.24
C THR A 207 -39.18 3.52 -51.61
N PHE A 208 -39.33 2.73 -50.56
CA PHE A 208 -40.56 2.74 -49.77
C PHE A 208 -40.54 3.92 -48.81
N ALA A 209 -41.74 4.38 -48.43
CA ALA A 209 -41.86 5.50 -47.53
C ALA A 209 -43.23 5.47 -46.87
N VAL A 210 -43.26 5.68 -45.56
CA VAL A 210 -44.52 5.82 -44.85
C VAL A 210 -45.11 7.19 -45.13
N PHE A 211 -46.43 7.30 -44.98
CA PHE A 211 -47.11 8.54 -45.29
C PHE A 211 -48.38 8.67 -44.46
N ASP A 212 -48.84 9.92 -44.34
CA ASP A 212 -50.09 10.25 -43.66
C ASP A 212 -51.07 10.81 -44.67
N THR A 213 -52.31 10.33 -44.63
CA THR A 213 -53.33 10.77 -45.57
C THR A 213 -53.66 12.25 -45.37
N ASN A 224 -56.44 8.81 -35.59
CA ASN A 224 -55.99 7.55 -36.16
C ASN A 224 -54.55 7.27 -35.76
N THR A 225 -54.37 6.47 -34.71
CA THR A 225 -53.05 6.13 -34.21
C THR A 225 -52.40 4.99 -34.99
N ASN A 226 -53.11 4.40 -35.95
CA ASN A 226 -52.59 3.32 -36.77
C ASN A 226 -52.29 3.78 -38.19
N ALA A 227 -52.00 5.08 -38.36
CA ALA A 227 -51.89 5.64 -39.71
C ALA A 227 -50.58 5.23 -40.38
N THR A 228 -49.45 5.61 -39.80
CA THR A 228 -48.16 5.32 -40.43
C THR A 228 -47.86 3.83 -40.42
N LEU A 229 -48.34 3.11 -39.41
CA LEU A 229 -48.13 1.66 -39.37
C LEU A 229 -48.84 0.98 -40.53
N ASN A 230 -50.05 1.45 -40.87
CA ASN A 230 -50.76 0.89 -42.02
C ASN A 230 -50.01 1.18 -43.32
N SER A 231 -49.44 2.38 -43.45
CA SER A 231 -48.67 2.69 -44.64
C SER A 231 -47.45 1.79 -44.77
N PHE A 232 -46.79 1.49 -43.65
CA PHE A 232 -45.67 0.56 -43.67
C PHE A 232 -46.12 -0.84 -44.05
N LYS A 233 -47.28 -1.26 -43.54
CA LYS A 233 -47.78 -2.60 -43.84
C LYS A 233 -48.21 -2.75 -45.29
N GLU A 234 -48.38 -1.66 -46.03
CA GLU A 234 -48.70 -1.76 -47.45
C GLU A 234 -47.56 -2.39 -48.22
N TYR A 235 -46.32 -2.16 -47.81
CA TYR A 235 -45.16 -2.70 -48.49
C TYR A 235 -44.70 -4.02 -47.90
N PHE A 236 -44.73 -4.16 -46.58
CA PHE A 236 -44.21 -5.32 -45.89
C PHE A 236 -45.31 -6.05 -45.14
N ASP A 237 -45.14 -7.36 -44.98
CA ASP A 237 -46.03 -8.17 -44.16
C ASP A 237 -45.37 -8.42 -42.82
N LEU A 238 -46.05 -8.01 -41.75
CA LEU A 238 -45.52 -8.13 -40.39
C LEU A 238 -45.90 -9.49 -39.83
N GLN A 239 -44.91 -10.34 -39.62
CA GLN A 239 -45.15 -11.69 -39.10
C GLN A 239 -44.06 -12.05 -38.11
N ASN A 240 -44.44 -12.90 -37.14
CA ASN A 240 -43.52 -13.42 -36.13
C ASN A 240 -42.90 -12.28 -35.31
N CYS A 241 -43.79 -11.48 -34.73
CA CYS A 241 -43.38 -10.30 -33.96
C CYS A 241 -43.05 -10.71 -32.53
N SER A 242 -41.89 -10.29 -32.05
CA SER A 242 -41.53 -10.54 -30.64
C SER A 242 -42.33 -9.63 -29.72
N PHE A 243 -42.43 -8.35 -30.06
CA PHE A 243 -43.17 -7.40 -29.26
C PHE A 243 -43.64 -6.24 -30.12
N ILE A 244 -44.70 -5.58 -29.66
CA ILE A 244 -45.17 -4.33 -30.25
C ILE A 244 -45.48 -3.36 -29.12
N TYR A 245 -44.63 -2.37 -28.93
CA TYR A 245 -44.73 -1.43 -27.83
C TYR A 245 -45.11 -0.05 -28.36
N SER A 246 -46.09 0.58 -27.70
CA SER A 246 -46.54 1.92 -28.05
C SER A 246 -46.18 2.87 -26.91
N PHE A 247 -45.45 3.94 -27.24
CA PHE A 247 -45.02 4.93 -26.27
C PHE A 247 -45.64 6.27 -26.65
N ASN A 248 -46.52 6.79 -25.80
CA ASN A 248 -47.16 8.07 -26.10
C ASN A 248 -46.15 9.20 -25.96
N ILE A 249 -46.36 10.26 -26.75
CA ILE A 249 -45.50 11.43 -26.71
C ILE A 249 -46.34 12.69 -26.81
N GLU A 256 -35.24 19.36 -28.63
CA GLU A 256 -35.74 18.00 -28.77
C GLU A 256 -34.62 17.06 -29.22
N TRP A 257 -34.52 15.90 -28.57
CA TRP A 257 -33.49 14.95 -28.89
C TRP A 257 -34.04 13.53 -28.75
N PHE A 258 -33.38 12.60 -29.43
CA PHE A 258 -33.71 11.18 -29.36
C PHE A 258 -32.42 10.40 -29.61
N GLY A 259 -32.28 9.27 -28.92
CA GLY A 259 -31.08 8.47 -29.04
C GLY A 259 -31.36 7.01 -28.77
N ILE A 260 -30.55 6.15 -29.39
CA ILE A 260 -30.70 4.71 -29.28
C ILE A 260 -29.32 4.10 -29.04
N THR A 261 -29.23 3.21 -28.06
CA THR A 261 -28.00 2.49 -27.75
C THR A 261 -28.35 1.03 -27.46
N GLN A 262 -27.38 0.15 -27.68
CA GLN A 262 -27.55 -1.27 -27.46
C GLN A 262 -26.50 -1.76 -26.47
N ASN A 263 -26.94 -2.49 -25.46
CA ASN A 263 -26.05 -3.06 -24.47
C ASN A 263 -26.29 -4.55 -24.35
N THR A 264 -25.65 -5.21 -23.38
CA THR A 264 -25.98 -6.60 -23.09
C THR A 264 -27.42 -6.74 -22.61
N GLN A 265 -28.02 -5.67 -22.10
CA GLN A 265 -29.37 -5.70 -21.57
C GLN A 265 -30.42 -5.32 -22.59
N GLY A 266 -30.03 -5.11 -23.85
CA GLY A 266 -31.01 -4.81 -24.89
C GLY A 266 -30.82 -3.46 -25.53
N VAL A 267 -31.88 -2.97 -26.17
CA VAL A 267 -31.87 -1.68 -26.85
C VAL A 267 -32.48 -0.65 -25.91
N HIS A 268 -31.72 0.41 -25.63
CA HIS A 268 -32.16 1.48 -24.74
C HIS A 268 -32.52 2.71 -25.57
N LEU A 269 -33.69 3.27 -25.31
CA LEU A 269 -34.19 4.42 -26.04
C LEU A 269 -34.25 5.63 -25.12
N TYR A 270 -33.82 6.78 -25.63
CA TYR A 270 -33.71 8.00 -24.85
C TYR A 270 -34.47 9.13 -25.54
N SER A 271 -34.95 10.07 -24.74
CA SER A 271 -35.65 11.23 -25.26
C SER A 271 -35.47 12.39 -24.30
N SER A 272 -35.66 13.61 -24.83
CA SER A 272 -35.49 14.81 -24.02
C SER A 272 -36.77 15.23 -23.31
N ARG A 273 -37.94 14.79 -23.78
CA ARG A 273 -39.20 15.19 -23.17
C ARG A 273 -39.37 14.62 -21.77
N LYS A 274 -38.68 13.52 -21.46
CA LYS A 274 -38.80 12.93 -20.13
C LYS A 274 -38.22 13.85 -19.05
N GLY A 275 -37.15 14.58 -19.37
CA GLY A 275 -36.62 15.54 -18.43
C GLY A 275 -37.37 16.85 -18.46
N ASP A 276 -37.36 17.54 -19.60
CA ASP A 276 -38.04 18.81 -19.76
C ASP A 276 -38.20 19.11 -21.24
N LEU A 277 -39.28 19.80 -21.59
CA LEU A 277 -39.46 20.26 -22.96
C LEU A 277 -38.44 21.32 -23.35
N TYR A 278 -37.83 21.99 -22.37
CA TYR A 278 -36.82 23.00 -22.63
C TYR A 278 -35.40 22.48 -22.47
N GLY A 279 -35.17 21.58 -21.52
CA GLY A 279 -33.84 21.02 -21.35
C GLY A 279 -33.46 20.12 -22.50
N SER A 280 -32.17 20.09 -22.80
CA SER A 280 -31.64 19.30 -23.91
C SER A 280 -31.18 17.91 -23.48
N ASN A 281 -31.21 17.61 -22.19
CA ASN A 281 -30.73 16.31 -21.72
C ASN A 281 -31.72 15.21 -22.08
N MET A 282 -31.19 13.99 -22.24
CA MET A 282 -31.96 12.84 -22.67
C MET A 282 -32.01 11.81 -21.55
N PHE A 283 -33.19 11.29 -21.27
CA PHE A 283 -33.40 10.32 -20.22
C PHE A 283 -34.00 9.04 -20.79
N LEU A 284 -33.63 7.91 -20.21
CA LEU A 284 -34.14 6.63 -20.67
C LEU A 284 -35.65 6.54 -20.47
N PHE A 285 -36.34 6.00 -21.46
CA PHE A 285 -37.77 5.76 -21.34
C PHE A 285 -38.22 4.40 -21.86
N ALA A 286 -37.32 3.59 -22.42
CA ALA A 286 -37.72 2.29 -22.93
C ALA A 286 -36.49 1.39 -23.03
N THR A 287 -36.66 0.14 -22.61
CA THR A 287 -35.65 -0.90 -22.78
C THR A 287 -36.28 -2.03 -23.58
N LEU A 288 -35.72 -2.31 -24.75
CA LEU A 288 -36.34 -3.28 -25.62
C LEU A 288 -35.57 -4.59 -25.63
N PRO A 289 -36.25 -5.73 -25.53
CA PRO A 289 -35.54 -7.01 -25.52
C PRO A 289 -35.03 -7.41 -26.89
N VAL A 290 -34.12 -6.61 -27.46
CA VAL A 290 -33.46 -6.94 -28.72
C VAL A 290 -32.00 -7.26 -28.43
N TYR A 291 -31.71 -8.53 -28.18
CA TYR A 291 -30.38 -8.95 -27.75
C TYR A 291 -29.50 -9.44 -28.90
N ASP A 292 -30.05 -9.54 -30.10
CA ASP A 292 -29.23 -9.86 -31.26
C ASP A 292 -28.58 -8.57 -31.77
N GLY A 293 -27.27 -8.63 -31.98
CA GLY A 293 -26.49 -7.44 -32.29
C GLY A 293 -26.96 -6.66 -33.49
N ILE A 294 -27.16 -5.36 -33.31
CA ILE A 294 -27.57 -4.48 -34.39
C ILE A 294 -26.35 -3.85 -35.01
N LYS A 295 -26.27 -3.89 -36.34
CA LYS A 295 -25.12 -3.35 -37.06
C LYS A 295 -25.51 -2.40 -38.19
N TYR A 296 -26.78 -2.31 -38.55
CA TYR A 296 -27.22 -1.49 -39.68
C TYR A 296 -28.54 -0.82 -39.33
N TYR A 297 -28.68 0.45 -39.72
CA TYR A 297 -29.92 1.18 -39.56
C TYR A 297 -30.16 2.03 -40.81
N THR A 298 -31.44 2.29 -41.08
CA THR A 298 -31.82 3.11 -42.21
C THR A 298 -32.96 4.03 -41.80
N VAL A 299 -33.09 5.14 -42.51
CA VAL A 299 -34.12 6.14 -42.24
C VAL A 299 -35.27 5.93 -43.21
N ILE A 300 -36.44 5.61 -42.68
CA ILE A 300 -37.64 5.46 -43.49
C ILE A 300 -38.16 6.85 -43.84
N PRO A 301 -38.29 7.18 -45.12
CA PRO A 301 -38.80 8.50 -45.49
C PRO A 301 -40.26 8.66 -45.09
N ARG A 302 -40.65 9.90 -44.82
CA ARG A 302 -42.01 10.25 -44.50
C ARG A 302 -42.53 11.30 -45.48
N SER A 303 -43.84 11.29 -45.68
CA SER A 303 -44.47 12.28 -46.56
C SER A 303 -45.86 12.58 -46.01
N ILE A 304 -46.38 13.74 -46.41
CA ILE A 304 -47.66 14.21 -45.89
C ILE A 304 -48.74 14.10 -46.96
N TRP A 314 -40.28 22.15 -45.30
CA TRP A 314 -39.07 21.45 -44.92
C TRP A 314 -39.06 21.08 -43.44
N ALA A 315 -38.41 19.96 -43.12
CA ALA A 315 -38.28 19.52 -41.73
C ALA A 315 -37.00 18.71 -41.65
N ALA A 316 -35.96 19.28 -41.04
CA ALA A 316 -34.62 18.71 -41.07
C ALA A 316 -34.22 18.21 -39.69
N PHE A 317 -33.81 16.94 -39.62
CA PHE A 317 -33.28 16.36 -38.41
C PHE A 317 -31.90 15.78 -38.70
N TYR A 318 -31.00 15.91 -37.74
CA TYR A 318 -29.61 15.50 -37.91
C TYR A 318 -29.30 14.32 -37.01
N ILE A 319 -28.57 13.34 -37.53
CA ILE A 319 -28.20 12.13 -36.81
C ILE A 319 -26.71 12.15 -36.56
N TYR A 320 -26.31 12.01 -35.31
CA TYR A 320 -24.91 12.08 -34.90
C TYR A 320 -24.50 10.76 -34.27
N SER A 321 -23.23 10.42 -34.45
CA SER A 321 -22.71 9.15 -33.94
C SER A 321 -22.35 9.27 -32.47
N LEU A 322 -22.45 8.15 -31.76
CA LEU A 322 -22.08 8.06 -30.36
C LEU A 322 -20.81 7.23 -30.23
N HIS A 323 -19.86 7.74 -29.43
CA HIS A 323 -18.56 7.12 -29.29
C HIS A 323 -18.20 6.97 -27.83
N LYS A 324 -17.34 6.00 -27.54
CA LYS A 324 -16.84 5.81 -26.19
C LYS A 324 -15.86 6.92 -25.86
N LEU A 325 -16.35 7.98 -25.23
CA LEU A 325 -15.56 9.16 -24.91
C LEU A 325 -15.74 9.52 -23.45
N THR A 326 -14.70 10.08 -22.85
CA THR A 326 -14.80 10.67 -21.53
C THR A 326 -15.22 12.12 -21.69
N TYR A 327 -16.27 12.51 -20.99
CA TYR A 327 -16.83 13.85 -21.05
C TYR A 327 -16.85 14.44 -19.65
N LEU A 328 -16.50 15.73 -19.55
CA LEU A 328 -16.63 16.46 -18.31
C LEU A 328 -17.99 17.15 -18.30
N LEU A 329 -18.85 16.75 -17.38
CA LEU A 329 -20.22 17.23 -17.33
C LEU A 329 -20.38 18.23 -16.19
N ASP A 330 -21.16 19.29 -16.46
CA ASP A 330 -21.45 20.32 -15.47
C ASP A 330 -22.89 20.15 -15.00
N PHE A 331 -23.05 19.73 -13.76
CA PHE A 331 -24.37 19.56 -13.15
C PHE A 331 -24.72 20.80 -12.35
N SER A 332 -25.93 21.32 -12.56
CA SER A 332 -26.39 22.49 -11.85
C SER A 332 -27.05 22.06 -10.54
N VAL A 333 -27.63 23.04 -9.82
CA VAL A 333 -28.35 22.74 -8.60
C VAL A 333 -29.57 21.87 -8.91
N ASP A 334 -30.30 22.20 -9.97
CA ASP A 334 -31.46 21.41 -10.36
C ASP A 334 -31.07 20.07 -10.95
N GLY A 335 -29.78 19.84 -11.21
CA GLY A 335 -29.27 18.57 -11.64
C GLY A 335 -29.09 18.42 -13.13
N TYR A 336 -29.72 19.27 -13.92
CA TYR A 336 -29.61 19.15 -15.37
C TYR A 336 -28.25 19.63 -15.85
N ILE A 337 -27.85 19.12 -17.01
CA ILE A 337 -26.55 19.43 -17.61
C ILE A 337 -26.74 20.55 -18.62
N ARG A 338 -25.96 21.62 -18.47
CA ARG A 338 -26.02 22.73 -19.41
C ARG A 338 -24.66 23.09 -19.99
N ARG A 339 -23.61 22.37 -19.64
CA ARG A 339 -22.27 22.65 -20.14
C ARG A 339 -21.44 21.38 -20.10
N ALA A 340 -20.67 21.15 -21.15
CA ALA A 340 -19.82 19.98 -21.23
C ALA A 340 -18.64 20.26 -22.15
N VAL A 341 -17.56 19.51 -21.95
CA VAL A 341 -16.38 19.60 -22.80
C VAL A 341 -15.94 18.20 -23.20
N ASP A 342 -15.59 18.04 -24.47
CA ASP A 342 -15.12 16.77 -25.00
C ASP A 342 -13.61 16.70 -24.78
N CYS A 343 -13.18 15.80 -23.90
CA CYS A 343 -11.80 15.82 -23.42
C CYS A 343 -10.81 15.61 -24.55
N GLY A 344 -11.12 14.72 -25.48
CA GLY A 344 -10.20 14.44 -26.57
C GLY A 344 -10.27 15.36 -27.75
N HIS A 345 -11.11 16.40 -27.69
CA HIS A 345 -11.28 17.28 -28.84
C HIS A 345 -10.02 18.07 -29.15
N ASP A 346 -9.42 18.69 -28.13
CA ASP A 346 -8.19 19.44 -28.31
C ASP A 346 -7.40 19.40 -27.00
N ASP A 347 -6.34 20.20 -26.94
CA ASP A 347 -5.45 20.18 -25.79
C ASP A 347 -6.06 20.92 -24.60
N LEU A 348 -6.77 22.02 -24.86
CA LEU A 348 -7.36 22.78 -23.76
C LEU A 348 -8.47 21.99 -23.08
N SER A 349 -9.27 21.25 -23.86
CA SER A 349 -10.36 20.49 -23.28
C SER A 349 -9.86 19.36 -22.40
N GLN A 350 -8.70 18.79 -22.72
CA GLN A 350 -8.12 17.78 -21.84
C GLN A 350 -7.66 18.39 -20.53
N LEU A 351 -7.21 19.64 -20.54
CA LEU A 351 -6.82 20.30 -19.30
C LEU A 351 -8.02 20.49 -18.37
N TYR A 352 -9.17 20.87 -18.93
CA TYR A 352 -10.37 20.99 -18.12
C TYR A 352 -10.76 19.67 -17.49
N CYS A 353 -10.63 18.58 -18.24
CA CYS A 353 -11.00 17.27 -17.72
C CYS A 353 -10.01 16.79 -16.67
N SER A 354 -8.72 17.09 -16.84
CA SER A 354 -7.74 16.68 -15.85
C SER A 354 -7.98 17.38 -14.52
N TYR A 355 -8.26 18.68 -14.55
CA TYR A 355 -8.59 19.40 -13.34
C TYR A 355 -10.06 19.25 -12.95
N GLU A 356 -10.87 18.61 -13.80
CA GLU A 356 -12.27 18.35 -13.51
C GLU A 356 -13.02 19.63 -13.17
N SER A 357 -12.72 20.70 -13.90
CA SER A 357 -13.34 21.99 -13.64
C SER A 357 -13.23 22.86 -14.87
N PHE A 358 -14.30 23.62 -15.16
CA PHE A 358 -14.24 24.61 -16.22
C PHE A 358 -13.41 25.82 -15.84
N ASP A 359 -13.22 26.06 -14.54
CA ASP A 359 -12.40 27.17 -14.05
C ASP A 359 -11.04 26.62 -13.65
N VAL A 360 -10.03 26.90 -14.48
CA VAL A 360 -8.66 26.47 -14.23
C VAL A 360 -7.76 27.69 -14.33
N GLY A 361 -6.80 27.79 -13.41
CA GLY A 361 -5.91 28.93 -13.41
C GLY A 361 -5.02 28.98 -14.64
N SER A 362 -4.61 30.19 -14.99
CA SER A 362 -3.73 30.38 -16.13
C SER A 362 -2.33 29.86 -15.82
N GLY A 363 -1.78 29.06 -16.72
CA GLY A 363 -0.46 28.51 -16.50
C GLY A 363 -0.05 27.61 -17.65
N VAL A 364 1.06 26.92 -17.44
CA VAL A 364 1.60 25.96 -18.39
C VAL A 364 1.50 24.58 -17.76
N TYR A 365 0.80 23.67 -18.43
CA TYR A 365 0.45 22.38 -17.86
C TYR A 365 0.94 21.27 -18.78
N SER A 366 1.26 20.14 -18.17
CA SER A 366 1.66 18.94 -18.90
C SER A 366 0.45 18.04 -19.09
N VAL A 367 0.05 17.83 -20.34
CA VAL A 367 -1.08 16.98 -20.66
C VAL A 367 -0.56 15.69 -21.29
N SER A 368 -1.45 14.73 -21.43
CA SER A 368 -1.07 13.42 -21.95
C SER A 368 -0.78 13.49 -23.44
N SER A 369 0.30 12.83 -23.86
CA SER A 369 0.60 12.70 -25.27
C SER A 369 -0.47 11.84 -25.94
N PHE A 370 -0.79 12.18 -27.19
CA PHE A 370 -1.82 11.42 -27.88
C PHE A 370 -1.31 10.03 -28.22
N GLU A 371 -2.26 9.10 -28.40
CA GLU A 371 -1.93 7.70 -28.59
C GLU A 371 -1.15 7.51 -29.88
N VAL A 372 -0.07 6.73 -29.80
CA VAL A 372 0.75 6.44 -30.96
C VAL A 372 0.13 5.29 -31.74
N HIS A 373 0.25 5.33 -33.06
CA HIS A 373 -0.36 4.36 -33.94
C HIS A 373 0.71 3.51 -34.62
N SER A 374 0.43 2.22 -34.77
CA SER A 374 1.28 1.37 -35.59
C SER A 374 1.06 1.69 -37.05
N ARG A 375 2.13 1.57 -37.84
CA ARG A 375 2.08 1.93 -39.26
C ARG A 375 2.66 0.82 -40.12
N GLY A 376 2.23 -0.40 -39.86
CA GLY A 376 2.61 -1.54 -40.67
C GLY A 376 2.95 -2.73 -39.80
N GLN A 377 3.45 -3.79 -40.44
CA GLN A 377 3.84 -5.01 -39.75
C GLN A 377 5.20 -5.47 -40.28
N PHE A 378 5.95 -6.13 -39.40
CA PHE A 378 7.27 -6.67 -39.72
C PHE A 378 7.28 -8.12 -39.29
N ILE A 379 7.00 -9.01 -40.22
CA ILE A 379 6.89 -10.45 -39.94
C ILE A 379 8.05 -11.17 -40.59
N GLU A 380 8.73 -12.01 -39.80
CA GLU A 380 9.80 -12.88 -40.30
C GLU A 380 9.60 -14.23 -39.64
N GLN A 381 8.85 -15.11 -40.32
CA GLN A 381 8.57 -16.43 -39.82
C GLN A 381 9.11 -17.48 -40.78
N PRO A 382 9.84 -18.47 -40.30
CA PRO A 382 10.33 -19.53 -41.18
C PRO A 382 9.26 -20.57 -41.44
N ASN A 383 9.47 -21.33 -42.52
CA ASN A 383 8.60 -22.45 -42.85
C ASN A 383 9.10 -23.70 -42.11
N SER A 384 8.95 -23.66 -40.79
CA SER A 384 9.50 -24.69 -39.94
C SER A 384 8.70 -25.99 -40.08
N VAL A 385 9.27 -27.06 -39.54
CA VAL A 385 8.70 -28.41 -39.64
C VAL A 385 7.43 -28.52 -38.80
N GLU A 386 6.68 -29.60 -39.00
CA GLU A 386 5.49 -29.88 -38.22
C GLU A 386 5.87 -30.69 -36.99
N CYS A 387 5.39 -30.27 -35.83
CA CYS A 387 5.72 -30.96 -34.59
C CYS A 387 5.24 -32.41 -34.63
N ASP A 388 6.11 -33.33 -34.24
CA ASP A 388 5.87 -34.76 -34.39
C ASP A 388 5.12 -35.26 -33.16
N PHE A 389 3.82 -35.50 -33.31
CA PHE A 389 3.00 -36.09 -32.28
C PHE A 389 2.69 -37.56 -32.54
N THR A 390 3.48 -38.21 -33.41
CA THR A 390 3.17 -39.57 -33.82
C THR A 390 3.38 -40.57 -32.70
N LYS A 391 4.12 -40.21 -31.65
CA LYS A 391 4.23 -41.09 -30.49
C LYS A 391 2.95 -41.07 -29.66
N LEU A 392 2.37 -39.88 -29.47
CA LEU A 392 1.15 -39.76 -28.68
C LEU A 392 -0.05 -40.34 -29.42
N LEU A 393 -0.11 -40.15 -30.73
CA LEU A 393 -1.28 -40.53 -31.50
C LEU A 393 -1.27 -41.98 -31.96
N SER A 394 -0.09 -42.57 -32.12
CA SER A 394 0.05 -43.96 -32.56
C SER A 394 0.79 -44.74 -31.48
N GLY A 395 0.04 -45.32 -30.55
CA GLY A 395 0.64 -46.15 -29.53
C GLY A 395 -0.24 -46.25 -28.31
N THR A 396 0.15 -47.14 -27.41
CA THR A 396 -0.55 -47.34 -26.15
C THR A 396 0.03 -46.40 -25.10
N PRO A 397 -0.78 -45.54 -24.48
CA PRO A 397 -0.23 -44.62 -23.49
C PRO A 397 0.31 -45.37 -22.30
N PRO A 398 1.38 -44.87 -21.68
CA PRO A 398 1.97 -45.54 -20.53
C PRO A 398 1.25 -45.16 -19.24
N GLN A 399 1.76 -45.67 -18.12
CA GLN A 399 1.17 -45.40 -16.82
C GLN A 399 1.67 -44.06 -16.28
N VAL A 400 1.11 -43.66 -15.14
CA VAL A 400 1.39 -42.34 -14.59
C VAL A 400 2.84 -42.24 -14.13
N TYR A 401 3.37 -43.31 -13.56
CA TYR A 401 4.74 -43.31 -13.05
C TYR A 401 5.78 -43.54 -14.14
N ASN A 402 5.35 -43.99 -15.33
CA ASN A 402 6.27 -44.22 -16.42
C ASN A 402 5.87 -43.35 -17.61
N PHE A 403 5.57 -42.09 -17.34
CA PHE A 403 5.04 -41.19 -18.35
C PHE A 403 6.07 -40.91 -19.44
N ASN A 404 5.56 -40.62 -20.64
CA ASN A 404 6.40 -40.18 -21.75
C ASN A 404 6.43 -38.66 -21.78
N ARG A 405 7.58 -38.11 -22.17
CA ARG A 405 7.78 -36.68 -22.25
C ARG A 405 8.15 -36.29 -23.67
N LEU A 406 7.46 -35.28 -24.20
CA LEU A 406 7.74 -34.74 -25.52
C LEU A 406 8.15 -33.28 -25.39
N VAL A 407 9.26 -32.92 -26.01
CA VAL A 407 9.76 -31.56 -26.03
C VAL A 407 9.81 -31.09 -27.47
N PHE A 408 9.09 -30.02 -27.78
CA PHE A 408 9.05 -29.43 -29.11
C PHE A 408 9.79 -28.10 -29.08
N THR A 409 10.66 -27.88 -30.06
CA THR A 409 11.55 -26.73 -30.04
C THR A 409 11.39 -25.81 -31.23
N ASN A 410 11.41 -26.34 -32.45
CA ASN A 410 11.55 -25.54 -33.66
C ASN A 410 10.52 -25.95 -34.70
N CYS A 411 9.27 -26.05 -34.29
CA CYS A 411 8.25 -26.64 -35.16
C CYS A 411 6.93 -25.92 -34.95
N ASN A 412 6.05 -26.05 -35.94
CA ASN A 412 4.67 -25.63 -35.86
C ASN A 412 3.77 -26.83 -35.68
N TYR A 413 2.64 -26.65 -35.00
CA TYR A 413 1.70 -27.73 -34.79
C TYR A 413 0.28 -27.21 -34.96
N ASN A 414 -0.62 -28.14 -35.32
CA ASN A 414 -2.02 -27.85 -35.57
C ASN A 414 -2.78 -28.21 -34.30
N LEU A 415 -3.01 -27.21 -33.45
CA LEU A 415 -3.68 -27.46 -32.17
C LEU A 415 -5.15 -27.82 -32.36
N THR A 416 -5.76 -27.44 -33.47
CA THR A 416 -7.15 -27.81 -33.72
C THR A 416 -7.30 -29.32 -33.85
N LYS A 417 -6.38 -29.97 -34.56
CA LYS A 417 -6.44 -31.42 -34.72
C LYS A 417 -6.28 -32.13 -33.39
N LEU A 418 -5.31 -31.70 -32.58
CA LEU A 418 -5.11 -32.32 -31.27
C LEU A 418 -6.33 -32.13 -30.38
N LEU A 419 -6.90 -30.93 -30.38
CA LEU A 419 -8.05 -30.67 -29.52
C LEU A 419 -9.32 -31.34 -30.06
N SER A 420 -9.40 -31.57 -31.37
CA SER A 420 -10.56 -32.27 -31.91
C SER A 420 -10.52 -33.75 -31.56
N LEU A 421 -9.32 -34.35 -31.53
CA LEU A 421 -9.22 -35.77 -31.22
C LEU A 421 -9.59 -36.06 -29.78
N PHE A 422 -9.23 -35.18 -28.86
CA PHE A 422 -9.47 -35.40 -27.44
C PHE A 422 -10.67 -34.59 -26.96
N MET A 423 -11.20 -34.99 -25.81
CA MET A 423 -12.37 -34.36 -25.20
C MET A 423 -12.00 -34.05 -23.75
N VAL A 424 -11.68 -32.78 -23.48
CA VAL A 424 -11.11 -32.39 -22.20
C VAL A 424 -12.20 -32.42 -21.13
N ASN A 425 -11.90 -33.08 -20.01
CA ASN A 425 -12.85 -33.15 -18.89
C ASN A 425 -12.61 -32.04 -17.88
N GLU A 426 -11.36 -31.77 -17.53
CA GLU A 426 -11.03 -30.65 -16.66
C GLU A 426 -9.57 -30.27 -16.89
N PHE A 427 -9.32 -28.97 -17.02
CA PHE A 427 -7.97 -28.45 -17.11
C PHE A 427 -7.77 -27.40 -16.04
N SER A 428 -6.58 -27.39 -15.45
CA SER A 428 -6.21 -26.40 -14.44
C SER A 428 -4.83 -25.85 -14.80
N CYS A 429 -4.79 -24.59 -15.19
CA CYS A 429 -3.55 -23.94 -15.59
C CYS A 429 -3.21 -22.82 -14.61
N ASP A 430 -1.92 -22.67 -14.34
CA ASP A 430 -1.40 -21.56 -13.56
C ASP A 430 -0.24 -20.93 -14.31
N GLY A 431 -0.28 -19.61 -14.47
CA GLY A 431 0.74 -18.87 -15.18
C GLY A 431 0.45 -18.63 -16.65
N ILE A 432 -0.45 -19.40 -17.23
CA ILE A 432 -0.79 -19.29 -18.65
C ILE A 432 -2.16 -19.88 -18.85
N SER A 433 -2.79 -19.57 -19.99
CA SER A 433 -4.11 -20.09 -20.29
C SER A 433 -4.08 -20.87 -21.61
N PRO A 434 -4.97 -21.85 -21.78
CA PRO A 434 -4.95 -22.65 -23.02
C PRO A 434 -5.15 -21.83 -24.28
N ASP A 435 -5.95 -20.78 -24.23
CA ASP A 435 -6.10 -19.90 -25.40
C ASP A 435 -4.77 -19.23 -25.73
N ALA A 436 -4.02 -18.83 -24.72
CA ALA A 436 -2.69 -18.26 -24.95
C ALA A 436 -1.77 -19.26 -25.62
N ILE A 437 -1.90 -20.54 -25.25
CA ILE A 437 -1.18 -21.59 -25.97
C ILE A 437 -1.63 -21.66 -27.41
N ALA A 438 -2.91 -21.37 -27.67
CA ALA A 438 -3.49 -21.52 -29.00
C ALA A 438 -3.21 -20.32 -29.91
N ARG A 439 -2.70 -19.21 -29.37
CA ARG A 439 -2.55 -18.00 -30.18
C ARG A 439 -1.19 -17.35 -30.04
N GLY A 440 -0.19 -18.03 -29.46
CA GLY A 440 1.11 -17.43 -29.24
C GLY A 440 2.23 -18.43 -29.47
N CYS A 441 3.43 -17.89 -29.57
CA CYS A 441 4.64 -18.68 -29.76
C CYS A 441 5.44 -18.75 -28.46
N TYR A 442 6.26 -19.79 -28.34
CA TYR A 442 7.08 -20.00 -27.16
C TYR A 442 8.34 -20.76 -27.56
N SER A 443 9.37 -20.64 -26.74
CA SER A 443 10.65 -21.26 -27.05
C SER A 443 10.55 -22.78 -27.06
N SER A 444 9.80 -23.35 -26.13
CA SER A 444 9.69 -24.81 -26.04
C SER A 444 8.34 -25.18 -25.46
N LEU A 445 7.93 -26.42 -25.73
CA LEU A 445 6.68 -26.98 -25.23
C LEU A 445 6.95 -28.40 -24.76
N THR A 446 6.73 -28.64 -23.46
CA THR A 446 6.94 -29.95 -22.86
C THR A 446 5.60 -30.56 -22.49
N VAL A 447 5.37 -31.78 -22.96
CA VAL A 447 4.10 -32.47 -22.74
C VAL A 447 4.39 -33.83 -22.14
N ASP A 448 4.04 -34.01 -20.87
CA ASP A 448 4.16 -35.30 -20.19
C ASP A 448 2.79 -35.96 -20.20
N TYR A 449 2.64 -37.00 -21.00
CA TYR A 449 1.35 -37.67 -21.16
C TYR A 449 1.43 -39.09 -20.61
N PHE A 450 0.29 -39.56 -20.09
CA PHE A 450 0.20 -40.86 -19.46
C PHE A 450 -1.28 -41.22 -19.34
N ALA A 451 -1.54 -42.51 -19.12
CA ALA A 451 -2.90 -42.96 -18.87
C ALA A 451 -3.28 -42.70 -17.43
N TYR A 452 -4.49 -42.21 -17.22
CA TYR A 452 -4.93 -41.84 -15.89
C TYR A 452 -6.45 -41.83 -15.80
N PRO A 453 -7.01 -42.52 -14.82
CA PRO A 453 -8.47 -42.51 -14.67
C PRO A 453 -8.98 -41.18 -14.13
N LEU A 454 -10.15 -40.77 -14.63
CA LEU A 454 -10.73 -39.50 -14.20
C LEU A 454 -11.16 -39.52 -12.74
N SER A 455 -11.45 -40.70 -12.20
CA SER A 455 -11.85 -40.80 -10.80
C SER A 455 -10.74 -40.39 -9.85
N MET A 456 -9.49 -40.52 -10.25
CA MET A 456 -8.34 -40.20 -9.41
C MET A 456 -7.75 -38.84 -9.72
N LYS A 457 -8.43 -38.00 -10.48
CA LYS A 457 -7.88 -36.70 -10.83
C LYS A 457 -7.67 -35.81 -9.61
N SER A 458 -8.37 -36.09 -8.51
CA SER A 458 -8.16 -35.34 -7.29
C SER A 458 -6.78 -35.58 -6.69
N TYR A 459 -6.18 -36.72 -6.98
CA TYR A 459 -4.86 -37.07 -6.42
C TYR A 459 -3.71 -36.43 -7.16
N MET A 460 -3.99 -35.65 -8.20
CA MET A 460 -2.97 -34.92 -8.93
C MET A 460 -3.02 -33.42 -8.66
N GLN A 461 -3.82 -32.98 -7.69
CA GLN A 461 -3.89 -31.57 -7.37
C GLN A 461 -2.68 -31.15 -6.55
N PRO A 462 -2.27 -29.88 -6.64
CA PRO A 462 -1.12 -29.40 -5.86
C PRO A 462 -1.42 -29.47 -4.36
N GLY A 463 -0.55 -30.17 -3.64
CA GLY A 463 -0.69 -30.33 -2.21
C GLY A 463 -1.26 -31.65 -1.75
N SER A 464 -1.53 -32.58 -2.66
CA SER A 464 -2.10 -33.86 -2.27
C SER A 464 -1.10 -34.68 -1.45
N ALA A 465 -1.61 -35.36 -0.43
CA ALA A 465 -0.81 -36.26 0.40
C ALA A 465 -0.89 -37.69 -0.06
N GLY A 466 -1.56 -37.96 -1.19
CA GLY A 466 -1.78 -39.31 -1.64
C GLY A 466 -0.56 -39.91 -2.30
N VAL A 467 -0.75 -41.14 -2.80
CA VAL A 467 0.37 -41.90 -3.35
C VAL A 467 0.80 -41.41 -4.73
N ILE A 468 -0.09 -40.72 -5.46
CA ILE A 468 0.28 -40.27 -6.80
C ILE A 468 1.38 -39.22 -6.72
N SER A 469 1.22 -38.24 -5.83
CA SER A 469 2.21 -37.17 -5.72
C SER A 469 3.55 -37.69 -5.21
N GLN A 470 3.52 -38.62 -4.26
CA GLN A 470 4.75 -39.06 -3.63
C GLN A 470 5.56 -39.98 -4.54
N TYR A 471 4.91 -40.86 -5.28
CA TYR A 471 5.60 -41.96 -5.95
C TYR A 471 5.41 -42.03 -7.46
N ASN A 472 4.43 -41.32 -8.02
CA ASN A 472 4.12 -41.46 -9.44
C ASN A 472 4.40 -40.20 -10.24
N TYR A 473 3.81 -39.07 -9.86
CA TYR A 473 4.05 -37.82 -10.58
C TYR A 473 3.79 -36.66 -9.65
N LYS A 474 4.65 -35.64 -9.75
CA LYS A 474 4.45 -34.38 -9.03
C LYS A 474 4.73 -33.24 -9.99
N GLN A 475 3.72 -32.40 -10.20
CA GLN A 475 3.84 -31.33 -11.18
C GLN A 475 4.83 -30.27 -10.73
N SER A 476 5.65 -29.79 -11.66
CA SER A 476 6.61 -28.73 -11.39
C SER A 476 6.00 -27.39 -11.79
N PHE A 477 6.10 -26.41 -10.89
CA PHE A 477 5.54 -25.09 -11.14
C PHE A 477 6.63 -24.05 -11.41
N ALA A 478 7.81 -24.49 -11.87
CA ALA A 478 8.86 -23.57 -12.25
C ALA A 478 8.63 -22.88 -13.58
N ASN A 479 7.71 -23.39 -14.39
CA ASN A 479 7.35 -22.84 -15.68
C ASN A 479 5.84 -22.69 -15.76
N PRO A 480 5.34 -21.82 -16.62
CA PRO A 480 3.89 -21.74 -16.84
C PRO A 480 3.33 -23.08 -17.29
N THR A 481 2.50 -23.71 -16.47
CA THR A 481 2.08 -25.08 -16.70
C THR A 481 0.57 -25.23 -16.57
N CYS A 482 0.03 -26.20 -17.28
CA CYS A 482 -1.37 -26.59 -17.18
C CYS A 482 -1.47 -28.11 -17.09
N ARG A 483 -2.44 -28.59 -16.31
CA ARG A 483 -2.73 -30.01 -16.22
C ARG A 483 -4.07 -30.30 -16.87
N ILE A 484 -4.11 -31.30 -17.74
CA ILE A 484 -5.26 -31.58 -18.58
C ILE A 484 -5.62 -33.05 -18.45
N PHE A 485 -6.89 -33.34 -18.22
CA PHE A 485 -7.43 -34.69 -18.26
C PHE A 485 -8.48 -34.76 -19.34
N ALA A 486 -8.36 -35.74 -20.24
CA ALA A 486 -9.20 -35.82 -21.41
C ALA A 486 -9.53 -37.28 -21.68
N THR A 487 -10.19 -37.53 -22.82
CA THR A 487 -10.57 -38.87 -23.24
C THR A 487 -10.05 -39.08 -24.66
N ALA A 488 -9.38 -40.20 -24.88
CA ALA A 488 -8.83 -40.51 -26.19
C ALA A 488 -9.93 -40.85 -27.19
N PRO A 489 -9.66 -40.68 -28.49
CA PRO A 489 -10.64 -41.09 -29.50
C PRO A 489 -10.93 -42.58 -29.45
N ALA A 490 -12.16 -42.94 -29.81
CA ALA A 490 -12.63 -44.31 -29.60
C ALA A 490 -11.97 -45.29 -30.57
N ASN A 491 -11.95 -44.95 -31.87
CA ASN A 491 -11.55 -45.91 -32.89
C ASN A 491 -10.35 -45.42 -33.70
N LEU A 492 -9.50 -44.59 -33.10
CA LEU A 492 -8.29 -44.14 -33.76
C LEU A 492 -7.12 -45.05 -33.38
N THR A 493 -5.90 -44.60 -33.66
CA THR A 493 -4.72 -45.45 -33.49
C THR A 493 -4.29 -45.59 -32.03
N ILE A 494 -4.89 -44.86 -31.10
CA ILE A 494 -4.52 -44.94 -29.70
C ILE A 494 -5.19 -46.18 -29.10
N THR A 495 -4.39 -47.12 -28.61
CA THR A 495 -4.88 -48.41 -28.13
C THR A 495 -4.92 -48.41 -26.60
N LYS A 496 -6.03 -48.87 -26.04
CA LYS A 496 -6.20 -48.84 -24.60
C LYS A 496 -5.23 -49.82 -23.94
N PRO A 497 -4.64 -49.45 -22.81
CA PRO A 497 -3.82 -50.40 -22.05
C PRO A 497 -4.68 -51.47 -21.39
N SER A 498 -4.03 -52.40 -20.68
CA SER A 498 -4.79 -53.43 -19.97
C SER A 498 -5.56 -52.83 -18.80
N SER A 499 -4.95 -51.90 -18.07
CA SER A 499 -5.56 -51.31 -16.89
C SER A 499 -4.78 -50.05 -16.51
N TYR A 500 -5.28 -49.34 -15.51
CA TYR A 500 -4.57 -48.23 -14.89
C TYR A 500 -3.85 -48.75 -13.65
N SER A 501 -2.57 -48.44 -13.53
CA SER A 501 -1.78 -48.85 -12.38
C SER A 501 -0.94 -47.70 -11.89
N PHE A 502 -0.71 -47.68 -10.57
CA PHE A 502 0.16 -46.69 -9.95
C PHE A 502 0.91 -47.35 -8.81
N ILE A 503 1.99 -46.70 -8.40
CA ILE A 503 2.83 -47.21 -7.32
C ILE A 503 2.24 -46.78 -5.99
N SER A 504 1.95 -47.75 -5.12
CA SER A 504 1.37 -47.46 -3.81
C SER A 504 2.40 -47.40 -2.70
N LYS A 505 3.60 -47.90 -2.93
CA LYS A 505 4.65 -47.87 -1.92
C LYS A 505 6.00 -47.89 -2.61
N CYS A 506 6.93 -47.08 -2.09
CA CYS A 506 8.32 -47.10 -2.55
C CYS A 506 9.17 -46.68 -1.35
N SER A 507 9.73 -47.68 -0.66
CA SER A 507 10.39 -47.46 0.61
C SER A 507 11.76 -48.12 0.62
N ARG A 508 12.54 -47.78 1.64
CA ARG A 508 13.86 -48.36 1.86
C ARG A 508 13.90 -48.99 3.25
N LEU A 509 14.41 -50.21 3.32
CA LEU A 509 14.45 -50.98 4.56
C LEU A 509 15.89 -51.09 5.03
N THR A 510 16.26 -50.26 6.00
CA THR A 510 17.63 -50.23 6.52
C THR A 510 17.57 -49.96 8.02
N GLY A 511 17.70 -51.02 8.81
CA GLY A 511 17.71 -50.91 10.26
C GLY A 511 18.71 -51.86 10.87
N ASP A 512 18.34 -52.55 11.95
CA ASP A 512 19.21 -53.60 12.48
C ASP A 512 19.40 -54.70 11.44
N ASN A 513 18.30 -55.24 10.93
CA ASN A 513 18.31 -56.00 9.69
C ASN A 513 17.40 -55.40 8.63
N SER A 514 16.10 -55.25 8.91
CA SER A 514 15.19 -54.61 7.98
C SER A 514 14.09 -53.78 8.63
N HIS A 515 14.08 -53.62 9.96
CA HIS A 515 12.89 -53.09 10.63
C HIS A 515 12.62 -51.63 10.27
N ILE A 516 13.67 -50.83 10.14
CA ILE A 516 13.48 -49.40 9.87
C ILE A 516 13.09 -49.21 8.41
N GLU A 517 12.00 -48.47 8.19
CA GLU A 517 11.48 -48.23 6.86
C GLU A 517 11.45 -46.73 6.58
N THR A 518 11.87 -46.34 5.38
CA THR A 518 11.91 -44.95 4.98
C THR A 518 11.34 -44.82 3.57
N PRO A 519 10.25 -44.09 3.37
CA PRO A 519 9.71 -43.91 2.01
C PRO A 519 10.64 -43.06 1.15
N ILE A 520 10.57 -43.30 -0.16
CA ILE A 520 11.36 -42.57 -1.15
C ILE A 520 10.39 -41.74 -1.99
N VAL A 521 10.50 -40.42 -1.89
CA VAL A 521 9.59 -39.51 -2.57
C VAL A 521 10.28 -38.88 -3.76
N ILE A 522 9.50 -38.55 -4.77
CA ILE A 522 10.03 -38.01 -6.01
C ILE A 522 9.99 -36.50 -5.99
N ASN A 523 11.01 -35.87 -6.54
CA ASN A 523 11.01 -34.44 -6.77
C ASN A 523 10.08 -34.12 -7.93
N PRO A 524 9.63 -32.87 -8.05
CA PRO A 524 8.71 -32.52 -9.14
C PRO A 524 9.29 -32.85 -10.51
N GLY A 525 8.45 -33.45 -11.36
CA GLY A 525 8.83 -33.80 -12.71
C GLY A 525 9.92 -34.85 -12.81
N GLU A 526 9.85 -35.89 -11.99
CA GLU A 526 10.88 -36.91 -11.97
C GLU A 526 10.24 -38.28 -11.77
N TYR A 527 10.97 -39.32 -12.17
CA TYR A 527 10.51 -40.69 -12.03
C TYR A 527 10.88 -41.26 -10.68
N SER A 528 10.18 -42.33 -10.30
CA SER A 528 10.49 -43.09 -9.10
C SER A 528 11.33 -44.30 -9.47
N ILE A 529 12.28 -44.65 -8.60
CA ILE A 529 13.12 -45.81 -8.85
C ILE A 529 12.32 -47.10 -8.77
N CYS A 530 11.13 -47.07 -8.18
CA CYS A 530 10.26 -48.23 -8.17
C CYS A 530 9.57 -48.46 -9.50
N LYS A 531 9.75 -47.56 -10.47
CA LYS A 531 9.13 -47.74 -11.79
C LYS A 531 9.71 -48.95 -12.50
N ASN A 532 11.01 -49.20 -12.32
CA ASN A 532 11.67 -50.29 -13.03
C ASN A 532 11.19 -51.67 -12.61
N PHE A 533 10.43 -51.77 -11.52
CA PHE A 533 9.84 -53.06 -11.14
C PHE A 533 8.87 -53.54 -12.20
N ALA A 534 7.92 -52.70 -12.58
CA ALA A 534 6.94 -53.00 -13.62
C ALA A 534 6.87 -51.82 -14.56
N PRO A 535 7.83 -51.68 -15.47
CA PRO A 535 7.86 -50.49 -16.33
C PRO A 535 6.73 -50.45 -17.34
N ASN A 536 6.07 -51.58 -17.60
CA ASN A 536 4.95 -51.62 -18.52
C ASN A 536 3.60 -51.77 -17.81
N GLY A 537 3.58 -51.60 -16.50
CA GLY A 537 2.33 -51.68 -15.75
C GLY A 537 2.29 -52.90 -14.84
N PHE A 538 1.66 -52.74 -13.68
CA PHE A 538 1.54 -53.84 -12.73
C PHE A 538 0.47 -54.82 -13.19
N SER A 539 0.79 -56.11 -13.07
CA SER A 539 -0.13 -57.15 -13.55
C SER A 539 -1.36 -57.26 -12.66
N GLN A 540 -1.16 -57.30 -11.35
CA GLN A 540 -2.25 -57.47 -10.40
C GLN A 540 -2.11 -56.46 -9.27
N ASP A 541 -3.20 -56.30 -8.51
CA ASP A 541 -3.20 -55.39 -7.38
C ASP A 541 -2.34 -55.96 -6.26
N GLY A 542 -1.63 -55.07 -5.55
CA GLY A 542 -0.84 -55.48 -4.42
C GLY A 542 0.40 -56.27 -4.77
N ASP A 543 0.91 -56.13 -5.99
CA ASP A 543 2.16 -56.80 -6.34
C ASP A 543 3.30 -56.29 -5.49
N TYR A 544 4.09 -57.20 -4.94
CA TYR A 544 5.17 -56.87 -4.02
C TYR A 544 6.50 -57.13 -4.70
N PHE A 545 7.32 -56.10 -4.82
CA PHE A 545 8.60 -56.18 -5.51
C PHE A 545 9.72 -55.74 -4.58
N THR A 546 10.83 -56.48 -4.62
CA THR A 546 11.97 -56.25 -3.74
C THR A 546 13.25 -56.30 -4.54
N ARG A 547 14.11 -55.30 -4.36
CA ARG A 547 15.41 -55.26 -5.00
C ARG A 547 16.47 -54.89 -3.97
N GLN A 548 17.66 -55.44 -4.14
CA GLN A 548 18.80 -55.12 -3.28
C GLN A 548 19.57 -53.96 -3.90
N LEU A 549 19.66 -52.86 -3.19
CA LEU A 549 20.31 -51.67 -3.70
C LEU A 549 21.82 -51.77 -3.52
N SER A 550 22.56 -51.32 -4.55
CA SER A 550 24.01 -51.35 -4.50
C SER A 550 24.54 -50.27 -3.56
N GLN A 551 25.83 -50.38 -3.25
CA GLN A 551 26.45 -49.43 -2.33
C GLN A 551 26.42 -48.02 -2.89
N LEU A 552 26.66 -47.87 -4.19
CA LEU A 552 26.63 -46.56 -4.82
C LEU A 552 25.23 -45.95 -4.80
N GLU A 553 24.21 -46.77 -4.62
CA GLU A 553 22.83 -46.29 -4.50
C GLU A 553 22.42 -46.01 -3.07
N GLY A 554 23.33 -46.18 -2.11
CA GLY A 554 23.07 -45.94 -0.72
C GLY A 554 22.84 -47.18 0.11
N GLY A 555 22.55 -48.31 -0.51
CA GLY A 555 22.39 -49.57 0.19
C GLY A 555 21.00 -49.70 0.81
N GLY A 556 20.66 -50.94 1.13
CA GLY A 556 19.37 -51.27 1.69
C GLY A 556 18.53 -52.10 0.74
N ILE A 557 17.28 -52.31 1.14
CA ILE A 557 16.32 -53.09 0.37
C ILE A 557 15.20 -52.17 -0.09
N LEU A 558 15.00 -52.09 -1.39
CA LEU A 558 13.95 -51.26 -1.98
C LEU A 558 12.69 -52.09 -2.13
N VAL A 559 11.59 -51.62 -1.54
CA VAL A 559 10.31 -52.31 -1.57
C VAL A 559 9.31 -51.45 -2.34
N GLY A 560 8.65 -52.05 -3.32
CA GLY A 560 7.63 -51.36 -4.08
C GLY A 560 6.34 -52.15 -4.20
N VAL A 561 5.21 -51.50 -3.97
CA VAL A 561 3.90 -52.13 -4.06
C VAL A 561 3.08 -51.40 -5.11
N GLY A 562 2.51 -52.15 -6.05
CA GLY A 562 1.71 -51.59 -7.11
C GLY A 562 0.22 -51.79 -6.88
N SER A 563 -0.57 -50.81 -7.30
CA SER A 563 -2.02 -50.85 -7.18
C SER A 563 -2.62 -50.74 -8.57
N VAL A 564 -3.59 -51.60 -8.86
CA VAL A 564 -4.20 -51.70 -10.18
C VAL A 564 -5.70 -51.45 -10.05
N THR A 565 -6.22 -50.62 -10.96
CA THR A 565 -7.64 -50.34 -11.08
C THR A 565 -8.14 -50.81 -12.44
N PRO A 566 -9.40 -51.26 -12.51
CA PRO A 566 -9.91 -51.81 -13.78
C PRO A 566 -9.97 -50.76 -14.88
N MET A 567 -9.82 -51.22 -16.11
CA MET A 567 -9.88 -50.33 -17.27
C MET A 567 -11.30 -49.87 -17.51
N THR A 568 -11.44 -48.61 -17.94
CA THR A 568 -12.75 -48.01 -18.19
C THR A 568 -13.17 -48.22 -19.64
N ASP A 569 -14.41 -47.86 -19.93
CA ASP A 569 -14.97 -48.07 -21.27
C ASP A 569 -14.21 -47.27 -22.32
N THR A 570 -13.87 -46.02 -22.00
CA THR A 570 -13.10 -45.17 -22.90
C THR A 570 -11.78 -44.82 -22.23
N LEU A 571 -10.72 -44.75 -23.03
CA LEU A 571 -9.40 -44.44 -22.50
C LEU A 571 -9.37 -43.01 -21.99
N GLN A 572 -8.89 -42.84 -20.76
CA GLN A 572 -8.78 -41.54 -20.13
C GLN A 572 -7.31 -41.22 -19.90
N MET A 573 -6.88 -40.04 -20.34
CA MET A 573 -5.47 -39.67 -20.32
C MET A 573 -5.27 -38.37 -19.55
N GLY A 574 -4.06 -38.20 -19.04
CA GLY A 574 -3.68 -36.99 -18.35
C GLY A 574 -2.45 -36.36 -18.94
N PHE A 575 -2.48 -35.05 -19.13
CA PHE A 575 -1.39 -34.30 -19.74
C PHE A 575 -0.91 -33.22 -18.79
N ILE A 576 0.40 -33.10 -18.66
CA ILE A 576 1.01 -31.99 -17.94
C ILE A 576 1.83 -31.21 -18.95
N ILE A 577 1.42 -29.98 -19.22
CA ILE A 577 1.97 -29.16 -20.30
C ILE A 577 2.69 -27.97 -19.70
N SER A 578 3.92 -27.73 -20.14
CA SER A 578 4.69 -26.57 -19.71
C SER A 578 5.32 -25.91 -20.93
N VAL A 579 5.45 -24.58 -20.86
CA VAL A 579 6.02 -23.79 -21.94
C VAL A 579 7.13 -22.90 -21.38
N GLN A 580 7.99 -22.44 -22.28
CA GLN A 580 9.10 -21.57 -21.91
C GLN A 580 9.15 -20.39 -22.87
N TYR A 581 9.68 -19.26 -22.38
CA TYR A 581 9.79 -18.05 -23.16
C TYR A 581 11.20 -17.49 -23.07
N GLY A 582 11.71 -17.01 -24.21
CA GLY A 582 13.00 -16.35 -24.24
C GLY A 582 14.20 -17.24 -24.08
N THR A 583 14.03 -18.56 -24.20
CA THR A 583 15.13 -19.50 -24.00
C THR A 583 15.58 -20.15 -25.31
N ASP A 584 15.22 -19.58 -26.45
CA ASP A 584 15.63 -20.15 -27.74
C ASP A 584 15.54 -19.08 -28.80
N THR A 585 16.25 -19.30 -29.91
CA THR A 585 16.19 -18.41 -31.06
C THR A 585 15.07 -18.76 -32.03
N ASN A 586 14.40 -19.90 -31.82
CA ASN A 586 13.27 -20.30 -32.63
C ASN A 586 12.11 -20.67 -31.71
N SER A 587 10.90 -20.53 -32.22
CA SER A 587 9.71 -20.65 -31.40
C SER A 587 8.81 -21.77 -31.90
N VAL A 588 8.02 -22.31 -31.00
CA VAL A 588 7.00 -23.30 -31.30
C VAL A 588 5.68 -22.54 -31.45
N CYS A 589 5.15 -22.47 -32.66
CA CYS A 589 3.95 -21.69 -32.91
C CYS A 589 2.84 -22.60 -33.43
N PRO A 590 1.66 -22.56 -32.84
CA PRO A 590 0.50 -23.18 -33.49
C PRO A 590 0.21 -22.48 -34.81
N MET A 591 -0.36 -23.23 -35.75
CA MET A 591 -0.49 -22.74 -37.11
C MET A 591 -1.54 -21.64 -37.22
N MET A 592 -1.25 -20.49 -36.59
CA MET A 592 -2.08 -19.31 -36.75
C MET A 592 -1.73 -18.58 -38.04
N ASP A 593 -2.75 -18.03 -38.70
CA ASP A 593 -2.58 -17.36 -39.99
C ASP A 593 -2.06 -15.94 -39.76
N LEU A 594 -0.75 -15.86 -39.55
CA LEU A 594 -0.14 -14.55 -39.30
C LEU A 594 -0.08 -13.72 -40.58
N GLY A 595 0.20 -14.34 -41.70
CA GLY A 595 0.35 -13.65 -42.97
C GLY A 595 1.73 -13.87 -43.56
N ASN A 596 1.96 -13.21 -44.69
CA ASN A 596 3.23 -13.36 -45.39
C ASN A 596 4.32 -12.55 -44.70
N SER A 597 5.56 -13.01 -44.86
CA SER A 597 6.71 -12.28 -44.33
C SER A 597 6.88 -10.96 -45.07
N THR A 598 7.17 -9.91 -44.30
CA THR A 598 7.33 -8.57 -44.84
C THR A 598 8.75 -8.08 -44.63
N THR A 599 9.11 -7.02 -45.34
CA THR A 599 10.43 -6.41 -45.26
C THR A 599 10.32 -5.07 -44.55
N ILE A 600 11.21 -4.84 -43.59
CA ILE A 600 11.25 -3.57 -42.87
C ILE A 600 12.04 -2.51 -43.62
N THR A 601 12.59 -2.85 -44.79
CA THR A 601 13.44 -1.91 -45.53
C THR A 601 12.66 -0.67 -45.94
N ASP A 602 11.41 -0.83 -46.36
CA ASP A 602 10.62 0.30 -46.81
C ASP A 602 9.99 1.09 -45.67
N LYS A 603 10.08 0.61 -44.43
CA LYS A 603 9.43 1.23 -43.29
C LYS A 603 10.40 1.40 -42.13
N LEU A 604 11.64 1.77 -42.43
CA LEU A 604 12.61 2.04 -41.37
C LEU A 604 12.29 3.36 -40.69
N GLY A 605 12.44 3.39 -39.36
CA GLY A 605 12.22 4.60 -38.60
C GLY A 605 10.81 4.83 -38.14
N VAL A 606 9.86 4.02 -38.57
CA VAL A 606 8.46 4.14 -38.14
C VAL A 606 8.16 3.02 -37.15
N CYS A 607 7.12 3.23 -36.36
CA CYS A 607 6.74 2.29 -35.31
C CYS A 607 5.73 1.31 -35.89
N VAL A 608 6.12 0.04 -35.95
CA VAL A 608 5.29 -1.03 -36.49
C VAL A 608 5.26 -2.19 -35.51
N GLU A 609 4.21 -3.00 -35.62
CA GLU A 609 4.16 -4.27 -34.92
C GLU A 609 5.09 -5.27 -35.60
N TYR A 610 5.72 -6.12 -34.79
CA TYR A 610 6.64 -7.12 -35.34
C TYR A 610 6.32 -8.49 -34.77
N ASN A 611 6.63 -9.51 -35.58
CA ASN A 611 6.56 -10.92 -35.17
C ASN A 611 7.79 -11.59 -35.76
N LEU A 612 8.86 -11.63 -34.98
CA LEU A 612 10.17 -12.06 -35.45
C LEU A 612 10.52 -13.40 -34.83
N TYR A 613 10.30 -14.47 -35.58
CA TYR A 613 10.61 -15.82 -35.15
C TYR A 613 9.95 -16.14 -33.81
N GLY A 614 8.72 -15.68 -33.64
CA GLY A 614 7.95 -15.96 -32.46
C GLY A 614 7.94 -14.87 -31.41
N VAL A 615 8.87 -13.91 -31.50
CA VAL A 615 8.90 -12.79 -30.57
C VAL A 615 8.08 -11.66 -31.15
N SER A 616 7.07 -11.21 -30.39
CA SER A 616 6.14 -10.20 -30.85
C SER A 616 6.28 -8.93 -30.03
N GLY A 617 5.76 -7.84 -30.58
CA GLY A 617 5.82 -6.56 -29.91
C GLY A 617 5.66 -5.43 -30.91
N ARG A 618 5.98 -4.23 -30.43
CA ARG A 618 5.93 -3.02 -31.25
C ARG A 618 7.19 -2.20 -31.00
N GLY A 619 7.65 -1.50 -32.02
CA GLY A 619 8.83 -0.69 -31.88
C GLY A 619 9.31 -0.15 -33.20
N VAL A 620 10.39 0.63 -33.13
CA VAL A 620 10.98 1.32 -34.26
C VAL A 620 12.29 0.63 -34.62
N PHE A 621 12.52 0.41 -35.90
CA PHE A 621 13.70 -0.31 -36.38
C PHE A 621 14.60 0.63 -37.17
N ILE A 622 15.88 0.65 -36.82
CA ILE A 622 16.87 1.55 -37.39
C ILE A 622 18.07 0.72 -37.84
N ASN A 623 18.63 1.08 -38.99
CA ASN A 623 19.84 0.42 -39.45
C ASN A 623 20.99 0.74 -38.49
N CYS A 624 21.71 -0.29 -38.06
CA CYS A 624 22.68 -0.17 -36.99
C CYS A 624 23.91 -1.01 -37.30
N THR A 625 25.03 -0.61 -36.73
CA THR A 625 26.24 -1.42 -36.81
C THR A 625 26.06 -2.68 -35.98
N ALA A 626 26.43 -3.82 -36.53
CA ALA A 626 26.15 -5.10 -35.90
C ALA A 626 26.89 -5.22 -34.58
N VAL A 627 26.13 -5.46 -33.51
CA VAL A 627 26.69 -5.71 -32.19
C VAL A 627 26.06 -6.98 -31.64
N GLY A 628 26.76 -7.62 -30.71
CA GLY A 628 26.32 -8.87 -30.17
C GLY A 628 26.73 -10.05 -31.04
N VAL A 629 26.26 -11.23 -30.65
CA VAL A 629 26.55 -12.46 -31.37
C VAL A 629 25.44 -12.69 -32.39
N LYS A 630 25.82 -12.83 -33.66
CA LYS A 630 24.83 -13.02 -34.71
C LYS A 630 24.09 -14.34 -34.55
N GLN A 631 24.80 -15.39 -34.14
CA GLN A 631 24.17 -16.71 -33.98
C GLN A 631 22.95 -16.64 -33.08
N GLN A 632 23.02 -15.81 -32.03
CA GLN A 632 21.85 -15.52 -31.20
C GLN A 632 21.07 -14.38 -31.87
N ARG A 633 19.84 -14.66 -32.28
CA ARG A 633 19.13 -13.77 -33.18
C ARG A 633 18.78 -12.43 -32.55
N PHE A 634 18.75 -12.34 -31.22
CA PHE A 634 18.26 -11.15 -30.54
C PHE A 634 19.31 -10.60 -29.58
N VAL A 635 19.28 -9.28 -29.40
CA VAL A 635 20.16 -8.59 -28.47
C VAL A 635 19.28 -7.90 -27.43
N TYR A 636 19.54 -8.19 -26.16
CA TYR A 636 18.73 -7.69 -25.05
C TYR A 636 19.55 -6.74 -24.19
N ASP A 637 18.86 -6.03 -23.32
CA ASP A 637 19.48 -5.18 -22.31
C ASP A 637 19.48 -5.93 -20.98
N GLY A 638 19.91 -5.25 -19.92
CA GLY A 638 19.85 -5.86 -18.61
C GLY A 638 18.44 -6.12 -18.13
N PHE A 639 17.51 -5.23 -18.50
CA PHE A 639 16.11 -5.33 -18.07
C PHE A 639 15.30 -6.30 -18.91
N ASP A 640 15.95 -7.11 -19.75
CA ASP A 640 15.28 -8.11 -20.58
C ASP A 640 14.30 -7.44 -21.56
N ASN A 641 14.81 -6.47 -22.31
CA ASN A 641 14.06 -5.81 -23.36
C ASN A 641 14.80 -6.00 -24.68
N LEU A 642 14.04 -6.15 -25.76
CA LEU A 642 14.63 -6.37 -27.08
C LEU A 642 15.15 -5.06 -27.63
N ILE A 643 16.48 -4.98 -27.85
CA ILE A 643 17.09 -3.76 -28.34
C ILE A 643 17.81 -3.95 -29.67
N GLY A 644 17.96 -5.18 -30.15
CA GLY A 644 18.61 -5.40 -31.43
C GLY A 644 18.06 -6.64 -32.09
N TYR A 645 18.20 -6.69 -33.41
CA TYR A 645 17.67 -7.81 -34.17
C TYR A 645 18.54 -8.05 -35.40
N TYR A 646 18.71 -9.33 -35.74
CA TYR A 646 19.38 -9.75 -36.96
C TYR A 646 18.34 -10.33 -37.90
N SER A 647 18.33 -9.85 -39.14
CA SER A 647 17.29 -10.17 -40.10
C SER A 647 17.84 -10.98 -41.26
N ASP A 648 16.91 -11.59 -42.00
CA ASP A 648 17.29 -12.31 -43.22
C ASP A 648 17.85 -11.37 -44.28
N ASP A 649 17.55 -10.07 -44.17
CA ASP A 649 18.17 -9.09 -45.07
C ASP A 649 19.67 -9.01 -44.88
N GLY A 650 20.18 -9.45 -43.73
CA GLY A 650 21.60 -9.44 -43.45
C GLY A 650 22.07 -8.28 -42.62
N ASN A 651 21.18 -7.37 -42.23
CA ASN A 651 21.56 -6.21 -41.43
C ASN A 651 21.22 -6.45 -39.97
N TYR A 652 21.66 -5.51 -39.13
CA TYR A 652 21.33 -5.50 -37.71
C TYR A 652 20.50 -4.26 -37.44
N TYR A 653 19.29 -4.47 -36.91
CA TYR A 653 18.34 -3.39 -36.68
C TYR A 653 18.25 -3.10 -35.18
N CYS A 654 18.37 -1.83 -34.82
CA CYS A 654 18.12 -1.40 -33.45
C CYS A 654 16.61 -1.25 -33.25
N VAL A 655 16.09 -1.89 -32.20
CA VAL A 655 14.66 -1.90 -31.94
C VAL A 655 14.39 -0.86 -30.85
N ARG A 656 14.10 0.36 -31.28
CA ARG A 656 13.74 1.40 -30.32
C ARG A 656 12.26 1.28 -29.96
N PRO A 657 11.91 1.53 -28.70
CA PRO A 657 10.49 1.43 -28.29
C PRO A 657 9.63 2.48 -28.99
N CYS A 658 8.36 2.12 -29.20
CA CYS A 658 7.40 3.01 -29.82
C CYS A 658 7.06 4.15 -28.86
N VAL A 659 7.25 5.39 -29.31
CA VAL A 659 7.18 6.56 -28.44
C VAL A 659 6.14 7.53 -28.99
N SER A 660 5.82 8.53 -28.17
CA SER A 660 4.86 9.57 -28.51
C SER A 660 5.43 10.93 -28.14
N VAL A 661 4.98 11.96 -28.86
CA VAL A 661 5.53 13.30 -28.70
C VAL A 661 4.95 13.95 -27.45
N PRO A 662 5.78 14.49 -26.56
CA PRO A 662 5.25 15.14 -25.35
C PRO A 662 4.44 16.37 -25.70
N LEU A 663 3.49 16.70 -24.83
CA LEU A 663 2.56 17.79 -25.05
C LEU A 663 2.46 18.66 -23.81
N SER A 664 2.27 19.96 -24.03
CA SER A 664 2.07 20.92 -22.96
C SER A 664 1.13 22.00 -23.45
N VAL A 665 0.29 22.51 -22.55
CA VAL A 665 -0.74 23.49 -22.90
C VAL A 665 -0.51 24.75 -22.10
N VAL A 666 -0.49 25.89 -22.79
CA VAL A 666 -0.41 27.20 -22.16
C VAL A 666 -1.81 27.79 -22.14
N TYR A 667 -2.28 28.15 -20.95
CA TYR A 667 -3.64 28.65 -20.78
C TYR A 667 -3.60 30.04 -20.16
N ASP A 668 -4.41 30.94 -20.71
CA ASP A 668 -4.60 32.28 -20.15
C ASP A 668 -6.11 32.45 -19.96
N LYS A 669 -6.54 32.48 -18.70
CA LYS A 669 -7.97 32.45 -18.41
C LYS A 669 -8.67 33.74 -18.83
N THR A 670 -8.00 34.89 -18.66
CA THR A 670 -8.66 36.17 -18.92
C THR A 670 -8.92 36.36 -20.41
N THR A 671 -7.91 36.14 -21.25
CA THR A 671 -8.08 36.31 -22.69
C THR A 671 -8.68 35.09 -23.36
N ASN A 672 -8.72 33.94 -22.68
CA ASN A 672 -9.34 32.72 -23.19
C ASN A 672 -8.73 32.29 -24.52
N SER A 673 -7.43 31.96 -24.46
CA SER A 673 -6.72 31.44 -25.62
C SER A 673 -5.64 30.50 -25.13
N HIS A 674 -5.18 29.62 -26.02
CA HIS A 674 -4.23 28.59 -25.64
C HIS A 674 -3.27 28.33 -26.79
N ALA A 675 -2.12 27.76 -26.42
CA ALA A 675 -1.12 27.32 -27.38
C ALA A 675 -0.59 25.96 -26.94
N THR A 676 0.02 25.24 -27.87
CA THR A 676 0.50 23.90 -27.63
C THR A 676 2.02 23.86 -27.78
N ILE A 677 2.70 23.33 -26.78
CA ILE A 677 4.15 23.22 -26.78
C ILE A 677 4.50 21.76 -26.99
N PHE A 678 5.10 21.45 -28.14
CA PHE A 678 5.61 20.12 -28.42
C PHE A 678 7.08 20.11 -27.99
N GLY A 679 7.34 19.56 -26.81
CA GLY A 679 8.67 19.70 -26.21
C GLY A 679 9.68 18.77 -26.86
N SER A 680 10.88 19.31 -27.06
CA SER A 680 12.05 18.56 -27.52
C SER A 680 11.88 17.98 -28.91
N VAL A 681 10.92 18.46 -29.70
CA VAL A 681 10.70 17.97 -31.05
C VAL A 681 10.70 19.16 -31.99
N ALA A 682 11.52 19.08 -33.05
CA ALA A 682 11.61 20.15 -34.03
C ALA A 682 10.35 20.19 -34.89
N CYS A 683 10.10 21.36 -35.47
CA CYS A 683 8.85 21.58 -36.19
C CYS A 683 8.76 20.75 -37.47
N GLU A 684 9.89 20.24 -37.98
CA GLU A 684 9.83 19.40 -39.17
C GLU A 684 9.07 18.11 -38.90
N HIS A 685 9.17 17.57 -37.68
CA HIS A 685 8.44 16.35 -37.34
C HIS A 685 6.94 16.60 -37.30
N ILE A 686 6.52 17.70 -36.70
CA ILE A 686 5.10 18.01 -36.63
C ILE A 686 4.55 18.41 -38.00
N THR A 687 5.30 19.22 -38.74
CA THR A 687 4.80 19.76 -40.00
C THR A 687 4.61 18.67 -41.05
N THR A 688 5.52 17.70 -41.11
CA THR A 688 5.51 16.73 -42.19
C THR A 688 5.07 15.32 -41.79
N MET A 689 4.98 15.03 -40.49
CA MET A 689 4.62 13.69 -40.03
C MET A 689 3.53 13.74 -38.98
N LEU A 690 2.51 14.56 -39.21
CA LEU A 690 1.39 14.66 -38.27
C LEU A 690 0.27 13.73 -38.73
N HIS A 691 -0.11 12.81 -37.86
CA HIS A 691 -1.19 11.86 -38.15
C HIS A 691 -2.33 12.03 -37.15
N GLY A 710 1.17 29.46 -37.68
CA GLY A 710 1.64 28.12 -37.88
C GLY A 710 2.67 27.69 -36.86
N PRO A 711 3.20 26.47 -37.00
CA PRO A 711 4.21 25.99 -36.06
C PRO A 711 5.47 26.85 -36.11
N LEU A 712 6.05 27.07 -34.93
CA LEU A 712 7.22 27.92 -34.79
C LEU A 712 8.24 27.20 -33.91
N GLN A 713 9.50 27.22 -34.33
CA GLN A 713 10.55 26.49 -33.63
C GLN A 713 11.15 27.38 -32.54
N THR A 714 11.14 26.88 -31.31
CA THR A 714 11.65 27.61 -30.14
C THR A 714 12.67 26.74 -29.42
N ALA A 715 13.28 27.32 -28.38
CA ALA A 715 14.27 26.59 -27.62
C ALA A 715 13.67 25.48 -26.76
N VAL A 716 12.36 25.50 -26.54
CA VAL A 716 11.69 24.49 -25.76
C VAL A 716 10.93 23.49 -26.62
N GLY A 717 11.05 23.61 -27.94
CA GLY A 717 10.36 22.71 -28.85
C GLY A 717 9.64 23.43 -29.96
N CYS A 718 8.60 22.80 -30.50
CA CYS A 718 7.78 23.39 -31.55
C CYS A 718 6.45 23.81 -30.95
N VAL A 719 6.03 25.04 -31.24
CA VAL A 719 4.85 25.64 -30.62
C VAL A 719 3.88 26.07 -31.71
N ILE A 720 2.63 25.64 -31.59
CA ILE A 720 1.54 26.10 -32.43
C ILE A 720 0.61 26.95 -31.59
N GLY A 721 0.34 28.16 -32.05
CA GLY A 721 -0.57 29.09 -31.39
C GLY A 721 0.04 30.45 -31.11
N LEU A 722 1.33 30.49 -30.80
CA LEU A 722 1.98 31.76 -30.52
C LEU A 722 2.31 32.51 -31.80
N VAL A 723 2.54 33.81 -31.66
CA VAL A 723 2.90 34.69 -32.77
C VAL A 723 4.23 35.35 -32.45
N ASN A 724 5.19 35.24 -33.36
CA ASN A 724 6.54 35.79 -33.15
C ASN A 724 6.51 37.27 -33.46
N SER A 725 6.17 38.09 -32.46
CA SER A 725 6.23 39.53 -32.57
C SER A 725 7.58 40.09 -32.15
N SER A 726 8.51 39.24 -31.72
CA SER A 726 9.84 39.64 -31.28
C SER A 726 9.75 40.66 -30.14
N MET A 727 8.82 40.43 -29.21
CA MET A 727 8.68 41.31 -28.06
C MET A 727 9.63 40.90 -26.95
N VAL A 728 9.96 41.86 -26.09
CA VAL A 728 10.77 41.63 -24.91
C VAL A 728 10.02 42.18 -23.71
N VAL A 729 9.85 41.36 -22.67
CA VAL A 729 9.01 41.71 -21.54
C VAL A 729 9.80 41.54 -20.24
N ASP A 730 9.64 42.51 -19.33
CA ASP A 730 10.34 42.46 -18.06
C ASP A 730 9.74 41.41 -17.14
N ASN A 731 8.41 41.35 -17.06
CA ASN A 731 7.71 40.41 -16.20
C ASN A 731 6.61 39.73 -17.00
N CYS A 732 6.67 38.41 -17.09
CA CYS A 732 5.62 37.61 -17.72
C CYS A 732 5.30 36.42 -16.83
N GLN A 733 4.01 36.15 -16.65
CA GLN A 733 3.55 35.15 -15.72
C GLN A 733 3.35 33.77 -16.36
N LEU A 734 3.71 33.61 -17.63
CA LEU A 734 3.60 32.33 -18.33
C LEU A 734 4.94 31.96 -18.94
N PRO A 735 5.90 31.54 -18.11
CA PRO A 735 7.25 31.25 -18.61
C PRO A 735 7.34 29.87 -19.22
N LEU A 736 7.66 29.82 -20.51
CA LEU A 736 7.79 28.55 -21.22
C LEU A 736 9.09 27.82 -20.90
N GLY A 737 10.09 28.54 -20.42
CA GLY A 737 11.40 27.98 -20.18
C GLY A 737 12.42 28.48 -21.18
N GLN A 738 13.69 28.41 -20.79
CA GLN A 738 14.81 28.90 -21.59
C GLN A 738 14.61 30.36 -21.98
N SER A 739 14.19 31.17 -21.00
CA SER A 739 13.99 32.61 -21.18
C SER A 739 12.97 32.90 -22.29
N LEU A 740 11.90 32.11 -22.33
CA LEU A 740 10.80 32.32 -23.26
C LEU A 740 9.49 32.30 -22.49
N CYS A 741 8.60 33.24 -22.81
CA CYS A 741 7.31 33.29 -22.15
C CYS A 741 6.25 33.80 -23.11
N ALA A 742 5.00 33.50 -22.78
CA ALA A 742 3.85 33.88 -23.59
C ALA A 742 3.16 35.08 -22.97
N VAL A 743 2.97 36.13 -23.75
CA VAL A 743 2.34 37.36 -23.32
C VAL A 743 0.99 37.47 -24.01
N PRO A 744 -0.12 37.54 -23.28
CA PRO A 744 -1.43 37.69 -23.94
C PRO A 744 -1.53 39.02 -24.67
N SER A 745 -2.30 39.01 -25.74
CA SER A 745 -2.54 40.21 -26.53
C SER A 745 -4.03 40.38 -26.83
N SER A 751 -5.96 38.45 -30.99
CA SER A 751 -6.38 37.77 -29.78
C SER A 751 -5.58 36.48 -29.56
N GLN A 752 -4.36 36.47 -30.07
CA GLN A 752 -3.47 35.32 -29.93
C GLN A 752 -2.33 35.66 -28.99
N LEU A 753 -1.89 34.67 -28.21
CA LEU A 753 -0.72 34.84 -27.37
C LEU A 753 0.52 35.02 -28.23
N GLN A 754 1.45 35.83 -27.75
CA GLN A 754 2.64 36.19 -28.50
C GLN A 754 3.89 35.71 -27.79
N LEU A 755 4.83 35.19 -28.57
CA LEU A 755 6.08 34.65 -28.03
C LEU A 755 7.05 35.79 -27.76
N ALA A 756 7.36 36.00 -26.48
CA ALA A 756 8.24 37.09 -26.05
C ALA A 756 9.36 36.53 -25.21
N THR A 757 10.46 37.29 -25.16
CA THR A 757 11.64 36.91 -24.41
C THR A 757 11.72 37.72 -23.11
N ILE A 758 12.05 37.04 -22.02
CA ILE A 758 12.24 37.72 -20.74
C ILE A 758 13.43 38.65 -20.86
N ASN A 759 13.25 39.87 -20.36
CA ASN A 759 14.25 40.93 -20.52
C ASN A 759 15.21 40.97 -19.35
N TYR A 760 16.49 41.21 -19.66
CA TYR A 760 17.51 41.45 -18.66
C TYR A 760 17.86 42.94 -18.67
N THR A 761 17.44 43.64 -17.63
CA THR A 761 17.69 45.08 -17.54
C THR A 761 19.17 45.33 -17.33
N GLN A 762 19.77 46.10 -18.22
CA GLN A 762 21.20 46.35 -18.15
C GLN A 762 21.52 47.19 -16.92
N PRO A 763 22.52 46.81 -16.12
CA PRO A 763 22.87 47.63 -14.96
C PRO A 763 23.40 48.98 -15.38
N GLN A 764 23.10 49.99 -14.58
CA GLN A 764 23.63 51.33 -14.84
C GLN A 764 25.13 51.32 -14.68
N LEU A 765 25.82 52.01 -15.59
CA LEU A 765 27.28 52.02 -15.63
C LEU A 765 27.79 53.37 -15.15
N LEU A 766 28.72 53.34 -14.19
CA LEU A 766 29.34 54.54 -13.65
C LEU A 766 30.83 54.47 -13.94
N SER A 767 31.30 55.31 -14.85
CA SER A 767 32.69 55.26 -15.26
C SER A 767 33.60 55.78 -14.13
N PRO A 768 34.75 55.15 -13.92
CA PRO A 768 35.69 55.68 -12.93
C PRO A 768 36.17 57.07 -13.31
N LEU A 769 36.46 57.87 -12.28
CA LEU A 769 36.88 59.24 -12.50
C LEU A 769 38.37 59.29 -12.83
N ASN A 770 38.72 60.12 -13.82
CA ASN A 770 40.10 60.23 -14.26
C ASN A 770 40.96 61.10 -13.34
N SER A 771 40.34 61.90 -12.48
CA SER A 771 41.08 62.79 -11.59
C SER A 771 41.56 62.01 -10.37
N SER A 772 42.05 62.74 -9.37
CA SER A 772 42.65 62.09 -8.20
C SER A 772 41.62 61.37 -7.35
N GLY A 773 40.47 61.99 -7.14
CA GLY A 773 39.45 61.42 -6.28
C GLY A 773 38.61 60.38 -6.98
N PHE A 774 37.47 60.08 -6.36
CA PHE A 774 36.51 59.12 -6.90
C PHE A 774 35.13 59.76 -6.93
N VAL A 775 34.28 59.25 -7.81
CA VAL A 775 32.94 59.80 -8.04
C VAL A 775 31.91 58.89 -7.41
N VAL A 776 30.95 59.49 -6.70
CA VAL A 776 29.87 58.76 -6.06
C VAL A 776 28.53 59.32 -6.52
N GLN A 777 27.49 58.54 -6.31
CA GLN A 777 26.12 58.93 -6.61
C GLN A 777 25.32 58.86 -5.31
N VAL A 778 25.02 60.02 -4.73
CA VAL A 778 24.28 60.11 -3.48
C VAL A 778 22.83 60.46 -3.78
N PRO A 779 21.87 59.96 -3.01
CA PRO A 779 20.46 60.23 -3.31
C PRO A 779 20.10 61.71 -3.13
N THR A 780 19.11 62.13 -3.91
CA THR A 780 18.53 63.45 -3.79
C THR A 780 17.05 63.41 -3.38
N ASN A 781 16.33 62.36 -3.75
CA ASN A 781 14.97 62.13 -3.30
C ASN A 781 14.83 60.65 -2.96
N PHE A 782 13.81 60.34 -2.17
CA PHE A 782 13.68 58.98 -1.66
C PHE A 782 12.23 58.65 -1.38
N SER A 783 11.95 57.37 -1.21
CA SER A 783 10.66 56.88 -0.77
C SER A 783 10.89 55.78 0.25
N PHE A 784 9.81 55.31 0.85
CA PHE A 784 9.84 54.19 1.78
C PHE A 784 9.20 52.99 1.11
N GLY A 785 9.98 51.92 0.97
CA GLY A 785 9.52 50.71 0.32
C GLY A 785 9.25 49.63 1.34
N ILE A 786 8.00 49.22 1.43
CA ILE A 786 7.58 48.18 2.36
C ILE A 786 7.70 46.83 1.66
N THR A 787 8.66 46.04 2.08
CA THR A 787 8.81 44.67 1.58
C THR A 787 8.09 43.72 2.52
N GLN A 788 7.20 42.91 1.95
CA GLN A 788 6.36 42.01 2.73
C GLN A 788 6.93 40.60 2.68
N GLU A 789 6.87 39.91 3.81
CA GLU A 789 7.42 38.57 3.93
C GLU A 789 6.54 37.76 4.87
N TYR A 790 6.37 36.48 4.56
CA TYR A 790 5.58 35.57 5.38
C TYR A 790 6.45 34.42 5.83
N ILE A 791 6.47 34.17 7.13
CA ILE A 791 7.21 33.05 7.71
C ILE A 791 6.20 32.12 8.37
N GLN A 792 6.12 30.89 7.89
CA GLN A 792 5.22 29.91 8.48
C GLN A 792 5.77 29.44 9.82
N THR A 793 4.88 29.25 10.79
CA THR A 793 5.26 28.82 12.12
C THR A 793 4.61 27.53 12.59
N THR A 794 3.46 27.15 12.04
CA THR A 794 2.77 25.96 12.49
C THR A 794 1.85 25.45 11.39
N ILE A 795 1.88 24.14 11.18
CA ILE A 795 0.94 23.48 10.27
C ILE A 795 -0.31 23.11 11.06
N GLN A 796 -1.38 22.76 10.36
CA GLN A 796 -2.60 22.35 11.02
C GLN A 796 -2.40 20.99 11.67
N LYS A 797 -2.80 20.88 12.93
CA LYS A 797 -2.57 19.65 13.70
C LYS A 797 -3.65 18.63 13.38
N VAL A 798 -3.23 17.48 12.86
CA VAL A 798 -4.14 16.41 12.45
C VAL A 798 -3.73 15.13 13.15
N THR A 799 -4.70 14.45 13.77
CA THR A 799 -4.52 13.11 14.30
C THR A 799 -5.62 12.22 13.75
N VAL A 800 -5.32 10.93 13.63
CA VAL A 800 -6.23 9.98 13.01
C VAL A 800 -6.48 8.84 13.98
N ASP A 801 -7.74 8.44 14.09
CA ASP A 801 -8.10 7.19 14.76
C ASP A 801 -7.90 6.06 13.77
N CYS A 802 -6.85 5.27 13.97
CA CYS A 802 -6.48 4.27 12.98
C CYS A 802 -7.57 3.20 12.81
N LYS A 803 -8.33 2.92 13.87
CA LYS A 803 -9.35 1.89 13.76
C LYS A 803 -10.53 2.34 12.91
N GLN A 804 -11.02 3.56 13.13
CA GLN A 804 -12.16 4.03 12.36
C GLN A 804 -11.79 4.36 10.93
N TYR A 805 -10.57 4.86 10.71
CA TYR A 805 -10.16 5.18 9.34
C TYR A 805 -10.04 3.90 8.51
N VAL A 806 -9.33 2.90 9.01
CA VAL A 806 -9.07 1.71 8.23
C VAL A 806 -10.34 0.87 8.06
N CYS A 807 -11.14 0.75 9.11
CA CYS A 807 -12.25 -0.18 9.12
C CYS A 807 -13.63 0.46 9.03
N ASN A 808 -13.72 1.79 9.07
CA ASN A 808 -14.97 2.52 8.87
C ASN A 808 -16.06 2.13 9.87
N GLY A 809 -15.69 1.45 10.96
CA GLY A 809 -16.65 1.09 11.98
C GLY A 809 -17.37 -0.22 11.77
N PHE A 810 -16.83 -1.12 10.94
CA PHE A 810 -17.44 -2.41 10.69
C PHE A 810 -16.78 -3.47 11.55
N GLN A 811 -17.60 -4.27 12.24
CA GLN A 811 -17.05 -5.26 13.17
C GLN A 811 -16.25 -6.33 12.44
N LYS A 812 -16.68 -6.71 11.24
CA LYS A 812 -15.96 -7.74 10.49
C LYS A 812 -14.56 -7.29 10.13
N CYS A 813 -14.41 -6.04 9.69
CA CYS A 813 -13.07 -5.51 9.41
C CYS A 813 -12.23 -5.42 10.68
N GLU A 814 -12.82 -4.96 11.78
CA GLU A 814 -12.07 -4.76 13.01
C GLU A 814 -11.48 -6.06 13.54
N GLN A 815 -12.15 -7.19 13.30
CA GLN A 815 -11.59 -8.46 13.73
C GLN A 815 -10.28 -8.76 13.02
N LEU A 816 -10.22 -8.49 11.72
CA LEU A 816 -9.00 -8.71 10.95
C LEU A 816 -7.95 -7.64 11.21
N LEU A 817 -8.33 -6.53 11.82
CA LEU A 817 -7.37 -5.47 12.15
C LEU A 817 -6.60 -5.76 13.44
N ARG A 818 -7.06 -6.71 14.25
CA ARG A 818 -6.31 -7.09 15.44
C ARG A 818 -4.98 -7.72 15.09
N GLU A 819 -4.89 -8.38 13.93
CA GLU A 819 -3.63 -8.91 13.45
C GLU A 819 -2.63 -7.80 13.15
N TYR A 820 -3.12 -6.58 12.96
CA TYR A 820 -2.28 -5.41 12.72
C TYR A 820 -2.32 -4.46 13.92
N GLY A 821 -2.28 -5.03 15.13
CA GLY A 821 -2.53 -4.24 16.33
C GLY A 821 -1.50 -3.15 16.55
N GLN A 822 -0.21 -3.49 16.41
CA GLN A 822 0.84 -2.52 16.67
C GLN A 822 0.82 -1.39 15.65
N PHE A 823 0.56 -1.71 14.39
CA PHE A 823 0.67 -0.72 13.32
C PHE A 823 -0.37 0.40 13.47
N CYS A 824 -1.56 0.08 13.98
CA CYS A 824 -2.52 1.12 14.28
C CYS A 824 -2.04 1.98 15.44
N ALA A 825 -1.46 1.36 16.47
CA ALA A 825 -0.95 2.12 17.61
C ALA A 825 0.22 2.99 17.23
N LYS A 826 1.09 2.49 16.35
CA LYS A 826 2.27 3.25 15.96
C LYS A 826 1.91 4.53 15.20
N ILE A 827 0.80 4.51 14.46
CA ILE A 827 0.35 5.70 13.76
C ILE A 827 -0.15 6.74 14.75
N ASN A 828 -0.93 6.31 15.74
CA ASN A 828 -1.49 7.25 16.71
C ASN A 828 -0.40 7.90 17.56
N GLN A 829 0.63 7.13 17.91
CA GLN A 829 1.68 7.66 18.78
C GLN A 829 2.58 8.63 18.03
N ALA A 830 2.92 8.32 16.78
CA ALA A 830 3.80 9.19 16.01
C ALA A 830 3.14 10.54 15.75
N LEU A 831 1.85 10.54 15.41
CA LEU A 831 1.14 11.80 15.23
C LEU A 831 1.05 12.59 16.52
N HIS A 832 0.89 11.90 17.65
CA HIS A 832 0.89 12.59 18.94
C HIS A 832 2.25 13.24 19.20
N GLY A 833 3.33 12.57 18.84
CA GLY A 833 4.66 13.14 19.03
C GLY A 833 4.89 14.38 18.17
N ALA A 834 4.41 14.35 16.92
CA ALA A 834 4.58 15.52 16.05
C ALA A 834 3.71 16.67 16.53
N ASN A 835 2.49 16.39 16.99
CA ASN A 835 1.65 17.45 17.53
C ASN A 835 2.22 18.00 18.82
N LEU A 836 2.78 17.13 19.66
CA LEU A 836 3.37 17.58 20.92
C LEU A 836 4.58 18.47 20.68
N MET A 837 5.43 18.11 19.72
CA MET A 837 6.60 18.93 19.43
C MET A 837 6.24 20.28 18.83
N GLN A 838 5.07 20.38 18.20
CA GLN A 838 4.65 21.66 17.62
C GLN A 838 4.20 22.62 18.70
N ASP A 839 3.49 22.12 19.71
CA ASP A 839 3.06 22.99 20.82
C ASP A 839 4.26 23.57 21.55
N GLU A 840 5.29 22.76 21.78
CA GLU A 840 6.51 23.27 22.38
C GLU A 840 7.20 24.27 21.45
N SER A 841 7.17 24.01 20.15
CA SER A 841 7.72 24.97 19.18
C SER A 841 6.96 26.29 19.23
N VAL A 842 5.63 26.23 19.32
CA VAL A 842 4.83 27.45 19.40
C VAL A 842 5.04 28.15 20.74
N ALA A 843 5.10 27.37 21.82
CA ALA A 843 5.26 27.97 23.15
C ALA A 843 6.59 28.69 23.27
N ASN A 844 7.64 28.15 22.66
CA ASN A 844 8.94 28.81 22.66
C ASN A 844 9.05 29.89 21.58
N LEU A 845 8.15 29.89 20.60
CA LEU A 845 8.14 30.97 19.62
C LEU A 845 7.77 32.30 20.25
N PHE A 846 6.74 32.30 21.10
CA PHE A 846 6.27 33.52 21.74
C PHE A 846 7.07 33.88 22.98
N SER A 847 7.88 32.95 23.51
CA SER A 847 8.72 33.27 24.64
C SER A 847 10.04 33.92 24.22
N ASP A 848 10.47 33.70 22.99
CA ASP A 848 11.63 34.38 22.43
C ASP A 848 11.25 35.69 21.75
N ILE A 849 9.98 36.06 21.80
CA ILE A 849 9.50 37.27 21.15
C ILE A 849 8.87 38.26 22.13
N LYS A 850 8.34 37.80 23.25
CA LYS A 850 7.57 38.66 24.14
C LYS A 850 8.43 39.80 24.68
N THR A 851 7.79 40.95 24.89
CA THR A 851 8.46 42.18 25.30
C THR A 851 8.38 42.31 26.81
N HIS A 852 9.55 42.38 27.47
CA HIS A 852 9.58 42.50 28.92
C HIS A 852 9.01 43.84 29.38
N LYS A 853 9.33 44.92 28.67
CA LYS A 853 8.74 46.22 28.94
C LYS A 853 8.43 46.92 27.63
N SER A 854 7.42 47.77 27.66
CA SER A 854 6.95 48.47 26.48
C SER A 854 6.61 49.91 26.87
N GLN A 855 6.25 50.72 25.87
CA GLN A 855 5.88 52.10 26.11
C GLN A 855 4.54 52.39 25.47
N PRO A 856 3.78 53.33 26.02
CA PRO A 856 2.47 53.65 25.44
C PRO A 856 2.61 54.33 24.09
N LEU A 857 1.62 54.10 23.24
CA LEU A 857 1.54 54.71 21.92
C LEU A 857 0.27 55.52 21.80
N ASN A 858 0.37 56.71 21.23
CA ASN A 858 -0.78 57.56 21.04
C ASN A 858 -1.74 56.94 20.03
N ALA A 859 -3.03 57.10 20.26
CA ALA A 859 -4.03 56.58 19.35
C ALA A 859 -4.05 57.41 18.07
N GLY A 860 -3.95 56.74 16.93
CA GLY A 860 -4.01 57.41 15.65
C GLY A 860 -2.69 57.96 15.15
N LEU A 861 -2.24 59.08 15.72
CA LEU A 861 -1.03 59.75 15.28
C LEU A 861 0.04 59.68 16.35
N ASN A 862 1.23 59.24 15.97
CA ASN A 862 2.44 59.30 16.81
C ASN A 862 3.38 60.30 16.16
N GLY A 863 3.49 61.48 16.75
CA GLY A 863 4.18 62.56 16.07
C GLY A 863 3.40 62.92 14.82
N ASP A 864 4.06 62.88 13.67
CA ASP A 864 3.41 63.01 12.39
C ASP A 864 3.27 61.68 11.66
N PHE A 865 3.48 60.57 12.37
CA PHE A 865 3.39 59.24 11.79
C PHE A 865 2.04 58.63 12.15
N ASN A 866 1.32 58.15 11.15
CA ASN A 866 -0.04 57.65 11.32
C ASN A 866 0.02 56.12 11.37
N LEU A 867 0.10 55.59 12.60
CA LEU A 867 0.17 54.15 12.83
C LEU A 867 -1.20 53.54 13.10
N THR A 868 -2.26 54.12 12.53
CA THR A 868 -3.60 53.64 12.81
C THR A 868 -3.79 52.20 12.31
N LEU A 869 -3.27 51.89 11.12
CA LEU A 869 -3.48 50.57 10.55
C LEU A 869 -2.84 49.46 11.36
N LEU A 870 -1.78 49.77 12.14
CA LEU A 870 -1.07 48.74 12.89
C LEU A 870 -1.54 48.63 14.34
N GLN A 871 -2.18 49.66 14.88
CA GLN A 871 -2.57 49.64 16.28
C GLN A 871 -3.84 48.81 16.48
N VAL A 872 -4.31 48.77 17.71
CA VAL A 872 -5.54 48.07 18.08
C VAL A 872 -6.58 49.10 18.48
N PRO A 873 -7.79 49.05 17.93
CA PRO A 873 -8.80 50.04 18.31
C PRO A 873 -9.21 49.91 19.78
N GLN A 874 -9.60 51.04 20.35
CA GLN A 874 -10.08 51.03 21.73
C GLN A 874 -11.38 50.25 21.85
N VAL A 875 -12.28 50.40 20.88
CA VAL A 875 -13.54 49.69 20.85
C VAL A 875 -13.56 48.81 19.62
N SER A 876 -13.76 47.51 19.82
CA SER A 876 -13.72 46.53 18.74
C SER A 876 -15.11 45.96 18.49
N THR A 877 -15.37 45.64 17.22
CA THR A 877 -16.66 45.08 16.80
C THR A 877 -16.62 43.56 16.72
N SER A 878 -15.60 42.99 16.11
CA SER A 878 -15.53 41.55 15.93
C SER A 878 -15.23 40.85 17.25
N GLN A 879 -15.45 39.53 17.25
CA GLN A 879 -15.13 38.73 18.44
C GLN A 879 -13.64 38.75 18.72
N TYR A 880 -12.82 38.70 17.67
CA TYR A 880 -11.37 38.70 17.81
C TYR A 880 -10.90 40.09 18.23
N SER A 881 -10.42 40.21 19.46
CA SER A 881 -9.75 41.42 19.90
C SER A 881 -8.27 41.35 19.52
N HIS A 882 -7.53 42.40 19.85
CA HIS A 882 -6.10 42.50 19.55
C HIS A 882 -5.83 42.32 18.06
N ARG A 883 -6.73 42.80 17.22
CA ARG A 883 -6.64 42.65 15.77
C ARG A 883 -6.47 44.03 15.15
N SER A 884 -5.30 44.26 14.55
CA SER A 884 -5.07 45.51 13.85
C SER A 884 -5.91 45.58 12.58
N PRO A 885 -6.27 46.78 12.14
CA PRO A 885 -7.09 46.89 10.92
C PRO A 885 -6.48 46.23 9.70
N ILE A 886 -5.15 46.33 9.53
CA ILE A 886 -4.52 45.69 8.38
C ILE A 886 -4.60 44.17 8.52
N GLU A 887 -4.48 43.66 9.75
CA GLU A 887 -4.61 42.23 9.95
C GLU A 887 -6.02 41.74 9.65
N ASP A 888 -7.03 42.55 9.92
CA ASP A 888 -8.39 42.22 9.49
C ASP A 888 -8.46 42.09 7.97
N LEU A 889 -7.77 42.96 7.25
CA LEU A 889 -7.78 42.90 5.79
C LEU A 889 -7.07 41.65 5.29
N LEU A 890 -5.99 41.24 5.96
CA LEU A 890 -5.25 40.06 5.52
C LEU A 890 -6.09 38.79 5.65
N PHE A 891 -6.77 38.63 6.79
CA PHE A 891 -7.61 37.44 6.98
C PHE A 891 -8.83 37.46 6.07
N ASN A 892 -9.33 38.65 5.73
CA ASN A 892 -10.47 38.73 4.83
C ASN A 892 -10.11 38.27 3.42
N LYS A 893 -8.87 38.48 3.01
CA LYS A 893 -8.44 38.15 1.66
C LYS A 893 -8.08 36.68 1.48
N VAL A 894 -7.92 35.93 2.57
CA VAL A 894 -7.51 34.54 2.52
C VAL A 894 -8.69 33.68 2.96
N THR A 895 -9.06 32.70 2.12
CA THR A 895 -10.20 31.85 2.39
C THR A 895 -9.75 30.65 3.20
N ILE A 896 -10.17 30.60 4.47
CA ILE A 896 -9.83 29.54 5.39
C ILE A 896 -11.11 28.90 5.90
N ALA A 897 -11.21 27.57 5.79
CA ALA A 897 -12.36 26.87 6.33
C ALA A 897 -12.33 26.92 7.85
N ASP A 898 -13.52 27.02 8.45
CA ASP A 898 -13.61 27.15 9.89
C ASP A 898 -13.51 25.79 10.55
N PRO A 899 -12.49 25.53 11.38
CA PRO A 899 -12.43 24.22 12.06
C PRO A 899 -13.59 23.97 12.99
N GLY A 900 -14.15 25.02 13.62
CA GLY A 900 -15.24 24.85 14.54
C GLY A 900 -14.82 24.06 15.77
N TYR A 901 -13.95 24.66 16.59
CA TYR A 901 -13.35 23.91 17.68
C TYR A 901 -14.32 23.66 18.81
N MET A 902 -15.36 24.48 18.97
CA MET A 902 -16.28 24.29 20.08
C MET A 902 -17.59 23.61 19.69
N GLN A 903 -18.10 23.84 18.47
CA GLN A 903 -19.40 23.29 18.09
C GLN A 903 -19.41 22.77 16.67
N GLY A 904 -18.25 22.34 16.15
CA GLY A 904 -18.18 21.90 14.76
C GLY A 904 -18.96 20.63 14.49
N TYR A 905 -18.96 19.71 15.46
CA TYR A 905 -19.65 18.44 15.26
C TYR A 905 -21.15 18.63 15.09
N ASP A 906 -21.73 19.57 15.83
CA ASP A 906 -23.16 19.81 15.75
C ASP A 906 -23.52 20.53 14.46
N ASP A 907 -22.68 21.48 14.03
CA ASP A 907 -22.98 22.23 12.82
C ASP A 907 -23.01 21.32 11.60
N CYS A 908 -22.08 20.37 11.53
CA CYS A 908 -22.04 19.45 10.40
C CYS A 908 -23.31 18.61 10.33
N MET A 909 -23.80 18.13 11.48
CA MET A 909 -25.04 17.38 11.50
C MET A 909 -26.22 18.24 11.06
N LYS A 910 -26.28 19.48 11.53
CA LYS A 910 -27.35 20.38 11.11
C LYS A 910 -27.23 20.73 9.63
N GLN A 911 -26.02 21.05 9.17
CA GLN A 911 -25.80 21.46 7.78
C GLN A 911 -25.83 20.22 6.89
N GLY A 912 -26.93 20.04 6.17
CA GLY A 912 -27.07 18.94 5.24
C GLY A 912 -26.39 19.18 3.90
N PRO A 913 -26.80 20.24 3.20
CA PRO A 913 -26.17 20.56 1.91
C PRO A 913 -24.69 20.85 2.08
N PRO A 914 -23.88 20.45 1.11
CA PRO A 914 -22.43 20.70 1.22
C PRO A 914 -22.10 22.17 1.17
N SER A 915 -20.99 22.53 1.83
CA SER A 915 -20.51 23.90 1.86
C SER A 915 -18.98 23.86 1.75
N ALA A 916 -18.35 25.00 2.04
CA ALA A 916 -16.89 25.07 2.04
C ALA A 916 -16.28 24.27 3.18
N ARG A 917 -17.06 23.85 4.16
CA ARG A 917 -16.57 23.06 5.28
C ARG A 917 -16.80 21.57 5.10
N ASP A 918 -17.03 21.13 3.86
CA ASP A 918 -17.27 19.71 3.61
C ASP A 918 -16.04 18.89 3.99
N LEU A 919 -14.84 19.39 3.66
CA LEU A 919 -13.63 18.69 4.03
C LEU A 919 -13.46 18.67 5.55
N ILE A 920 -13.78 19.78 6.22
CA ILE A 920 -13.70 19.82 7.67
C ILE A 920 -14.73 18.87 8.28
N CYS A 921 -15.96 18.89 7.77
CA CYS A 921 -16.98 17.98 8.27
C CYS A 921 -16.66 16.54 7.94
N ALA A 922 -15.83 16.29 6.93
CA ALA A 922 -15.44 14.93 6.58
C ALA A 922 -14.51 14.30 7.62
N GLN A 923 -14.04 15.08 8.60
CA GLN A 923 -13.14 14.51 9.59
C GLN A 923 -13.84 13.48 10.47
N TYR A 924 -15.13 13.68 10.77
CA TYR A 924 -15.83 12.77 11.66
C TYR A 924 -16.14 11.45 10.98
N VAL A 925 -16.58 11.49 9.71
CA VAL A 925 -16.90 10.26 9.01
C VAL A 925 -15.64 9.46 8.68
N ALA A 926 -14.59 10.15 8.22
CA ALA A 926 -13.38 9.46 7.80
C ALA A 926 -12.54 8.95 8.98
N GLY A 927 -12.50 9.71 10.08
CA GLY A 927 -11.77 9.31 11.26
C GLY A 927 -10.64 10.21 11.68
N TYR A 928 -10.30 11.26 10.93
CA TYR A 928 -9.26 12.18 11.37
C TYR A 928 -9.87 13.32 12.17
N LYS A 929 -9.02 14.08 12.83
CA LYS A 929 -9.47 15.13 13.73
C LYS A 929 -8.48 16.28 13.72
N VAL A 930 -9.02 17.50 13.65
CA VAL A 930 -8.20 18.72 13.65
C VAL A 930 -8.14 19.22 15.08
N LEU A 931 -6.98 19.10 15.69
CA LEU A 931 -6.79 19.53 17.07
C LEU A 931 -6.63 21.05 17.14
N PRO A 932 -7.19 21.70 18.16
CA PRO A 932 -7.08 23.16 18.25
C PRO A 932 -5.64 23.57 18.51
N PRO A 933 -5.24 24.75 18.05
CA PRO A 933 -3.88 25.22 18.32
C PRO A 933 -3.69 25.56 19.79
N LEU A 934 -2.42 25.72 20.16
CA LEU A 934 -2.07 25.93 21.56
C LEU A 934 -2.66 27.23 22.11
N TYR A 935 -2.62 28.30 21.32
CA TYR A 935 -3.09 29.61 21.74
C TYR A 935 -4.24 30.07 20.86
N ASP A 936 -5.20 30.76 21.47
CA ASP A 936 -6.30 31.35 20.72
C ASP A 936 -5.84 32.64 20.05
N PRO A 937 -6.57 33.11 19.04
CA PRO A 937 -6.11 34.30 18.30
C PRO A 937 -5.91 35.53 19.16
N ASN A 938 -6.69 35.69 20.23
CA ASN A 938 -6.49 36.83 21.12
C ASN A 938 -5.14 36.76 21.82
N MET A 939 -4.76 35.58 22.29
CA MET A 939 -3.46 35.43 22.97
C MET A 939 -2.31 35.68 22.01
N GLU A 940 -2.39 35.11 20.81
CA GLU A 940 -1.32 35.32 19.82
C GLU A 940 -1.23 36.78 19.41
N GLY A 941 -2.38 37.43 19.23
CA GLY A 941 -2.38 38.85 18.93
C GLY A 941 -1.81 39.69 20.04
N ALA A 942 -2.01 39.28 21.29
CA ALA A 942 -1.47 40.02 22.42
C ALA A 942 0.04 40.09 22.37
N TYR A 943 0.70 38.98 22.02
CA TYR A 943 2.15 38.98 21.89
C TYR A 943 2.60 39.88 20.75
N THR A 944 1.94 39.76 19.60
CA THR A 944 2.39 40.49 18.41
C THR A 944 2.08 41.98 18.52
N SER A 945 0.87 42.33 18.98
CA SER A 945 0.49 43.73 19.08
C SER A 945 1.26 44.48 20.15
N SER A 946 1.93 43.77 21.05
CA SER A 946 2.78 44.41 22.05
C SER A 946 4.16 44.75 21.50
N LEU A 947 4.54 44.19 20.35
CA LEU A 947 5.84 44.49 19.76
C LEU A 947 5.92 45.89 19.19
N LEU A 948 4.78 46.57 19.00
CA LEU A 948 4.79 47.88 18.38
C LEU A 948 5.31 48.94 19.33
N GLY A 949 4.89 48.90 20.59
CA GLY A 949 5.31 49.84 21.59
C GLY A 949 6.49 49.40 22.44
N SER A 950 7.17 48.33 22.04
CA SER A 950 8.30 47.83 22.81
C SER A 950 9.46 48.82 22.79
N ILE A 951 10.18 48.88 23.90
CA ILE A 951 11.40 49.67 24.02
C ILE A 951 12.53 48.74 24.43
N ALA A 952 13.67 48.86 23.76
CA ALA A 952 14.81 48.00 24.01
C ALA A 952 16.11 48.75 24.31
N GLY A 953 16.21 50.02 23.95
CA GLY A 953 17.44 50.74 24.18
C GLY A 953 17.44 52.05 23.43
N ALA A 954 18.57 52.76 23.53
CA ALA A 954 18.73 54.04 22.87
C ALA A 954 19.21 53.93 21.44
N GLY A 955 19.53 52.73 20.98
CA GLY A 955 20.08 52.56 19.64
C GLY A 955 21.58 52.57 19.61
N TRP A 956 22.19 53.63 20.16
CA TRP A 956 23.64 53.66 20.27
C TRP A 956 24.16 52.80 21.42
N THR A 957 23.28 52.26 22.24
CA THR A 957 23.67 51.35 23.31
C THR A 957 23.96 49.96 22.75
N ALA A 958 24.62 49.14 23.55
CA ALA A 958 25.14 47.87 23.07
C ALA A 958 24.62 46.69 23.88
N GLY A 959 23.32 46.64 24.13
CA GLY A 959 22.76 45.50 24.82
C GLY A 959 21.26 45.65 24.99
N LEU A 960 20.67 44.61 25.59
CA LEU A 960 19.26 44.60 25.95
C LEU A 960 19.01 44.95 27.40
N SER A 961 20.05 45.30 28.15
CA SER A 961 19.90 45.56 29.57
C SER A 961 19.01 46.77 29.82
N SER A 962 19.19 47.85 29.06
CA SER A 962 18.51 49.10 29.34
C SER A 962 17.18 49.18 28.58
N PHE A 963 16.35 50.13 29.00
CA PHE A 963 15.06 50.38 28.37
C PHE A 963 14.85 51.89 28.32
N ALA A 964 14.82 52.45 27.12
CA ALA A 964 14.69 53.89 26.92
C ALA A 964 13.33 54.21 26.33
N ALA A 965 12.60 55.11 26.98
CA ALA A 965 11.25 55.49 26.54
C ALA A 965 11.35 56.67 25.57
N ILE A 966 11.91 56.39 24.40
CA ILE A 966 12.01 57.36 23.32
C ILE A 966 10.76 57.24 22.46
N PRO A 967 10.08 58.34 22.16
CA PRO A 967 8.86 58.24 21.36
C PRO A 967 9.13 57.68 19.97
N PHE A 968 8.11 57.04 19.39
CA PHE A 968 8.26 56.36 18.12
C PHE A 968 8.78 57.28 17.04
N ALA A 969 8.38 58.56 17.07
CA ALA A 969 8.86 59.51 16.08
C ALA A 969 10.37 59.68 16.17
N GLN A 970 10.88 59.84 17.40
CA GLN A 970 12.31 60.10 17.57
C GLN A 970 13.16 58.85 17.38
N SER A 971 12.55 57.66 17.42
CA SER A 971 13.31 56.45 17.13
C SER A 971 13.62 56.32 15.65
N ILE A 972 12.65 56.65 14.80
CA ILE A 972 12.85 56.54 13.35
C ILE A 972 13.94 57.50 12.89
N PHE A 973 13.93 58.74 13.38
CA PHE A 973 14.91 59.71 12.95
C PHE A 973 16.32 59.31 13.37
N TYR A 974 16.46 58.73 14.56
CA TYR A 974 17.75 58.16 14.94
C TYR A 974 18.11 56.98 14.05
N ARG A 975 17.13 56.17 13.68
CA ARG A 975 17.38 55.08 12.73
C ARG A 975 17.78 55.63 11.37
N MET A 976 17.12 56.70 10.91
CA MET A 976 17.48 57.30 9.63
C MET A 976 18.84 57.98 9.71
N ASN A 977 19.20 58.51 10.88
CA ASN A 977 20.53 59.08 11.05
C ASN A 977 21.62 58.01 11.07
N GLY A 978 21.26 56.76 11.38
CA GLY A 978 22.22 55.69 11.37
C GLY A 978 22.56 55.16 9.99
N ILE A 979 21.70 55.42 8.99
CA ILE A 979 21.95 54.95 7.64
C ILE A 979 22.63 55.99 6.77
N GLY A 980 22.96 57.16 7.33
CA GLY A 980 23.72 58.15 6.60
C GLY A 980 22.94 59.39 6.22
N ILE A 981 22.05 59.85 7.09
CA ILE A 981 21.33 61.10 6.90
C ILE A 981 21.61 62.00 8.09
N THR A 982 22.10 63.20 7.82
CA THR A 982 22.44 64.12 8.89
C THR A 982 21.18 64.72 9.51
N GLN A 983 21.31 65.15 10.77
CA GLN A 983 20.19 65.76 11.47
C GLN A 983 19.70 67.03 10.79
N GLN A 984 20.57 67.71 10.03
CA GLN A 984 20.14 68.92 9.33
C GLN A 984 19.08 68.61 8.28
N VAL A 985 19.25 67.50 7.55
CA VAL A 985 18.24 67.09 6.59
C VAL A 985 16.96 66.68 7.30
N LEU A 986 17.09 65.93 8.39
CA LEU A 986 15.91 65.50 9.15
C LEU A 986 15.18 66.70 9.75
N SER A 987 15.92 67.66 10.29
CA SER A 987 15.29 68.83 10.88
C SER A 987 14.63 69.70 9.83
N GLU A 988 15.10 69.64 8.58
CA GLU A 988 14.53 70.43 7.50
C GLU A 988 13.42 69.69 6.76
N ASN A 989 13.51 68.38 6.64
CA ASN A 989 12.53 67.55 5.95
C ASN A 989 11.72 66.73 6.94
N GLN A 990 11.39 67.31 8.09
CA GLN A 990 10.70 66.57 9.15
C GLN A 990 9.33 66.10 8.69
N LYS A 991 8.51 67.02 8.17
CA LYS A 991 7.19 66.64 7.70
C LYS A 991 7.22 65.88 6.39
N LEU A 992 8.27 66.06 5.59
CA LEU A 992 8.39 65.32 4.34
C LEU A 992 8.54 63.83 4.60
N ILE A 993 9.35 63.46 5.60
CA ILE A 993 9.56 62.05 5.91
C ILE A 993 8.26 61.40 6.34
N ALA A 994 7.50 62.07 7.21
CA ALA A 994 6.24 61.50 7.70
C ALA A 994 5.25 61.29 6.56
N ASN A 995 5.16 62.25 5.64
CA ASN A 995 4.27 62.10 4.50
C ASN A 995 4.67 60.90 3.65
N LYS A 996 5.97 60.73 3.41
CA LYS A 996 6.44 59.56 2.67
C LYS A 996 6.11 58.27 3.42
N PHE A 997 6.29 58.28 4.74
CA PHE A 997 6.05 57.08 5.54
C PHE A 997 4.58 56.71 5.55
N ASN A 998 3.69 57.71 5.64
CA ASN A 998 2.26 57.43 5.64
C ASN A 998 1.79 56.91 4.28
N GLN A 999 2.41 57.37 3.20
CA GLN A 999 2.09 56.82 1.89
C GLN A 999 2.45 55.35 1.81
N ALA A 1000 3.60 54.97 2.38
CA ALA A 1000 4.01 53.57 2.37
C ALA A 1000 3.07 52.71 3.18
N LEU A 1001 2.64 53.20 4.35
CA LEU A 1001 1.74 52.43 5.19
C LEU A 1001 0.37 52.25 4.55
N GLY A 1002 -0.10 53.26 3.81
CA GLY A 1002 -1.36 53.12 3.10
C GLY A 1002 -1.28 52.27 1.86
N ALA A 1003 -0.09 52.12 1.28
CA ALA A 1003 0.06 51.34 0.06
C ALA A 1003 0.00 49.84 0.32
N MET A 1004 0.43 49.38 1.50
CA MET A 1004 0.41 47.96 1.78
C MET A 1004 -0.99 47.40 1.93
N GLN A 1005 -2.01 48.27 2.03
CA GLN A 1005 -3.38 47.81 2.01
C GLN A 1005 -3.72 47.16 0.67
N THR A 1006 -3.22 47.73 -0.42
CA THR A 1006 -3.50 47.21 -1.75
C THR A 1006 -2.52 46.13 -2.21
N GLY A 1007 -1.52 45.80 -1.39
CA GLY A 1007 -0.57 44.78 -1.75
C GLY A 1007 -1.03 43.36 -1.53
N PHE A 1008 -2.23 43.16 -0.98
CA PHE A 1008 -2.77 41.83 -0.71
C PHE A 1008 -3.43 41.30 -1.98
N THR A 1009 -2.60 40.85 -2.90
CA THR A 1009 -3.06 40.28 -4.16
C THR A 1009 -2.18 39.09 -4.51
N THR A 1010 -2.72 38.20 -5.34
CA THR A 1010 -2.00 36.99 -5.73
C THR A 1010 -0.69 37.30 -6.46
N THR A 1011 -0.56 38.50 -7.04
CA THR A 1011 0.67 38.86 -7.71
C THR A 1011 1.82 39.01 -6.72
N ASN A 1012 1.52 39.40 -5.48
CA ASN A 1012 2.55 39.52 -4.46
C ASN A 1012 3.10 38.16 -4.08
N LEU A 1013 4.43 38.08 -3.92
CA LEU A 1013 5.06 36.81 -3.57
C LEU A 1013 4.73 36.40 -2.14
N ALA A 1014 4.82 37.34 -1.19
CA ALA A 1014 4.58 37.00 0.20
C ALA A 1014 3.14 36.58 0.43
N PHE A 1015 2.19 37.30 -0.16
CA PHE A 1015 0.78 36.95 0.03
C PHE A 1015 0.44 35.62 -0.62
N SER A 1016 1.16 35.25 -1.69
CA SER A 1016 0.96 33.94 -2.29
C SER A 1016 1.39 32.83 -1.34
N LYS A 1017 2.50 33.03 -0.62
CA LYS A 1017 2.96 32.03 0.32
C LYS A 1017 1.96 31.79 1.45
N VAL A 1018 1.12 32.77 1.75
CA VAL A 1018 0.06 32.56 2.74
C VAL A 1018 -0.95 31.55 2.22
N GLN A 1019 -1.41 31.74 0.97
CA GLN A 1019 -2.35 30.80 0.37
C GLN A 1019 -1.72 29.42 0.21
N ASP A 1020 -0.45 29.37 -0.18
CA ASP A 1020 0.23 28.08 -0.32
C ASP A 1020 0.24 27.31 0.98
N ALA A 1021 0.30 28.00 2.12
CA ALA A 1021 0.28 27.31 3.41
C ALA A 1021 -1.12 26.80 3.73
N VAL A 1022 -2.15 27.61 3.45
CA VAL A 1022 -3.52 27.15 3.65
C VAL A 1022 -3.83 25.98 2.72
N ASN A 1023 -3.38 26.07 1.47
CA ASN A 1023 -3.60 24.96 0.55
C ASN A 1023 -2.80 23.73 0.95
N ALA A 1024 -1.63 23.92 1.58
CA ALA A 1024 -0.91 22.77 2.10
C ALA A 1024 -1.70 22.08 3.21
N ASN A 1025 -2.31 22.87 4.11
CA ASN A 1025 -3.16 22.28 5.14
C ASN A 1025 -4.38 21.60 4.52
N ALA A 1026 -5.01 22.26 3.56
CA ALA A 1026 -6.20 21.68 2.94
C ALA A 1026 -5.88 20.41 2.18
N GLN A 1027 -4.74 20.38 1.47
CA GLN A 1027 -4.37 19.20 0.71
C GLN A 1027 -4.06 18.01 1.61
N ALA A 1028 -3.65 18.27 2.85
CA ALA A 1028 -3.42 17.18 3.79
C ALA A 1028 -4.72 16.45 4.10
N LEU A 1029 -5.80 17.18 4.33
CA LEU A 1029 -7.09 16.56 4.60
C LEU A 1029 -7.67 15.91 3.35
N SER A 1030 -7.38 16.47 2.17
CA SER A 1030 -7.89 15.89 0.92
C SER A 1030 -7.30 14.51 0.67
N LYS A 1031 -6.01 14.33 0.99
CA LYS A 1031 -5.38 13.04 0.77
C LYS A 1031 -6.00 11.96 1.65
N LEU A 1032 -6.31 12.29 2.91
CA LEU A 1032 -6.96 11.32 3.79
C LEU A 1032 -8.33 10.91 3.23
N ALA A 1033 -9.10 11.89 2.76
CA ALA A 1033 -10.42 11.58 2.23
C ALA A 1033 -10.33 10.76 0.93
N SER A 1034 -9.37 11.10 0.07
CA SER A 1034 -9.27 10.44 -1.22
C SER A 1034 -8.92 8.96 -1.09
N GLU A 1035 -8.06 8.63 -0.13
CA GLU A 1035 -7.58 7.26 0.00
C GLU A 1035 -8.65 6.29 0.49
N LEU A 1036 -9.79 6.79 0.97
CA LEU A 1036 -10.92 5.93 1.26
C LEU A 1036 -11.79 5.66 0.03
N SER A 1037 -11.56 6.39 -1.05
CA SER A 1037 -12.13 6.07 -2.35
C SER A 1037 -11.23 5.14 -3.15
N ASN A 1038 -10.09 4.73 -2.59
CA ASN A 1038 -9.18 3.83 -3.27
C ASN A 1038 -9.62 2.39 -3.04
N THR A 1039 -9.66 1.61 -4.11
CA THR A 1039 -10.06 0.21 -4.02
C THR A 1039 -8.90 -0.72 -3.72
N PHE A 1040 -7.67 -0.33 -4.06
CA PHE A 1040 -6.47 -1.13 -3.86
C PHE A 1040 -6.56 -2.50 -4.53
N GLY A 1041 -7.41 -2.63 -5.54
CA GLY A 1041 -7.61 -3.88 -6.25
C GLY A 1041 -8.80 -4.68 -5.80
N ALA A 1042 -9.50 -4.24 -4.76
CA ALA A 1042 -10.69 -4.95 -4.29
C ALA A 1042 -11.86 -4.72 -5.27
N ILE A 1043 -12.94 -5.46 -5.03
CA ILE A 1043 -14.13 -5.30 -5.86
C ILE A 1043 -14.81 -3.97 -5.60
N SER A 1044 -14.45 -3.28 -4.52
CA SER A 1044 -15.03 -1.99 -4.19
C SER A 1044 -14.14 -1.32 -3.14
N SER A 1045 -14.34 -0.02 -3.00
CA SER A 1045 -13.68 0.75 -1.94
C SER A 1045 -14.50 0.80 -0.67
N SER A 1046 -15.70 0.23 -0.68
CA SER A 1046 -16.59 0.24 0.48
C SER A 1046 -16.58 -1.13 1.13
N ILE A 1047 -16.40 -1.16 2.45
CA ILE A 1047 -16.49 -2.41 3.18
C ILE A 1047 -17.91 -2.94 3.15
N SER A 1048 -18.91 -2.05 3.11
CA SER A 1048 -20.29 -2.49 3.03
C SER A 1048 -20.57 -3.23 1.74
N ASP A 1049 -20.01 -2.76 0.61
CA ASP A 1049 -20.19 -3.46 -0.65
C ASP A 1049 -19.57 -4.85 -0.61
N ILE A 1050 -18.39 -4.98 -0.01
CA ILE A 1050 -17.71 -6.27 0.05
C ILE A 1050 -18.55 -7.27 0.84
N LEU A 1051 -19.10 -6.84 1.99
CA LEU A 1051 -19.95 -7.72 2.77
C LEU A 1051 -21.25 -8.03 2.03
N LYS A 1052 -21.80 -7.05 1.32
CA LYS A 1052 -23.00 -7.27 0.54
C LYS A 1052 -22.76 -8.21 -0.63
N ARG A 1053 -21.61 -8.07 -1.32
CA ARG A 1053 -21.36 -8.80 -2.55
C ARG A 1053 -20.73 -10.17 -2.33
N LEU A 1054 -20.04 -10.40 -1.21
CA LEU A 1054 -19.22 -11.60 -1.06
C LEU A 1054 -19.51 -12.28 0.26
N ASP A 1055 -19.06 -13.53 0.35
CA ASP A 1055 -19.19 -14.39 1.50
C ASP A 1055 -17.83 -14.93 1.87
N PRO A 1056 -17.62 -15.33 3.12
CA PRO A 1056 -16.32 -15.85 3.51
C PRO A 1056 -16.04 -17.16 2.82
N PRO A 1057 -14.76 -17.49 2.56
CA PRO A 1057 -13.54 -16.78 2.95
C PRO A 1057 -13.10 -15.72 1.96
N GLU A 1058 -13.88 -15.47 0.91
CA GLU A 1058 -13.45 -14.52 -0.12
C GLU A 1058 -13.57 -13.08 0.35
N GLN A 1059 -14.54 -12.79 1.22
CA GLN A 1059 -14.74 -11.41 1.65
C GLN A 1059 -13.63 -10.96 2.59
N GLU A 1060 -13.05 -11.88 3.35
CA GLU A 1060 -11.94 -11.51 4.23
C GLU A 1060 -10.73 -11.07 3.44
N ALA A 1061 -10.46 -11.73 2.31
CA ALA A 1061 -9.33 -11.35 1.47
C ALA A 1061 -9.53 -9.95 0.88
N GLN A 1062 -10.75 -9.63 0.46
CA GLN A 1062 -11.01 -8.31 -0.11
C GLN A 1062 -10.93 -7.24 0.96
N ILE A 1063 -11.42 -7.51 2.16
CA ILE A 1063 -11.30 -6.55 3.25
C ILE A 1063 -9.84 -6.36 3.64
N ASP A 1064 -9.08 -7.47 3.73
CA ASP A 1064 -7.67 -7.37 4.06
C ASP A 1064 -6.90 -6.57 3.01
N ARG A 1065 -7.40 -6.54 1.78
CA ARG A 1065 -6.75 -5.73 0.74
C ARG A 1065 -6.89 -4.24 1.06
N LEU A 1066 -8.06 -3.83 1.54
CA LEU A 1066 -8.24 -2.44 1.96
C LEU A 1066 -7.43 -2.13 3.20
N ILE A 1067 -7.31 -3.09 4.11
CA ILE A 1067 -6.59 -2.87 5.36
C ILE A 1067 -5.12 -2.55 5.09
N ASN A 1068 -4.47 -3.38 4.28
CA ASN A 1068 -3.05 -3.16 4.00
C ASN A 1068 -2.84 -1.86 3.23
N GLY A 1069 -3.73 -1.56 2.29
CA GLY A 1069 -3.60 -0.31 1.55
C GLY A 1069 -3.80 0.91 2.42
N ARG A 1070 -4.81 0.89 3.29
CA ARG A 1070 -5.07 2.06 4.13
C ARG A 1070 -4.00 2.22 5.20
N LEU A 1071 -3.48 1.11 5.71
CA LEU A 1071 -2.37 1.19 6.67
C LEU A 1071 -1.11 1.72 6.00
N THR A 1072 -0.86 1.33 4.75
CA THR A 1072 0.26 1.89 4.01
C THR A 1072 0.06 3.37 3.73
N SER A 1073 -1.18 3.76 3.42
CA SER A 1073 -1.47 5.17 3.15
C SER A 1073 -1.25 6.03 4.38
N LEU A 1074 -1.66 5.54 5.55
CA LEU A 1074 -1.47 6.29 6.78
C LEU A 1074 0.01 6.43 7.12
N ASN A 1075 0.81 5.39 6.86
CA ASN A 1075 2.24 5.50 7.08
C ASN A 1075 2.86 6.57 6.19
N ALA A 1076 2.39 6.68 4.94
CA ALA A 1076 2.85 7.76 4.08
C ALA A 1076 2.35 9.11 4.58
N PHE A 1077 1.13 9.15 5.12
CA PHE A 1077 0.61 10.39 5.69
C PHE A 1077 1.41 10.82 6.90
N VAL A 1078 1.77 9.87 7.78
CA VAL A 1078 2.52 10.22 8.99
C VAL A 1078 3.91 10.73 8.63
N ALA A 1079 4.56 10.11 7.65
CA ALA A 1079 5.89 10.54 7.24
C ALA A 1079 5.88 11.96 6.70
N GLN A 1080 4.86 12.29 5.90
CA GLN A 1080 4.75 13.65 5.37
C GLN A 1080 4.49 14.66 6.48
N GLN A 1081 3.62 14.30 7.43
CA GLN A 1081 3.30 15.23 8.52
C GLN A 1081 4.52 15.53 9.38
N LEU A 1082 5.34 14.52 9.64
CA LEU A 1082 6.56 14.75 10.41
C LEU A 1082 7.50 15.71 9.71
N VAL A 1083 7.65 15.55 8.38
CA VAL A 1083 8.53 16.43 7.63
C VAL A 1083 8.01 17.86 7.63
N ARG A 1084 6.69 18.02 7.47
CA ARG A 1084 6.08 19.35 7.57
C ARG A 1084 6.27 19.95 8.95
N SER A 1085 6.12 19.12 10.00
CA SER A 1085 6.24 19.64 11.36
C SER A 1085 7.64 20.14 11.64
N GLU A 1086 8.66 19.42 11.18
CA GLU A 1086 10.04 19.87 11.34
C GLU A 1086 10.29 21.14 10.53
N THR A 1087 9.74 21.21 9.32
CA THR A 1087 9.89 22.41 8.50
C THR A 1087 9.28 23.63 9.18
N ALA A 1088 8.08 23.48 9.73
CA ALA A 1088 7.48 24.57 10.48
C ALA A 1088 8.25 24.88 11.75
N ALA A 1089 8.81 23.84 12.39
CA ALA A 1089 9.59 24.06 13.61
C ALA A 1089 10.84 24.88 13.31
N ARG A 1090 11.57 24.55 12.24
CA ARG A 1090 12.76 25.30 11.90
C ARG A 1090 12.45 26.66 11.28
N SER A 1091 11.27 26.80 10.67
CA SER A 1091 10.85 28.10 10.17
C SER A 1091 10.37 29.01 11.31
N ALA A 1092 9.87 28.42 12.40
CA ALA A 1092 9.54 29.22 13.57
C ALA A 1092 10.79 29.79 14.23
N GLN A 1093 11.91 29.07 14.16
CA GLN A 1093 13.16 29.60 14.68
C GLN A 1093 13.60 30.84 13.91
N LEU A 1094 13.43 30.82 12.58
CA LEU A 1094 13.71 32.01 11.79
C LEU A 1094 12.73 33.13 12.11
N ALA A 1095 11.48 32.79 12.44
CA ALA A 1095 10.52 33.81 12.85
C ALA A 1095 10.98 34.53 14.11
N SER A 1096 11.51 33.78 15.08
CA SER A 1096 12.09 34.42 16.26
C SER A 1096 13.33 35.22 15.89
N ASP A 1097 14.11 34.74 14.91
CA ASP A 1097 15.25 35.50 14.44
C ASP A 1097 14.81 36.79 13.77
N LYS A 1098 13.77 36.74 12.94
CA LYS A 1098 13.31 37.93 12.22
C LYS A 1098 12.82 39.01 13.17
N VAL A 1099 12.04 38.61 14.19
CA VAL A 1099 11.48 39.60 15.10
C VAL A 1099 12.59 40.28 15.90
N ASN A 1100 13.57 39.52 16.38
CA ASN A 1100 14.63 40.10 17.20
C ASN A 1100 15.49 41.06 16.42
N GLU A 1101 15.79 40.74 15.15
CA GLU A 1101 16.71 41.57 14.37
C GLU A 1101 15.99 42.64 13.55
N CYS A 1102 14.80 42.35 13.03
CA CYS A 1102 14.10 43.31 12.19
C CYS A 1102 13.09 44.14 12.96
N VAL A 1103 12.33 43.51 13.87
CA VAL A 1103 11.26 44.22 14.56
C VAL A 1103 11.78 44.97 15.77
N LYS A 1104 12.63 44.33 16.58
CA LYS A 1104 13.12 44.93 17.81
C LYS A 1104 14.43 45.70 17.62
N SER A 1105 14.94 45.80 16.40
CA SER A 1105 16.18 46.54 16.16
C SER A 1105 16.24 46.89 14.67
N GLN A 1106 17.34 47.51 14.27
CA GLN A 1106 17.59 47.92 12.89
C GLN A 1106 18.77 47.13 12.37
N SER A 1107 18.50 46.14 11.54
CA SER A 1107 19.56 45.29 11.01
C SER A 1107 20.45 46.06 10.04
N LYS A 1108 21.75 45.81 10.12
CA LYS A 1108 22.71 46.35 9.17
C LYS A 1108 22.97 45.42 8.00
N ARG A 1109 22.34 44.25 7.98
CA ARG A 1109 22.55 43.27 6.93
C ARG A 1109 21.72 43.61 5.70
N ASN A 1110 22.36 43.68 4.54
CA ASN A 1110 21.63 43.85 3.29
C ASN A 1110 20.85 42.59 2.96
N GLY A 1111 19.68 42.77 2.39
CA GLY A 1111 18.83 41.64 2.02
C GLY A 1111 17.98 41.11 3.14
N PHE A 1112 18.58 40.85 4.30
CA PHE A 1112 17.81 40.48 5.47
C PHE A 1112 16.99 41.67 5.94
N CYS A 1113 15.80 41.37 6.48
CA CYS A 1113 14.83 42.40 6.87
C CYS A 1113 14.44 43.28 5.67
N GLY A 1114 14.32 42.66 4.51
CA GLY A 1114 13.88 43.36 3.31
C GLY A 1114 15.02 43.96 2.53
N SER A 1115 14.68 44.39 1.31
CA SER A 1115 15.66 45.04 0.44
C SER A 1115 15.86 46.48 0.88
N GLY A 1116 16.66 47.22 0.11
CA GLY A 1116 16.98 48.59 0.49
C GLY A 1116 17.78 48.62 1.78
N THR A 1117 17.56 49.68 2.55
CA THR A 1117 18.23 49.86 3.84
C THR A 1117 17.15 49.80 4.92
N HIS A 1118 17.30 48.85 5.85
CA HIS A 1118 16.28 48.63 6.86
C HIS A 1118 16.17 49.82 7.81
N ILE A 1119 14.94 50.22 8.10
CA ILE A 1119 14.65 51.28 9.05
C ILE A 1119 13.76 50.79 10.19
N VAL A 1120 12.64 50.16 9.84
CA VAL A 1120 11.73 49.60 10.83
C VAL A 1120 10.95 48.48 10.18
N SER A 1121 10.69 47.41 10.93
CA SER A 1121 9.90 46.30 10.45
C SER A 1121 8.76 46.04 11.41
N PHE A 1122 7.54 45.94 10.88
CA PHE A 1122 6.35 45.62 11.65
C PHE A 1122 5.87 44.22 11.29
N VAL A 1123 5.47 43.45 12.31
CA VAL A 1123 5.00 42.09 12.12
C VAL A 1123 3.59 41.99 12.69
N ILE A 1124 2.73 41.23 11.99
CA ILE A 1124 1.36 40.99 12.41
C ILE A 1124 1.07 39.50 12.29
N ASN A 1125 0.05 39.07 13.01
CA ASN A 1125 -0.37 37.68 12.95
C ASN A 1125 -0.96 37.35 11.59
N ALA A 1126 -0.58 36.19 11.06
CA ALA A 1126 -1.03 35.70 9.77
C ALA A 1126 -1.47 34.25 9.92
N PRO A 1127 -2.29 33.75 9.00
CA PRO A 1127 -2.68 32.34 9.06
C PRO A 1127 -1.46 31.42 9.01
N ASN A 1128 -1.28 30.65 10.08
CA ASN A 1128 -0.20 29.66 10.18
C ASN A 1128 1.17 30.32 10.04
N GLY A 1129 1.37 31.40 10.77
CA GLY A 1129 2.67 32.06 10.76
C GLY A 1129 2.52 33.54 11.04
N PHE A 1130 3.52 34.30 10.61
CA PHE A 1130 3.59 35.73 10.81
C PHE A 1130 3.74 36.46 9.48
N TYR A 1131 3.34 37.72 9.47
CA TYR A 1131 3.44 38.57 8.29
C TYR A 1131 4.22 39.82 8.67
N PHE A 1132 5.30 40.08 7.95
CA PHE A 1132 6.18 41.20 8.24
C PHE A 1132 5.94 42.34 7.25
N PHE A 1133 6.44 43.52 7.60
CA PHE A 1133 6.40 44.70 6.73
C PHE A 1133 7.77 45.37 6.86
N HIS A 1134 8.70 44.99 5.99
CA HIS A 1134 10.06 45.51 6.05
C HIS A 1134 10.09 46.87 5.35
N VAL A 1135 10.11 47.94 6.13
CA VAL A 1135 10.19 49.28 5.58
C VAL A 1135 11.65 49.62 5.32
N GLY A 1136 11.95 50.09 4.11
CA GLY A 1136 13.30 50.37 3.72
C GLY A 1136 13.43 51.74 3.09
N TYR A 1137 14.67 52.23 3.06
CA TYR A 1137 15.00 53.51 2.47
C TYR A 1137 15.40 53.26 1.02
N VAL A 1138 14.52 53.64 0.09
CA VAL A 1138 14.73 53.40 -1.33
C VAL A 1138 15.04 54.74 -1.99
N PRO A 1139 16.29 54.99 -2.39
CA PRO A 1139 16.58 56.21 -3.16
C PRO A 1139 15.85 56.20 -4.49
N THR A 1140 15.39 57.39 -4.91
CA THR A 1140 14.67 57.54 -6.15
C THR A 1140 15.39 58.37 -7.19
N ASN A 1141 16.21 59.34 -6.77
CA ASN A 1141 16.97 60.17 -7.69
C ASN A 1141 18.39 60.31 -7.16
N HIS A 1142 19.33 60.57 -8.08
CA HIS A 1142 20.74 60.59 -7.75
C HIS A 1142 21.41 61.83 -8.32
N VAL A 1143 22.51 62.21 -7.70
CA VAL A 1143 23.41 63.26 -8.21
C VAL A 1143 24.83 62.72 -8.17
N ASN A 1144 25.53 62.80 -9.30
CA ASN A 1144 26.91 62.35 -9.38
C ASN A 1144 27.82 63.47 -8.92
N VAL A 1145 28.58 63.22 -7.85
CA VAL A 1145 29.41 64.24 -7.23
C VAL A 1145 30.81 63.67 -7.00
N THR A 1146 31.83 64.52 -7.18
CA THR A 1146 33.21 64.12 -6.95
C THR A 1146 33.49 64.00 -5.45
N ALA A 1147 34.14 62.92 -5.06
CA ALA A 1147 34.48 62.65 -3.67
C ALA A 1147 35.97 62.49 -3.50
N ALA A 1148 36.42 62.56 -2.25
CA ALA A 1148 37.82 62.38 -1.88
C ALA A 1148 37.94 61.28 -0.83
N TYR A 1149 38.96 60.43 -0.98
CA TYR A 1149 39.20 59.39 0.00
C TYR A 1149 39.59 59.96 1.36
N GLY A 1150 40.18 61.15 1.37
CA GLY A 1150 40.59 61.78 2.61
C GLY A 1150 41.36 63.05 2.32
N LEU A 1151 41.57 63.82 3.38
CA LEU A 1151 42.25 65.11 3.28
C LEU A 1151 43.47 65.14 4.19
N CYS A 1152 44.56 65.70 3.70
CA CYS A 1152 45.79 65.83 4.45
C CYS A 1152 46.33 67.25 4.33
N ASN A 1153 47.16 67.64 5.29
CA ASN A 1153 47.81 68.94 5.27
C ASN A 1153 49.30 68.77 5.02
N THR A 1154 49.92 69.81 4.46
CA THR A 1154 51.34 69.78 4.13
C THR A 1154 52.16 70.19 5.35
N ASP A 1155 52.19 69.29 6.34
CA ASP A 1155 52.94 69.48 7.57
C ASP A 1155 53.69 68.19 7.88
N THR A 1156 54.57 68.26 8.86
CA THR A 1156 55.40 67.12 9.24
C THR A 1156 55.09 66.67 10.66
N PRO A 1157 54.54 65.47 10.87
CA PRO A 1157 54.06 64.53 9.86
C PRO A 1157 52.71 64.98 9.30
N PRO A 1158 52.37 64.56 8.08
CA PRO A 1158 51.10 65.00 7.50
C PRO A 1158 49.89 64.44 8.23
N ARG A 1159 49.13 65.31 8.89
CA ARG A 1159 47.91 64.89 9.55
C ARG A 1159 46.82 64.68 8.52
N CYS A 1160 46.13 63.55 8.60
CA CYS A 1160 45.10 63.19 7.63
C CYS A 1160 43.83 62.77 8.35
N ILE A 1161 42.70 63.02 7.70
CA ILE A 1161 41.39 62.69 8.24
C ILE A 1161 40.59 61.94 7.18
N ALA A 1162 39.56 61.23 7.64
CA ALA A 1162 38.63 60.52 6.79
C ALA A 1162 37.22 60.70 7.34
N PRO A 1163 36.21 60.67 6.48
CA PRO A 1163 34.83 60.85 6.96
C PRO A 1163 34.39 59.69 7.83
N ILE A 1164 33.49 59.99 8.76
CA ILE A 1164 33.00 58.99 9.69
C ILE A 1164 32.03 58.04 8.99
N ASP A 1165 30.90 58.57 8.50
CA ASP A 1165 29.89 57.72 7.89
C ASP A 1165 29.33 58.33 6.60
N GLY A 1166 30.04 59.26 5.98
CA GLY A 1166 29.60 59.88 4.76
C GLY A 1166 30.71 60.00 3.74
N TYR A 1167 30.67 61.06 2.94
CA TYR A 1167 31.68 61.29 1.92
C TYR A 1167 32.17 62.72 1.98
N PHE A 1168 33.48 62.91 1.83
CA PHE A 1168 34.00 64.21 1.47
C PHE A 1168 33.57 64.53 0.05
N VAL A 1169 33.12 65.75 -0.19
CA VAL A 1169 32.41 66.05 -1.43
C VAL A 1169 32.61 67.51 -1.79
N LEU A 1170 32.75 67.78 -3.09
CA LEU A 1170 32.80 69.12 -3.62
C LEU A 1170 31.40 69.60 -3.98
N ASN A 1171 31.21 70.91 -3.91
CA ASN A 1171 29.91 71.50 -4.22
C ASN A 1171 30.01 72.42 -5.44
N ASP A 1180 36.09 75.20 -4.40
CA ASP A 1180 37.41 74.66 -4.10
C ASP A 1180 37.44 74.09 -2.69
N GLN A 1181 36.40 74.38 -1.92
CA GLN A 1181 36.27 73.89 -0.56
C GLN A 1181 35.67 72.48 -0.56
N TRP A 1182 35.97 71.73 0.49
CA TRP A 1182 35.43 70.39 0.67
C TRP A 1182 34.30 70.41 1.70
N TYR A 1183 33.37 69.48 1.55
CA TYR A 1183 32.20 69.42 2.40
C TYR A 1183 31.87 67.97 2.73
N TYR A 1184 31.13 67.80 3.81
CA TYR A 1184 30.65 66.49 4.24
C TYR A 1184 29.20 66.31 3.85
N THR A 1185 28.88 65.15 3.30
CA THR A 1185 27.51 64.78 2.98
C THR A 1185 27.22 63.41 3.57
N GLY A 1186 25.93 63.17 3.80
CA GLY A 1186 25.52 61.86 4.23
C GLY A 1186 25.58 60.84 3.10
N SER A 1187 25.72 59.57 3.49
CA SER A 1187 25.76 58.51 2.50
C SER A 1187 24.41 58.36 1.81
N SER A 1188 23.32 58.47 2.56
CA SER A 1188 21.98 58.22 2.04
C SER A 1188 21.26 59.47 1.58
N PHE A 1189 21.87 60.64 1.70
CA PHE A 1189 21.24 61.87 1.24
C PHE A 1189 22.30 62.93 1.05
N PHE A 1190 22.09 63.78 0.05
CA PHE A 1190 23.08 64.78 -0.35
C PHE A 1190 22.81 66.10 0.37
N ASN A 1191 23.76 66.50 1.22
CA ASN A 1191 23.68 67.80 1.88
C ASN A 1191 25.08 68.22 2.32
N PRO A 1192 25.78 69.02 1.51
CA PRO A 1192 27.13 69.44 1.88
C PRO A 1192 27.14 70.20 3.20
N GLU A 1193 28.01 69.77 4.10
CA GLU A 1193 28.15 70.35 5.44
C GLU A 1193 29.62 70.53 5.74
N PRO A 1194 29.97 71.46 6.62
CA PRO A 1194 31.38 71.67 6.96
C PRO A 1194 32.01 70.45 7.61
N ILE A 1195 33.30 70.26 7.34
CA ILE A 1195 34.06 69.20 7.96
C ILE A 1195 34.38 69.59 9.39
N THR A 1196 34.07 68.70 10.33
CA THR A 1196 34.33 68.96 11.74
C THR A 1196 34.54 67.62 12.45
N MET A 1197 34.83 67.69 13.75
CA MET A 1197 35.05 66.47 14.52
C MET A 1197 33.81 65.59 14.57
N ALA A 1198 32.64 66.14 14.28
CA ALA A 1198 31.42 65.35 14.26
C ALA A 1198 31.36 64.41 13.06
N ASN A 1199 32.10 64.71 12.00
CA ASN A 1199 32.06 63.89 10.79
C ASN A 1199 33.44 63.56 10.22
N ALA A 1200 34.52 63.96 10.89
CA ALA A 1200 35.87 63.67 10.45
C ALA A 1200 36.56 62.77 11.46
N ARG A 1201 37.20 61.72 10.97
CA ARG A 1201 37.91 60.76 11.80
C ARG A 1201 39.36 60.70 11.35
N TYR A 1202 40.29 60.85 12.30
CA TYR A 1202 41.70 60.86 11.97
C TYR A 1202 42.16 59.50 11.47
N VAL A 1203 42.95 59.50 10.41
CA VAL A 1203 43.51 58.29 9.82
C VAL A 1203 44.99 58.53 9.53
N SER A 1204 45.69 57.44 9.24
CA SER A 1204 47.10 57.53 8.92
C SER A 1204 47.29 58.07 7.50
N GLN A 1205 48.53 58.47 7.19
CA GLN A 1205 48.83 59.08 5.91
C GLN A 1205 48.70 58.07 4.78
N ASP A 1206 48.13 58.52 3.66
CA ASP A 1206 47.98 57.69 2.47
C ASP A 1206 48.23 58.54 1.25
N VAL A 1207 48.72 57.90 0.18
CA VAL A 1207 49.06 58.63 -1.04
C VAL A 1207 47.86 58.97 -1.90
N LYS A 1208 46.70 58.40 -1.60
CA LYS A 1208 45.49 58.67 -2.38
C LYS A 1208 44.66 59.81 -1.82
N PHE A 1209 45.10 60.43 -0.73
CA PHE A 1209 44.37 61.52 -0.11
C PHE A 1209 44.79 62.85 -0.71
N GLU A 1210 43.90 63.84 -0.62
CA GLU A 1210 44.14 65.14 -1.20
C GLU A 1210 45.07 65.96 -0.32
N ASN A 1211 46.13 66.49 -0.92
CA ASN A 1211 47.04 67.40 -0.24
C ASN A 1211 46.48 68.81 -0.34
N LEU A 1212 46.02 69.35 0.78
CA LEU A 1212 45.37 70.66 0.79
C LEU A 1212 46.33 71.73 1.30
N THR A 1213 46.26 72.90 0.69
CA THR A 1213 47.07 74.04 1.11
C THR A 1213 46.27 75.29 1.42
N ASN A 1214 45.03 75.40 0.95
CA ASN A 1214 44.19 76.57 1.18
C ASN A 1214 42.81 76.12 1.63
N GLN A 1215 42.16 76.98 2.43
CA GLN A 1215 40.80 76.72 2.92
C GLN A 1215 40.71 75.38 3.63
N LEU A 1216 41.63 75.15 4.56
CA LEU A 1216 41.68 73.89 5.27
C LEU A 1216 40.49 73.75 6.21
N PRO A 1217 40.00 72.53 6.42
CA PRO A 1217 38.99 72.28 7.45
C PRO A 1217 39.57 72.50 8.83
N PRO A 1218 38.73 72.82 9.81
CA PRO A 1218 39.23 73.08 11.18
C PRO A 1218 40.01 71.91 11.75
N PRO A 1219 39.64 70.64 11.48
CA PRO A 1219 40.47 69.54 12.00
C PRO A 1219 41.91 69.57 11.53
N LEU A 1220 42.18 70.06 10.31
CA LEU A 1220 43.53 70.07 9.78
C LEU A 1220 44.27 71.37 10.06
N LEU A 1221 43.67 72.30 10.79
CA LEU A 1221 44.31 73.56 11.11
C LEU A 1221 45.27 73.39 12.29
N ASN A 1222 45.92 74.49 12.66
CA ASN A 1222 46.89 74.51 13.76
C ASN A 1222 47.99 73.47 13.56
N ASP B 18 15.20 -48.79 -30.96
CA ASP B 18 14.59 -49.37 -32.14
C ASP B 18 15.45 -49.15 -33.39
N VAL B 19 16.34 -48.15 -33.30
CA VAL B 19 17.24 -47.86 -34.41
C VAL B 19 18.18 -49.03 -34.63
N ASP B 20 18.60 -49.23 -35.89
CA ASP B 20 19.42 -50.38 -36.23
C ASP B 20 20.75 -50.37 -35.51
N SER B 21 21.39 -49.19 -35.44
CA SER B 21 22.69 -49.02 -34.76
C SER B 21 23.73 -50.00 -35.29
N GLY B 22 23.76 -50.18 -36.61
CA GLY B 22 24.75 -51.01 -37.24
C GLY B 22 24.58 -52.48 -36.93
N PRO B 23 25.46 -53.31 -37.49
CA PRO B 23 25.40 -54.75 -37.21
C PRO B 23 26.28 -55.12 -36.03
N PRO B 24 25.98 -56.23 -35.37
CA PRO B 24 26.82 -56.66 -34.25
C PRO B 24 28.24 -56.99 -34.70
N SER B 25 29.19 -56.79 -33.79
CA SER B 25 30.59 -57.05 -34.11
C SER B 25 30.84 -58.54 -34.29
N SER B 26 31.71 -58.87 -35.25
CA SER B 26 32.10 -60.24 -35.52
C SER B 26 33.30 -60.68 -34.70
N ALA B 27 33.89 -59.79 -33.91
CA ALA B 27 35.05 -60.14 -33.10
C ALA B 27 34.68 -61.10 -31.99
N THR B 28 35.61 -61.98 -31.64
CA THR B 28 35.40 -62.97 -30.60
C THR B 28 36.29 -62.79 -29.39
N SER B 29 37.25 -61.87 -29.44
CA SER B 29 38.17 -61.66 -28.33
C SER B 29 38.39 -60.16 -28.14
N CYS B 30 38.33 -59.71 -26.88
CA CYS B 30 38.60 -58.32 -26.56
C CYS B 30 40.11 -58.12 -26.39
N LYS B 31 40.59 -56.96 -26.84
CA LYS B 31 42.01 -56.66 -26.74
C LYS B 31 42.43 -56.54 -25.29
N GLU B 32 43.58 -57.12 -24.97
CA GLU B 32 44.09 -57.06 -23.60
C GLU B 32 44.49 -55.63 -23.25
N ALA B 33 44.14 -55.22 -22.04
CA ALA B 33 44.41 -53.87 -21.57
C ALA B 33 45.43 -53.91 -20.45
N ASP B 34 46.53 -53.16 -20.61
CA ASP B 34 47.55 -53.06 -19.57
C ASP B 34 47.09 -52.04 -18.55
N MET B 35 46.30 -52.51 -17.58
CA MET B 35 45.82 -51.65 -16.51
C MET B 35 46.98 -51.08 -15.72
N ARG B 36 46.95 -49.77 -15.48
CA ARG B 36 47.94 -49.10 -14.67
C ARG B 36 47.24 -48.27 -13.60
N ASN B 37 47.78 -48.31 -12.39
CA ASN B 37 47.16 -47.63 -11.27
C ASN B 37 47.33 -46.12 -11.40
N SER B 38 46.59 -45.38 -10.57
CA SER B 38 46.71 -43.93 -10.55
C SER B 38 48.07 -43.47 -10.03
N SER B 39 48.83 -44.37 -9.39
CA SER B 39 50.17 -44.05 -8.95
C SER B 39 51.22 -44.26 -10.03
N SER B 40 50.83 -44.78 -11.19
CA SER B 40 51.79 -44.98 -12.27
C SER B 40 52.34 -43.64 -12.74
N GLU B 41 53.65 -43.61 -13.01
CA GLU B 41 54.33 -42.36 -13.31
C GLU B 41 53.76 -41.69 -14.55
N PHE B 42 53.30 -42.47 -15.52
CA PHE B 42 52.77 -41.89 -16.76
C PHE B 42 51.51 -41.07 -16.48
N PHE B 43 50.65 -41.57 -15.59
CA PHE B 43 49.39 -40.92 -15.27
C PHE B 43 49.43 -40.15 -13.96
N ASN B 44 50.62 -39.92 -13.40
CA ASN B 44 50.77 -39.22 -12.13
C ASN B 44 51.48 -37.88 -12.30
N LYS B 45 51.34 -37.26 -13.46
CA LYS B 45 51.93 -35.94 -13.73
C LYS B 45 50.86 -34.89 -13.46
N GLN B 46 50.94 -34.26 -12.30
CA GLN B 46 49.96 -33.25 -11.92
C GLN B 46 50.35 -31.91 -12.55
N TRP B 47 49.50 -31.42 -13.46
CA TRP B 47 49.68 -30.13 -14.12
C TRP B 47 48.46 -29.28 -13.80
N PRO B 48 48.52 -28.48 -12.73
CA PRO B 48 47.32 -27.74 -12.31
C PRO B 48 46.82 -26.78 -13.38
N MET B 49 45.50 -26.67 -13.46
CA MET B 49 44.87 -25.77 -14.43
C MET B 49 43.51 -25.36 -13.87
N PRO B 50 43.49 -24.47 -12.90
CA PRO B 50 42.23 -24.12 -12.22
C PRO B 50 41.39 -23.15 -13.05
N ILE B 51 40.13 -23.05 -12.66
CA ILE B 51 39.21 -22.10 -13.28
C ILE B 51 39.56 -20.70 -12.78
N ASN B 52 39.81 -19.78 -13.70
CA ASN B 52 40.12 -18.41 -13.34
C ASN B 52 38.87 -17.53 -13.30
N ALA B 53 37.99 -17.68 -14.29
CA ALA B 53 36.73 -16.95 -14.42
C ALA B 53 36.96 -15.49 -14.75
N SER B 54 38.23 -15.05 -14.70
CA SER B 54 38.60 -13.76 -15.27
C SER B 54 38.93 -13.87 -16.74
N LYS B 55 39.23 -15.07 -17.21
CA LYS B 55 39.34 -15.37 -18.62
C LYS B 55 38.07 -16.02 -19.16
N ALA B 56 36.99 -16.02 -18.37
CA ALA B 56 35.71 -16.61 -18.74
C ALA B 56 35.87 -18.09 -19.07
N ASP B 57 36.27 -18.86 -18.07
CA ASP B 57 36.50 -20.29 -18.23
C ASP B 57 35.24 -21.08 -17.89
N GLY B 58 34.86 -21.99 -18.77
CA GLY B 58 33.72 -22.85 -18.53
C GLY B 58 32.41 -22.11 -18.41
N ILE B 59 32.24 -21.03 -19.15
CA ILE B 59 31.06 -20.18 -19.05
C ILE B 59 30.12 -20.53 -20.20
N ILE B 60 28.89 -20.89 -19.86
CA ILE B 60 27.86 -21.21 -20.85
C ILE B 60 27.13 -19.93 -21.21
N TYR B 61 27.03 -19.65 -22.50
CA TYR B 61 26.33 -18.46 -22.96
C TYR B 61 24.83 -18.61 -22.71
N PRO B 62 24.10 -17.50 -22.57
CA PRO B 62 22.64 -17.59 -22.50
C PRO B 62 22.06 -18.29 -23.72
N THR B 63 21.00 -19.06 -23.48
CA THR B 63 20.53 -20.01 -24.48
C THR B 63 20.05 -19.33 -25.75
N GLY B 64 19.28 -18.26 -25.62
CA GLY B 64 18.68 -17.66 -26.80
C GLY B 64 18.68 -16.15 -26.81
N LYS B 65 19.58 -15.53 -26.06
CA LYS B 65 19.70 -14.08 -26.00
C LYS B 65 21.15 -13.69 -26.18
N SER B 66 21.37 -12.43 -26.54
CA SER B 66 22.70 -11.85 -26.66
C SER B 66 22.72 -10.50 -25.98
N TYR B 67 23.91 -10.11 -25.50
CA TYR B 67 24.10 -8.84 -24.82
C TYR B 67 25.33 -8.15 -25.38
N SER B 68 25.26 -6.83 -25.46
CA SER B 68 26.35 -6.03 -26.03
C SER B 68 26.74 -4.93 -25.07
N ASN B 69 28.02 -4.90 -24.68
CA ASN B 69 28.62 -3.79 -23.94
C ASN B 69 27.89 -3.51 -22.63
N ILE B 70 27.49 -4.57 -21.92
CA ILE B 70 26.88 -4.44 -20.61
C ILE B 70 27.43 -5.53 -19.70
N SER B 71 27.41 -5.25 -18.40
CA SER B 71 27.82 -6.20 -17.38
C SER B 71 26.58 -6.62 -16.59
N LEU B 72 26.31 -7.92 -16.57
CA LEU B 72 25.06 -8.44 -16.02
C LEU B 72 25.34 -9.55 -15.02
N THR B 73 24.40 -9.73 -14.10
CA THR B 73 24.42 -10.84 -13.16
C THR B 73 23.41 -11.89 -13.60
N LEU B 74 23.83 -13.14 -13.64
CA LEU B 74 23.00 -14.23 -14.14
C LEU B 74 23.05 -15.42 -13.22
N GLN B 75 21.89 -16.01 -12.97
CA GLN B 75 21.83 -17.32 -12.35
C GLN B 75 22.05 -18.38 -13.42
N GLY B 76 22.90 -19.36 -13.09
CA GLY B 76 23.20 -20.40 -14.05
C GLY B 76 24.16 -21.40 -13.46
N LEU B 77 24.43 -22.44 -14.26
CA LEU B 77 25.36 -23.49 -13.88
C LEU B 77 26.75 -23.06 -14.33
N PHE B 78 27.57 -22.63 -13.38
CA PHE B 78 28.91 -22.15 -13.66
C PHE B 78 29.90 -22.84 -12.76
N PRO B 79 31.16 -22.98 -13.20
CA PRO B 79 32.19 -23.58 -12.35
C PRO B 79 32.64 -22.62 -11.26
N LYS B 80 33.30 -23.20 -10.26
CA LYS B 80 33.84 -22.42 -9.15
C LYS B 80 35.23 -21.90 -9.49
N HIS B 81 35.51 -20.67 -9.07
CA HIS B 81 36.82 -20.08 -9.26
C HIS B 81 37.88 -20.89 -8.52
N GLY B 82 39.02 -21.10 -9.18
CA GLY B 82 40.11 -21.82 -8.56
C GLY B 82 39.91 -23.31 -8.43
N ASP B 83 38.89 -23.86 -9.06
CA ASP B 83 38.62 -25.29 -8.98
C ASP B 83 39.64 -26.06 -9.80
N LEU B 84 40.40 -26.94 -9.14
CA LEU B 84 41.41 -27.71 -9.85
C LEU B 84 40.79 -28.75 -10.77
N GLY B 85 39.57 -29.21 -10.45
CA GLY B 85 38.96 -30.23 -11.25
C GLY B 85 39.67 -31.56 -11.11
N GLU B 86 39.35 -32.47 -12.03
CA GLU B 86 39.96 -33.79 -12.09
C GLU B 86 40.72 -33.92 -13.40
N GLN B 87 41.99 -34.25 -13.31
CA GLN B 87 42.85 -34.35 -14.48
C GLN B 87 42.83 -35.78 -15.04
N TYR B 88 42.74 -35.87 -16.36
CA TYR B 88 42.74 -37.15 -17.05
C TYR B 88 43.81 -37.14 -18.13
N ILE B 89 44.55 -38.25 -18.23
CA ILE B 89 45.67 -38.37 -19.15
C ILE B 89 45.39 -39.53 -20.10
N TYR B 90 45.60 -39.31 -21.39
CA TYR B 90 45.48 -40.34 -22.41
C TYR B 90 46.85 -40.68 -22.96
N SER B 91 47.03 -41.95 -23.32
CA SER B 91 48.34 -42.41 -23.80
C SER B 91 48.70 -41.78 -25.13
N VAL B 92 47.71 -41.41 -25.94
CA VAL B 92 47.92 -40.83 -27.26
C VAL B 92 48.79 -41.72 -28.14
N LEU B 102 50.25 -54.24 -31.97
CA LEU B 102 49.83 -53.21 -31.02
C LEU B 102 50.01 -53.71 -29.59
N GLY B 103 49.76 -54.99 -29.38
CA GLY B 103 49.92 -55.56 -28.05
C GLY B 103 48.85 -55.08 -27.09
N LYS B 104 49.22 -54.98 -25.82
CA LYS B 104 48.29 -54.54 -24.78
C LYS B 104 47.98 -53.06 -24.92
N LEU B 105 46.91 -52.63 -24.26
CA LEU B 105 46.44 -51.26 -24.31
C LEU B 105 46.91 -50.51 -23.07
N PHE B 106 47.48 -49.32 -23.28
CA PHE B 106 47.97 -48.47 -22.20
C PHE B 106 46.79 -47.66 -21.68
N VAL B 107 46.17 -48.15 -20.60
CA VAL B 107 44.98 -47.53 -20.03
C VAL B 107 45.31 -47.01 -18.63
N SER B 108 44.35 -46.28 -18.05
CA SER B 108 44.59 -45.58 -16.79
C SER B 108 43.39 -45.74 -15.85
N ASP B 109 42.81 -46.94 -15.81
CA ASP B 109 41.77 -47.32 -14.84
C ASP B 109 40.64 -46.30 -14.73
N TYR B 110 40.41 -45.52 -15.79
CA TYR B 110 39.34 -44.54 -15.77
C TYR B 110 37.97 -45.18 -15.93
N ALA B 111 37.91 -46.41 -16.44
CA ALA B 111 36.63 -47.07 -16.64
C ALA B 111 36.04 -47.55 -15.33
N THR B 112 36.87 -47.78 -14.31
CA THR B 112 36.36 -48.28 -13.03
C THR B 112 35.65 -47.19 -12.25
N LYS B 113 36.21 -45.98 -12.24
CA LYS B 113 35.68 -44.92 -11.39
C LYS B 113 34.30 -44.48 -11.88
N VAL B 114 33.42 -44.19 -10.92
CA VAL B 114 32.03 -43.79 -11.20
C VAL B 114 31.80 -42.50 -10.43
N VAL B 115 31.93 -41.37 -11.11
CA VAL B 115 31.85 -40.06 -10.46
C VAL B 115 30.43 -39.50 -10.57
N PRO B 116 29.89 -38.91 -9.51
CA PRO B 116 28.50 -38.45 -9.55
C PRO B 116 28.29 -37.33 -10.56
N PHE B 117 27.06 -37.24 -11.06
CA PHE B 117 26.65 -36.26 -12.06
C PHE B 117 25.70 -35.28 -11.39
N ASN B 118 26.23 -34.14 -10.96
CA ASN B 118 25.46 -33.11 -10.28
C ASN B 118 25.54 -31.82 -11.08
N ASN B 119 24.40 -31.37 -11.59
CA ASN B 119 24.31 -30.17 -12.43
C ASN B 119 25.26 -30.24 -13.63
N GLY B 120 25.65 -31.45 -14.03
CA GLY B 120 26.54 -31.60 -15.16
C GLY B 120 27.98 -31.21 -14.84
N PHE B 121 28.75 -31.10 -15.92
CA PHE B 121 30.16 -30.73 -15.81
C PHE B 121 30.59 -30.03 -17.08
N VAL B 122 31.82 -29.52 -17.07
CA VAL B 122 32.42 -28.84 -18.21
C VAL B 122 33.85 -29.33 -18.37
N VAL B 123 34.27 -29.53 -19.62
CA VAL B 123 35.56 -30.16 -19.92
C VAL B 123 36.42 -29.20 -20.72
N ARG B 124 37.63 -28.98 -20.25
CA ARG B 124 38.65 -28.22 -20.98
C ARG B 124 39.51 -29.21 -21.77
N ILE B 125 39.48 -29.09 -23.09
CA ILE B 125 40.08 -30.08 -23.98
C ILE B 125 41.30 -29.46 -24.64
N GLY B 126 42.45 -30.10 -24.46
CA GLY B 126 43.69 -29.64 -25.06
C GLY B 126 44.15 -28.28 -24.56
N LYS B 146 45.42 -32.72 -29.86
CA LYS B 146 44.13 -32.56 -29.21
C LYS B 146 43.28 -33.82 -29.38
N ILE B 147 42.86 -34.40 -28.26
CA ILE B 147 42.07 -35.62 -28.26
C ILE B 147 40.80 -35.38 -27.46
N TYR B 148 39.69 -35.97 -27.90
CA TYR B 148 38.42 -35.66 -27.28
C TYR B 148 38.01 -36.75 -26.29
N PRO B 149 37.48 -36.37 -25.13
CA PRO B 149 37.08 -37.37 -24.15
C PRO B 149 35.87 -38.17 -24.60
N ALA B 150 35.81 -39.42 -24.15
CA ALA B 150 34.67 -40.30 -24.38
C ALA B 150 34.00 -40.57 -23.04
N PHE B 151 32.69 -40.42 -23.00
CA PHE B 151 31.93 -40.50 -21.76
C PHE B 151 30.87 -41.60 -21.84
N MET B 152 30.52 -42.13 -20.68
CA MET B 152 29.45 -43.10 -20.53
C MET B 152 28.62 -42.69 -19.31
N LEU B 153 27.35 -42.36 -19.54
CA LEU B 153 26.50 -41.82 -18.50
C LEU B 153 25.25 -42.68 -18.35
N GLY B 154 24.66 -42.62 -17.17
CA GLY B 154 23.48 -43.43 -16.91
C GLY B 154 22.93 -43.13 -15.53
N SER B 155 21.88 -43.86 -15.18
CA SER B 155 21.21 -43.70 -13.90
C SER B 155 21.51 -44.81 -12.90
N SER B 156 21.68 -46.04 -13.38
CA SER B 156 21.91 -47.19 -12.53
C SER B 156 23.29 -47.78 -12.81
N VAL B 157 24.04 -48.05 -11.75
CA VAL B 157 25.40 -48.54 -11.87
C VAL B 157 25.56 -49.79 -11.01
N GLY B 158 26.56 -50.58 -11.35
CA GLY B 158 26.84 -51.80 -10.61
C GLY B 158 28.14 -52.41 -11.04
N ASN B 159 28.31 -53.69 -10.73
CA ASN B 159 29.49 -54.44 -11.14
C ASN B 159 29.11 -55.40 -12.26
N PHE B 160 30.14 -55.90 -12.94
CA PHE B 160 29.97 -56.98 -13.90
C PHE B 160 30.01 -58.31 -13.17
N SER B 161 30.09 -59.41 -13.91
CA SER B 161 30.12 -60.72 -13.27
C SER B 161 31.37 -60.90 -12.42
N ASN B 162 32.52 -60.46 -12.93
CA ASN B 162 33.78 -60.67 -12.21
C ASN B 162 33.79 -59.91 -10.88
N GLY B 163 33.32 -58.66 -10.87
CA GLY B 163 33.23 -57.92 -9.64
C GLY B 163 33.61 -56.45 -9.72
N VAL B 164 34.37 -56.06 -10.74
CA VAL B 164 34.82 -54.68 -10.84
C VAL B 164 33.64 -53.77 -11.18
N SER B 165 33.69 -52.54 -10.68
CA SER B 165 32.61 -51.59 -10.89
C SER B 165 32.73 -50.92 -12.26
N GLY B 166 31.64 -50.31 -12.69
CA GLY B 166 31.63 -49.59 -13.95
C GLY B 166 30.50 -49.96 -14.88
N ARG B 167 29.70 -50.96 -14.50
CA ARG B 167 28.61 -51.41 -15.36
C ARG B 167 27.41 -50.49 -15.20
N TYR B 168 26.89 -50.01 -16.33
CA TYR B 168 25.69 -49.18 -16.34
C TYR B 168 24.50 -50.01 -16.78
N PHE B 169 23.51 -50.14 -15.92
CA PHE B 169 22.28 -50.86 -16.24
C PHE B 169 21.30 -49.92 -16.95
N ASN B 170 20.28 -50.53 -17.56
CA ASN B 170 19.25 -49.81 -18.30
C ASN B 170 19.87 -48.95 -19.39
N HIS B 171 19.15 -47.93 -19.84
CA HIS B 171 19.60 -47.11 -20.95
C HIS B 171 20.75 -46.20 -20.51
N THR B 172 21.84 -46.20 -21.27
CA THR B 172 23.00 -45.39 -20.97
C THR B 172 23.33 -44.49 -22.16
N LEU B 173 23.83 -43.29 -21.87
CA LEU B 173 24.20 -42.34 -22.90
C LEU B 173 25.69 -42.46 -23.19
N LEU B 174 26.02 -42.67 -24.46
CA LEU B 174 27.41 -42.81 -24.89
C LEU B 174 27.78 -41.64 -25.78
N LEU B 175 28.89 -40.98 -25.45
CA LEU B 175 29.43 -39.88 -26.24
C LEU B 175 30.81 -40.32 -26.74
N LEU B 176 30.84 -40.87 -27.95
CA LEU B 176 32.07 -41.43 -28.51
C LEU B 176 32.58 -40.57 -29.64
N PRO B 177 33.68 -39.83 -29.47
CA PRO B 177 34.24 -39.06 -30.59
C PRO B 177 34.93 -39.99 -31.58
N ASP B 178 34.60 -39.84 -32.85
CA ASP B 178 35.11 -40.69 -33.92
C ASP B 178 35.67 -39.81 -35.04
N GLY B 179 36.18 -40.47 -36.07
CA GLY B 179 36.71 -39.77 -37.23
C GLY B 179 37.96 -38.96 -36.97
N CYS B 180 38.85 -39.45 -36.11
CA CYS B 180 40.09 -38.77 -35.77
C CYS B 180 39.83 -37.34 -35.28
N GLY B 181 38.73 -37.18 -34.54
CA GLY B 181 38.36 -35.87 -34.02
C GLY B 181 37.52 -35.02 -34.93
N THR B 182 36.86 -35.62 -35.93
CA THR B 182 36.00 -34.86 -36.83
C THR B 182 34.52 -35.14 -36.63
N ARG B 183 34.16 -36.18 -35.87
CA ARG B 183 32.76 -36.53 -35.66
C ARG B 183 32.56 -36.93 -34.21
N LEU B 184 31.32 -36.76 -33.74
CA LEU B 184 30.95 -37.14 -32.38
C LEU B 184 29.68 -37.98 -32.43
N TRP B 185 29.71 -39.11 -31.74
CA TRP B 185 28.57 -40.00 -31.65
C TRP B 185 27.82 -39.76 -30.34
N ALA B 186 26.51 -39.86 -30.39
CA ALA B 186 25.66 -39.75 -29.20
C ALA B 186 24.63 -40.88 -29.27
N LEU B 187 24.86 -41.94 -28.49
CA LEU B 187 24.03 -43.11 -28.51
C LEU B 187 23.35 -43.30 -27.15
N TYR B 188 22.16 -43.88 -27.18
CA TYR B 188 21.34 -44.08 -25.97
C TYR B 188 20.73 -45.47 -26.06
N CYS B 189 21.45 -46.46 -25.54
CA CYS B 189 21.02 -47.85 -25.66
C CYS B 189 21.40 -48.61 -24.39
N VAL B 190 20.75 -49.74 -24.17
CA VAL B 190 21.19 -50.67 -23.13
C VAL B 190 22.38 -51.45 -23.65
N ILE B 191 23.42 -51.53 -22.81
CA ILE B 191 24.67 -52.19 -23.19
C ILE B 191 24.72 -53.55 -22.51
N GLU B 192 24.83 -54.60 -23.31
CA GLU B 192 24.98 -55.94 -22.80
C GLU B 192 26.41 -56.39 -23.00
N PRO B 193 27.18 -56.64 -21.93
CA PRO B 193 28.58 -57.04 -22.11
C PRO B 193 28.70 -58.39 -22.81
N ARG B 194 29.76 -58.52 -23.60
CA ARG B 194 30.07 -59.75 -24.31
C ARG B 194 30.91 -60.65 -23.42
N ASN B 195 30.93 -61.95 -23.76
CA ASN B 195 31.56 -62.97 -22.94
C ASN B 195 32.76 -63.61 -23.63
N GLY B 196 33.59 -62.79 -24.28
CA GLY B 196 34.83 -63.26 -24.86
C GLY B 196 35.98 -63.15 -23.88
N SER B 197 37.20 -63.32 -24.41
CA SER B 197 38.39 -63.17 -23.60
C SER B 197 38.67 -61.69 -23.34
N TYR B 198 38.98 -61.37 -22.09
CA TYR B 198 39.21 -59.99 -21.65
C TYR B 198 38.00 -59.10 -21.89
N CYS B 199 36.81 -59.68 -22.00
CA CYS B 199 35.55 -58.98 -22.16
C CYS B 199 34.78 -58.99 -20.84
N PRO B 200 33.88 -58.04 -20.64
CA PRO B 200 33.22 -57.91 -19.33
C PRO B 200 32.43 -59.14 -18.89
N GLY B 201 32.00 -59.99 -19.82
CA GLY B 201 31.30 -61.19 -19.44
C GLY B 201 32.22 -62.37 -19.18
N ASN B 202 33.38 -62.09 -18.59
CA ASN B 202 34.38 -63.12 -18.34
C ASN B 202 35.12 -62.78 -17.06
N SER B 203 35.66 -63.82 -16.42
CA SER B 203 36.36 -63.64 -15.16
C SER B 203 37.67 -62.89 -15.37
N ASN B 204 38.45 -63.29 -16.37
CA ASN B 204 39.74 -62.65 -16.65
C ASN B 204 39.47 -61.36 -17.41
N TYR B 205 39.05 -60.35 -16.66
CA TYR B 205 38.58 -59.08 -17.22
C TYR B 205 39.44 -57.93 -16.73
N ASN B 206 39.91 -57.11 -17.67
CA ASN B 206 40.54 -55.83 -17.38
C ASN B 206 39.69 -54.73 -18.00
N THR B 207 39.83 -53.51 -17.47
CA THR B 207 38.95 -52.42 -17.84
C THR B 207 38.96 -52.16 -19.34
N PHE B 208 37.78 -51.94 -19.90
CA PHE B 208 37.64 -51.70 -21.32
C PHE B 208 38.15 -50.31 -21.69
N ALA B 209 38.38 -50.11 -22.99
CA ALA B 209 38.87 -48.84 -23.50
C ALA B 209 38.64 -48.78 -25.00
N VAL B 210 38.08 -47.67 -25.48
CA VAL B 210 37.95 -47.46 -26.91
C VAL B 210 39.32 -47.20 -27.50
N PHE B 211 39.52 -47.66 -28.73
CA PHE B 211 40.83 -47.53 -29.37
C PHE B 211 40.66 -47.43 -30.88
N ASP B 212 41.69 -46.88 -31.52
CA ASP B 212 41.73 -46.74 -32.97
C ASP B 212 43.04 -47.30 -33.49
N THR B 213 43.00 -47.83 -34.71
CA THR B 213 44.18 -48.46 -35.31
C THR B 213 45.21 -47.41 -35.70
N ASN B 224 38.27 -43.93 -41.83
CA ASN B 224 37.12 -44.65 -41.30
C ASN B 224 36.39 -43.78 -40.27
N THR B 225 35.09 -43.61 -40.47
CA THR B 225 34.26 -42.81 -39.57
C THR B 225 33.61 -43.63 -38.47
N ASN B 226 33.86 -44.94 -38.42
CA ASN B 226 33.31 -45.81 -37.39
C ASN B 226 34.41 -46.53 -36.62
N ALA B 227 35.60 -45.94 -36.57
CA ALA B 227 36.75 -46.61 -35.96
C ALA B 227 36.53 -46.88 -34.48
N THR B 228 36.17 -45.83 -33.71
CA THR B 228 36.02 -46.01 -32.27
C THR B 228 34.70 -46.67 -31.90
N LEU B 229 33.65 -46.50 -32.73
CA LEU B 229 32.38 -47.15 -32.45
C LEU B 229 32.48 -48.66 -32.60
N ASN B 230 33.23 -49.12 -33.61
CA ASN B 230 33.44 -50.55 -33.77
C ASN B 230 34.19 -51.13 -32.59
N SER B 231 35.20 -50.39 -32.09
CA SER B 231 35.97 -50.87 -30.94
C SER B 231 35.09 -51.00 -29.70
N PHE B 232 34.21 -50.02 -29.48
CA PHE B 232 33.32 -50.10 -28.32
C PHE B 232 32.37 -51.28 -28.44
N LYS B 233 31.91 -51.57 -29.66
CA LYS B 233 31.04 -52.72 -29.87
C LYS B 233 31.73 -54.04 -29.57
N GLU B 234 33.06 -54.07 -29.62
CA GLU B 234 33.78 -55.29 -29.27
C GLU B 234 33.65 -55.64 -27.80
N TYR B 235 33.33 -54.68 -26.95
CA TYR B 235 33.13 -54.92 -25.53
C TYR B 235 31.67 -55.05 -25.13
N PHE B 236 30.78 -54.35 -25.82
CA PHE B 236 29.37 -54.34 -25.47
C PHE B 236 28.52 -54.55 -26.72
N ASP B 237 27.41 -55.25 -26.55
CA ASP B 237 26.45 -55.49 -27.63
C ASP B 237 25.34 -54.45 -27.51
N LEU B 238 25.33 -53.50 -28.44
CA LEU B 238 24.34 -52.43 -28.41
C LEU B 238 22.98 -52.95 -28.82
N GLN B 239 21.96 -52.61 -28.03
CA GLN B 239 20.59 -53.03 -28.33
C GLN B 239 19.62 -52.00 -27.75
N ASN B 240 18.44 -51.93 -28.35
CA ASN B 240 17.39 -50.99 -27.96
C ASN B 240 17.94 -49.56 -27.90
N CYS B 241 18.40 -49.10 -29.06
CA CYS B 241 18.96 -47.75 -29.18
C CYS B 241 17.85 -46.76 -29.45
N SER B 242 17.64 -45.84 -28.51
CA SER B 242 16.62 -44.82 -28.70
C SER B 242 16.97 -43.88 -29.85
N PHE B 243 18.24 -43.50 -29.95
CA PHE B 243 18.68 -42.61 -31.02
C PHE B 243 20.19 -42.73 -31.20
N ILE B 244 20.62 -42.48 -32.44
CA ILE B 244 22.03 -42.36 -32.78
C ILE B 244 22.20 -41.05 -33.54
N TYR B 245 23.04 -40.17 -33.02
CA TYR B 245 23.26 -38.85 -33.61
C TYR B 245 24.72 -38.68 -33.97
N SER B 246 24.98 -37.73 -34.87
CA SER B 246 26.33 -37.40 -35.28
C SER B 246 26.46 -35.89 -35.38
N PHE B 247 27.62 -35.37 -34.95
CA PHE B 247 27.89 -33.95 -34.98
C PHE B 247 29.32 -33.74 -35.48
N ASN B 248 29.47 -32.85 -36.46
CA ASN B 248 30.78 -32.59 -37.03
C ASN B 248 31.56 -31.61 -36.16
N ILE B 249 32.87 -31.77 -36.14
CA ILE B 249 33.76 -30.87 -35.42
C ILE B 249 35.02 -30.62 -36.24
N GLU B 253 42.90 -27.99 -33.82
CA GLU B 253 44.06 -27.96 -32.93
C GLU B 253 44.09 -26.66 -32.14
N ASN B 254 43.01 -26.37 -31.42
CA ASN B 254 42.90 -25.18 -30.60
C ASN B 254 42.32 -25.55 -29.24
N ALA B 255 42.60 -24.71 -28.25
CA ALA B 255 42.03 -24.90 -26.92
C ALA B 255 40.51 -24.85 -27.00
N GLU B 256 39.87 -25.82 -26.37
CA GLU B 256 38.44 -26.03 -26.57
C GLU B 256 37.77 -26.32 -25.22
N TRP B 257 36.47 -26.05 -25.17
CA TRP B 257 35.65 -26.29 -24.00
C TRP B 257 34.42 -27.09 -24.39
N PHE B 258 34.07 -28.07 -23.57
CA PHE B 258 32.88 -28.88 -23.77
C PHE B 258 32.16 -29.05 -22.45
N GLY B 259 30.84 -28.91 -22.47
CA GLY B 259 30.05 -28.97 -21.26
C GLY B 259 28.75 -29.69 -21.48
N ILE B 260 28.24 -30.31 -20.42
CA ILE B 260 27.01 -31.08 -20.46
C ILE B 260 26.12 -30.63 -19.31
N THR B 261 24.81 -30.60 -19.56
CA THR B 261 23.83 -30.17 -18.58
C THR B 261 22.54 -30.93 -18.84
N GLN B 262 21.80 -31.24 -17.78
CA GLN B 262 20.51 -31.91 -17.90
C GLN B 262 19.43 -31.05 -17.25
N ASN B 263 18.33 -30.87 -17.97
CA ASN B 263 17.18 -30.13 -17.46
C ASN B 263 15.94 -31.01 -17.63
N THR B 264 14.75 -30.43 -17.40
CA THR B 264 13.53 -31.15 -17.72
C THR B 264 13.42 -31.41 -19.22
N GLN B 265 14.01 -30.54 -20.03
CA GLN B 265 13.96 -30.65 -21.49
C GLN B 265 15.08 -31.52 -22.05
N GLY B 266 15.67 -32.38 -21.22
CA GLY B 266 16.66 -33.32 -21.69
C GLY B 266 18.08 -32.80 -21.52
N VAL B 267 19.02 -33.63 -21.97
CA VAL B 267 20.44 -33.32 -21.87
C VAL B 267 20.81 -32.29 -22.93
N HIS B 268 21.51 -31.25 -22.51
CA HIS B 268 21.98 -30.21 -23.41
C HIS B 268 23.50 -30.25 -23.49
N LEU B 269 24.02 -30.28 -24.71
CA LEU B 269 25.46 -30.31 -24.96
C LEU B 269 25.94 -28.95 -25.41
N TYR B 270 27.09 -28.52 -24.89
CA TYR B 270 27.65 -27.21 -25.19
C TYR B 270 29.08 -27.36 -25.69
N SER B 271 29.46 -26.49 -26.63
CA SER B 271 30.80 -26.49 -27.17
C SER B 271 31.16 -25.09 -27.64
N SER B 272 32.45 -24.77 -27.60
CA SER B 272 32.93 -23.46 -27.99
C SER B 272 33.19 -23.32 -29.47
N ARG B 273 33.05 -24.40 -30.24
CA ARG B 273 33.26 -24.32 -31.68
C ARG B 273 32.06 -23.76 -32.42
N LYS B 274 30.88 -23.75 -31.80
CA LYS B 274 29.71 -23.19 -32.47
C LYS B 274 29.83 -21.69 -32.65
N GLY B 275 30.40 -20.99 -31.67
CA GLY B 275 30.73 -19.59 -31.80
C GLY B 275 32.08 -19.41 -32.46
N ASP B 276 32.73 -18.30 -32.15
CA ASP B 276 34.09 -18.09 -32.61
C ASP B 276 35.01 -19.15 -32.00
N LEU B 277 35.86 -19.74 -32.85
CA LEU B 277 36.75 -20.80 -32.37
C LEU B 277 37.69 -20.29 -31.30
N TYR B 278 38.22 -19.07 -31.48
CA TYR B 278 39.06 -18.47 -30.45
C TYR B 278 38.28 -18.21 -29.18
N GLY B 279 37.03 -17.76 -29.31
CA GLY B 279 36.19 -17.48 -28.15
C GLY B 279 35.97 -18.69 -27.28
N SER B 280 36.17 -18.53 -25.97
CA SER B 280 36.06 -19.64 -25.03
C SER B 280 34.66 -19.86 -24.52
N ASN B 281 33.72 -18.96 -24.81
CA ASN B 281 32.35 -19.14 -24.37
C ASN B 281 31.72 -20.32 -25.09
N MET B 282 30.97 -21.14 -24.36
CA MET B 282 30.35 -22.34 -24.91
C MET B 282 28.92 -22.04 -25.31
N PHE B 283 28.50 -22.62 -26.42
CA PHE B 283 27.16 -22.44 -26.95
C PHE B 283 26.50 -23.79 -27.14
N LEU B 284 25.18 -23.81 -26.97
CA LEU B 284 24.42 -25.04 -27.16
C LEU B 284 24.51 -25.51 -28.61
N PHE B 285 24.72 -26.81 -28.80
CA PHE B 285 24.72 -27.39 -30.13
C PHE B 285 23.91 -28.66 -30.27
N ALA B 286 23.33 -29.19 -29.19
CA ALA B 286 22.59 -30.44 -29.26
C ALA B 286 21.74 -30.60 -28.02
N THR B 287 20.46 -30.91 -28.23
CA THR B 287 19.56 -31.30 -27.16
C THR B 287 19.16 -32.76 -27.37
N LEU B 288 19.39 -33.57 -26.35
CA LEU B 288 19.10 -34.98 -26.47
C LEU B 288 17.83 -35.35 -25.70
N PRO B 289 17.00 -36.26 -26.24
CA PRO B 289 15.79 -36.70 -25.54
C PRO B 289 16.06 -37.71 -24.43
N VAL B 290 17.05 -37.42 -23.59
CA VAL B 290 17.38 -38.23 -22.43
C VAL B 290 16.72 -37.58 -21.24
N TYR B 291 15.55 -38.08 -20.85
CA TYR B 291 14.77 -37.46 -19.79
C TYR B 291 14.93 -38.14 -18.45
N ASP B 292 15.28 -39.42 -18.42
CA ASP B 292 15.61 -40.06 -17.16
C ASP B 292 16.87 -39.44 -16.56
N GLY B 293 16.81 -39.16 -15.26
CA GLY B 293 17.87 -38.43 -14.60
C GLY B 293 19.22 -39.12 -14.63
N ILE B 294 20.22 -38.43 -15.17
CA ILE B 294 21.59 -38.95 -15.18
C ILE B 294 22.20 -38.71 -13.81
N LYS B 295 22.69 -39.78 -13.19
CA LYS B 295 23.24 -39.72 -11.85
C LYS B 295 24.73 -39.95 -11.79
N TYR B 296 25.30 -40.68 -12.75
CA TYR B 296 26.71 -41.02 -12.74
C TYR B 296 27.26 -40.94 -14.15
N TYR B 297 28.57 -40.72 -14.25
CA TYR B 297 29.26 -40.72 -15.52
C TYR B 297 30.65 -41.30 -15.35
N THR B 298 31.25 -41.72 -16.46
CA THR B 298 32.55 -42.38 -16.46
C THR B 298 33.32 -41.97 -17.69
N VAL B 299 34.62 -41.72 -17.52
CA VAL B 299 35.49 -41.33 -18.61
C VAL B 299 36.05 -42.60 -19.24
N ILE B 300 35.54 -42.96 -20.41
CA ILE B 300 35.99 -44.16 -21.12
C ILE B 300 37.44 -43.96 -21.53
N PRO B 301 38.35 -44.85 -21.11
CA PRO B 301 39.75 -44.71 -21.54
C PRO B 301 39.88 -44.82 -23.05
N ARG B 302 40.79 -44.02 -23.60
CA ARG B 302 41.08 -44.03 -25.03
C ARG B 302 42.56 -44.26 -25.22
N SER B 303 42.92 -45.35 -25.90
CA SER B 303 44.31 -45.69 -26.18
C SER B 303 44.51 -45.71 -27.69
N ILE B 304 45.51 -44.98 -28.16
CA ILE B 304 45.80 -44.93 -29.59
C ILE B 304 46.65 -46.13 -30.00
N TRP B 314 51.43 -37.10 -24.57
CA TRP B 314 50.55 -36.76 -23.47
C TRP B 314 49.49 -35.74 -23.87
N ALA B 315 48.22 -36.07 -23.64
CA ALA B 315 47.11 -35.15 -23.82
C ALA B 315 46.27 -35.16 -22.56
N ALA B 316 46.00 -33.97 -22.02
CA ALA B 316 45.30 -33.83 -20.74
C ALA B 316 44.03 -33.01 -20.93
N PHE B 317 42.93 -33.49 -20.36
CA PHE B 317 41.69 -32.74 -20.31
C PHE B 317 41.16 -32.77 -18.89
N TYR B 318 40.50 -31.68 -18.50
CA TYR B 318 40.06 -31.47 -17.13
C TYR B 318 38.55 -31.34 -17.08
N ILE B 319 37.95 -31.96 -16.08
CA ILE B 319 36.50 -31.93 -15.87
C ILE B 319 36.20 -31.07 -14.65
N TYR B 320 35.29 -30.13 -14.80
CA TYR B 320 34.93 -29.20 -13.74
C TYR B 320 33.44 -29.32 -13.45
N SER B 321 33.09 -29.52 -12.19
CA SER B 321 31.70 -29.68 -11.79
C SER B 321 30.97 -28.35 -11.82
N LEU B 322 29.80 -28.33 -12.44
CA LEU B 322 28.98 -27.13 -12.50
C LEU B 322 28.13 -27.02 -11.25
N HIS B 323 27.97 -25.79 -10.76
CA HIS B 323 27.20 -25.53 -9.55
C HIS B 323 26.22 -24.40 -9.80
N LYS B 324 25.10 -24.45 -9.07
CA LYS B 324 24.09 -23.40 -9.15
C LYS B 324 24.64 -22.16 -8.45
N LEU B 325 25.19 -21.24 -9.23
CA LEU B 325 25.85 -20.07 -8.70
C LEU B 325 25.42 -18.83 -9.47
N THR B 326 25.67 -17.67 -8.87
CA THR B 326 25.44 -16.39 -9.51
C THR B 326 26.78 -15.82 -9.99
N TYR B 327 26.78 -15.28 -11.21
CA TYR B 327 27.98 -14.80 -11.86
C TYR B 327 27.74 -13.41 -12.43
N LEU B 328 28.81 -12.63 -12.53
CA LEU B 328 28.77 -11.30 -13.13
C LEU B 328 29.55 -11.38 -14.43
N LEU B 329 28.84 -11.63 -15.53
CA LEU B 329 29.45 -11.79 -16.83
C LEU B 329 29.49 -10.45 -17.55
N ASP B 330 30.67 -10.08 -18.05
CA ASP B 330 30.84 -8.85 -18.79
C ASP B 330 30.81 -9.16 -20.29
N PHE B 331 29.87 -8.56 -20.99
CA PHE B 331 29.69 -8.77 -22.42
C PHE B 331 30.34 -7.62 -23.17
N SER B 332 31.15 -7.95 -24.17
CA SER B 332 31.81 -6.94 -24.98
C SER B 332 30.85 -6.39 -26.04
N VAL B 333 31.36 -5.53 -26.90
CA VAL B 333 30.55 -5.01 -27.99
C VAL B 333 30.19 -6.13 -28.97
N ASP B 334 31.11 -7.07 -29.16
CA ASP B 334 30.86 -8.24 -30.00
C ASP B 334 29.97 -9.27 -29.32
N GLY B 335 29.63 -9.09 -28.05
CA GLY B 335 28.74 -10.00 -27.37
C GLY B 335 29.41 -11.21 -26.77
N TYR B 336 30.71 -11.17 -26.54
CA TYR B 336 31.45 -12.32 -26.02
C TYR B 336 31.99 -12.01 -24.63
N ILE B 337 31.84 -12.96 -23.72
CA ILE B 337 32.31 -12.79 -22.35
C ILE B 337 33.81 -13.08 -22.31
N ARG B 338 34.56 -12.14 -21.74
CA ARG B 338 36.00 -12.32 -21.57
C ARG B 338 36.45 -12.07 -20.13
N ARG B 339 35.50 -11.88 -19.21
CA ARG B 339 35.81 -11.65 -17.81
C ARG B 339 34.55 -11.85 -16.98
N ALA B 340 34.72 -12.40 -15.79
CA ALA B 340 33.60 -12.65 -14.88
C ALA B 340 34.14 -12.78 -13.48
N VAL B 341 33.24 -12.77 -12.49
CA VAL B 341 33.61 -12.97 -11.09
C VAL B 341 32.63 -13.94 -10.46
N ASP B 342 33.16 -14.92 -9.73
CA ASP B 342 32.34 -15.82 -8.92
C ASP B 342 31.96 -15.09 -7.65
N CYS B 343 30.67 -14.79 -7.49
CA CYS B 343 30.24 -13.92 -6.41
C CYS B 343 30.55 -14.51 -5.04
N GLY B 344 30.56 -15.83 -4.91
CA GLY B 344 30.86 -16.47 -3.66
C GLY B 344 32.31 -16.82 -3.43
N HIS B 345 33.21 -16.43 -4.33
CA HIS B 345 34.61 -16.76 -4.15
C HIS B 345 35.20 -16.07 -2.92
N ASP B 346 34.92 -14.79 -2.74
CA ASP B 346 35.41 -14.03 -1.61
C ASP B 346 34.53 -12.81 -1.41
N ASP B 347 34.91 -11.98 -0.44
CA ASP B 347 34.10 -10.81 -0.11
C ASP B 347 34.15 -9.76 -1.22
N LEU B 348 35.32 -9.58 -1.85
CA LEU B 348 35.45 -8.57 -2.90
C LEU B 348 34.55 -8.89 -4.08
N SER B 349 34.51 -10.16 -4.49
CA SER B 349 33.68 -10.53 -5.64
C SER B 349 32.21 -10.28 -5.36
N GLN B 350 31.76 -10.60 -4.14
CA GLN B 350 30.37 -10.37 -3.78
C GLN B 350 30.04 -8.88 -3.80
N LEU B 351 31.04 -8.03 -3.56
CA LEU B 351 30.83 -6.60 -3.71
C LEU B 351 30.64 -6.22 -5.17
N TYR B 352 31.41 -6.84 -6.06
CA TYR B 352 31.26 -6.55 -7.49
C TYR B 352 29.87 -6.93 -7.99
N CYS B 353 29.37 -8.09 -7.56
CA CYS B 353 28.05 -8.52 -7.99
C CYS B 353 26.94 -7.64 -7.43
N SER B 354 27.15 -7.07 -6.25
CA SER B 354 26.15 -6.18 -5.66
C SER B 354 25.97 -4.93 -6.50
N TYR B 355 27.06 -4.36 -7.00
CA TYR B 355 27.01 -3.19 -7.86
C TYR B 355 26.86 -3.55 -9.34
N GLU B 356 26.78 -4.84 -9.66
CA GLU B 356 26.69 -5.35 -11.04
C GLU B 356 27.65 -4.62 -11.98
N SER B 357 28.83 -4.28 -11.47
CA SER B 357 29.84 -3.57 -12.26
C SER B 357 31.21 -4.01 -11.80
N PHE B 358 32.13 -4.15 -12.76
CA PHE B 358 33.50 -4.52 -12.41
C PHE B 358 34.27 -3.34 -11.81
N ASP B 359 33.92 -2.12 -12.18
CA ASP B 359 34.55 -0.92 -11.65
C ASP B 359 33.69 -0.41 -10.49
N VAL B 360 34.20 -0.56 -9.27
CA VAL B 360 33.54 -0.10 -8.06
C VAL B 360 34.51 0.82 -7.33
N GLY B 361 33.98 1.92 -6.80
CA GLY B 361 34.83 2.91 -6.16
C GLY B 361 35.44 2.40 -4.86
N SER B 362 36.47 3.11 -4.42
CA SER B 362 37.12 2.79 -3.16
C SER B 362 36.25 3.25 -1.99
N GLY B 363 36.11 2.39 -1.00
CA GLY B 363 35.30 2.72 0.16
C GLY B 363 35.06 1.50 0.99
N VAL B 364 34.44 1.74 2.15
CA VAL B 364 34.07 0.68 3.08
C VAL B 364 32.61 0.33 2.80
N TYR B 365 32.37 -0.86 2.26
CA TYR B 365 31.05 -1.28 1.84
C TYR B 365 30.56 -2.41 2.73
N SER B 366 29.24 -2.50 2.88
CA SER B 366 28.61 -3.55 3.66
C SER B 366 28.15 -4.67 2.72
N VAL B 367 28.62 -5.87 2.97
CA VAL B 367 28.32 -7.03 2.13
C VAL B 367 27.41 -7.97 2.92
N SER B 368 26.66 -8.79 2.19
CA SER B 368 25.74 -9.73 2.81
C SER B 368 26.50 -10.75 3.65
N SER B 369 25.92 -11.12 4.78
CA SER B 369 26.52 -12.12 5.67
C SER B 369 26.46 -13.50 5.03
N PHE B 370 27.41 -14.34 5.39
CA PHE B 370 27.41 -15.71 4.90
C PHE B 370 26.30 -16.51 5.57
N GLU B 371 25.74 -17.46 4.83
CA GLU B 371 24.61 -18.22 5.32
C GLU B 371 24.99 -19.05 6.54
N VAL B 372 24.06 -19.17 7.46
CA VAL B 372 24.31 -19.88 8.72
C VAL B 372 24.22 -21.39 8.49
N HIS B 373 24.90 -22.15 9.33
CA HIS B 373 24.92 -23.60 9.26
C HIS B 373 24.24 -24.19 10.49
N SER B 374 23.27 -25.06 10.27
CA SER B 374 22.65 -25.82 11.35
C SER B 374 23.56 -26.98 11.71
N ARG B 375 24.17 -26.92 12.89
CA ARG B 375 25.18 -27.87 13.30
C ARG B 375 24.69 -28.82 14.39
N GLY B 376 23.45 -29.26 14.26
CA GLY B 376 22.90 -30.19 15.23
C GLY B 376 21.39 -30.29 15.09
N GLN B 377 20.82 -31.21 15.87
CA GLN B 377 19.38 -31.45 15.87
C GLN B 377 18.93 -31.73 17.29
N PHE B 378 17.86 -31.06 17.71
CA PHE B 378 17.33 -31.18 19.07
C PHE B 378 15.87 -31.60 18.96
N ILE B 379 15.59 -32.88 19.25
CA ILE B 379 14.25 -33.44 19.12
C ILE B 379 13.78 -33.89 20.49
N GLU B 380 12.53 -33.56 20.82
CA GLU B 380 11.88 -34.06 22.04
C GLU B 380 10.47 -34.47 21.66
N GLN B 381 10.25 -35.78 21.51
CA GLN B 381 8.96 -36.32 21.10
C GLN B 381 8.39 -37.20 22.21
N PRO B 382 7.27 -36.83 22.82
CA PRO B 382 6.64 -37.72 23.80
C PRO B 382 6.03 -38.94 23.13
N ASN B 383 5.95 -40.03 23.88
CA ASN B 383 5.35 -41.27 23.38
C ASN B 383 3.85 -41.20 23.65
N SER B 384 3.14 -40.52 22.76
CA SER B 384 1.72 -40.27 22.92
C SER B 384 0.89 -41.46 22.44
N VAL B 385 -0.40 -41.42 22.76
CA VAL B 385 -1.29 -42.52 22.41
C VAL B 385 -1.73 -42.38 20.96
N GLU B 386 -2.34 -43.45 20.44
CA GLU B 386 -2.90 -43.43 19.11
C GLU B 386 -4.23 -42.71 19.11
N CYS B 387 -4.46 -41.89 18.08
CA CYS B 387 -5.73 -41.18 17.97
C CYS B 387 -6.86 -42.19 17.73
N ASP B 388 -7.97 -41.98 18.43
CA ASP B 388 -9.10 -42.90 18.38
C ASP B 388 -9.95 -42.60 17.15
N PHE B 389 -10.01 -43.56 16.23
CA PHE B 389 -10.82 -43.43 15.02
C PHE B 389 -11.88 -44.53 14.92
N THR B 390 -12.17 -45.21 16.03
CA THR B 390 -13.11 -46.32 15.99
C THR B 390 -14.51 -45.85 15.61
N LYS B 391 -14.90 -44.64 16.02
CA LYS B 391 -16.21 -44.13 15.66
C LYS B 391 -16.32 -43.92 14.16
N LEU B 392 -15.26 -43.40 13.53
CA LEU B 392 -15.27 -43.18 12.09
C LEU B 392 -15.13 -44.50 11.34
N LEU B 393 -14.22 -45.36 11.77
CA LEU B 393 -13.87 -46.57 11.04
C LEU B 393 -14.74 -47.77 11.42
N SER B 394 -15.72 -47.58 12.30
CA SER B 394 -16.61 -48.67 12.67
C SER B 394 -17.97 -48.08 13.01
N GLY B 395 -18.96 -48.33 12.16
CA GLY B 395 -20.29 -47.85 12.40
C GLY B 395 -20.86 -47.03 11.25
N THR B 396 -22.16 -46.83 11.26
CA THR B 396 -22.83 -46.08 10.19
C THR B 396 -22.58 -44.59 10.37
N PRO B 397 -22.10 -43.90 9.35
CA PRO B 397 -21.90 -42.45 9.45
C PRO B 397 -23.24 -41.73 9.42
N PRO B 398 -23.37 -40.65 10.19
CA PRO B 398 -24.65 -39.93 10.25
C PRO B 398 -24.80 -39.02 9.04
N GLN B 399 -25.92 -38.30 9.02
CA GLN B 399 -26.22 -37.40 7.92
C GLN B 399 -25.51 -36.07 8.11
N VAL B 400 -25.67 -35.18 7.13
CA VAL B 400 -24.92 -33.93 7.12
C VAL B 400 -25.35 -33.04 8.28
N TYR B 401 -26.64 -33.00 8.58
CA TYR B 401 -27.15 -32.12 9.62
C TYR B 401 -26.91 -32.66 11.03
N ASN B 402 -26.59 -33.95 11.15
CA ASN B 402 -26.31 -34.55 12.45
C ASN B 402 -24.91 -35.11 12.46
N PHE B 403 -23.95 -34.33 11.96
CA PHE B 403 -22.59 -34.80 11.79
C PHE B 403 -21.93 -35.10 13.14
N ASN B 404 -20.99 -36.04 13.10
CA ASN B 404 -20.16 -36.34 14.26
C ASN B 404 -18.85 -35.57 14.17
N ARG B 405 -18.44 -35.00 15.30
CA ARG B 405 -17.22 -34.20 15.37
C ARG B 405 -16.21 -34.90 16.29
N LEU B 406 -15.01 -35.12 15.76
CA LEU B 406 -13.90 -35.67 16.54
C LEU B 406 -12.83 -34.60 16.71
N VAL B 407 -12.36 -34.43 17.95
CA VAL B 407 -11.28 -33.51 18.26
C VAL B 407 -10.12 -34.31 18.84
N PHE B 408 -8.93 -34.12 18.27
CA PHE B 408 -7.73 -34.79 18.73
C PHE B 408 -6.76 -33.75 19.27
N THR B 409 -6.16 -34.02 20.43
CA THR B 409 -5.30 -33.05 21.07
C THR B 409 -3.88 -33.55 21.32
N ASN B 410 -3.72 -34.74 21.90
CA ASN B 410 -2.45 -35.22 22.41
C ASN B 410 -2.17 -36.63 21.93
N CYS B 411 -2.33 -36.88 20.64
CA CYS B 411 -2.24 -38.23 20.11
C CYS B 411 -1.46 -38.25 18.81
N ASN B 412 -1.06 -39.46 18.41
CA ASN B 412 -0.44 -39.73 17.12
C ASN B 412 -1.39 -40.55 16.28
N TYR B 413 -1.40 -40.31 14.96
CA TYR B 413 -2.27 -41.06 14.08
C TYR B 413 -1.53 -41.40 12.79
N ASN B 414 -1.98 -42.48 12.15
CA ASN B 414 -1.37 -43.04 10.95
C ASN B 414 -2.17 -42.53 9.76
N LEU B 415 -1.71 -41.40 9.19
CA LEU B 415 -2.43 -40.81 8.07
C LEU B 415 -2.35 -41.68 6.82
N THR B 416 -1.29 -42.49 6.70
CA THR B 416 -1.21 -43.42 5.58
C THR B 416 -2.35 -44.43 5.63
N LYS B 417 -2.68 -44.92 6.82
CA LYS B 417 -3.78 -45.86 6.96
C LYS B 417 -5.11 -45.24 6.54
N LEU B 418 -5.36 -43.99 6.95
CA LEU B 418 -6.62 -43.34 6.62
C LEU B 418 -6.75 -43.13 5.11
N LEU B 419 -5.67 -42.67 4.46
CA LEU B 419 -5.73 -42.42 3.03
C LEU B 419 -5.73 -43.70 2.22
N SER B 420 -5.15 -44.78 2.76
CA SER B 420 -5.20 -46.07 2.07
C SER B 420 -6.61 -46.61 2.02
N LEU B 421 -7.44 -46.27 3.01
CA LEU B 421 -8.82 -46.77 3.05
C LEU B 421 -9.72 -45.96 2.15
N PHE B 422 -9.83 -44.65 2.42
CA PHE B 422 -10.75 -43.80 1.68
C PHE B 422 -10.16 -43.40 0.33
N MET B 423 -11.05 -43.14 -0.61
CA MET B 423 -10.67 -42.72 -1.97
C MET B 423 -11.24 -41.33 -2.20
N VAL B 424 -10.35 -40.33 -2.25
CA VAL B 424 -10.78 -38.94 -2.33
C VAL B 424 -11.26 -38.65 -3.74
N ASN B 425 -12.42 -37.99 -3.84
CA ASN B 425 -12.97 -37.54 -5.12
C ASN B 425 -12.69 -36.08 -5.41
N GLU B 426 -12.72 -35.23 -4.38
CA GLU B 426 -12.41 -33.81 -4.53
C GLU B 426 -12.15 -33.18 -3.18
N PHE B 427 -11.06 -32.41 -3.07
CA PHE B 427 -10.76 -31.68 -1.85
C PHE B 427 -10.44 -30.23 -2.18
N SER B 428 -10.83 -29.34 -1.28
CA SER B 428 -10.56 -27.91 -1.43
C SER B 428 -10.14 -27.38 -0.07
N CYS B 429 -8.90 -26.91 0.04
CA CYS B 429 -8.32 -26.50 1.30
C CYS B 429 -8.10 -24.99 1.32
N ASP B 430 -8.14 -24.42 2.52
CA ASP B 430 -7.94 -22.99 2.72
C ASP B 430 -7.01 -22.78 3.91
N GLY B 431 -5.90 -22.10 3.69
CA GLY B 431 -4.94 -21.79 4.74
C GLY B 431 -3.97 -22.90 5.05
N ILE B 432 -4.11 -24.07 4.43
CA ILE B 432 -3.24 -25.20 4.69
C ILE B 432 -3.43 -26.18 3.54
N SER B 433 -2.44 -27.05 3.34
CA SER B 433 -2.51 -28.06 2.30
C SER B 433 -2.55 -29.46 2.91
N PRO B 434 -3.13 -30.44 2.21
CA PRO B 434 -3.14 -31.81 2.76
C PRO B 434 -1.76 -32.37 3.05
N ASP B 435 -0.77 -32.07 2.21
CA ASP B 435 0.57 -32.56 2.47
C ASP B 435 1.19 -31.87 3.67
N ALA B 436 0.82 -30.62 3.93
CA ALA B 436 1.29 -29.93 5.12
C ALA B 436 0.79 -30.62 6.39
N ILE B 437 -0.46 -31.10 6.36
CA ILE B 437 -0.98 -31.86 7.49
C ILE B 437 -0.18 -33.14 7.68
N ALA B 438 0.25 -33.77 6.58
CA ALA B 438 0.96 -35.03 6.65
C ALA B 438 2.40 -34.89 7.12
N ARG B 439 3.00 -33.71 7.03
CA ARG B 439 4.42 -33.53 7.32
C ARG B 439 4.67 -32.63 8.52
N GLY B 440 3.66 -32.39 9.35
CA GLY B 440 3.86 -31.50 10.48
C GLY B 440 2.84 -31.71 11.57
N CYS B 441 3.14 -31.14 12.73
CA CYS B 441 2.30 -31.25 13.91
C CYS B 441 1.44 -30.00 14.08
N TYR B 442 0.41 -30.14 14.89
CA TYR B 442 -0.52 -29.05 15.16
C TYR B 442 -1.13 -29.25 16.54
N SER B 443 -1.65 -28.16 17.11
CA SER B 443 -2.18 -28.22 18.47
C SER B 443 -3.48 -29.01 18.53
N SER B 444 -4.23 -29.07 17.44
CA SER B 444 -5.50 -29.79 17.43
C SER B 444 -5.85 -30.18 16.01
N LEU B 445 -6.75 -31.15 15.90
CA LEU B 445 -7.29 -31.60 14.62
C LEU B 445 -8.77 -31.86 14.80
N THR B 446 -9.60 -31.11 14.08
CA THR B 446 -11.05 -31.24 14.14
C THR B 446 -11.54 -31.90 12.86
N VAL B 447 -12.34 -32.95 13.00
CA VAL B 447 -12.88 -33.69 11.88
C VAL B 447 -14.40 -33.72 12.00
N ASP B 448 -15.09 -33.14 11.03
CA ASP B 448 -16.53 -33.27 10.90
C ASP B 448 -16.81 -34.21 9.73
N TYR B 449 -17.42 -35.35 10.01
CA TYR B 449 -17.68 -36.34 8.98
C TYR B 449 -19.15 -36.72 8.97
N PHE B 450 -19.63 -37.11 7.80
CA PHE B 450 -21.03 -37.48 7.61
C PHE B 450 -21.13 -38.26 6.31
N ALA B 451 -22.36 -38.61 5.94
CA ALA B 451 -22.64 -39.26 4.67
C ALA B 451 -23.23 -38.23 3.72
N TYR B 452 -22.54 -37.98 2.61
CA TYR B 452 -22.93 -36.94 1.67
C TYR B 452 -22.71 -37.43 0.24
N PRO B 453 -23.73 -37.36 -0.61
CA PRO B 453 -23.55 -37.79 -1.99
C PRO B 453 -22.65 -36.85 -2.79
N LEU B 454 -22.02 -37.40 -3.81
CA LEU B 454 -21.11 -36.61 -4.63
C LEU B 454 -21.84 -35.69 -5.59
N SER B 455 -23.07 -36.04 -5.98
CA SER B 455 -23.84 -35.19 -6.88
C SER B 455 -24.21 -33.87 -6.22
N MET B 456 -24.18 -33.79 -4.89
CA MET B 456 -24.54 -32.59 -4.15
C MET B 456 -23.33 -31.85 -3.61
N LYS B 457 -22.13 -32.14 -4.10
CA LYS B 457 -20.92 -31.53 -3.57
C LYS B 457 -20.83 -30.04 -3.85
N SER B 458 -21.66 -29.51 -4.75
CA SER B 458 -21.64 -28.08 -5.03
C SER B 458 -22.25 -27.25 -3.91
N TYR B 459 -23.12 -27.85 -3.11
CA TYR B 459 -23.81 -27.14 -2.04
C TYR B 459 -22.97 -26.98 -0.79
N MET B 460 -21.71 -27.45 -0.82
CA MET B 460 -20.77 -27.23 0.27
C MET B 460 -19.75 -26.15 -0.04
N GLN B 461 -19.66 -25.71 -1.28
CA GLN B 461 -18.71 -24.66 -1.63
C GLN B 461 -19.13 -23.35 -0.97
N PRO B 462 -18.17 -22.53 -0.52
CA PRO B 462 -18.52 -21.29 0.16
C PRO B 462 -19.30 -20.35 -0.76
N GLY B 463 -20.28 -19.68 -0.18
CA GLY B 463 -21.12 -18.76 -0.92
C GLY B 463 -22.39 -19.37 -1.49
N SER B 464 -22.58 -20.67 -1.38
CA SER B 464 -23.78 -21.30 -1.92
C SER B 464 -25.03 -20.82 -1.18
N ALA B 465 -26.11 -20.65 -1.93
CA ALA B 465 -27.39 -20.23 -1.40
C ALA B 465 -28.36 -21.40 -1.21
N GLY B 466 -27.87 -22.63 -1.28
CA GLY B 466 -28.72 -23.79 -1.20
C GLY B 466 -29.13 -24.14 0.22
N VAL B 467 -29.90 -25.21 0.32
CA VAL B 467 -30.44 -25.63 1.62
C VAL B 467 -29.34 -26.16 2.52
N ILE B 468 -28.30 -26.78 1.95
CA ILE B 468 -27.26 -27.39 2.77
C ILE B 468 -26.49 -26.34 3.57
N SER B 469 -26.14 -25.23 2.93
CA SER B 469 -25.45 -24.17 3.65
C SER B 469 -26.36 -23.37 4.57
N GLN B 470 -27.67 -23.57 4.45
CA GLN B 470 -28.63 -22.85 5.29
C GLN B 470 -29.13 -23.67 6.46
N TYR B 471 -29.36 -24.97 6.27
CA TYR B 471 -30.01 -25.78 7.29
C TYR B 471 -29.23 -27.02 7.72
N ASN B 472 -28.17 -27.40 7.01
CA ASN B 472 -27.50 -28.66 7.31
C ASN B 472 -26.07 -28.48 7.80
N TYR B 473 -25.22 -27.82 7.03
CA TYR B 473 -23.84 -27.61 7.46
C TYR B 473 -23.26 -26.42 6.73
N LYS B 474 -22.56 -25.56 7.47
CA LYS B 474 -21.87 -24.41 6.90
C LYS B 474 -20.43 -24.43 7.39
N GLN B 475 -19.50 -24.37 6.46
CA GLN B 475 -18.09 -24.44 6.81
C GLN B 475 -17.61 -23.14 7.42
N SER B 476 -16.77 -23.24 8.44
CA SER B 476 -16.17 -22.09 9.09
C SER B 476 -14.72 -21.93 8.63
N PHE B 477 -14.31 -20.68 8.41
CA PHE B 477 -12.98 -20.37 7.94
C PHE B 477 -12.15 -19.60 8.96
N ALA B 478 -12.50 -19.69 10.24
CA ALA B 478 -11.72 -19.04 11.28
C ALA B 478 -10.42 -19.77 11.59
N ASN B 479 -10.28 -21.00 11.16
CA ASN B 479 -9.08 -21.81 11.34
C ASN B 479 -8.68 -22.39 9.99
N PRO B 480 -7.41 -22.75 9.82
CA PRO B 480 -7.00 -23.41 8.56
C PRO B 480 -7.79 -24.68 8.34
N THR B 481 -8.58 -24.71 7.27
CA THR B 481 -9.58 -25.73 7.08
C THR B 481 -9.43 -26.37 5.71
N CYS B 482 -10.18 -27.45 5.50
CA CYS B 482 -10.27 -28.12 4.21
C CYS B 482 -11.49 -29.02 4.21
N ARG B 483 -12.11 -29.16 3.04
CA ARG B 483 -13.26 -30.02 2.85
C ARG B 483 -12.90 -31.15 1.90
N ILE B 484 -13.21 -32.38 2.32
CA ILE B 484 -12.82 -33.58 1.59
C ILE B 484 -14.07 -34.40 1.33
N PHE B 485 -14.34 -34.70 0.07
CA PHE B 485 -15.39 -35.65 -0.31
C PHE B 485 -14.72 -36.90 -0.84
N ALA B 486 -14.99 -38.03 -0.19
CA ALA B 486 -14.30 -39.28 -0.46
C ALA B 486 -15.30 -40.41 -0.55
N THR B 487 -14.80 -41.59 -0.90
CA THR B 487 -15.59 -42.81 -0.96
C THR B 487 -15.13 -43.76 0.13
N ALA B 488 -16.06 -44.24 0.93
CA ALA B 488 -15.74 -45.05 2.09
C ALA B 488 -15.18 -46.41 1.67
N PRO B 489 -14.39 -47.05 2.53
CA PRO B 489 -13.94 -48.41 2.24
C PRO B 489 -15.11 -49.36 2.10
N ALA B 490 -14.94 -50.35 1.22
CA ALA B 490 -16.08 -51.15 0.76
C ALA B 490 -16.52 -52.18 1.80
N ASN B 491 -15.64 -53.13 2.12
CA ASN B 491 -16.04 -54.30 2.89
C ASN B 491 -15.53 -54.26 4.33
N LEU B 492 -15.19 -53.09 4.85
CA LEU B 492 -14.75 -52.97 6.22
C LEU B 492 -15.95 -52.67 7.12
N THR B 493 -15.69 -52.23 8.34
CA THR B 493 -16.71 -52.07 9.37
C THR B 493 -17.52 -50.78 9.22
N ILE B 494 -17.47 -50.11 8.07
CA ILE B 494 -18.28 -48.92 7.84
C ILE B 494 -19.57 -49.35 7.15
N THR B 495 -20.70 -49.12 7.82
CA THR B 495 -22.01 -49.60 7.37
C THR B 495 -22.75 -48.48 6.66
N LYS B 496 -23.29 -48.78 5.49
CA LYS B 496 -24.03 -47.79 4.73
C LYS B 496 -25.34 -47.46 5.42
N PRO B 497 -25.79 -46.21 5.38
CA PRO B 497 -27.13 -45.89 5.90
C PRO B 497 -28.22 -46.34 4.95
N SER B 498 -29.47 -46.13 5.33
CA SER B 498 -30.58 -46.49 4.45
C SER B 498 -30.59 -45.61 3.20
N SER B 499 -30.35 -44.31 3.36
CA SER B 499 -30.40 -43.36 2.27
C SER B 499 -29.87 -42.02 2.75
N TYR B 500 -29.33 -41.24 1.80
CA TYR B 500 -28.91 -39.88 2.12
C TYR B 500 -30.13 -39.00 2.38
N SER B 501 -30.03 -38.15 3.40
CA SER B 501 -31.13 -37.28 3.76
C SER B 501 -30.58 -35.96 4.30
N PHE B 502 -31.35 -34.90 4.11
CA PHE B 502 -30.96 -33.59 4.59
C PHE B 502 -32.20 -32.72 4.74
N ILE B 503 -32.05 -31.64 5.50
CA ILE B 503 -33.16 -30.74 5.81
C ILE B 503 -33.35 -29.79 4.65
N SER B 504 -34.58 -29.71 4.15
CA SER B 504 -34.92 -28.80 3.05
C SER B 504 -35.56 -27.51 3.54
N LYS B 505 -36.32 -27.55 4.63
CA LYS B 505 -36.95 -26.35 5.17
C LYS B 505 -36.87 -26.38 6.69
N CYS B 506 -36.53 -25.23 7.27
CA CYS B 506 -36.49 -25.08 8.73
C CYS B 506 -36.88 -23.63 9.02
N SER B 507 -38.16 -23.40 9.26
CA SER B 507 -38.70 -22.06 9.35
C SER B 507 -39.56 -21.90 10.59
N ARG B 508 -39.60 -20.69 11.12
CA ARG B 508 -40.45 -20.32 12.25
C ARG B 508 -41.64 -19.53 11.74
N LEU B 509 -42.83 -19.98 12.07
CA LEU B 509 -44.06 -19.47 11.46
C LEU B 509 -44.69 -18.32 12.23
N THR B 510 -44.04 -17.85 13.29
CA THR B 510 -44.47 -16.67 14.05
C THR B 510 -45.92 -16.87 14.52
N GLY B 511 -46.67 -15.77 14.62
CA GLY B 511 -48.02 -15.82 15.15
C GLY B 511 -49.09 -15.43 14.15
N ASP B 512 -50.13 -14.74 14.63
CA ASP B 512 -51.30 -14.41 13.82
C ASP B 512 -51.88 -15.66 13.19
N ASN B 513 -52.26 -15.58 11.92
CA ASN B 513 -52.66 -16.78 11.18
C ASN B 513 -51.49 -17.40 10.44
N SER B 514 -50.37 -17.58 11.14
CA SER B 514 -49.16 -18.20 10.60
C SER B 514 -48.83 -17.67 9.20
N HIS B 515 -48.98 -16.35 9.03
CA HIS B 515 -48.78 -15.73 7.73
C HIS B 515 -47.38 -15.19 7.52
N ILE B 516 -46.48 -15.38 8.49
CA ILE B 516 -45.08 -14.99 8.34
C ILE B 516 -44.24 -16.25 8.47
N GLU B 517 -43.40 -16.50 7.47
CA GLU B 517 -42.57 -17.71 7.40
C GLU B 517 -41.12 -17.28 7.46
N THR B 518 -40.60 -17.14 8.67
CA THR B 518 -39.22 -16.72 8.87
C THR B 518 -38.31 -17.94 8.88
N PRO B 519 -37.35 -18.04 7.96
CA PRO B 519 -36.46 -19.22 7.94
C PRO B 519 -35.36 -19.09 8.98
N ILE B 520 -35.13 -20.19 9.71
CA ILE B 520 -34.09 -20.24 10.73
C ILE B 520 -32.85 -20.85 10.09
N VAL B 521 -31.75 -20.11 10.15
CA VAL B 521 -30.50 -20.52 9.52
C VAL B 521 -29.48 -20.85 10.61
N ILE B 522 -28.34 -21.38 10.18
CA ILE B 522 -27.32 -21.85 11.09
C ILE B 522 -26.08 -20.96 10.95
N ASN B 523 -25.23 -21.04 11.94
CA ASN B 523 -23.92 -20.41 11.95
C ASN B 523 -22.86 -21.43 11.58
N PRO B 524 -21.75 -20.99 10.98
CA PRO B 524 -20.72 -21.95 10.55
C PRO B 524 -20.23 -22.81 11.71
N GLY B 525 -20.21 -24.12 11.48
CA GLY B 525 -19.81 -25.08 12.47
C GLY B 525 -20.88 -25.53 13.43
N GLU B 526 -22.11 -25.04 13.30
CA GLU B 526 -23.15 -25.32 14.27
C GLU B 526 -24.22 -26.24 13.68
N TYR B 527 -25.04 -26.79 14.57
CA TYR B 527 -26.12 -27.68 14.20
C TYR B 527 -27.41 -26.91 13.97
N SER B 528 -28.40 -27.61 13.42
CA SER B 528 -29.69 -27.03 13.10
C SER B 528 -30.71 -27.40 14.16
N ILE B 529 -31.66 -26.48 14.39
CA ILE B 529 -32.73 -26.74 15.35
C ILE B 529 -33.70 -27.79 14.83
N CYS B 530 -33.72 -28.03 13.53
CA CYS B 530 -34.59 -29.04 12.94
C CYS B 530 -33.94 -30.42 12.89
N LYS B 531 -32.75 -30.58 13.47
CA LYS B 531 -32.13 -31.89 13.49
C LYS B 531 -32.75 -32.81 14.54
N ASN B 532 -33.48 -32.25 15.50
CA ASN B 532 -34.06 -33.06 16.56
C ASN B 532 -35.28 -33.84 16.10
N PHE B 533 -35.81 -33.57 14.91
CA PHE B 533 -36.98 -34.29 14.44
C PHE B 533 -36.64 -35.72 14.04
N ALA B 534 -35.70 -35.86 13.10
CA ALA B 534 -35.23 -37.17 12.63
C ALA B 534 -33.72 -37.20 12.73
N PRO B 535 -33.17 -37.36 13.94
CA PRO B 535 -31.71 -37.34 14.08
C PRO B 535 -31.02 -38.48 13.37
N ASN B 536 -31.66 -39.65 13.27
CA ASN B 536 -31.05 -40.79 12.61
C ASN B 536 -31.24 -40.78 11.10
N GLY B 537 -32.08 -39.89 10.59
CA GLY B 537 -32.32 -39.81 9.15
C GLY B 537 -33.80 -39.75 8.85
N PHE B 538 -34.14 -39.06 7.76
CA PHE B 538 -35.54 -38.92 7.36
C PHE B 538 -36.03 -40.18 6.66
N SER B 539 -37.23 -40.62 7.04
CA SER B 539 -37.77 -41.87 6.51
C SER B 539 -38.12 -41.74 5.02
N GLN B 540 -38.82 -40.68 4.66
CA GLN B 540 -39.22 -40.46 3.27
C GLN B 540 -39.06 -39.00 2.91
N ASP B 541 -39.05 -38.73 1.62
CA ASP B 541 -38.85 -37.38 1.11
C ASP B 541 -40.05 -36.50 1.46
N GLY B 542 -39.79 -35.26 1.84
CA GLY B 542 -40.84 -34.31 2.10
C GLY B 542 -41.61 -34.52 3.38
N ASP B 543 -41.01 -35.19 4.37
CA ASP B 543 -41.70 -35.39 5.63
C ASP B 543 -41.94 -34.06 6.33
N TYR B 544 -43.07 -33.94 7.00
CA TYR B 544 -43.49 -32.72 7.65
C TYR B 544 -43.39 -32.88 9.15
N PHE B 545 -42.82 -31.88 9.82
CA PHE B 545 -42.71 -31.85 11.26
C PHE B 545 -43.14 -30.50 11.78
N THR B 546 -43.75 -30.50 12.97
CA THR B 546 -44.12 -29.27 13.65
C THR B 546 -43.69 -29.34 15.11
N ARG B 547 -43.46 -28.17 15.69
CA ARG B 547 -43.09 -28.09 17.10
C ARG B 547 -43.49 -26.72 17.63
N GLN B 548 -43.80 -26.67 18.91
CA GLN B 548 -44.25 -25.45 19.57
C GLN B 548 -43.12 -24.95 20.46
N LEU B 549 -42.39 -23.95 19.98
CA LEU B 549 -41.29 -23.40 20.76
C LEU B 549 -41.81 -22.65 21.97
N SER B 550 -41.09 -22.77 23.09
CA SER B 550 -41.49 -22.11 24.33
C SER B 550 -41.01 -20.66 24.33
N GLN B 551 -41.34 -19.95 25.41
CA GLN B 551 -40.93 -18.55 25.52
C GLN B 551 -39.41 -18.41 25.56
N LEU B 552 -38.72 -19.44 26.03
CA LEU B 552 -37.26 -19.45 26.05
C LEU B 552 -36.65 -19.71 24.69
N GLU B 553 -37.46 -19.73 23.62
CA GLU B 553 -36.97 -20.08 22.31
C GLU B 553 -37.49 -19.16 21.21
N GLY B 554 -38.17 -18.07 21.56
CA GLY B 554 -38.65 -17.10 20.60
C GLY B 554 -40.13 -17.22 20.28
N GLY B 555 -40.75 -18.35 20.56
CA GLY B 555 -42.16 -18.51 20.33
C GLY B 555 -42.50 -18.79 18.88
N GLY B 556 -43.66 -19.38 18.67
CA GLY B 556 -44.16 -19.71 17.36
C GLY B 556 -44.10 -21.20 17.09
N ILE B 557 -44.31 -21.55 15.82
CA ILE B 557 -44.35 -22.94 15.37
C ILE B 557 -43.12 -23.18 14.51
N LEU B 558 -42.38 -24.25 14.83
CA LEU B 558 -41.19 -24.64 14.08
C LEU B 558 -41.58 -25.75 13.12
N VAL B 559 -41.61 -25.42 11.83
CA VAL B 559 -41.94 -26.38 10.79
C VAL B 559 -40.65 -26.85 10.14
N GLY B 560 -40.44 -28.16 10.12
CA GLY B 560 -39.26 -28.75 9.50
C GLY B 560 -39.67 -29.75 8.43
N VAL B 561 -38.95 -29.70 7.31
CA VAL B 561 -39.19 -30.59 6.18
C VAL B 561 -37.86 -31.16 5.74
N GLY B 562 -37.80 -32.47 5.54
CA GLY B 562 -36.58 -33.11 5.07
C GLY B 562 -36.74 -33.78 3.72
N SER B 563 -35.62 -33.99 3.04
CA SER B 563 -35.62 -34.64 1.73
C SER B 563 -34.69 -35.84 1.76
N VAL B 564 -35.05 -36.87 0.99
CA VAL B 564 -34.36 -38.15 1.00
C VAL B 564 -33.96 -38.51 -0.42
N THR B 565 -32.68 -38.85 -0.62
CA THR B 565 -32.16 -39.31 -1.88
C THR B 565 -31.66 -40.74 -1.76
N PRO B 566 -31.81 -41.56 -2.80
CA PRO B 566 -31.46 -42.98 -2.69
C PRO B 566 -29.97 -43.22 -2.48
N MET B 567 -29.66 -44.32 -1.82
CA MET B 567 -28.28 -44.67 -1.53
C MET B 567 -27.57 -45.15 -2.79
N THR B 568 -26.28 -44.84 -2.89
CA THR B 568 -25.47 -45.21 -4.03
C THR B 568 -24.89 -46.60 -3.85
N ASP B 569 -24.20 -47.09 -4.88
CA ASP B 569 -23.56 -48.39 -4.81
C ASP B 569 -22.44 -48.40 -3.77
N THR B 570 -21.68 -47.30 -3.68
CA THR B 570 -20.62 -47.14 -2.71
C THR B 570 -20.95 -45.96 -1.81
N LEU B 571 -20.78 -46.14 -0.50
CA LEU B 571 -21.05 -45.06 0.44
C LEU B 571 -20.06 -43.92 0.22
N GLN B 572 -20.59 -42.71 0.10
CA GLN B 572 -19.80 -41.52 -0.15
C GLN B 572 -19.88 -40.62 1.07
N MET B 573 -18.72 -40.25 1.61
CA MET B 573 -18.64 -39.49 2.85
C MET B 573 -18.12 -38.08 2.57
N GLY B 574 -18.41 -37.19 3.51
CA GLY B 574 -17.91 -35.83 3.44
C GLY B 574 -17.18 -35.43 4.71
N PHE B 575 -16.01 -34.83 4.56
CA PHE B 575 -15.17 -34.45 5.70
C PHE B 575 -14.90 -32.96 5.68
N ILE B 576 -14.89 -32.36 6.87
CA ILE B 576 -14.48 -30.97 7.06
C ILE B 576 -13.38 -31.00 8.12
N ILE B 577 -12.16 -30.68 7.72
CA ILE B 577 -10.98 -30.82 8.57
C ILE B 577 -10.50 -29.43 8.96
N SER B 578 -10.25 -29.23 10.25
CA SER B 578 -9.73 -27.98 10.76
C SER B 578 -8.54 -28.26 11.68
N VAL B 579 -7.57 -27.35 11.68
CA VAL B 579 -6.38 -27.49 12.50
C VAL B 579 -6.16 -26.19 13.28
N GLN B 580 -5.38 -26.30 14.35
CA GLN B 580 -4.99 -25.17 15.17
C GLN B 580 -3.50 -25.22 15.44
N TYR B 581 -2.89 -24.05 15.57
CA TYR B 581 -1.46 -23.95 15.86
C TYR B 581 -1.25 -23.09 17.09
N GLY B 582 -0.43 -23.59 18.02
CA GLY B 582 -0.02 -22.81 19.16
C GLY B 582 -1.03 -22.66 20.28
N THR B 583 -2.00 -23.56 20.37
CA THR B 583 -3.04 -23.47 21.38
C THR B 583 -2.98 -24.61 22.40
N ASP B 584 -1.84 -25.30 22.50
CA ASP B 584 -1.71 -26.40 23.44
C ASP B 584 -0.25 -26.65 23.73
N THR B 585 0.00 -27.26 24.89
CA THR B 585 1.37 -27.65 25.25
C THR B 585 1.81 -28.89 24.47
N ASN B 586 0.91 -29.83 24.28
CA ASN B 586 1.16 -31.01 23.46
C ASN B 586 0.73 -30.74 22.02
N SER B 587 0.72 -31.79 21.19
CA SER B 587 0.34 -31.61 19.80
C SER B 587 -0.14 -32.94 19.23
N VAL B 588 -0.86 -32.85 18.11
CA VAL B 588 -1.23 -34.00 17.31
C VAL B 588 -0.24 -34.10 16.16
N CYS B 589 0.43 -35.24 16.05
CA CYS B 589 1.40 -35.41 14.99
C CYS B 589 1.06 -36.67 14.20
N PRO B 590 1.28 -36.65 12.88
CA PRO B 590 1.16 -37.88 12.10
C PRO B 590 2.33 -38.81 12.38
N MET B 591 2.25 -40.02 11.83
CA MET B 591 3.29 -41.01 12.04
C MET B 591 4.54 -40.67 11.23
N MET B 592 5.21 -39.60 11.63
CA MET B 592 6.46 -39.19 10.99
C MET B 592 7.61 -39.54 11.93
N ASP B 593 8.55 -40.34 11.44
CA ASP B 593 9.68 -40.80 12.23
C ASP B 593 10.74 -39.72 12.25
N LEU B 594 10.71 -38.87 13.28
CA LEU B 594 11.73 -37.84 13.44
C LEU B 594 13.06 -38.40 13.94
N GLY B 595 13.05 -39.61 14.48
CA GLY B 595 14.27 -40.21 15.01
C GLY B 595 14.13 -40.59 16.47
N ASN B 596 15.02 -40.08 17.31
CA ASN B 596 14.98 -40.33 18.74
C ASN B 596 15.27 -39.04 19.48
N SER B 597 14.76 -38.94 20.71
CA SER B 597 14.99 -37.75 21.51
C SER B 597 16.47 -37.55 21.75
N THR B 598 16.94 -36.33 21.50
CA THR B 598 18.34 -35.98 21.65
C THR B 598 18.51 -35.03 22.83
N THR B 599 19.78 -34.71 23.11
CA THR B 599 20.13 -33.87 24.25
C THR B 599 20.82 -32.60 23.75
N ILE B 600 20.62 -31.51 24.49
CA ILE B 600 21.18 -30.21 24.12
C ILE B 600 22.37 -29.83 24.98
N THR B 601 22.74 -30.66 25.95
CA THR B 601 23.86 -30.33 26.82
C THR B 601 25.17 -30.23 26.05
N ASP B 602 25.28 -30.96 24.93
CA ASP B 602 26.47 -30.90 24.10
C ASP B 602 26.38 -29.84 23.01
N LYS B 603 25.26 -29.14 22.89
CA LYS B 603 25.03 -28.21 21.79
C LYS B 603 24.61 -26.82 22.25
N LEU B 604 24.81 -26.49 23.53
CA LEU B 604 24.46 -25.16 24.01
C LEU B 604 25.31 -24.10 23.30
N GLY B 605 24.65 -23.04 22.86
CA GLY B 605 25.33 -21.98 22.14
C GLY B 605 25.46 -22.19 20.65
N VAL B 606 25.04 -23.34 20.13
CA VAL B 606 25.12 -23.67 18.72
C VAL B 606 23.72 -23.67 18.14
N CYS B 607 23.57 -23.07 16.96
CA CYS B 607 22.27 -23.05 16.29
C CYS B 607 21.91 -24.44 15.81
N VAL B 608 20.79 -24.97 16.28
CA VAL B 608 20.35 -26.33 15.99
C VAL B 608 18.90 -26.30 15.55
N GLU B 609 18.59 -27.04 14.49
CA GLU B 609 17.20 -27.30 14.12
C GLU B 609 16.55 -28.13 15.21
N TYR B 610 15.35 -27.75 15.62
CA TYR B 610 14.67 -28.42 16.72
C TYR B 610 13.23 -28.74 16.36
N ASN B 611 12.70 -29.76 17.01
CA ASN B 611 11.28 -30.11 16.95
C ASN B 611 10.88 -30.56 18.35
N LEU B 612 10.34 -29.63 19.14
CA LEU B 612 10.07 -29.85 20.55
C LEU B 612 8.56 -29.90 20.76
N TYR B 613 8.05 -31.10 21.01
CA TYR B 613 6.62 -31.33 21.28
C TYR B 613 5.75 -30.72 20.19
N GLY B 614 6.14 -30.92 18.93
CA GLY B 614 5.41 -30.42 17.80
C GLY B 614 5.81 -29.05 17.32
N VAL B 615 6.52 -28.29 18.14
CA VAL B 615 6.99 -26.95 17.76
C VAL B 615 8.38 -27.09 17.17
N SER B 616 8.55 -26.66 15.93
CA SER B 616 9.77 -26.87 15.19
C SER B 616 10.37 -25.54 14.75
N GLY B 617 11.67 -25.55 14.51
CA GLY B 617 12.37 -24.38 14.03
C GLY B 617 13.87 -24.52 14.22
N ARG B 618 14.55 -23.39 14.07
CA ARG B 618 15.98 -23.28 14.32
C ARG B 618 16.21 -22.20 15.37
N GLY B 619 17.22 -22.41 16.21
CA GLY B 619 17.54 -21.44 17.25
C GLY B 619 18.73 -21.87 18.05
N VAL B 620 19.11 -21.00 18.97
CA VAL B 620 20.26 -21.23 19.85
C VAL B 620 19.74 -21.34 21.28
N PHE B 621 20.07 -22.45 21.94
CA PHE B 621 19.56 -22.74 23.28
C PHE B 621 20.64 -22.46 24.32
N ILE B 622 20.29 -21.64 25.31
CA ILE B 622 21.22 -21.23 26.35
C ILE B 622 20.57 -21.49 27.70
N ASN B 623 21.31 -22.10 28.61
CA ASN B 623 20.82 -22.34 29.96
C ASN B 623 20.52 -21.01 30.64
N CYS B 624 19.37 -20.95 31.32
CA CYS B 624 18.87 -19.70 31.87
C CYS B 624 18.14 -19.95 33.19
N THR B 625 17.97 -18.88 33.95
CA THR B 625 17.10 -18.94 35.12
C THR B 625 15.65 -19.02 34.69
N ALA B 626 14.87 -19.87 35.36
CA ALA B 626 13.51 -20.14 34.95
C ALA B 626 12.66 -18.88 35.02
N VAL B 627 12.01 -18.56 33.92
CA VAL B 627 11.03 -17.48 33.86
C VAL B 627 9.77 -18.03 33.20
N GLY B 628 8.64 -17.41 33.51
CA GLY B 628 7.37 -17.88 33.01
C GLY B 628 6.85 -19.05 33.82
N VAL B 629 5.73 -19.60 33.36
CA VAL B 629 5.04 -20.67 34.05
C VAL B 629 5.64 -22.01 33.62
N LYS B 630 5.85 -22.90 34.59
CA LYS B 630 6.52 -24.17 34.31
C LYS B 630 5.65 -25.08 33.45
N GLN B 631 4.38 -25.25 33.83
CA GLN B 631 3.50 -26.17 33.10
C GLN B 631 3.30 -25.70 31.66
N GLN B 632 3.18 -24.39 31.45
CA GLN B 632 3.18 -23.83 30.10
C GLN B 632 4.59 -23.98 29.54
N ARG B 633 4.79 -25.01 28.72
CA ARG B 633 6.14 -25.41 28.33
C ARG B 633 6.87 -24.32 27.57
N PHE B 634 6.17 -23.47 26.84
CA PHE B 634 6.77 -22.51 25.94
C PHE B 634 6.56 -21.10 26.44
N VAL B 635 7.62 -20.31 26.44
CA VAL B 635 7.56 -18.89 26.78
C VAL B 635 7.71 -18.12 25.48
N TYR B 636 6.66 -17.41 25.08
CA TYR B 636 6.67 -16.59 23.88
C TYR B 636 6.81 -15.12 24.25
N ASP B 637 7.37 -14.34 23.33
CA ASP B 637 7.58 -12.93 23.55
C ASP B 637 6.34 -12.15 23.10
N GLY B 638 6.49 -10.83 22.98
CA GLY B 638 5.37 -9.98 22.60
C GLY B 638 4.93 -10.10 21.17
N PHE B 639 5.63 -10.89 20.35
CA PHE B 639 5.30 -11.05 18.94
C PHE B 639 5.06 -12.50 18.55
N ASP B 640 4.67 -13.34 19.52
CA ASP B 640 4.39 -14.75 19.27
C ASP B 640 5.60 -15.47 18.67
N ASN B 641 6.79 -15.15 19.19
CA ASN B 641 8.03 -15.82 18.82
C ASN B 641 8.61 -16.50 20.04
N LEU B 642 9.00 -17.76 19.89
CA LEU B 642 9.48 -18.55 21.02
C LEU B 642 10.78 -17.98 21.56
N ILE B 643 10.84 -17.77 22.88
CA ILE B 643 12.04 -17.27 23.53
C ILE B 643 12.45 -18.09 24.73
N GLY B 644 11.74 -19.19 25.04
CA GLY B 644 12.08 -20.00 26.18
C GLY B 644 11.40 -21.35 26.07
N TYR B 645 11.96 -22.32 26.79
CA TYR B 645 11.48 -23.70 26.67
C TYR B 645 11.89 -24.48 27.91
N TYR B 646 10.91 -24.96 28.67
CA TYR B 646 11.18 -25.86 29.78
C TYR B 646 11.34 -27.27 29.24
N SER B 647 12.51 -27.85 29.43
CA SER B 647 12.83 -29.14 28.83
C SER B 647 12.54 -30.29 29.78
N ASP B 648 12.54 -31.50 29.22
CA ASP B 648 12.30 -32.70 30.02
C ASP B 648 13.46 -32.98 30.96
N ASP B 649 14.66 -32.51 30.65
CA ASP B 649 15.81 -32.72 31.51
C ASP B 649 15.74 -31.91 32.80
N GLY B 650 14.79 -31.00 32.92
CA GLY B 650 14.63 -30.19 34.10
C GLY B 650 15.18 -28.79 34.00
N ASN B 651 16.06 -28.53 33.05
CA ASN B 651 16.62 -27.21 32.87
C ASN B 651 15.75 -26.37 31.93
N TYR B 652 15.75 -25.07 32.19
CA TYR B 652 15.06 -24.11 31.33
C TYR B 652 16.08 -23.43 30.42
N TYR B 653 15.84 -23.48 29.12
CA TYR B 653 16.77 -22.96 28.14
C TYR B 653 16.21 -21.72 27.48
N CYS B 654 16.98 -20.63 27.49
CA CYS B 654 16.65 -19.48 26.66
C CYS B 654 16.82 -19.85 25.20
N VAL B 655 15.95 -19.31 24.35
CA VAL B 655 15.97 -19.58 22.92
C VAL B 655 16.22 -18.26 22.20
N ARG B 656 17.32 -18.21 21.44
CA ARG B 656 17.66 -17.06 20.62
C ARG B 656 17.67 -17.46 19.16
N PRO B 657 17.28 -16.57 18.26
CA PRO B 657 17.23 -16.92 16.84
C PRO B 657 18.61 -17.24 16.29
N CYS B 658 18.64 -18.13 15.29
CA CYS B 658 19.87 -18.44 14.59
C CYS B 658 20.45 -17.18 13.98
N VAL B 659 21.73 -16.93 14.23
CA VAL B 659 22.34 -15.63 14.01
C VAL B 659 23.45 -15.75 12.98
N SER B 660 23.53 -14.78 12.09
CA SER B 660 24.56 -14.71 11.06
C SER B 660 25.60 -13.65 11.41
N VAL B 661 26.83 -13.86 10.97
CA VAL B 661 27.96 -12.98 11.28
C VAL B 661 28.05 -11.86 10.24
N PRO B 662 28.04 -10.59 10.68
CA PRO B 662 28.11 -9.48 9.71
C PRO B 662 29.45 -9.41 9.00
N LEU B 663 29.43 -8.85 7.80
CA LEU B 663 30.59 -8.68 6.96
C LEU B 663 30.66 -7.25 6.44
N SER B 664 31.88 -6.80 6.17
CA SER B 664 32.13 -5.51 5.54
C SER B 664 33.50 -5.55 4.89
N VAL B 665 33.61 -4.92 3.72
CA VAL B 665 34.82 -4.99 2.92
C VAL B 665 35.40 -3.59 2.75
N VAL B 666 36.73 -3.49 2.83
CA VAL B 666 37.45 -2.26 2.58
C VAL B 666 38.22 -2.43 1.29
N TYR B 667 37.90 -1.62 0.29
CA TYR B 667 38.45 -1.76 -1.06
C TYR B 667 39.18 -0.50 -1.47
N ASP B 668 40.38 -0.66 -2.01
CA ASP B 668 41.15 0.45 -2.57
C ASP B 668 41.37 0.16 -4.04
N LYS B 669 40.70 0.95 -4.90
CA LYS B 669 40.71 0.68 -6.33
C LYS B 669 42.11 0.83 -6.91
N THR B 670 42.85 1.86 -6.48
CA THR B 670 44.18 2.10 -7.03
C THR B 670 45.13 0.94 -6.72
N THR B 671 45.10 0.43 -5.49
CA THR B 671 45.96 -0.68 -5.12
C THR B 671 45.35 -2.04 -5.40
N ASN B 672 44.04 -2.09 -5.64
CA ASN B 672 43.31 -3.34 -5.90
C ASN B 672 43.45 -4.32 -4.74
N SER B 673 43.57 -3.80 -3.53
CA SER B 673 43.70 -4.61 -2.33
C SER B 673 42.46 -4.44 -1.46
N HIS B 674 42.06 -5.52 -0.79
CA HIS B 674 40.82 -5.53 -0.05
C HIS B 674 41.03 -6.15 1.33
N ALA B 675 40.22 -5.70 2.28
CA ALA B 675 40.22 -6.23 3.64
C ALA B 675 38.78 -6.43 4.09
N THR B 676 38.58 -7.34 5.03
CA THR B 676 37.26 -7.71 5.50
C THR B 676 37.10 -7.33 6.97
N ILE B 677 35.99 -6.66 7.28
CA ILE B 677 35.64 -6.29 8.65
C ILE B 677 34.43 -7.13 9.07
N PHE B 678 34.51 -7.72 10.24
CA PHE B 678 33.50 -8.66 10.72
C PHE B 678 32.53 -8.02 11.72
N GLY B 679 32.18 -6.76 11.50
CA GLY B 679 31.20 -6.11 12.35
C GLY B 679 31.64 -6.08 13.79
N SER B 680 30.70 -6.36 14.69
CA SER B 680 30.95 -6.29 16.12
C SER B 680 31.50 -7.59 16.71
N VAL B 681 31.71 -8.62 15.88
CA VAL B 681 32.18 -9.88 16.41
C VAL B 681 33.64 -9.75 16.86
N ALA B 682 34.02 -10.62 17.77
CA ALA B 682 35.38 -10.65 18.30
C ALA B 682 36.18 -11.76 17.63
N CYS B 683 37.51 -11.64 17.70
CA CYS B 683 38.38 -12.60 17.05
C CYS B 683 38.31 -13.99 17.67
N GLU B 684 37.76 -14.12 18.88
CA GLU B 684 37.64 -15.44 19.49
C GLU B 684 36.67 -16.32 18.72
N HIS B 685 35.61 -15.73 18.14
CA HIS B 685 34.67 -16.49 17.33
C HIS B 685 35.20 -16.78 15.93
N ILE B 686 35.81 -15.80 15.28
CA ILE B 686 36.28 -15.99 13.91
C ILE B 686 37.42 -17.00 13.86
N THR B 687 38.32 -16.96 14.85
CA THR B 687 39.46 -17.85 14.84
C THR B 687 39.06 -19.31 14.99
N THR B 688 38.14 -19.61 15.90
CA THR B 688 37.83 -20.98 16.26
C THR B 688 36.44 -21.44 15.84
N MET B 689 35.42 -20.59 15.96
CA MET B 689 34.04 -20.97 15.68
C MET B 689 33.61 -20.57 14.28
N LEU B 690 34.50 -20.63 13.30
CA LEU B 690 34.20 -20.29 11.91
C LEU B 690 34.16 -21.57 11.09
N HIS B 691 33.01 -21.86 10.50
CA HIS B 691 32.85 -23.04 9.67
C HIS B 691 32.68 -22.64 8.20
N GLY B 710 46.57 -12.93 9.87
CA GLY B 710 45.87 -13.30 11.09
C GLY B 710 44.81 -12.30 11.51
N PRO B 711 43.80 -12.77 12.23
CA PRO B 711 42.75 -11.86 12.70
C PRO B 711 43.31 -10.79 13.62
N LEU B 712 42.77 -9.58 13.50
CA LEU B 712 43.18 -8.45 14.32
C LEU B 712 41.96 -7.88 15.01
N GLN B 713 42.05 -7.67 16.32
CA GLN B 713 40.93 -7.17 17.11
C GLN B 713 41.02 -5.66 17.20
N THR B 714 40.04 -4.97 16.62
CA THR B 714 40.00 -3.52 16.58
C THR B 714 38.82 -3.01 17.38
N ALA B 715 38.77 -1.70 17.57
CA ALA B 715 37.66 -1.08 18.27
C ALA B 715 36.34 -1.25 17.53
N VAL B 716 36.38 -1.49 16.23
CA VAL B 716 35.18 -1.68 15.43
C VAL B 716 34.94 -3.16 15.12
N GLY B 717 35.70 -4.05 15.74
CA GLY B 717 35.51 -5.48 15.58
C GLY B 717 36.70 -6.15 14.91
N CYS B 718 36.66 -7.48 14.93
CA CYS B 718 37.75 -8.26 14.37
C CYS B 718 37.83 -8.07 12.86
N VAL B 719 39.04 -7.82 12.37
CA VAL B 719 39.26 -7.58 10.95
C VAL B 719 40.27 -8.59 10.42
N ILE B 720 40.15 -8.89 9.13
CA ILE B 720 41.05 -9.80 8.43
C ILE B 720 41.53 -9.10 7.18
N GLY B 721 42.84 -8.96 7.04
CA GLY B 721 43.44 -8.34 5.88
C GLY B 721 44.10 -6.99 6.10
N LEU B 722 44.48 -6.66 7.34
CA LEU B 722 45.17 -5.42 7.63
C LEU B 722 46.38 -5.71 8.51
N VAL B 723 47.39 -4.84 8.41
CA VAL B 723 48.63 -4.98 9.15
C VAL B 723 48.70 -3.88 10.19
N ASN B 724 49.00 -4.25 11.44
CA ASN B 724 49.10 -3.30 12.54
C ASN B 724 50.42 -2.55 12.41
N SER B 725 50.44 -1.58 11.50
CA SER B 725 51.66 -0.86 11.17
C SER B 725 51.99 0.23 12.17
N SER B 726 51.13 0.48 13.16
CA SER B 726 51.32 1.54 14.15
C SER B 726 51.43 2.90 13.48
N MET B 727 50.71 3.07 12.37
CA MET B 727 50.74 4.30 11.60
C MET B 727 49.61 5.23 12.06
N VAL B 728 49.87 6.53 12.01
CA VAL B 728 48.90 7.56 12.37
C VAL B 728 48.86 8.57 11.25
N VAL B 729 47.65 8.84 10.73
CA VAL B 729 47.48 9.70 9.57
C VAL B 729 46.47 10.78 9.89
N ASP B 730 46.59 11.91 9.20
CA ASP B 730 45.71 13.05 9.44
C ASP B 730 44.35 12.84 8.80
N ASN B 731 44.32 12.71 7.48
CA ASN B 731 43.07 12.53 6.73
C ASN B 731 43.19 11.29 5.86
N CYS B 732 42.19 10.41 5.93
CA CYS B 732 42.19 9.18 5.16
C CYS B 732 40.82 9.00 4.50
N GLN B 733 40.84 8.27 3.38
CA GLN B 733 39.65 8.10 2.55
C GLN B 733 38.97 6.75 2.77
N LEU B 734 39.42 5.97 3.75
CA LEU B 734 38.81 4.68 4.08
C LEU B 734 38.55 4.61 5.57
N PRO B 735 37.59 5.39 6.07
CA PRO B 735 37.36 5.44 7.53
C PRO B 735 36.68 4.16 8.02
N LEU B 736 37.38 3.42 8.88
CA LEU B 736 36.81 2.22 9.46
C LEU B 736 35.79 2.51 10.55
N GLY B 737 35.91 3.63 11.23
CA GLY B 737 35.05 3.98 12.34
C GLY B 737 35.80 3.95 13.66
N GLN B 738 35.24 4.67 14.64
CA GLN B 738 35.85 4.80 15.96
C GLN B 738 37.30 5.29 15.87
N SER B 739 37.52 6.24 14.96
CA SER B 739 38.83 6.86 14.75
C SER B 739 39.85 5.85 14.25
N LEU B 740 39.45 5.02 13.29
CA LEU B 740 40.34 4.10 12.61
C LEU B 740 40.12 4.21 11.12
N CYS B 741 41.19 4.00 10.35
CA CYS B 741 41.08 4.02 8.90
C CYS B 741 42.23 3.23 8.30
N ALA B 742 42.01 2.75 7.08
CA ALA B 742 42.97 1.90 6.37
C ALA B 742 43.61 2.68 5.23
N VAL B 743 44.94 2.57 5.14
CA VAL B 743 45.70 3.30 4.13
C VAL B 743 46.52 2.31 3.31
N PRO B 744 46.53 2.42 1.99
CA PRO B 744 47.39 1.55 1.19
C PRO B 744 48.86 1.89 1.34
N SER B 745 49.70 0.91 1.04
CA SER B 745 51.14 1.11 1.09
C SER B 745 51.85 0.25 0.05
N SER B 751 49.74 -4.58 -2.41
CA SER B 751 50.18 -4.96 -1.07
C SER B 751 49.01 -4.89 -0.09
N GLN B 752 49.20 -5.50 1.08
CA GLN B 752 48.15 -5.53 2.09
C GLN B 752 47.95 -4.14 2.69
N LEU B 753 46.70 -3.82 3.02
CA LEU B 753 46.39 -2.53 3.61
C LEU B 753 46.87 -2.48 5.05
N GLN B 754 47.12 -1.26 5.53
CA GLN B 754 47.61 -1.03 6.87
C GLN B 754 46.55 -0.32 7.71
N LEU B 755 46.50 -0.67 8.99
CA LEU B 755 45.52 -0.11 9.92
C LEU B 755 46.11 1.10 10.61
N ALA B 756 45.51 2.26 10.40
CA ALA B 756 46.02 3.52 10.93
C ALA B 756 44.96 4.19 11.79
N THR B 757 45.42 5.02 12.72
CA THR B 757 44.56 5.78 13.62
C THR B 757 44.57 7.25 13.21
N ILE B 758 43.39 7.89 13.25
CA ILE B 758 43.29 9.26 12.80
C ILE B 758 44.09 10.17 13.73
N ASN B 759 44.88 11.06 13.15
CA ASN B 759 45.75 11.94 13.92
C ASN B 759 44.98 13.16 14.40
N TYR B 760 45.18 13.52 15.66
CA TYR B 760 44.62 14.73 16.24
C TYR B 760 45.79 15.67 16.57
N THR B 761 45.98 16.69 15.75
CA THR B 761 47.06 17.65 15.95
C THR B 761 46.68 18.58 17.10
N GLN B 762 47.41 18.51 18.20
CA GLN B 762 47.11 19.34 19.35
C GLN B 762 47.41 20.81 19.03
N PRO B 763 46.57 21.73 19.48
CA PRO B 763 46.83 23.15 19.22
C PRO B 763 48.08 23.62 19.94
N GLN B 764 48.76 24.60 19.33
CA GLN B 764 49.95 25.17 19.94
C GLN B 764 49.57 26.05 21.11
N LEU B 765 50.35 25.99 22.18
CA LEU B 765 50.06 26.72 23.41
C LEU B 765 50.88 28.01 23.43
N LEU B 766 50.18 29.14 23.56
CA LEU B 766 50.81 30.44 23.74
C LEU B 766 50.86 30.71 25.24
N SER B 767 52.02 30.54 25.84
CA SER B 767 52.15 30.62 27.29
C SER B 767 51.88 32.05 27.75
N PRO B 768 51.02 32.24 28.76
CA PRO B 768 50.77 33.59 29.26
C PRO B 768 52.01 34.18 29.91
N LEU B 769 52.13 35.50 29.82
CA LEU B 769 53.28 36.22 30.35
C LEU B 769 52.94 36.85 31.69
N ASN B 770 53.92 36.89 32.58
CA ASN B 770 53.73 37.41 33.93
C ASN B 770 54.02 38.90 34.04
N SER B 771 54.28 39.58 32.94
CA SER B 771 54.51 41.02 32.95
C SER B 771 53.17 41.73 33.12
N SER B 772 53.20 43.06 33.06
CA SER B 772 51.99 43.85 33.26
C SER B 772 51.04 43.81 32.07
N GLY B 773 51.48 43.28 30.92
CA GLY B 773 50.63 43.23 29.75
C GLY B 773 50.25 41.83 29.31
N PHE B 774 50.45 41.53 28.03
CA PHE B 774 50.13 40.22 27.49
C PHE B 774 50.93 40.02 26.22
N VAL B 775 50.98 38.76 25.77
CA VAL B 775 51.71 38.39 24.56
C VAL B 775 50.70 38.12 23.45
N VAL B 776 51.01 38.62 22.26
CA VAL B 776 50.16 38.48 21.08
C VAL B 776 51.03 38.01 19.92
N GLN B 777 50.50 37.10 19.11
CA GLN B 777 51.19 36.60 17.93
C GLN B 777 50.68 37.35 16.71
N VAL B 778 51.32 38.48 16.42
CA VAL B 778 50.99 39.29 15.26
C VAL B 778 51.69 38.72 14.03
N PRO B 779 50.98 38.47 12.93
CA PRO B 779 51.60 37.81 11.79
C PRO B 779 52.67 38.67 11.12
N THR B 780 53.60 37.99 10.47
CA THR B 780 54.65 38.63 9.67
C THR B 780 54.55 38.34 8.19
N ASN B 781 54.10 37.15 7.81
CA ASN B 781 53.91 36.78 6.41
C ASN B 781 52.50 36.22 6.24
N PHE B 782 51.93 36.45 5.06
CA PHE B 782 50.54 36.09 4.81
C PHE B 782 50.42 35.46 3.42
N SER B 783 49.36 34.67 3.24
CA SER B 783 49.07 34.06 1.95
C SER B 783 47.56 34.00 1.80
N PHE B 784 47.04 34.61 0.73
CA PHE B 784 45.63 34.53 0.46
C PHE B 784 45.22 33.08 0.21
N GLY B 785 44.06 32.70 0.74
CA GLY B 785 43.52 31.39 0.54
C GLY B 785 42.11 31.47 -0.01
N ILE B 786 41.72 30.47 -0.79
CA ILE B 786 40.40 30.41 -1.39
C ILE B 786 39.69 29.18 -0.86
N THR B 787 38.49 29.37 -0.33
CA THR B 787 37.67 28.29 0.21
C THR B 787 36.42 28.17 -0.66
N GLN B 788 36.45 27.21 -1.58
CA GLN B 788 35.34 27.00 -2.49
C GLN B 788 34.11 26.51 -1.75
N GLU B 789 32.94 26.92 -2.23
CA GLU B 789 31.67 26.55 -1.61
C GLU B 789 30.60 26.45 -2.68
N TYR B 790 29.79 25.41 -2.60
CA TYR B 790 28.69 25.17 -3.52
C TYR B 790 27.37 25.19 -2.76
N ILE B 791 26.42 25.97 -3.25
CA ILE B 791 25.08 26.03 -2.69
C ILE B 791 24.10 25.64 -3.78
N GLN B 792 23.30 24.61 -3.51
CA GLN B 792 22.31 24.18 -4.48
C GLN B 792 21.15 25.15 -4.50
N THR B 793 20.61 25.39 -5.69
CA THR B 793 19.51 26.33 -5.87
C THR B 793 18.28 25.70 -6.50
N THR B 794 18.46 24.84 -7.50
CA THR B 794 17.35 24.21 -8.20
C THR B 794 17.49 22.70 -8.15
N ILE B 795 16.47 22.02 -8.64
CA ILE B 795 16.52 20.60 -8.97
C ILE B 795 15.95 20.43 -10.38
N GLN B 796 16.22 19.28 -10.97
CA GLN B 796 15.70 19.01 -12.30
C GLN B 796 14.19 18.84 -12.24
N LYS B 797 13.48 19.61 -13.06
CA LYS B 797 12.02 19.62 -13.01
C LYS B 797 11.47 18.44 -13.79
N VAL B 798 10.75 17.56 -13.10
CA VAL B 798 10.23 16.34 -13.69
C VAL B 798 8.72 16.30 -13.46
N THR B 799 7.98 15.97 -14.51
CA THR B 799 6.56 15.68 -14.43
C THR B 799 6.30 14.37 -15.15
N VAL B 800 5.25 13.67 -14.74
CA VAL B 800 4.93 12.37 -15.30
C VAL B 800 3.55 12.43 -15.95
N ASP B 801 3.35 11.53 -16.91
CA ASP B 801 2.04 11.27 -17.48
C ASP B 801 1.53 10.01 -16.80
N CYS B 802 0.60 10.18 -15.86
CA CYS B 802 0.19 9.06 -15.01
C CYS B 802 -0.46 7.96 -15.83
N LYS B 803 -1.25 8.32 -16.83
CA LYS B 803 -1.85 7.30 -17.70
C LYS B 803 -0.78 6.54 -18.47
N GLN B 804 0.21 7.26 -19.00
CA GLN B 804 1.26 6.61 -19.77
C GLN B 804 2.19 5.81 -18.88
N TYR B 805 2.57 6.35 -17.72
CA TYR B 805 3.49 5.64 -16.84
C TYR B 805 2.87 4.36 -16.31
N VAL B 806 1.60 4.41 -15.90
CA VAL B 806 0.96 3.23 -15.32
C VAL B 806 0.63 2.20 -16.41
N CYS B 807 0.10 2.65 -17.55
CA CYS B 807 -0.50 1.73 -18.51
C CYS B 807 0.26 1.58 -19.81
N ASN B 808 1.14 2.52 -20.17
CA ASN B 808 1.99 2.41 -21.34
C ASN B 808 1.19 2.28 -22.64
N GLY B 809 0.08 3.01 -22.72
CA GLY B 809 -0.69 3.08 -23.94
C GLY B 809 -1.54 1.88 -24.26
N PHE B 810 -1.70 0.94 -23.33
CA PHE B 810 -2.54 -0.21 -23.55
C PHE B 810 -3.99 0.13 -23.23
N GLN B 811 -4.89 -0.17 -24.18
CA GLN B 811 -6.29 0.19 -24.02
C GLN B 811 -6.92 -0.56 -22.85
N LYS B 812 -6.59 -1.84 -22.69
CA LYS B 812 -7.18 -2.64 -21.62
C LYS B 812 -6.78 -2.10 -20.25
N CYS B 813 -5.52 -1.71 -20.09
CA CYS B 813 -5.07 -1.16 -18.82
C CYS B 813 -5.77 0.16 -18.51
N GLU B 814 -5.90 1.03 -19.51
CA GLU B 814 -6.51 2.33 -19.29
C GLU B 814 -7.98 2.20 -18.91
N GLN B 815 -8.65 1.14 -19.37
CA GLN B 815 -10.01 0.87 -18.93
C GLN B 815 -10.06 0.59 -17.44
N LEU B 816 -9.09 -0.17 -16.93
CA LEU B 816 -9.04 -0.44 -15.49
C LEU B 816 -8.62 0.80 -14.71
N LEU B 817 -7.80 1.65 -15.31
CA LEU B 817 -7.30 2.85 -14.63
C LEU B 817 -8.38 3.90 -14.44
N ARG B 818 -9.55 3.74 -15.07
CA ARG B 818 -10.64 4.69 -14.86
C ARG B 818 -11.12 4.70 -13.41
N GLU B 819 -11.03 3.56 -12.73
CA GLU B 819 -11.40 3.52 -11.32
C GLU B 819 -10.46 4.40 -10.50
N TYR B 820 -9.17 4.38 -10.81
CA TYR B 820 -8.17 5.19 -10.12
C TYR B 820 -7.92 6.52 -10.82
N GLY B 821 -8.94 7.06 -11.51
CA GLY B 821 -8.73 8.28 -12.28
C GLY B 821 -8.40 9.49 -11.42
N GLN B 822 -8.99 9.57 -10.23
CA GLN B 822 -8.71 10.69 -9.34
C GLN B 822 -7.25 10.72 -8.92
N PHE B 823 -6.67 9.55 -8.65
CA PHE B 823 -5.30 9.48 -8.15
C PHE B 823 -4.29 9.84 -9.23
N CYS B 824 -4.60 9.54 -10.50
CA CYS B 824 -3.72 9.96 -11.58
C CYS B 824 -3.68 11.47 -11.71
N ALA B 825 -4.82 12.13 -11.52
CA ALA B 825 -4.87 13.58 -11.68
C ALA B 825 -4.10 14.30 -10.57
N LYS B 826 -4.17 13.77 -9.34
CA LYS B 826 -3.48 14.42 -8.22
C LYS B 826 -1.97 14.41 -8.41
N ILE B 827 -1.43 13.32 -8.96
CA ILE B 827 0.01 13.25 -9.18
C ILE B 827 0.45 14.32 -10.17
N ASN B 828 -0.34 14.55 -11.22
CA ASN B 828 0.00 15.60 -12.18
C ASN B 828 -0.09 16.98 -11.54
N GLN B 829 -0.94 17.14 -10.53
CA GLN B 829 -1.13 18.44 -9.93
C GLN B 829 -0.12 18.71 -8.82
N ALA B 830 0.25 17.68 -8.06
CA ALA B 830 1.28 17.84 -7.05
C ALA B 830 2.63 18.16 -7.68
N LEU B 831 2.97 17.50 -8.79
CA LEU B 831 4.22 17.80 -9.47
C LEU B 831 4.19 19.17 -10.13
N HIS B 832 3.05 19.55 -10.72
CA HIS B 832 2.94 20.87 -11.31
C HIS B 832 3.05 21.97 -10.27
N GLY B 833 2.38 21.79 -9.12
CA GLY B 833 2.46 22.77 -8.07
C GLY B 833 3.86 22.87 -7.47
N ALA B 834 4.59 21.77 -7.42
CA ALA B 834 5.94 21.76 -6.88
C ALA B 834 6.96 22.36 -7.84
N ASN B 835 6.58 22.59 -9.09
CA ASN B 835 7.47 23.22 -10.06
C ASN B 835 7.22 24.71 -10.23
N LEU B 836 6.01 25.17 -9.94
CA LEU B 836 5.78 26.61 -9.83
C LEU B 836 6.57 27.21 -8.67
N MET B 837 6.73 26.44 -7.59
CA MET B 837 7.58 26.88 -6.50
C MET B 837 9.03 27.05 -6.95
N GLN B 838 9.50 26.15 -7.81
CA GLN B 838 10.85 26.29 -8.35
C GLN B 838 10.98 27.54 -9.21
N ASP B 839 9.98 27.81 -10.06
CA ASP B 839 10.04 28.98 -10.92
C ASP B 839 9.98 30.27 -10.10
N GLU B 840 9.12 30.31 -9.09
CA GLU B 840 9.09 31.47 -8.21
C GLU B 840 10.37 31.61 -7.40
N SER B 841 10.96 30.48 -7.00
CA SER B 841 12.21 30.52 -6.25
C SER B 841 13.35 31.08 -7.08
N VAL B 842 13.48 30.60 -8.33
CA VAL B 842 14.56 31.07 -9.19
C VAL B 842 14.37 32.55 -9.52
N ALA B 843 13.15 32.95 -9.85
CA ALA B 843 12.89 34.35 -10.19
C ALA B 843 13.17 35.27 -9.02
N ASN B 844 12.76 34.87 -7.81
CA ASN B 844 13.02 35.69 -6.64
C ASN B 844 14.49 35.72 -6.27
N LEU B 845 15.22 34.63 -6.55
CA LEU B 845 16.65 34.63 -6.28
C LEU B 845 17.37 35.68 -7.10
N PHE B 846 17.16 35.67 -8.42
CA PHE B 846 17.85 36.62 -9.28
C PHE B 846 17.32 38.04 -9.13
N SER B 847 16.17 38.22 -8.47
CA SER B 847 15.77 39.57 -8.09
C SER B 847 16.61 40.08 -6.92
N ASP B 848 17.00 39.17 -6.01
CA ASP B 848 17.88 39.56 -4.92
C ASP B 848 19.33 39.71 -5.39
N ILE B 849 19.77 38.85 -6.32
CA ILE B 849 21.12 38.93 -6.83
C ILE B 849 21.31 40.10 -7.77
N LYS B 850 20.21 40.72 -8.22
CA LYS B 850 20.28 41.74 -9.25
C LYS B 850 21.16 42.92 -8.81
N THR B 851 21.98 43.40 -9.75
CA THR B 851 22.89 44.52 -9.51
C THR B 851 22.26 45.79 -10.07
N HIS B 852 22.03 46.78 -9.20
CA HIS B 852 21.41 48.02 -9.65
C HIS B 852 22.37 48.85 -10.49
N LYS B 853 23.61 49.00 -10.03
CA LYS B 853 24.62 49.78 -10.74
C LYS B 853 25.96 49.07 -10.65
N SER B 854 26.70 49.07 -11.76
CA SER B 854 28.02 48.47 -11.83
C SER B 854 28.99 49.47 -12.42
N GLN B 855 30.26 49.08 -12.46
CA GLN B 855 31.33 49.89 -13.02
C GLN B 855 32.10 49.10 -14.05
N PRO B 856 32.71 49.77 -15.02
CA PRO B 856 33.54 49.07 -16.01
C PRO B 856 34.76 48.44 -15.35
N LEU B 857 35.19 47.31 -15.91
CA LEU B 857 36.42 46.64 -15.52
C LEU B 857 37.31 46.46 -16.73
N ASN B 858 38.62 46.50 -16.51
CA ASN B 858 39.55 46.33 -17.60
C ASN B 858 39.55 44.88 -18.08
N ALA B 859 40.03 44.69 -19.31
CA ALA B 859 40.11 43.36 -19.90
C ALA B 859 41.27 42.61 -19.26
N GLY B 860 41.00 42.02 -18.10
CA GLY B 860 42.01 41.26 -17.39
C GLY B 860 42.67 42.00 -16.25
N LEU B 861 43.87 42.52 -16.51
CA LEU B 861 44.70 43.11 -15.46
C LEU B 861 44.05 44.40 -14.96
N ASN B 862 43.45 44.33 -13.78
CA ASN B 862 42.84 45.48 -13.13
C ASN B 862 43.85 46.05 -12.13
N GLY B 863 44.49 47.15 -12.52
CA GLY B 863 45.59 47.65 -11.73
C GLY B 863 46.74 46.66 -11.77
N ASP B 864 46.95 45.95 -10.66
CA ASP B 864 47.90 44.85 -10.61
C ASP B 864 47.23 43.49 -10.43
N PHE B 865 45.95 43.47 -10.04
CA PHE B 865 45.23 42.21 -9.90
C PHE B 865 44.75 41.72 -11.26
N ASN B 866 44.86 40.41 -11.46
CA ASN B 866 44.47 39.75 -12.71
C ASN B 866 43.17 39.02 -12.47
N LEU B 867 42.15 39.32 -13.29
CA LEU B 867 40.83 38.73 -13.14
C LEU B 867 40.33 38.12 -14.44
N THR B 868 41.24 37.56 -15.24
CA THR B 868 40.84 36.98 -16.51
C THR B 868 39.96 35.75 -16.32
N LEU B 869 40.23 34.95 -15.28
CA LEU B 869 39.45 33.74 -15.06
C LEU B 869 37.99 34.04 -14.74
N LEU B 870 37.73 35.18 -14.08
CA LEU B 870 36.40 35.52 -13.63
C LEU B 870 35.64 36.43 -14.59
N GLN B 871 36.26 36.80 -15.72
CA GLN B 871 35.68 37.79 -16.63
C GLN B 871 35.20 37.13 -17.92
N VAL B 872 34.03 37.55 -18.37
CA VAL B 872 33.51 37.08 -19.66
C VAL B 872 34.36 37.68 -20.78
N PRO B 873 34.74 36.89 -21.78
CA PRO B 873 35.60 37.42 -22.85
C PRO B 873 34.87 38.44 -23.71
N GLN B 874 35.66 39.33 -24.33
CA GLN B 874 35.10 40.29 -25.25
C GLN B 874 34.47 39.61 -26.46
N VAL B 875 35.19 38.68 -27.06
CA VAL B 875 34.69 37.84 -28.15
C VAL B 875 34.84 36.39 -27.72
N SER B 876 33.74 35.64 -27.75
CA SER B 876 33.69 34.29 -27.22
C SER B 876 33.50 33.31 -28.37
N THR B 877 34.43 32.36 -28.51
CA THR B 877 34.27 31.29 -29.48
C THR B 877 33.19 30.30 -29.05
N SER B 878 33.05 30.07 -27.75
CA SER B 878 32.06 29.13 -27.24
C SER B 878 30.64 29.68 -27.45
N GLN B 879 29.67 28.79 -27.29
CA GLN B 879 28.27 29.17 -27.50
C GLN B 879 27.79 30.14 -26.43
N TYR B 880 28.20 29.94 -25.18
CA TYR B 880 27.68 30.71 -24.07
C TYR B 880 28.36 32.07 -24.02
N SER B 881 27.55 33.14 -24.16
CA SER B 881 28.10 34.48 -24.27
C SER B 881 28.61 35.01 -22.94
N HIS B 882 28.02 34.56 -21.82
CA HIS B 882 28.37 35.09 -20.52
C HIS B 882 28.92 34.01 -19.59
N ARG B 883 29.83 33.19 -20.10
CA ARG B 883 30.45 32.12 -19.33
C ARG B 883 31.92 32.45 -19.11
N SER B 884 32.36 32.40 -17.86
CA SER B 884 33.73 32.72 -17.50
C SER B 884 34.65 31.52 -17.73
N PRO B 885 35.95 31.77 -17.96
CA PRO B 885 36.88 30.64 -18.16
C PRO B 885 36.91 29.65 -17.01
N ILE B 886 36.85 30.13 -15.76
CA ILE B 886 36.80 29.19 -14.64
C ILE B 886 35.48 28.45 -14.61
N GLU B 887 34.40 29.10 -15.07
CA GLU B 887 33.11 28.43 -15.15
C GLU B 887 33.10 27.37 -16.24
N ASP B 888 33.83 27.60 -17.33
CA ASP B 888 33.98 26.57 -18.35
C ASP B 888 34.68 25.34 -17.77
N LEU B 889 35.74 25.54 -16.99
CA LEU B 889 36.45 24.40 -16.42
C LEU B 889 35.57 23.61 -15.47
N LEU B 890 34.77 24.31 -14.66
CA LEU B 890 33.84 23.60 -13.77
C LEU B 890 32.81 22.82 -14.57
N PHE B 891 32.25 23.43 -15.61
CA PHE B 891 31.26 22.74 -16.44
C PHE B 891 31.89 21.69 -17.32
N ASN B 892 33.18 21.82 -17.64
CA ASN B 892 33.88 20.79 -18.41
C ASN B 892 34.33 19.62 -17.55
N LYS B 893 34.23 19.72 -16.24
CA LYS B 893 34.66 18.67 -15.33
C LYS B 893 33.52 17.87 -14.74
N VAL B 894 32.28 18.15 -15.13
CA VAL B 894 31.10 17.47 -14.60
C VAL B 894 30.34 16.85 -15.75
N THR B 895 29.95 15.58 -15.59
CA THR B 895 29.26 14.84 -16.63
C THR B 895 27.76 15.04 -16.49
N ILE B 896 27.19 15.86 -17.37
CA ILE B 896 25.76 16.13 -17.40
C ILE B 896 25.22 15.69 -18.74
N ALA B 897 24.16 14.89 -18.72
CA ALA B 897 23.50 14.47 -19.95
C ALA B 897 22.66 15.62 -20.49
N ASP B 898 22.82 15.90 -21.78
CA ASP B 898 22.09 17.00 -22.39
C ASP B 898 20.64 16.58 -22.61
N PRO B 899 19.66 17.26 -22.00
CA PRO B 899 18.26 16.86 -22.18
C PRO B 899 17.74 17.09 -23.59
N GLY B 900 18.35 17.98 -24.36
CA GLY B 900 17.84 18.31 -25.67
C GLY B 900 16.49 18.98 -25.59
N TYR B 901 16.45 20.21 -25.08
CA TYR B 901 15.19 20.87 -24.79
C TYR B 901 14.36 21.16 -26.04
N MET B 902 14.99 21.23 -27.22
CA MET B 902 14.25 21.53 -28.43
C MET B 902 14.30 20.45 -29.49
N GLN B 903 15.30 19.57 -29.49
CA GLN B 903 15.39 18.51 -30.48
C GLN B 903 15.70 17.15 -29.87
N GLY B 904 15.39 16.99 -28.58
CA GLY B 904 15.70 15.72 -27.92
C GLY B 904 14.89 14.56 -28.45
N TYR B 905 13.62 14.80 -28.78
CA TYR B 905 12.77 13.72 -29.28
C TYR B 905 13.28 13.20 -30.62
N ASP B 906 13.72 14.10 -31.50
CA ASP B 906 14.27 13.68 -32.79
C ASP B 906 15.58 12.92 -32.62
N ASP B 907 16.44 13.39 -31.71
CA ASP B 907 17.74 12.75 -31.51
C ASP B 907 17.58 11.34 -30.96
N CYS B 908 16.62 11.14 -30.05
CA CYS B 908 16.41 9.81 -29.48
C CYS B 908 15.96 8.82 -30.55
N MET B 909 15.12 9.27 -31.48
CA MET B 909 14.73 8.41 -32.60
C MET B 909 15.93 8.10 -33.50
N LYS B 910 16.79 9.09 -33.73
CA LYS B 910 17.94 8.88 -34.60
C LYS B 910 18.98 7.97 -33.96
N GLN B 911 19.18 8.08 -32.65
CA GLN B 911 20.22 7.32 -31.97
C GLN B 911 19.88 5.83 -31.98
N GLY B 912 20.61 5.06 -32.78
CA GLY B 912 20.49 3.63 -32.79
C GLY B 912 21.22 2.99 -31.63
N PRO B 913 22.54 3.12 -31.60
CA PRO B 913 23.31 2.59 -30.48
C PRO B 913 22.98 3.34 -29.19
N PRO B 914 23.06 2.68 -28.04
CA PRO B 914 22.82 3.38 -26.78
C PRO B 914 23.88 4.44 -26.51
N SER B 915 23.47 5.49 -25.82
CA SER B 915 24.36 6.60 -25.48
C SER B 915 24.14 6.98 -24.02
N ALA B 916 24.83 8.04 -23.60
CA ALA B 916 24.70 8.51 -22.23
C ALA B 916 23.31 9.10 -21.96
N ARG B 917 22.59 9.49 -23.00
CA ARG B 917 21.24 10.03 -22.88
C ARG B 917 20.18 8.95 -22.83
N ASP B 918 20.55 7.71 -22.51
CA ASP B 918 19.56 6.64 -22.44
C ASP B 918 18.54 6.91 -21.36
N LEU B 919 18.98 7.42 -20.20
CA LEU B 919 18.04 7.82 -19.17
C LEU B 919 17.19 9.00 -19.62
N ILE B 920 17.78 9.93 -20.36
CA ILE B 920 17.01 11.04 -20.92
C ILE B 920 16.02 10.54 -21.96
N CYS B 921 16.48 9.70 -22.89
CA CYS B 921 15.60 9.19 -23.94
C CYS B 921 14.51 8.29 -23.38
N ALA B 922 14.68 7.77 -22.16
CA ALA B 922 13.65 6.96 -21.53
C ALA B 922 12.44 7.77 -21.13
N GLN B 923 12.52 9.10 -21.19
CA GLN B 923 11.40 9.93 -20.75
C GLN B 923 10.24 9.86 -21.73
N TYR B 924 10.51 9.63 -23.02
CA TYR B 924 9.45 9.47 -24.00
C TYR B 924 8.90 8.04 -24.01
N VAL B 925 9.56 7.10 -23.35
CA VAL B 925 9.10 5.72 -23.27
C VAL B 925 8.28 5.54 -22.01
N ALA B 926 8.89 5.78 -20.85
CA ALA B 926 8.21 5.56 -19.58
C ALA B 926 7.05 6.53 -19.40
N GLY B 927 7.30 7.83 -19.62
CA GLY B 927 6.23 8.80 -19.55
C GLY B 927 6.58 10.11 -18.88
N TYR B 928 7.67 10.15 -18.13
CA TYR B 928 8.03 11.37 -17.44
C TYR B 928 8.62 12.38 -18.42
N LYS B 929 8.69 13.64 -17.97
CA LYS B 929 9.11 14.75 -18.82
C LYS B 929 10.02 15.67 -18.03
N VAL B 930 11.27 15.78 -18.46
CA VAL B 930 12.20 16.73 -17.86
C VAL B 930 11.92 18.12 -18.42
N LEU B 931 11.68 19.08 -17.54
CA LEU B 931 11.25 20.39 -17.98
C LEU B 931 12.41 21.37 -18.03
N PRO B 932 12.36 22.35 -18.93
CA PRO B 932 13.45 23.32 -19.02
C PRO B 932 13.42 24.28 -17.85
N PRO B 933 14.57 24.84 -17.46
CA PRO B 933 14.59 25.81 -16.37
C PRO B 933 14.04 27.16 -16.81
N LEU B 934 13.77 28.01 -15.82
CA LEU B 934 13.15 29.30 -16.08
C LEU B 934 14.03 30.18 -16.96
N TYR B 935 15.33 30.23 -16.67
CA TYR B 935 16.27 31.06 -17.39
C TYR B 935 17.27 30.19 -18.14
N ASP B 936 17.61 30.59 -19.35
CA ASP B 936 18.65 29.93 -20.11
C ASP B 936 20.02 30.31 -19.55
N PRO B 937 21.06 29.54 -19.86
CA PRO B 937 22.38 29.80 -19.25
C PRO B 937 22.92 31.19 -19.53
N ASN B 938 22.59 31.80 -20.67
CA ASN B 938 23.08 33.14 -20.96
C ASN B 938 22.52 34.15 -19.96
N MET B 939 21.22 34.07 -19.66
CA MET B 939 20.64 35.00 -18.69
C MET B 939 21.20 34.79 -17.30
N GLU B 940 21.42 33.53 -16.91
CA GLU B 940 22.03 33.25 -15.63
C GLU B 940 23.44 33.83 -15.55
N GLY B 941 24.22 33.67 -16.62
CA GLY B 941 25.56 34.22 -16.63
C GLY B 941 25.59 35.73 -16.55
N ALA B 942 24.57 36.39 -17.10
CA ALA B 942 24.51 37.84 -17.02
C ALA B 942 24.38 38.33 -15.59
N TYR B 943 23.54 37.65 -14.79
CA TYR B 943 23.36 38.05 -13.40
C TYR B 943 24.65 37.88 -12.60
N THR B 944 25.37 36.78 -12.82
CA THR B 944 26.60 36.55 -12.08
C THR B 944 27.76 37.40 -12.59
N SER B 945 27.80 37.67 -13.90
CA SER B 945 28.87 38.50 -14.44
C SER B 945 28.75 39.94 -13.95
N SER B 946 27.53 40.44 -13.79
CA SER B 946 27.34 41.80 -13.29
C SER B 946 27.75 41.95 -11.84
N LEU B 947 27.93 40.83 -11.12
CA LEU B 947 28.34 40.92 -9.72
C LEU B 947 29.81 41.26 -9.57
N LEU B 948 30.65 40.89 -10.53
CA LEU B 948 32.08 41.16 -10.43
C LEU B 948 32.34 42.67 -10.42
N GLY B 949 31.66 43.41 -11.27
CA GLY B 949 31.79 44.85 -11.32
C GLY B 949 30.79 45.62 -10.50
N SER B 950 30.09 44.95 -9.59
CA SER B 950 29.06 45.61 -8.79
C SER B 950 29.68 46.68 -7.90
N ILE B 951 29.08 47.87 -7.92
CA ILE B 951 29.49 48.96 -7.04
C ILE B 951 28.38 49.20 -6.01
N ALA B 952 28.75 49.16 -4.75
CA ALA B 952 27.90 49.57 -3.65
C ALA B 952 28.56 50.75 -2.95
N GLY B 953 28.00 51.16 -1.82
CA GLY B 953 28.64 52.20 -1.03
C GLY B 953 30.00 51.77 -0.53
N ALA B 954 30.79 52.76 -0.11
CA ALA B 954 32.15 52.50 0.35
C ALA B 954 32.13 51.59 1.57
N GLY B 955 33.30 51.04 1.88
CA GLY B 955 33.40 50.13 3.01
C GLY B 955 32.99 50.78 4.32
N TRP B 956 33.35 52.06 4.50
CA TRP B 956 32.97 52.79 5.70
C TRP B 956 31.55 53.35 5.63
N THR B 957 30.92 53.35 4.46
CA THR B 957 29.62 53.96 4.32
C THR B 957 28.54 53.12 5.01
N ALA B 958 27.45 53.78 5.36
CA ALA B 958 26.34 53.13 6.04
C ALA B 958 25.25 52.77 5.03
N GLY B 959 24.90 51.49 4.98
CA GLY B 959 23.83 51.03 4.10
C GLY B 959 24.27 50.86 2.66
N LEU B 960 23.27 50.72 1.80
CA LEU B 960 23.47 50.56 0.37
C LEU B 960 22.64 51.57 -0.41
N SER B 961 22.59 52.81 0.08
CA SER B 961 21.85 53.87 -0.59
C SER B 961 22.70 54.67 -1.56
N SER B 962 24.01 54.45 -1.58
CA SER B 962 24.91 55.17 -2.46
C SER B 962 25.75 54.18 -3.25
N PHE B 963 26.25 54.65 -4.40
CA PHE B 963 27.06 53.81 -5.29
C PHE B 963 28.36 54.55 -5.58
N ALA B 964 29.46 54.06 -4.99
CA ALA B 964 30.78 54.66 -5.15
C ALA B 964 31.55 53.92 -6.23
N ALA B 965 32.18 54.68 -7.13
CA ALA B 965 32.92 54.10 -8.25
C ALA B 965 34.40 53.98 -7.87
N ILE B 966 34.66 53.10 -6.92
CA ILE B 966 36.02 52.81 -6.46
C ILE B 966 36.58 51.66 -7.29
N PRO B 967 37.75 51.81 -7.91
CA PRO B 967 38.30 50.72 -8.71
C PRO B 967 38.60 49.49 -7.87
N PHE B 968 38.77 48.37 -8.56
CA PHE B 968 38.92 47.08 -7.88
C PHE B 968 40.14 47.05 -6.97
N ALA B 969 41.26 47.58 -7.43
CA ALA B 969 42.48 47.56 -6.63
C ALA B 969 42.28 48.34 -5.33
N GLN B 970 41.79 49.58 -5.43
CA GLN B 970 41.54 50.38 -4.25
C GLN B 970 40.46 49.78 -3.35
N SER B 971 39.57 48.96 -3.90
CA SER B 971 38.57 48.30 -3.07
C SER B 971 39.17 47.13 -2.29
N ILE B 972 40.10 46.41 -2.89
CA ILE B 972 40.78 45.33 -2.17
C ILE B 972 41.61 45.90 -1.03
N PHE B 973 42.32 47.00 -1.27
CA PHE B 973 43.17 47.56 -0.23
C PHE B 973 42.35 48.10 0.94
N TYR B 974 41.17 48.65 0.68
CA TYR B 974 40.30 49.05 1.78
C TYR B 974 39.84 47.85 2.59
N ARG B 975 39.50 46.75 1.92
CA ARG B 975 39.05 45.56 2.64
C ARG B 975 40.17 44.99 3.50
N MET B 976 41.41 45.00 3.00
CA MET B 976 42.54 44.58 3.81
C MET B 976 42.86 45.60 4.91
N ASN B 977 42.51 46.87 4.70
CA ASN B 977 42.73 47.86 5.74
C ASN B 977 41.76 47.70 6.90
N GLY B 978 40.60 47.09 6.67
CA GLY B 978 39.63 46.86 7.71
C GLY B 978 39.87 45.64 8.56
N ILE B 979 40.96 44.91 8.33
CA ILE B 979 41.28 43.71 9.09
C ILE B 979 42.55 43.85 9.89
N GLY B 980 43.28 44.96 9.77
CA GLY B 980 44.46 45.17 10.58
C GLY B 980 45.74 45.31 9.80
N ILE B 981 45.66 45.79 8.56
CA ILE B 981 46.82 46.06 7.73
C ILE B 981 46.83 47.54 7.43
N THR B 982 47.85 48.24 7.91
CA THR B 982 47.90 49.69 7.78
C THR B 982 48.26 50.08 6.34
N GLN B 983 47.91 51.32 5.99
CA GLN B 983 48.25 51.82 4.65
C GLN B 983 49.75 51.88 4.44
N GLN B 984 50.52 52.00 5.52
CA GLN B 984 51.98 51.94 5.40
C GLN B 984 52.42 50.56 4.94
N VAL B 985 51.77 49.51 5.44
CA VAL B 985 52.09 48.16 4.99
C VAL B 985 51.62 47.95 3.56
N LEU B 986 50.40 48.39 3.25
CA LEU B 986 49.86 48.20 1.92
C LEU B 986 50.66 48.97 0.88
N SER B 987 51.12 50.17 1.22
CA SER B 987 51.96 50.93 0.30
C SER B 987 53.29 50.22 0.05
N GLU B 988 53.90 49.67 1.10
CA GLU B 988 55.21 49.03 0.95
C GLU B 988 55.10 47.70 0.24
N ASN B 989 54.10 46.88 0.58
CA ASN B 989 53.91 45.55 0.02
C ASN B 989 52.81 45.53 -1.02
N GLN B 990 52.68 46.58 -1.82
CA GLN B 990 51.58 46.69 -2.76
C GLN B 990 51.65 45.60 -3.83
N LYS B 991 52.81 45.44 -4.45
CA LYS B 991 52.95 44.45 -5.51
C LYS B 991 53.04 43.03 -4.96
N LEU B 992 53.54 42.87 -3.74
CA LEU B 992 53.55 41.54 -3.12
C LEU B 992 52.15 41.01 -2.93
N ILE B 993 51.22 41.88 -2.53
CA ILE B 993 49.82 41.46 -2.36
C ILE B 993 49.23 41.02 -3.69
N ALA B 994 49.51 41.76 -4.76
CA ALA B 994 48.99 41.38 -6.07
C ALA B 994 49.52 40.03 -6.51
N ASN B 995 50.80 39.75 -6.27
CA ASN B 995 51.35 38.44 -6.60
C ASN B 995 50.69 37.35 -5.78
N LYS B 996 50.47 37.60 -4.48
CA LYS B 996 49.76 36.62 -3.65
C LYS B 996 48.36 36.38 -4.15
N PHE B 997 47.63 37.45 -4.52
CA PHE B 997 46.27 37.29 -4.98
C PHE B 997 46.21 36.55 -6.31
N ASN B 998 47.13 36.87 -7.22
CA ASN B 998 47.12 36.21 -8.53
C ASN B 998 47.42 34.73 -8.41
N GLN B 999 48.36 34.35 -7.55
CA GLN B 999 48.68 32.94 -7.39
C GLN B 999 47.52 32.18 -6.77
N ALA B 1000 46.74 32.82 -5.91
CA ALA B 1000 45.55 32.17 -5.35
C ALA B 1000 44.50 31.94 -6.42
N LEU B 1001 44.29 32.95 -7.28
CA LEU B 1001 43.32 32.77 -8.37
C LEU B 1001 43.77 31.71 -9.36
N GLY B 1002 45.07 31.62 -9.63
CA GLY B 1002 45.56 30.63 -10.56
C GLY B 1002 45.56 29.22 -10.00
N ALA B 1003 45.53 29.07 -8.68
CA ALA B 1003 45.54 27.74 -8.09
C ALA B 1003 44.19 27.06 -8.22
N MET B 1004 43.10 27.82 -8.13
CA MET B 1004 41.76 27.24 -8.25
C MET B 1004 41.48 26.73 -9.65
N GLN B 1005 42.31 27.09 -10.63
CA GLN B 1005 42.18 26.52 -11.98
C GLN B 1005 42.38 25.02 -11.97
N THR B 1006 43.06 24.47 -10.98
CA THR B 1006 43.29 23.04 -10.87
C THR B 1006 42.78 22.47 -9.54
N GLY B 1007 41.90 23.19 -8.86
CA GLY B 1007 41.33 22.74 -7.61
C GLY B 1007 40.02 21.99 -7.73
N PHE B 1008 39.59 21.65 -8.95
CA PHE B 1008 38.33 20.93 -9.16
C PHE B 1008 38.62 19.44 -9.21
N THR B 1009 38.72 18.84 -8.02
CA THR B 1009 39.00 17.42 -7.88
C THR B 1009 38.00 16.79 -6.94
N THR B 1010 37.84 15.48 -7.07
CA THR B 1010 36.85 14.76 -6.26
C THR B 1010 37.20 14.77 -4.78
N THR B 1011 38.46 15.06 -4.42
CA THR B 1011 38.82 15.15 -3.02
C THR B 1011 38.30 16.44 -2.38
N ASN B 1012 38.09 17.47 -3.19
CA ASN B 1012 37.57 18.73 -2.68
C ASN B 1012 36.11 18.56 -2.26
N LEU B 1013 35.75 19.18 -1.13
CA LEU B 1013 34.39 19.06 -0.64
C LEU B 1013 33.40 19.79 -1.54
N ALA B 1014 33.75 21.01 -1.97
CA ALA B 1014 32.82 21.80 -2.76
C ALA B 1014 32.51 21.16 -4.09
N PHE B 1015 33.53 20.61 -4.76
CA PHE B 1015 33.29 19.93 -6.04
C PHE B 1015 32.67 18.56 -5.86
N SER B 1016 32.83 17.93 -4.70
CA SER B 1016 32.12 16.70 -4.43
C SER B 1016 30.61 16.94 -4.34
N LYS B 1017 30.21 18.09 -3.80
CA LYS B 1017 28.80 18.40 -3.68
C LYS B 1017 28.15 18.64 -5.04
N VAL B 1018 28.89 19.27 -5.96
CA VAL B 1018 28.31 19.54 -7.27
C VAL B 1018 28.07 18.26 -8.05
N GLN B 1019 28.84 17.22 -7.77
CA GLN B 1019 28.60 15.92 -8.40
C GLN B 1019 27.41 15.21 -7.75
N ASP B 1020 27.25 15.34 -6.43
CA ASP B 1020 26.11 14.73 -5.77
C ASP B 1020 24.80 15.34 -6.21
N ALA B 1021 24.80 16.63 -6.52
CA ALA B 1021 23.59 17.28 -7.02
C ALA B 1021 23.19 16.70 -8.37
N VAL B 1022 24.17 16.46 -9.25
CA VAL B 1022 23.86 15.88 -10.55
C VAL B 1022 23.41 14.43 -10.41
N ASN B 1023 24.07 13.68 -9.53
CA ASN B 1023 23.69 12.29 -9.32
C ASN B 1023 22.30 12.17 -8.71
N ALA B 1024 21.96 13.09 -7.80
CA ALA B 1024 20.63 13.07 -7.19
C ALA B 1024 19.54 13.28 -8.25
N ASN B 1025 19.80 14.15 -9.22
CA ASN B 1025 18.87 14.30 -10.34
C ASN B 1025 18.83 13.04 -11.19
N ALA B 1026 19.99 12.42 -11.43
CA ALA B 1026 20.01 11.23 -12.26
C ALA B 1026 19.38 10.04 -11.56
N GLN B 1027 19.56 9.93 -10.25
CA GLN B 1027 18.96 8.83 -9.50
C GLN B 1027 17.46 9.02 -9.31
N ALA B 1028 16.94 10.23 -9.51
CA ALA B 1028 15.50 10.43 -9.48
C ALA B 1028 14.85 9.88 -10.75
N LEU B 1029 15.51 10.05 -11.89
CA LEU B 1029 15.00 9.49 -13.13
C LEU B 1029 15.20 7.98 -13.19
N SER B 1030 16.28 7.47 -12.58
CA SER B 1030 16.52 6.04 -12.58
C SER B 1030 15.44 5.30 -11.80
N LYS B 1031 14.98 5.87 -10.69
CA LYS B 1031 13.92 5.25 -9.92
C LYS B 1031 12.62 5.19 -10.71
N LEU B 1032 12.33 6.23 -11.50
CA LEU B 1032 11.15 6.20 -12.35
C LEU B 1032 11.21 5.05 -13.33
N ALA B 1033 12.35 4.87 -13.99
CA ALA B 1033 12.47 3.84 -15.02
C ALA B 1033 12.56 2.44 -14.41
N SER B 1034 13.32 2.28 -13.32
CA SER B 1034 13.55 0.95 -12.78
C SER B 1034 12.27 0.35 -12.20
N GLU B 1035 11.44 1.17 -11.56
CA GLU B 1035 10.21 0.67 -10.97
C GLU B 1035 9.17 0.30 -12.02
N LEU B 1036 9.40 0.62 -13.28
CA LEU B 1036 8.54 0.14 -14.36
C LEU B 1036 8.84 -1.30 -14.72
N SER B 1037 9.90 -1.88 -14.15
CA SER B 1037 10.24 -3.29 -14.33
C SER B 1037 9.92 -4.11 -13.08
N ASN B 1038 9.24 -3.52 -12.11
CA ASN B 1038 8.81 -4.25 -10.93
C ASN B 1038 7.55 -5.05 -11.25
N THR B 1039 7.58 -6.35 -10.96
CA THR B 1039 6.44 -7.20 -11.26
C THR B 1039 5.31 -7.00 -10.26
N PHE B 1040 5.63 -6.59 -9.03
CA PHE B 1040 4.63 -6.41 -7.97
C PHE B 1040 3.81 -7.68 -7.75
N GLY B 1041 4.48 -8.82 -7.83
CA GLY B 1041 3.82 -10.10 -7.64
C GLY B 1041 3.11 -10.64 -8.85
N ALA B 1042 3.11 -9.92 -9.97
CA ALA B 1042 2.48 -10.39 -11.19
C ALA B 1042 3.42 -11.31 -11.96
N ILE B 1043 2.89 -11.92 -13.02
CA ILE B 1043 3.70 -12.85 -13.81
C ILE B 1043 4.80 -12.11 -14.56
N SER B 1044 4.55 -10.87 -14.96
CA SER B 1044 5.55 -10.10 -15.68
C SER B 1044 5.35 -8.62 -15.36
N SER B 1045 6.41 -7.85 -15.56
CA SER B 1045 6.37 -6.40 -15.38
C SER B 1045 5.92 -5.67 -16.64
N SER B 1046 5.72 -6.39 -17.74
CA SER B 1046 5.29 -5.81 -19.00
C SER B 1046 3.85 -6.21 -19.28
N ILE B 1047 3.01 -5.21 -19.59
CA ILE B 1047 1.59 -5.48 -19.82
C ILE B 1047 1.39 -6.35 -21.06
N SER B 1048 2.34 -6.30 -22.01
CA SER B 1048 2.22 -7.16 -23.19
C SER B 1048 2.24 -8.63 -22.82
N ASP B 1049 3.16 -9.03 -21.94
CA ASP B 1049 3.28 -10.44 -21.57
C ASP B 1049 2.05 -10.92 -20.82
N ILE B 1050 1.50 -10.07 -19.94
CA ILE B 1050 0.26 -10.42 -19.24
C ILE B 1050 -0.88 -10.60 -20.24
N LEU B 1051 -0.95 -9.72 -21.24
CA LEU B 1051 -2.00 -9.81 -22.24
C LEU B 1051 -1.77 -10.92 -23.24
N LYS B 1052 -0.59 -11.54 -23.24
CA LYS B 1052 -0.28 -12.61 -24.18
C LYS B 1052 -0.41 -14.00 -23.56
N ARG B 1053 -0.45 -14.11 -22.25
CA ARG B 1053 -0.48 -15.39 -21.57
C ARG B 1053 -1.72 -15.65 -20.73
N LEU B 1054 -2.52 -14.63 -20.46
CA LEU B 1054 -3.68 -14.78 -19.59
C LEU B 1054 -4.92 -14.19 -20.25
N ASP B 1055 -6.07 -14.66 -19.79
CA ASP B 1055 -7.39 -14.24 -20.25
C ASP B 1055 -8.19 -13.77 -19.04
N PRO B 1056 -9.23 -12.97 -19.25
CA PRO B 1056 -10.03 -12.53 -18.12
C PRO B 1056 -10.71 -13.71 -17.46
N PRO B 1057 -10.98 -13.61 -16.14
CA PRO B 1057 -10.76 -12.47 -15.26
C PRO B 1057 -9.36 -12.41 -14.66
N GLU B 1058 -8.48 -13.35 -15.04
CA GLU B 1058 -7.17 -13.41 -14.43
C GLU B 1058 -6.23 -12.31 -14.92
N GLN B 1059 -6.34 -11.90 -16.19
CA GLN B 1059 -5.44 -10.88 -16.70
C GLN B 1059 -5.76 -9.50 -16.12
N GLU B 1060 -7.04 -9.21 -15.86
CA GLU B 1060 -7.38 -7.94 -15.24
C GLU B 1060 -6.85 -7.85 -13.81
N ALA B 1061 -6.81 -8.97 -13.09
CA ALA B 1061 -6.23 -8.98 -11.76
C ALA B 1061 -4.74 -8.71 -11.81
N GLN B 1062 -4.05 -9.28 -12.79
CA GLN B 1062 -2.60 -9.08 -12.90
C GLN B 1062 -2.27 -7.64 -13.25
N ILE B 1063 -3.07 -7.02 -14.12
CA ILE B 1063 -2.85 -5.60 -14.43
C ILE B 1063 -3.12 -4.75 -13.21
N ASP B 1064 -4.10 -5.14 -12.39
CA ASP B 1064 -4.40 -4.39 -11.18
C ASP B 1064 -3.21 -4.37 -10.22
N ARG B 1065 -2.41 -5.44 -10.22
CA ARG B 1065 -1.19 -5.45 -9.40
C ARG B 1065 -0.21 -4.39 -9.86
N LEU B 1066 -0.03 -4.25 -11.18
CA LEU B 1066 0.89 -3.25 -11.70
C LEU B 1066 0.37 -1.84 -11.46
N ILE B 1067 -0.94 -1.64 -11.61
CA ILE B 1067 -1.53 -0.32 -11.41
C ILE B 1067 -1.32 0.16 -9.98
N ASN B 1068 -1.66 -0.70 -9.01
CA ASN B 1068 -1.51 -0.34 -7.61
C ASN B 1068 -0.04 -0.11 -7.25
N GLY B 1069 0.85 -0.95 -7.76
CA GLY B 1069 2.26 -0.78 -7.47
C GLY B 1069 2.85 0.48 -8.08
N ARG B 1070 2.44 0.80 -9.31
CA ARG B 1070 3.00 1.97 -9.99
C ARG B 1070 2.41 3.26 -9.44
N LEU B 1071 1.13 3.24 -9.04
CA LEU B 1071 0.53 4.42 -8.44
C LEU B 1071 1.16 4.74 -7.09
N THR B 1072 1.45 3.71 -6.29
CA THR B 1072 2.14 3.93 -5.03
C THR B 1072 3.57 4.40 -5.23
N SER B 1073 4.24 3.87 -6.27
CA SER B 1073 5.60 4.32 -6.56
C SER B 1073 5.62 5.78 -6.97
N LEU B 1074 4.63 6.22 -7.75
CA LEU B 1074 4.56 7.62 -8.13
C LEU B 1074 4.33 8.51 -6.92
N ASN B 1075 3.50 8.06 -5.97
CA ASN B 1075 3.28 8.84 -4.76
C ASN B 1075 4.58 9.04 -3.99
N ALA B 1076 5.40 7.99 -3.89
CA ALA B 1076 6.69 8.13 -3.24
C ALA B 1076 7.61 9.06 -4.02
N PHE B 1077 7.58 8.95 -5.35
CA PHE B 1077 8.38 9.85 -6.18
C PHE B 1077 7.93 11.30 -6.02
N VAL B 1078 6.62 11.52 -5.95
CA VAL B 1078 6.10 12.87 -5.72
C VAL B 1078 6.46 13.35 -4.33
N ALA B 1079 6.33 12.48 -3.33
CA ALA B 1079 6.60 12.88 -1.95
C ALA B 1079 8.05 13.32 -1.78
N GLN B 1080 8.99 12.59 -2.36
CA GLN B 1080 10.39 12.97 -2.25
C GLN B 1080 10.75 14.14 -3.16
N GLN B 1081 9.97 14.37 -4.22
CA GLN B 1081 10.22 15.51 -5.08
C GLN B 1081 9.83 16.81 -4.38
N LEU B 1082 8.76 16.77 -3.59
CA LEU B 1082 8.40 17.93 -2.79
C LEU B 1082 9.47 18.24 -1.75
N VAL B 1083 10.00 17.20 -1.09
CA VAL B 1083 11.05 17.41 -0.11
C VAL B 1083 12.29 18.00 -0.75
N ARG B 1084 12.69 17.46 -1.91
CA ARG B 1084 13.85 17.98 -2.62
C ARG B 1084 13.61 19.42 -3.08
N SER B 1085 12.43 19.70 -3.63
CA SER B 1085 12.15 21.04 -4.13
C SER B 1085 12.14 22.06 -3.01
N GLU B 1086 11.52 21.73 -1.88
CA GLU B 1086 11.54 22.63 -0.73
C GLU B 1086 12.95 22.80 -0.17
N THR B 1087 13.71 21.71 -0.12
CA THR B 1087 15.09 21.79 0.35
C THR B 1087 15.92 22.70 -0.55
N ALA B 1088 15.78 22.55 -1.86
CA ALA B 1088 16.50 23.42 -2.78
C ALA B 1088 15.96 24.86 -2.73
N ALA B 1089 14.67 25.02 -2.48
CA ALA B 1089 14.10 26.36 -2.34
C ALA B 1089 14.65 27.07 -1.11
N ARG B 1090 14.78 26.35 0.01
CA ARG B 1090 15.39 26.93 1.20
C ARG B 1090 16.88 27.18 1.00
N SER B 1091 17.54 26.30 0.25
CA SER B 1091 18.95 26.51 -0.05
C SER B 1091 19.12 27.62 -1.08
N ALA B 1092 18.13 27.85 -1.93
CA ALA B 1092 18.16 29.00 -2.82
C ALA B 1092 18.08 30.30 -2.05
N GLN B 1093 17.43 30.28 -0.88
CA GLN B 1093 17.43 31.45 -0.01
C GLN B 1093 18.80 31.70 0.58
N LEU B 1094 19.48 30.65 1.01
CA LEU B 1094 20.81 30.80 1.58
C LEU B 1094 21.83 31.29 0.56
N ALA B 1095 21.63 30.93 -0.71
CA ALA B 1095 22.54 31.40 -1.76
C ALA B 1095 22.49 32.91 -1.89
N SER B 1096 21.30 33.49 -1.87
CA SER B 1096 21.18 34.94 -1.96
C SER B 1096 21.70 35.63 -0.71
N ASP B 1097 21.60 34.97 0.44
CA ASP B 1097 22.15 35.54 1.67
C ASP B 1097 23.66 35.65 1.60
N LYS B 1098 24.32 34.64 1.04
CA LYS B 1098 25.78 34.69 0.93
C LYS B 1098 26.25 35.65 -0.15
N VAL B 1099 25.42 35.90 -1.16
CA VAL B 1099 25.79 36.88 -2.17
C VAL B 1099 25.76 38.28 -1.58
N ASN B 1100 24.76 38.58 -0.76
CA ASN B 1100 24.65 39.89 -0.14
C ASN B 1100 25.55 40.06 1.07
N GLU B 1101 26.25 39.01 1.50
CA GLU B 1101 27.14 39.09 2.65
C GLU B 1101 28.59 38.74 2.32
N CYS B 1102 28.86 38.05 1.23
CA CYS B 1102 30.22 37.73 0.80
C CYS B 1102 30.62 38.39 -0.51
N VAL B 1103 29.71 38.46 -1.47
CA VAL B 1103 30.04 38.98 -2.80
C VAL B 1103 29.88 40.49 -2.85
N LYS B 1104 28.76 41.01 -2.35
CA LYS B 1104 28.51 42.45 -2.40
C LYS B 1104 29.06 43.21 -1.22
N SER B 1105 29.56 42.51 -0.19
CA SER B 1105 30.08 43.18 0.99
C SER B 1105 31.05 42.25 1.70
N GLN B 1106 32.01 42.83 2.40
CA GLN B 1106 32.95 42.05 3.19
C GLN B 1106 32.31 41.67 4.52
N SER B 1107 32.40 40.40 4.87
CA SER B 1107 31.75 39.88 6.06
C SER B 1107 32.69 39.97 7.27
N LYS B 1108 32.15 40.46 8.38
CA LYS B 1108 32.87 40.48 9.65
C LYS B 1108 32.60 39.24 10.49
N ARG B 1109 31.86 38.27 9.95
CA ARG B 1109 31.57 37.04 10.66
C ARG B 1109 32.83 36.19 10.77
N ASN B 1110 32.67 35.04 11.42
CA ASN B 1110 33.74 34.05 11.52
C ASN B 1110 33.23 32.72 10.99
N GLY B 1111 33.94 32.15 10.04
CA GLY B 1111 33.55 30.92 9.38
C GLY B 1111 32.59 31.15 8.23
N PHE B 1112 31.70 32.12 8.37
CA PHE B 1112 30.84 32.52 7.27
C PHE B 1112 31.67 33.20 6.19
N CYS B 1113 31.25 33.04 4.94
CA CYS B 1113 32.01 33.51 3.78
C CYS B 1113 33.42 32.93 3.77
N GLY B 1114 33.53 31.66 4.12
CA GLY B 1114 34.79 30.96 4.08
C GLY B 1114 35.59 31.11 5.35
N SER B 1115 36.65 30.29 5.44
CA SER B 1115 37.53 30.30 6.58
C SER B 1115 38.48 31.49 6.52
N GLY B 1116 39.10 31.79 7.66
CA GLY B 1116 40.01 32.92 7.75
C GLY B 1116 39.28 34.24 7.84
N THR B 1117 40.02 35.31 7.60
CA THR B 1117 39.48 36.66 7.60
C THR B 1117 39.06 37.02 6.18
N HIS B 1118 37.78 37.36 6.01
CA HIS B 1118 37.23 37.56 4.68
C HIS B 1118 37.80 38.82 4.04
N ILE B 1119 38.29 38.68 2.82
CA ILE B 1119 38.73 39.81 2.00
C ILE B 1119 37.77 40.07 0.85
N VAL B 1120 37.45 39.02 0.08
CA VAL B 1120 36.55 39.16 -1.06
C VAL B 1120 35.99 37.78 -1.36
N SER B 1121 34.89 37.74 -2.12
CA SER B 1121 34.31 36.48 -2.54
C SER B 1121 33.63 36.66 -3.88
N PHE B 1122 33.86 35.73 -4.80
CA PHE B 1122 33.26 35.73 -6.12
C PHE B 1122 32.31 34.55 -6.25
N VAL B 1123 31.48 34.59 -7.29
CA VAL B 1123 30.46 33.56 -7.52
C VAL B 1123 30.38 33.28 -9.01
N ILE B 1124 30.21 32.00 -9.35
CA ILE B 1124 29.99 31.56 -10.72
C ILE B 1124 28.78 30.65 -10.75
N ASN B 1125 28.17 30.53 -11.92
CA ASN B 1125 27.07 29.58 -12.09
C ASN B 1125 27.62 28.17 -12.13
N ALA B 1126 26.95 27.27 -11.43
CA ALA B 1126 27.29 25.86 -11.38
C ALA B 1126 26.03 25.05 -11.63
N PRO B 1127 26.17 23.79 -12.05
CA PRO B 1127 24.98 22.95 -12.24
C PRO B 1127 24.11 22.90 -11.00
N ASN B 1128 22.90 23.45 -11.10
CA ASN B 1128 21.92 23.47 -10.00
C ASN B 1128 22.46 24.22 -8.78
N GLY B 1129 22.86 25.47 -9.00
CA GLY B 1129 23.24 26.32 -7.89
C GLY B 1129 24.41 27.22 -8.25
N PHE B 1130 25.07 27.72 -7.22
CA PHE B 1130 26.21 28.63 -7.35
C PHE B 1130 27.45 27.97 -6.78
N TYR B 1131 28.61 28.44 -7.24
CA TYR B 1131 29.91 27.96 -6.76
C TYR B 1131 30.73 29.17 -6.34
N PHE B 1132 30.76 29.44 -5.04
CA PHE B 1132 31.46 30.60 -4.52
C PHE B 1132 32.95 30.33 -4.35
N PHE B 1133 33.75 31.38 -4.55
CA PHE B 1133 35.18 31.36 -4.28
C PHE B 1133 35.45 32.40 -3.20
N HIS B 1134 35.36 31.97 -1.94
CA HIS B 1134 35.64 32.87 -0.83
C HIS B 1134 37.14 33.04 -0.69
N VAL B 1135 37.62 34.28 -0.69
CA VAL B 1135 39.03 34.59 -0.58
C VAL B 1135 39.29 35.18 0.79
N GLY B 1136 40.23 34.57 1.52
CA GLY B 1136 40.52 34.94 2.89
C GLY B 1136 41.97 35.34 3.09
N TYR B 1137 42.25 35.77 4.31
CA TYR B 1137 43.58 36.19 4.74
C TYR B 1137 44.10 35.17 5.74
N VAL B 1138 45.05 34.36 5.31
CA VAL B 1138 45.59 33.26 6.10
C VAL B 1138 47.04 33.59 6.45
N PRO B 1139 47.33 33.99 7.68
CA PRO B 1139 48.73 34.23 8.06
C PRO B 1139 49.54 32.94 8.01
N THR B 1140 50.82 33.08 7.64
CA THR B 1140 51.72 31.95 7.51
C THR B 1140 52.90 31.98 8.45
N ASN B 1141 53.15 33.09 9.13
CA ASN B 1141 54.26 33.18 10.07
C ASN B 1141 53.90 34.23 11.12
N HIS B 1142 54.35 34.00 12.36
CA HIS B 1142 53.96 34.84 13.48
C HIS B 1142 55.18 35.25 14.29
N VAL B 1143 55.04 36.34 15.02
CA VAL B 1143 56.05 36.81 15.96
C VAL B 1143 55.38 37.06 17.31
N ASN B 1144 56.04 36.62 18.39
CA ASN B 1144 55.53 36.81 19.73
C ASN B 1144 56.04 38.15 20.25
N VAL B 1145 55.11 39.07 20.52
CA VAL B 1145 55.45 40.41 20.95
C VAL B 1145 54.64 40.77 22.19
N THR B 1146 55.29 41.39 23.16
CA THR B 1146 54.60 41.88 24.34
C THR B 1146 53.68 43.04 23.97
N ALA B 1147 52.50 43.07 24.59
CA ALA B 1147 51.51 44.09 24.30
C ALA B 1147 50.92 44.60 25.60
N ALA B 1148 50.38 45.81 25.55
CA ALA B 1148 49.78 46.46 26.70
C ALA B 1148 48.28 46.62 26.50
N TYR B 1149 47.51 46.43 27.58
CA TYR B 1149 46.07 46.64 27.50
C TYR B 1149 45.75 48.09 27.18
N GLY B 1150 46.55 49.02 27.68
CA GLY B 1150 46.36 50.43 27.41
C GLY B 1150 47.49 51.22 28.00
N LEU B 1151 47.52 52.51 27.68
CA LEU B 1151 48.56 53.42 28.14
C LEU B 1151 47.92 54.57 28.89
N CYS B 1152 48.44 54.87 30.08
CA CYS B 1152 47.97 55.98 30.89
C CYS B 1152 49.13 56.88 31.25
N ASN B 1153 48.83 58.02 31.85
CA ASN B 1153 49.85 58.97 32.28
C ASN B 1153 49.65 59.32 33.75
N THR B 1154 50.76 59.74 34.37
CA THR B 1154 50.77 60.06 35.81
C THR B 1154 50.40 61.52 35.98
N ASP B 1155 49.09 61.77 36.12
CA ASP B 1155 48.59 63.10 36.42
C ASP B 1155 47.20 62.96 37.02
N THR B 1156 46.72 64.04 37.64
CA THR B 1156 45.42 64.04 38.28
C THR B 1156 44.46 64.94 37.52
N PRO B 1157 43.41 64.40 36.90
CA PRO B 1157 43.08 62.98 36.74
C PRO B 1157 43.84 62.36 35.57
N PRO B 1158 44.13 61.07 35.62
CA PRO B 1158 44.87 60.43 34.52
C PRO B 1158 44.06 60.37 33.24
N ARG B 1159 44.78 60.40 32.12
CA ARG B 1159 44.21 60.21 30.80
C ARG B 1159 44.81 58.95 30.19
N CYS B 1160 43.96 58.04 29.73
CA CYS B 1160 44.38 56.76 29.20
C CYS B 1160 43.97 56.61 27.75
N ILE B 1161 44.75 55.84 26.99
CA ILE B 1161 44.46 55.56 25.58
C ILE B 1161 44.46 54.06 25.36
N ALA B 1162 43.69 53.63 24.37
CA ALA B 1162 43.58 52.22 24.00
C ALA B 1162 43.70 52.07 22.49
N PRO B 1163 44.17 50.92 22.02
CA PRO B 1163 44.37 50.75 20.58
C PRO B 1163 43.06 50.71 19.81
N ILE B 1164 43.15 51.06 18.52
CA ILE B 1164 42.04 50.99 17.60
C ILE B 1164 42.39 49.99 16.51
N ASP B 1165 41.76 48.82 16.56
CA ASP B 1165 41.99 47.74 15.59
C ASP B 1165 43.46 47.31 15.57
N GLY B 1166 44.07 47.29 16.75
CA GLY B 1166 45.47 46.93 16.83
C GLY B 1166 45.89 46.68 18.26
N TYR B 1167 47.20 46.70 18.47
CA TYR B 1167 47.77 46.49 19.80
C TYR B 1167 48.88 47.50 20.04
N PHE B 1168 49.11 47.80 21.31
CA PHE B 1168 50.24 48.64 21.74
C PHE B 1168 51.38 47.70 22.13
N VAL B 1169 52.35 47.54 21.24
CA VAL B 1169 53.39 46.52 21.40
C VAL B 1169 54.75 47.19 21.46
N LEU B 1170 55.69 46.48 22.07
CA LEU B 1170 57.09 46.88 22.06
C LEU B 1170 57.79 46.32 20.83
N ASN B 1171 59.04 46.73 20.64
CA ASN B 1171 59.81 46.28 19.49
C ASN B 1171 61.11 45.62 19.94
N ASP B 1180 59.62 50.14 27.37
CA ASP B 1180 59.54 51.58 27.53
C ASP B 1180 58.82 52.24 26.37
N GLN B 1181 59.36 52.08 25.17
CA GLN B 1181 58.83 52.73 23.98
C GLN B 1181 57.77 51.85 23.34
N TRP B 1182 56.51 52.26 23.44
CA TRP B 1182 55.39 51.52 22.89
C TRP B 1182 55.05 52.03 21.50
N TYR B 1183 54.62 51.12 20.63
CA TYR B 1183 54.21 51.46 19.27
C TYR B 1183 52.77 50.98 19.05
N TYR B 1184 52.32 51.08 17.80
CA TYR B 1184 51.04 50.53 17.37
C TYR B 1184 51.27 49.62 16.19
N THR B 1185 50.79 48.38 16.29
CA THR B 1185 50.83 47.44 15.19
C THR B 1185 49.41 47.08 14.77
N GLY B 1186 49.25 46.79 13.50
CA GLY B 1186 47.97 46.28 13.03
C GLY B 1186 47.72 44.88 13.53
N SER B 1187 46.44 44.51 13.55
CA SER B 1187 46.06 43.18 14.01
C SER B 1187 46.60 42.09 13.09
N SER B 1188 46.48 42.28 11.78
CA SER B 1188 46.77 41.23 10.82
C SER B 1188 48.19 41.29 10.26
N PHE B 1189 49.01 42.23 10.73
CA PHE B 1189 50.37 42.33 10.22
C PHE B 1189 51.20 43.10 11.24
N PHE B 1190 52.47 42.72 11.36
CA PHE B 1190 53.37 43.33 12.34
C PHE B 1190 54.15 44.44 11.65
N ASN B 1191 53.95 45.68 12.10
CA ASN B 1191 54.66 46.83 11.59
C ASN B 1191 54.56 47.98 12.59
N PRO B 1192 55.48 48.08 13.55
CA PRO B 1192 55.38 49.12 14.57
C PRO B 1192 55.32 50.51 13.95
N GLU B 1193 54.35 51.29 14.43
CA GLU B 1193 54.15 52.67 13.99
C GLU B 1193 53.96 53.55 15.20
N PRO B 1194 54.27 54.84 15.09
CA PRO B 1194 54.07 55.75 16.23
C PRO B 1194 52.62 55.79 16.65
N ILE B 1195 52.41 55.86 17.97
CA ILE B 1195 51.06 55.92 18.53
C ILE B 1195 50.55 57.34 18.37
N THR B 1196 49.56 57.52 17.49
CA THR B 1196 48.96 58.82 17.22
C THR B 1196 47.45 58.71 17.44
N MET B 1197 46.75 59.82 17.20
CA MET B 1197 45.30 59.82 17.33
C MET B 1197 44.63 58.93 16.31
N ALA B 1198 45.31 58.60 15.21
CA ALA B 1198 44.74 57.75 14.19
C ALA B 1198 44.57 56.31 14.65
N ASN B 1199 45.28 55.89 15.71
CA ASN B 1199 45.22 54.52 16.18
C ASN B 1199 45.08 54.43 17.70
N ALA B 1200 44.59 55.49 18.35
CA ALA B 1200 44.39 55.49 19.79
C ALA B 1200 43.10 56.21 20.14
N ARG B 1201 42.36 55.64 21.08
CA ARG B 1201 41.14 56.26 21.59
C ARG B 1201 41.23 56.39 23.10
N TYR B 1202 40.60 57.43 23.63
CA TYR B 1202 40.61 57.69 25.06
C TYR B 1202 39.68 56.72 25.79
N VAL B 1203 40.18 56.12 26.86
CA VAL B 1203 39.42 55.17 27.66
C VAL B 1203 39.62 55.51 29.13
N SER B 1204 38.75 54.93 29.97
CA SER B 1204 38.80 55.19 31.40
C SER B 1204 40.00 54.50 32.04
N GLN B 1205 40.23 54.82 33.31
CA GLN B 1205 41.35 54.26 34.03
C GLN B 1205 41.13 52.79 34.34
N ASP B 1206 42.13 51.96 34.04
CA ASP B 1206 42.11 50.55 34.37
C ASP B 1206 43.45 50.17 34.99
N VAL B 1207 43.41 49.39 36.07
CA VAL B 1207 44.63 49.06 36.79
C VAL B 1207 45.52 48.10 36.01
N LYS B 1208 44.99 47.49 34.95
CA LYS B 1208 45.78 46.59 34.11
C LYS B 1208 46.53 47.34 33.00
N PHE B 1209 46.40 48.66 32.93
CA PHE B 1209 47.07 49.44 31.90
C PHE B 1209 48.52 49.67 32.31
N GLU B 1210 49.21 50.55 31.58
CA GLU B 1210 50.61 50.87 31.84
C GLU B 1210 50.72 52.31 32.29
N ASN B 1211 51.45 52.54 33.38
CA ASN B 1211 51.65 53.87 33.94
C ASN B 1211 52.91 54.45 33.34
N LEU B 1212 52.78 55.04 32.16
CA LEU B 1212 53.93 55.64 31.48
C LEU B 1212 54.37 56.90 32.22
N THR B 1213 55.68 57.03 32.45
CA THR B 1213 56.24 58.17 33.15
C THR B 1213 57.17 59.02 32.30
N ASN B 1214 57.75 58.46 31.24
CA ASN B 1214 58.64 59.20 30.36
C ASN B 1214 58.46 58.72 28.93
N GLN B 1215 58.84 59.58 27.98
CA GLN B 1215 58.72 59.30 26.55
C GLN B 1215 57.26 58.98 26.18
N LEU B 1216 56.36 59.86 26.64
CA LEU B 1216 54.94 59.67 26.41
C LEU B 1216 54.59 59.86 24.93
N PRO B 1217 53.56 59.18 24.46
CA PRO B 1217 53.04 59.45 23.12
C PRO B 1217 52.38 60.81 23.06
N PRO B 1218 52.21 61.39 21.88
CA PRO B 1218 51.58 62.71 21.75
C PRO B 1218 50.20 62.79 22.38
N PRO B 1219 49.35 61.73 22.26
CA PRO B 1219 48.00 61.85 22.86
C PRO B 1219 48.00 61.96 24.38
N LEU B 1220 49.16 61.91 25.02
CA LEU B 1220 49.27 61.99 26.47
C LEU B 1220 50.24 63.10 26.87
N LEU B 1221 50.08 64.27 26.25
CA LEU B 1221 50.98 65.39 26.49
C LEU B 1221 50.19 66.66 26.72
N ASN B 1222 50.84 67.62 27.39
CA ASN B 1222 50.25 68.91 27.72
C ASN B 1222 49.00 68.78 28.58
N ASP C 18 -22.73 -44.82 26.30
CA ASP C 18 -22.16 -46.15 26.39
C ASP C 18 -21.63 -46.43 27.79
N VAL C 19 -21.48 -45.38 28.60
CA VAL C 19 -20.96 -45.53 29.95
C VAL C 19 -22.01 -46.19 30.84
N ASP C 20 -21.55 -47.05 31.75
CA ASP C 20 -22.48 -47.81 32.59
C ASP C 20 -23.29 -46.90 33.49
N SER C 21 -22.65 -45.87 34.06
CA SER C 21 -23.25 -44.84 34.91
C SER C 21 -23.73 -45.39 36.25
N GLY C 22 -23.50 -46.66 36.55
CA GLY C 22 -23.87 -47.21 37.84
C GLY C 22 -25.30 -47.73 37.86
N PRO C 23 -25.63 -48.49 38.91
CA PRO C 23 -26.98 -49.04 38.99
C PRO C 23 -28.01 -47.96 39.22
N PRO C 24 -29.23 -48.14 38.73
CA PRO C 24 -30.28 -47.16 39.01
C PRO C 24 -30.62 -47.12 40.50
N SER C 25 -30.96 -45.93 40.98
CA SER C 25 -31.23 -45.74 42.40
C SER C 25 -32.50 -46.47 42.81
N SER C 26 -32.49 -47.03 44.03
CA SER C 26 -33.59 -47.81 44.56
C SER C 26 -34.52 -47.01 45.46
N ALA C 27 -34.28 -45.71 45.63
CA ALA C 27 -35.11 -44.90 46.51
C ALA C 27 -36.53 -44.81 45.96
N THR C 28 -37.52 -45.10 46.81
CA THR C 28 -38.90 -45.09 46.37
C THR C 28 -39.44 -43.67 46.23
N SER C 29 -39.06 -42.78 47.14
CA SER C 29 -39.57 -41.42 47.13
C SER C 29 -38.42 -40.43 47.34
N CYS C 30 -38.62 -39.22 46.86
CA CYS C 30 -37.65 -38.15 47.03
C CYS C 30 -37.91 -37.40 48.34
N LYS C 31 -36.90 -36.66 48.79
CA LYS C 31 -36.97 -35.97 50.07
C LYS C 31 -37.54 -34.57 49.90
N GLU C 32 -38.39 -34.17 50.84
CA GLU C 32 -39.04 -32.86 50.78
C GLU C 32 -38.01 -31.76 51.00
N ALA C 33 -38.14 -30.68 50.23
CA ALA C 33 -37.25 -29.54 50.30
C ALA C 33 -38.05 -28.29 50.62
N ASP C 34 -37.54 -27.50 51.57
CA ASP C 34 -38.18 -26.25 51.96
C ASP C 34 -37.82 -25.17 50.95
N MET C 35 -38.82 -24.68 50.23
CA MET C 35 -38.60 -23.71 49.17
C MET C 35 -38.58 -22.30 49.76
N ARG C 36 -37.51 -21.56 49.49
CA ARG C 36 -37.37 -20.18 49.95
C ARG C 36 -37.05 -19.29 48.78
N ASN C 37 -37.83 -18.22 48.61
CA ASN C 37 -37.61 -17.28 47.54
C ASN C 37 -36.47 -16.32 47.90
N SER C 38 -36.07 -15.50 46.91
CA SER C 38 -35.01 -14.55 47.14
C SER C 38 -35.41 -13.45 48.12
N SER C 39 -36.71 -13.29 48.37
CA SER C 39 -37.17 -12.26 49.30
C SER C 39 -36.92 -12.63 50.75
N SER C 40 -36.64 -13.89 51.04
CA SER C 40 -36.37 -14.30 52.41
C SER C 40 -35.05 -13.74 52.89
N GLU C 41 -35.00 -13.38 54.19
CA GLU C 41 -33.80 -12.77 54.75
C GLU C 41 -32.60 -13.71 54.69
N PHE C 42 -32.85 -15.02 54.67
CA PHE C 42 -31.74 -15.98 54.69
C PHE C 42 -30.92 -15.92 53.41
N PHE C 43 -31.56 -15.63 52.27
CA PHE C 43 -30.86 -15.60 50.99
C PHE C 43 -30.84 -14.22 50.34
N ASN C 44 -31.46 -13.21 50.96
CA ASN C 44 -31.47 -11.86 50.40
C ASN C 44 -30.26 -11.04 50.85
N LYS C 45 -29.41 -11.59 51.71
CA LYS C 45 -28.25 -10.87 52.19
C LYS C 45 -27.27 -10.63 51.05
N GLN C 46 -26.88 -9.37 50.86
CA GLN C 46 -25.95 -9.00 49.81
C GLN C 46 -24.58 -8.72 50.40
N TRP C 47 -23.57 -9.39 49.85
CA TRP C 47 -22.16 -9.11 50.16
C TRP C 47 -21.50 -8.84 48.82
N PRO C 48 -21.52 -7.60 48.35
CA PRO C 48 -21.02 -7.31 47.01
C PRO C 48 -19.56 -7.71 46.84
N MET C 49 -19.25 -8.27 45.67
CA MET C 49 -17.90 -8.72 45.35
C MET C 49 -17.67 -8.50 43.87
N PRO C 50 -17.62 -7.26 43.43
CA PRO C 50 -17.54 -6.98 41.99
C PRO C 50 -16.18 -7.35 41.42
N ILE C 51 -16.16 -7.56 40.11
CA ILE C 51 -14.92 -7.90 39.42
C ILE C 51 -13.99 -6.68 39.45
N ASN C 52 -12.79 -6.87 39.99
CA ASN C 52 -11.76 -5.85 40.01
C ASN C 52 -10.63 -6.31 39.10
N ALA C 53 -10.35 -5.52 38.07
CA ALA C 53 -9.31 -5.87 37.12
C ALA C 53 -7.91 -5.65 37.69
N SER C 54 -7.77 -4.72 38.63
CA SER C 54 -6.45 -4.47 39.22
C SER C 54 -5.93 -5.69 39.97
N LYS C 55 -6.83 -6.52 40.47
CA LYS C 55 -6.46 -7.79 41.09
C LYS C 55 -6.44 -8.95 40.10
N ALA C 56 -6.78 -8.70 38.83
CA ALA C 56 -6.82 -9.73 37.79
C ALA C 56 -7.80 -10.85 38.18
N ASP C 57 -9.06 -10.48 38.33
CA ASP C 57 -10.10 -11.41 38.77
C ASP C 57 -10.70 -12.11 37.56
N GLY C 58 -10.77 -13.44 37.63
CA GLY C 58 -11.40 -14.22 36.58
C GLY C 58 -10.73 -14.11 35.23
N ILE C 59 -9.40 -14.11 35.20
CA ILE C 59 -8.65 -14.01 33.96
C ILE C 59 -8.15 -15.39 33.58
N ILE C 60 -8.65 -15.92 32.47
CA ILE C 60 -8.21 -17.21 31.97
C ILE C 60 -6.83 -17.06 31.34
N TYR C 61 -5.89 -17.90 31.76
CA TYR C 61 -4.56 -17.84 31.21
C TYR C 61 -4.54 -18.41 29.78
N PRO C 62 -3.63 -17.93 28.93
CA PRO C 62 -3.48 -18.52 27.60
C PRO C 62 -3.21 -20.02 27.68
N THR C 63 -3.77 -20.75 26.71
CA THR C 63 -3.86 -22.21 26.83
C THR C 63 -2.49 -22.88 26.73
N GLY C 64 -1.69 -22.51 25.74
CA GLY C 64 -0.47 -23.25 25.50
C GLY C 64 0.80 -22.42 25.48
N LYS C 65 0.75 -21.21 26.04
CA LYS C 65 1.90 -20.31 26.04
C LYS C 65 2.01 -19.62 27.39
N SER C 66 3.21 -19.13 27.67
CA SER C 66 3.47 -18.31 28.84
C SER C 66 4.26 -17.08 28.41
N TYR C 67 4.15 -16.02 29.21
CA TYR C 67 4.86 -14.77 28.95
C TYR C 67 5.55 -14.32 30.24
N SER C 68 6.70 -13.66 30.08
CA SER C 68 7.50 -13.23 31.22
C SER C 68 7.81 -11.74 31.12
N ASN C 69 7.42 -10.99 32.13
CA ASN C 69 7.85 -9.60 32.31
C ASN C 69 7.47 -8.71 31.13
N ILE C 70 6.26 -8.92 30.61
CA ILE C 70 5.74 -8.09 29.52
C ILE C 70 4.26 -7.82 29.76
N SER C 71 3.83 -6.60 29.47
CA SER C 71 2.43 -6.21 29.49
C SER C 71 1.92 -6.15 28.06
N LEU C 72 1.02 -7.06 27.70
CA LEU C 72 0.58 -7.21 26.33
C LEU C 72 -0.94 -7.32 26.28
N THR C 73 -1.49 -7.00 25.11
CA THR C 73 -2.92 -6.96 24.90
C THR C 73 -3.37 -8.26 24.23
N LEU C 74 -4.41 -8.87 24.79
CA LEU C 74 -5.00 -10.09 24.25
C LEU C 74 -6.48 -9.91 24.00
N GLN C 75 -7.03 -10.77 23.14
CA GLN C 75 -8.45 -10.82 22.85
C GLN C 75 -8.98 -12.18 23.28
N GLY C 76 -10.05 -12.18 24.06
CA GLY C 76 -10.61 -13.42 24.53
C GLY C 76 -11.89 -13.24 25.31
N LEU C 77 -12.22 -14.21 26.15
CA LEU C 77 -13.42 -14.16 26.98
C LEU C 77 -13.02 -13.72 28.39
N PHE C 78 -13.54 -12.58 28.81
CA PHE C 78 -13.16 -11.97 30.07
C PHE C 78 -14.40 -11.40 30.75
N PRO C 79 -14.37 -11.23 32.08
CA PRO C 79 -15.48 -10.59 32.77
C PRO C 79 -15.33 -9.07 32.79
N LYS C 80 -16.46 -8.39 32.67
CA LYS C 80 -16.46 -6.92 32.65
C LYS C 80 -16.07 -6.37 34.01
N HIS C 81 -15.21 -5.35 34.00
CA HIS C 81 -14.79 -4.72 35.24
C HIS C 81 -15.96 -4.04 35.93
N GLY C 82 -16.06 -4.26 37.24
CA GLY C 82 -17.14 -3.70 38.03
C GLY C 82 -18.41 -4.52 38.02
N ASP C 83 -18.47 -5.60 37.25
CA ASP C 83 -19.66 -6.44 37.21
C ASP C 83 -19.84 -7.14 38.56
N LEU C 84 -21.06 -7.13 39.07
CA LEU C 84 -21.34 -7.72 40.37
C LEU C 84 -21.69 -9.19 40.29
N GLY C 85 -22.37 -9.61 39.21
CA GLY C 85 -22.72 -11.01 39.04
C GLY C 85 -23.77 -11.50 39.99
N GLU C 86 -24.37 -12.64 39.69
CA GLU C 86 -25.36 -13.22 40.57
C GLU C 86 -24.70 -13.79 41.82
N GLN C 87 -25.40 -13.67 42.95
CA GLN C 87 -24.91 -14.14 44.23
C GLN C 87 -25.78 -15.29 44.71
N TYR C 88 -25.16 -16.35 45.21
CA TYR C 88 -25.86 -17.55 45.64
C TYR C 88 -25.38 -17.96 47.02
N ILE C 89 -26.28 -18.58 47.78
CA ILE C 89 -26.00 -19.07 49.12
C ILE C 89 -26.52 -20.50 49.22
N TYR C 90 -25.72 -21.40 49.79
CA TYR C 90 -26.06 -22.81 49.83
C TYR C 90 -26.51 -23.31 51.20
N SER C 91 -26.56 -22.43 52.21
CA SER C 91 -27.01 -22.80 53.55
C SER C 91 -26.22 -23.99 54.10
N VAL C 92 -24.90 -23.91 53.99
CA VAL C 92 -24.03 -24.97 54.49
C VAL C 92 -24.11 -25.06 56.00
N LEU C 102 -32.02 -35.53 59.57
CA LEU C 102 -31.76 -34.32 58.80
C LEU C 102 -33.05 -33.54 58.58
N GLY C 103 -34.17 -34.27 58.47
CA GLY C 103 -35.44 -33.62 58.26
C GLY C 103 -35.58 -33.03 56.87
N LYS C 104 -36.37 -31.96 56.77
CA LYS C 104 -36.61 -31.32 55.50
C LYS C 104 -35.36 -30.61 55.00
N LEU C 105 -35.26 -30.46 53.69
CA LEU C 105 -34.12 -29.81 53.05
C LEU C 105 -34.38 -28.31 52.94
N PHE C 106 -33.39 -27.51 53.35
CA PHE C 106 -33.46 -26.05 53.26
C PHE C 106 -32.70 -25.64 52.00
N VAL C 107 -33.45 -25.25 50.97
CA VAL C 107 -32.89 -24.93 49.66
C VAL C 107 -33.45 -23.59 49.19
N SER C 108 -33.12 -23.23 47.95
CA SER C 108 -33.53 -21.96 47.37
C SER C 108 -34.22 -22.15 46.02
N ASP C 109 -34.42 -21.05 45.30
CA ASP C 109 -35.09 -21.03 44.00
C ASP C 109 -34.15 -21.30 42.84
N TYR C 110 -32.89 -21.63 43.11
CA TYR C 110 -31.90 -21.77 42.05
C TYR C 110 -32.24 -22.91 41.09
N ALA C 111 -32.90 -23.96 41.58
CA ALA C 111 -33.20 -25.11 40.75
C ALA C 111 -34.19 -24.81 39.63
N THR C 112 -35.01 -23.76 39.79
CA THR C 112 -36.03 -23.44 38.81
C THR C 112 -35.62 -22.32 37.86
N LYS C 113 -34.74 -21.43 38.28
CA LYS C 113 -34.26 -20.37 37.40
C LYS C 113 -33.42 -20.97 36.27
N VAL C 114 -33.59 -20.42 35.07
CA VAL C 114 -32.81 -20.80 33.91
C VAL C 114 -32.20 -19.55 33.32
N VAL C 115 -30.88 -19.54 33.15
CA VAL C 115 -30.18 -18.35 32.69
C VAL C 115 -29.36 -18.68 31.44
N PRO C 116 -29.15 -17.73 30.54
CA PRO C 116 -28.44 -18.03 29.30
C PRO C 116 -26.97 -18.33 29.51
N PHE C 117 -26.41 -19.08 28.57
CA PHE C 117 -24.98 -19.39 28.55
C PHE C 117 -24.40 -18.74 27.30
N ASN C 118 -24.02 -17.47 27.45
CA ASN C 118 -23.40 -16.69 26.37
C ASN C 118 -21.94 -16.49 26.73
N ASN C 119 -21.05 -17.07 25.93
CA ASN C 119 -19.60 -16.99 26.05
C ASN C 119 -19.07 -17.67 27.31
N GLY C 120 -19.93 -18.26 28.13
CA GLY C 120 -19.50 -18.91 29.35
C GLY C 120 -19.50 -17.97 30.55
N PHE C 121 -19.22 -18.56 31.71
CA PHE C 121 -19.22 -17.82 32.97
C PHE C 121 -18.01 -18.22 33.81
N VAL C 122 -17.63 -17.33 34.71
CA VAL C 122 -16.55 -17.56 35.66
C VAL C 122 -17.13 -17.43 37.07
N VAL C 123 -16.71 -18.32 37.96
CA VAL C 123 -17.29 -18.44 39.30
C VAL C 123 -16.22 -18.17 40.34
N ARG C 124 -16.53 -17.31 41.31
CA ARG C 124 -15.67 -17.03 42.43
C ARG C 124 -16.12 -17.88 43.62
N ILE C 125 -15.21 -18.71 44.12
CA ILE C 125 -15.52 -19.70 45.16
C ILE C 125 -14.93 -19.23 46.47
N GLY C 126 -15.74 -19.19 47.51
CA GLY C 126 -15.28 -18.78 48.83
C GLY C 126 -15.08 -17.28 48.96
N LYS C 146 -15.65 -23.92 52.95
CA LYS C 146 -15.65 -23.73 51.49
C LYS C 146 -16.57 -24.74 50.82
N ILE C 147 -17.30 -24.28 49.81
CA ILE C 147 -18.24 -25.12 49.09
C ILE C 147 -17.98 -24.95 47.59
N TYR C 148 -18.39 -25.96 46.82
CA TYR C 148 -18.17 -25.98 45.39
C TYR C 148 -19.51 -25.95 44.66
N PRO C 149 -19.68 -25.10 43.67
CA PRO C 149 -20.98 -24.99 43.00
C PRO C 149 -21.32 -26.23 42.18
N ALA C 150 -22.61 -26.51 42.09
CA ALA C 150 -23.13 -27.58 41.24
C ALA C 150 -23.95 -26.97 40.11
N PHE C 151 -23.68 -27.39 38.89
CA PHE C 151 -24.32 -26.80 37.71
C PHE C 151 -25.04 -27.87 36.90
N MET C 152 -26.00 -27.42 36.11
CA MET C 152 -26.74 -28.26 35.17
C MET C 152 -26.82 -27.50 33.85
N LEU C 153 -25.93 -27.82 32.92
CA LEU C 153 -25.85 -27.13 31.64
C LEU C 153 -26.44 -28.02 30.55
N GLY C 154 -27.28 -27.42 29.70
CA GLY C 154 -27.94 -28.13 28.63
C GLY C 154 -28.26 -27.19 27.49
N SER C 155 -28.83 -27.75 26.42
CA SER C 155 -29.16 -27.00 25.22
C SER C 155 -30.64 -26.62 25.16
N SER C 156 -31.53 -27.60 25.26
CA SER C 156 -32.96 -27.38 25.17
C SER C 156 -33.58 -27.49 26.56
N VAL C 157 -34.36 -26.49 26.93
CA VAL C 157 -34.94 -26.38 28.27
C VAL C 157 -36.44 -26.15 28.15
N GLY C 158 -37.21 -26.82 29.01
CA GLY C 158 -38.64 -26.63 29.09
C GLY C 158 -39.14 -26.60 30.51
N ASN C 159 -40.19 -27.37 30.81
CA ASN C 159 -40.68 -27.47 32.18
C ASN C 159 -41.25 -28.87 32.39
N PHE C 160 -41.35 -29.24 33.67
CA PHE C 160 -41.72 -30.60 34.05
C PHE C 160 -43.21 -30.82 33.93
N SER C 161 -43.66 -31.99 34.40
CA SER C 161 -45.08 -32.33 34.35
C SER C 161 -45.91 -31.54 35.35
N ASN C 162 -45.28 -30.92 36.34
CA ASN C 162 -45.96 -30.14 37.35
C ASN C 162 -46.02 -28.65 36.99
N GLY C 163 -45.49 -28.26 35.84
CA GLY C 163 -45.43 -26.87 35.46
C GLY C 163 -44.22 -26.12 36.00
N VAL C 164 -43.35 -26.79 36.75
CA VAL C 164 -42.16 -26.15 37.28
C VAL C 164 -41.07 -26.13 36.22
N SER C 165 -40.50 -24.96 35.97
CA SER C 165 -39.46 -24.85 34.96
C SER C 165 -38.16 -25.49 35.46
N GLY C 166 -37.28 -25.80 34.50
CA GLY C 166 -35.98 -26.33 34.84
C GLY C 166 -35.72 -27.74 34.32
N ARG C 167 -36.51 -28.17 33.34
CA ARG C 167 -36.29 -29.47 32.73
C ARG C 167 -35.37 -29.33 31.53
N TYR C 168 -34.38 -30.22 31.44
CA TYR C 168 -33.40 -30.20 30.37
C TYR C 168 -33.61 -31.43 29.50
N PHE C 169 -33.86 -31.21 28.22
CA PHE C 169 -34.07 -32.29 27.28
C PHE C 169 -32.77 -32.68 26.59
N ASN C 170 -32.77 -33.88 26.01
CA ASN C 170 -31.61 -34.44 25.32
C ASN C 170 -30.41 -34.51 26.26
N HIS C 171 -29.21 -34.54 25.71
CA HIS C 171 -28.02 -34.70 26.53
C HIS C 171 -27.77 -33.43 27.34
N THR C 172 -27.57 -33.61 28.64
CA THR C 172 -27.31 -32.51 29.56
C THR C 172 -25.98 -32.73 30.26
N LEU C 173 -25.26 -31.64 30.51
CA LEU C 173 -23.96 -31.68 31.15
C LEU C 173 -24.12 -31.37 32.63
N LEU C 174 -23.62 -32.26 33.48
CA LEU C 174 -23.68 -32.08 34.93
C LEU C 174 -22.27 -31.88 35.47
N LEU C 175 -22.10 -30.84 36.28
CA LEU C 175 -20.85 -30.57 37.00
C LEU C 175 -21.17 -30.71 38.49
N LEU C 176 -20.98 -31.92 39.01
CA LEU C 176 -21.39 -32.24 40.38
C LEU C 176 -20.18 -32.45 41.28
N PRO C 177 -19.90 -31.54 42.20
CA PRO C 177 -18.83 -31.80 43.17
C PRO C 177 -19.21 -32.94 44.08
N ASP C 178 -18.19 -33.67 44.54
CA ASP C 178 -18.46 -34.87 45.32
C ASP C 178 -17.22 -35.22 46.13
N GLY C 179 -17.34 -36.23 46.97
CA GLY C 179 -16.25 -36.66 47.83
C GLY C 179 -15.83 -35.63 48.85
N CYS C 180 -16.80 -34.92 49.43
CA CYS C 180 -16.53 -33.88 50.41
C CYS C 180 -15.53 -32.85 49.86
N GLY C 181 -15.72 -32.48 48.60
CA GLY C 181 -14.85 -31.52 47.95
C GLY C 181 -13.58 -32.08 47.35
N THR C 182 -13.44 -33.40 47.29
CA THR C 182 -12.24 -34.02 46.74
C THR C 182 -12.43 -34.56 45.34
N ARG C 183 -13.57 -34.27 44.69
CA ARG C 183 -13.83 -34.79 43.36
C ARG C 183 -14.87 -33.93 42.67
N LEU C 184 -14.78 -33.89 41.34
CA LEU C 184 -15.74 -33.17 40.50
C LEU C 184 -16.17 -34.10 39.37
N TRP C 185 -17.35 -34.69 39.51
CA TRP C 185 -17.90 -35.52 38.44
C TRP C 185 -18.31 -34.64 37.26
N ALA C 186 -18.17 -35.19 36.05
CA ALA C 186 -18.62 -34.54 34.83
C ALA C 186 -19.38 -35.58 34.01
N LEU C 187 -20.67 -35.36 33.82
CA LEU C 187 -21.54 -36.30 33.13
C LEU C 187 -22.22 -35.62 31.96
N TYR C 188 -22.44 -36.38 30.89
CA TYR C 188 -23.17 -35.92 29.71
C TYR C 188 -24.21 -37.01 29.42
N CYS C 189 -25.35 -36.91 30.10
CA CYS C 189 -26.37 -37.95 30.07
C CYS C 189 -27.70 -37.34 29.65
N VAL C 190 -28.72 -38.19 29.57
CA VAL C 190 -30.11 -37.76 29.41
C VAL C 190 -30.81 -38.07 30.72
N ILE C 191 -31.23 -37.03 31.43
CA ILE C 191 -31.85 -37.20 32.74
C ILE C 191 -33.36 -37.35 32.55
N GLU C 192 -33.90 -38.44 33.08
CA GLU C 192 -35.34 -38.70 33.01
C GLU C 192 -35.95 -38.53 34.39
N PRO C 193 -36.91 -37.60 34.55
CA PRO C 193 -37.49 -37.37 35.88
C PRO C 193 -38.27 -38.59 36.36
N ARG C 194 -37.89 -39.11 37.52
CA ARG C 194 -38.58 -40.25 38.09
C ARG C 194 -39.94 -39.83 38.64
N ASN C 195 -40.89 -40.76 38.59
CA ASN C 195 -42.28 -40.48 38.93
C ASN C 195 -42.62 -40.77 40.38
N GLY C 196 -41.62 -40.98 41.24
CA GLY C 196 -41.88 -41.18 42.64
C GLY C 196 -42.31 -39.89 43.34
N SER C 197 -42.71 -40.04 44.59
CA SER C 197 -43.19 -38.90 45.36
C SER C 197 -42.07 -37.90 45.61
N TYR C 198 -42.41 -36.61 45.58
CA TYR C 198 -41.49 -35.49 45.75
C TYR C 198 -40.42 -35.42 44.68
N CYS C 199 -40.55 -36.21 43.62
CA CYS C 199 -39.59 -36.26 42.53
C CYS C 199 -40.09 -35.46 41.34
N PRO C 200 -39.20 -35.09 40.41
CA PRO C 200 -39.62 -34.19 39.31
C PRO C 200 -40.69 -34.77 38.41
N GLY C 201 -40.90 -36.08 38.39
CA GLY C 201 -41.90 -36.67 37.53
C GLY C 201 -43.24 -36.90 38.21
N ASN C 202 -43.47 -36.23 39.32
CA ASN C 202 -44.68 -36.43 40.12
C ASN C 202 -45.57 -35.19 40.07
N SER C 203 -46.80 -35.36 40.58
CA SER C 203 -47.73 -34.23 40.66
C SER C 203 -47.24 -33.18 41.65
N ASN C 204 -46.59 -33.60 42.74
CA ASN C 204 -46.00 -32.67 43.71
C ASN C 204 -44.50 -32.60 43.46
N TYR C 205 -44.01 -31.40 43.18
CA TYR C 205 -42.58 -31.20 42.94
C TYR C 205 -42.25 -29.75 43.20
N ASN C 206 -41.44 -29.48 44.21
CA ASN C 206 -41.01 -28.13 44.53
C ASN C 206 -39.68 -27.80 43.86
N THR C 207 -38.63 -28.54 44.21
CA THR C 207 -37.30 -28.35 43.67
C THR C 207 -36.51 -29.64 43.85
N PHE C 208 -35.33 -29.67 43.22
CA PHE C 208 -34.38 -30.76 43.39
C PHE C 208 -33.08 -30.20 43.92
N ALA C 209 -32.43 -30.96 44.80
CA ALA C 209 -31.15 -30.52 45.36
C ALA C 209 -30.28 -31.74 45.63
N VAL C 210 -28.98 -31.50 45.66
CA VAL C 210 -27.99 -32.53 45.96
C VAL C 210 -27.51 -32.35 47.38
N PHE C 211 -27.62 -33.39 48.19
CA PHE C 211 -27.35 -33.30 49.62
C PHE C 211 -26.35 -34.38 50.04
N ASP C 212 -25.63 -34.08 51.11
CA ASP C 212 -24.73 -35.04 51.74
C ASP C 212 -25.49 -35.85 52.79
N THR C 213 -24.81 -36.86 53.33
CA THR C 213 -25.42 -37.74 54.33
C THR C 213 -25.72 -36.98 55.63
N ASN C 224 -17.54 -41.02 51.46
CA ASN C 224 -18.14 -41.68 50.30
C ASN C 224 -17.89 -40.87 49.04
N THR C 225 -17.15 -41.45 48.10
CA THR C 225 -16.82 -40.77 46.86
C THR C 225 -18.01 -40.59 45.94
N ASN C 226 -19.14 -41.23 46.23
CA ASN C 226 -20.36 -41.13 45.44
C ASN C 226 -21.49 -40.51 46.24
N ALA C 227 -21.19 -39.45 46.98
CA ALA C 227 -22.18 -38.86 47.89
C ALA C 227 -23.19 -38.00 47.14
N THR C 228 -22.73 -36.94 46.48
CA THR C 228 -23.66 -36.04 45.80
C THR C 228 -24.22 -36.68 44.53
N LEU C 229 -23.47 -37.58 43.90
CA LEU C 229 -23.98 -38.27 42.72
C LEU C 229 -25.17 -39.15 43.05
N ASN C 230 -25.12 -39.83 44.21
CA ASN C 230 -26.23 -40.67 44.62
C ASN C 230 -27.49 -39.85 44.87
N SER C 231 -27.33 -38.66 45.43
CA SER C 231 -28.48 -37.79 45.64
C SER C 231 -29.14 -37.40 44.33
N PHE C 232 -28.34 -37.12 43.30
CA PHE C 232 -28.87 -36.74 42.00
C PHE C 232 -29.66 -37.87 41.38
N LYS C 233 -29.17 -39.10 41.49
CA LYS C 233 -29.88 -40.25 40.93
C LYS C 233 -31.21 -40.50 41.61
N GLU C 234 -31.41 -39.98 42.83
CA GLU C 234 -32.69 -40.16 43.50
C GLU C 234 -33.80 -39.39 42.78
N TYR C 235 -33.44 -38.32 42.07
CA TYR C 235 -34.41 -37.52 41.32
C TYR C 235 -34.49 -37.91 39.85
N PHE C 236 -33.35 -38.05 39.19
CA PHE C 236 -33.29 -38.34 37.77
C PHE C 236 -32.65 -39.71 37.54
N ASP C 237 -32.99 -40.32 36.40
CA ASP C 237 -32.39 -41.57 35.96
C ASP C 237 -31.48 -41.27 34.78
N LEU C 238 -30.20 -41.63 34.90
CA LEU C 238 -29.21 -41.32 33.89
C LEU C 238 -29.20 -42.40 32.82
N GLN C 239 -29.50 -42.01 31.59
CA GLN C 239 -29.49 -42.92 30.46
C GLN C 239 -28.74 -42.28 29.29
N ASN C 240 -28.06 -43.12 28.52
CA ASN C 240 -27.26 -42.69 27.38
C ASN C 240 -26.17 -41.71 27.80
N CYS C 241 -25.43 -42.08 28.84
CA CYS C 241 -24.31 -41.26 29.31
C CYS C 241 -23.15 -41.41 28.35
N SER C 242 -22.86 -40.36 27.58
CA SER C 242 -21.77 -40.41 26.63
C SER C 242 -20.43 -40.57 27.31
N PHE C 243 -20.21 -39.84 28.40
CA PHE C 243 -18.97 -39.95 29.15
C PHE C 243 -19.21 -39.53 30.59
N ILE C 244 -18.48 -40.16 31.52
CA ILE C 244 -18.45 -39.77 32.92
C ILE C 244 -17.00 -39.59 33.32
N TYR C 245 -16.64 -38.39 33.74
CA TYR C 245 -15.27 -38.06 34.11
C TYR C 245 -15.20 -37.63 35.56
N SER C 246 -14.04 -37.84 36.17
CA SER C 246 -13.78 -37.43 37.54
C SER C 246 -12.46 -36.70 37.59
N PHE C 247 -12.45 -35.53 38.22
CA PHE C 247 -11.26 -34.71 38.36
C PHE C 247 -10.95 -34.52 39.84
N ASN C 248 -9.74 -34.86 40.24
CA ASN C 248 -9.35 -34.74 41.64
C ASN C 248 -9.06 -33.29 41.98
N ILE C 249 -9.67 -32.80 43.06
CA ILE C 249 -9.52 -31.42 43.49
C ILE C 249 -9.26 -31.35 44.98
N GLU C 256 -10.64 -19.71 45.50
CA GLU C 256 -10.50 -20.34 44.19
C GLU C 256 -11.33 -19.63 43.14
N TRP C 257 -11.07 -19.96 41.87
CA TRP C 257 -11.87 -19.51 40.76
C TRP C 257 -12.20 -20.70 39.86
N PHE C 258 -13.38 -20.65 39.25
CA PHE C 258 -13.81 -21.66 38.30
C PHE C 258 -14.44 -20.97 37.11
N GLY C 259 -14.26 -21.56 35.94
CA GLY C 259 -14.81 -20.98 34.73
C GLY C 259 -15.04 -22.05 33.68
N ILE C 260 -16.02 -21.79 32.82
CA ILE C 260 -16.37 -22.71 31.74
C ILE C 260 -16.61 -21.90 30.47
N THR C 261 -16.09 -22.41 29.36
CA THR C 261 -16.30 -21.83 28.05
C THR C 261 -16.59 -22.95 27.07
N GLN C 262 -17.26 -22.60 25.97
CA GLN C 262 -17.53 -23.54 24.90
C GLN C 262 -16.94 -23.01 23.60
N ASN C 263 -16.47 -23.95 22.78
CA ASN C 263 -15.77 -23.63 21.54
C ASN C 263 -16.08 -24.75 20.54
N THR C 264 -15.55 -24.61 19.33
CA THR C 264 -15.72 -25.65 18.33
C THR C 264 -15.10 -26.97 18.75
N GLN C 265 -14.13 -26.92 19.66
CA GLN C 265 -13.43 -28.13 20.13
C GLN C 265 -14.05 -28.73 21.38
N GLY C 266 -15.13 -28.16 21.90
CA GLY C 266 -15.84 -28.71 23.04
C GLY C 266 -15.96 -27.72 24.16
N VAL C 267 -16.46 -28.22 25.29
CA VAL C 267 -16.60 -27.42 26.51
C VAL C 267 -15.29 -27.49 27.29
N HIS C 268 -14.73 -26.34 27.61
CA HIS C 268 -13.46 -26.25 28.32
C HIS C 268 -13.70 -25.79 29.74
N LEU C 269 -13.12 -26.51 30.70
CA LEU C 269 -13.20 -26.18 32.11
C LEU C 269 -11.87 -25.58 32.56
N TYR C 270 -11.95 -24.51 33.35
CA TYR C 270 -10.78 -23.81 33.84
C TYR C 270 -10.84 -23.71 35.35
N SER C 271 -9.67 -23.69 35.99
CA SER C 271 -9.59 -23.62 37.44
C SER C 271 -8.28 -22.97 37.84
N SER C 272 -8.30 -22.27 38.97
CA SER C 272 -7.10 -21.65 39.52
C SER C 272 -6.25 -22.64 40.31
N ARG C 273 -6.75 -23.86 40.56
CA ARG C 273 -6.00 -24.83 41.32
C ARG C 273 -4.83 -25.39 40.53
N LYS C 274 -4.96 -25.50 39.20
CA LYS C 274 -3.86 -26.04 38.41
C LYS C 274 -2.63 -25.14 38.45
N GLY C 275 -2.83 -23.84 38.65
CA GLY C 275 -1.73 -22.91 38.87
C GLY C 275 -1.39 -22.80 40.33
N ASP C 276 -0.81 -21.67 40.70
CA ASP C 276 -0.54 -21.40 42.11
C ASP C 276 -1.84 -21.29 42.90
N LEU C 277 -1.88 -21.94 44.06
CA LEU C 277 -3.09 -21.91 44.88
C LEU C 277 -3.41 -20.50 45.34
N TYR C 278 -2.39 -19.74 45.75
CA TYR C 278 -2.61 -18.36 46.18
C TYR C 278 -2.97 -17.46 45.01
N GLY C 279 -2.76 -17.90 43.77
CA GLY C 279 -3.06 -17.08 42.62
C GLY C 279 -4.53 -17.13 42.23
N SER C 280 -4.90 -16.24 41.31
CA SER C 280 -6.26 -16.14 40.82
C SER C 280 -6.40 -16.53 39.35
N ASN C 281 -5.30 -16.71 38.64
CA ASN C 281 -5.37 -17.09 37.23
C ASN C 281 -5.92 -18.50 37.09
N MET C 282 -6.78 -18.68 36.09
CA MET C 282 -7.41 -19.97 35.84
C MET C 282 -6.71 -20.68 34.69
N PHE C 283 -6.47 -21.97 34.85
CA PHE C 283 -5.78 -22.79 33.87
C PHE C 283 -6.69 -23.92 33.40
N LEU C 284 -6.51 -24.31 32.15
CA LEU C 284 -7.31 -25.37 31.56
C LEU C 284 -6.94 -26.72 32.17
N PHE C 285 -7.95 -27.48 32.58
CA PHE C 285 -7.73 -28.79 33.16
C PHE C 285 -8.64 -29.87 32.61
N ALA C 286 -9.54 -29.53 31.68
CA ALA C 286 -10.46 -30.52 31.14
C ALA C 286 -11.05 -29.99 29.84
N THR C 287 -11.00 -30.80 28.79
CA THR C 287 -11.71 -30.56 27.55
C THR C 287 -12.74 -31.65 27.37
N LEU C 288 -14.00 -31.26 27.19
CA LEU C 288 -15.11 -32.21 27.21
C LEU C 288 -15.74 -32.31 25.84
N PRO C 289 -15.95 -33.52 25.32
CA PRO C 289 -16.56 -33.67 23.98
C PRO C 289 -18.04 -33.38 23.97
N VAL C 290 -18.42 -32.13 24.25
CA VAL C 290 -19.79 -31.66 24.15
C VAL C 290 -19.81 -30.61 23.05
N TYR C 291 -20.40 -30.94 21.91
CA TYR C 291 -20.32 -30.08 20.74
C TYR C 291 -21.65 -29.42 20.38
N ASP C 292 -22.75 -29.83 20.98
CA ASP C 292 -23.97 -29.06 20.88
C ASP C 292 -23.84 -27.78 21.69
N GLY C 293 -24.21 -26.66 21.10
CA GLY C 293 -24.06 -25.38 21.77
C GLY C 293 -24.90 -25.26 23.03
N ILE C 294 -24.25 -25.18 24.18
CA ILE C 294 -24.97 -25.02 25.44
C ILE C 294 -25.56 -23.61 25.48
N LYS C 295 -26.87 -23.53 25.75
CA LYS C 295 -27.56 -22.25 25.75
C LYS C 295 -28.10 -21.85 27.11
N TYR C 296 -28.19 -22.79 28.05
CA TYR C 296 -28.73 -22.48 29.37
C TYR C 296 -27.99 -23.29 30.43
N TYR C 297 -27.77 -22.68 31.59
CA TYR C 297 -27.22 -23.38 32.74
C TYR C 297 -28.04 -23.08 33.98
N THR C 298 -28.13 -24.06 34.87
CA THR C 298 -28.87 -23.94 36.11
C THR C 298 -27.98 -24.33 37.28
N VAL C 299 -27.98 -23.52 38.32
CA VAL C 299 -27.24 -23.82 39.54
C VAL C 299 -28.08 -24.76 40.40
N ILE C 300 -27.57 -25.96 40.64
CA ILE C 300 -28.30 -26.94 41.44
C ILE C 300 -28.14 -26.57 42.92
N PRO C 301 -29.24 -26.47 43.67
CA PRO C 301 -29.11 -26.20 45.10
C PRO C 301 -28.39 -27.34 45.80
N ARG C 302 -27.62 -26.98 46.83
CA ARG C 302 -26.88 -27.94 47.63
C ARG C 302 -27.22 -27.74 49.10
N SER C 303 -27.31 -28.83 49.84
CA SER C 303 -27.63 -28.79 51.27
C SER C 303 -26.63 -29.66 52.00
N ILE C 304 -25.67 -29.02 52.66
CA ILE C 304 -24.66 -29.75 53.43
C ILE C 304 -25.23 -30.16 54.78
N TRP C 314 -22.67 -19.78 55.91
CA TRP C 314 -23.22 -19.15 54.71
C TRP C 314 -22.17 -19.05 53.60
N ALA C 315 -21.77 -20.20 53.05
CA ALA C 315 -20.86 -20.19 51.93
C ALA C 315 -21.54 -19.60 50.71
N ALA C 316 -20.91 -18.59 50.10
CA ALA C 316 -21.51 -17.87 48.99
C ALA C 316 -20.53 -17.81 47.83
N PHE C 317 -21.06 -17.96 46.62
CA PHE C 317 -20.25 -17.89 45.40
C PHE C 317 -20.94 -16.96 44.40
N TYR C 318 -20.13 -16.35 43.54
CA TYR C 318 -20.58 -15.34 42.59
C TYR C 318 -20.26 -15.80 41.19
N ILE C 319 -21.22 -15.68 40.29
CA ILE C 319 -21.08 -16.08 38.90
C ILE C 319 -21.06 -14.83 38.04
N TYR C 320 -20.03 -14.70 37.21
CA TYR C 320 -19.87 -13.56 36.32
C TYR C 320 -19.87 -14.02 34.88
N SER C 321 -20.45 -13.21 34.00
CA SER C 321 -20.55 -13.56 32.60
C SER C 321 -19.29 -13.14 31.85
N LEU C 322 -18.94 -13.92 30.85
CA LEU C 322 -17.77 -13.65 30.02
C LEU C 322 -18.17 -12.92 28.75
N HIS C 323 -17.27 -12.07 28.26
CA HIS C 323 -17.53 -11.28 27.07
C HIS C 323 -16.28 -11.24 26.20
N LYS C 324 -16.49 -10.99 24.92
CA LYS C 324 -15.40 -10.90 23.95
C LYS C 324 -14.76 -9.51 24.02
N LEU C 325 -14.05 -9.29 25.12
CA LEU C 325 -13.44 -8.00 25.41
C LEU C 325 -11.97 -8.00 25.06
N THR C 326 -11.40 -6.81 25.01
CA THR C 326 -9.97 -6.62 24.86
C THR C 326 -9.38 -6.24 26.21
N TYR C 327 -8.30 -6.90 26.60
CA TYR C 327 -7.71 -6.74 27.92
C TYR C 327 -6.23 -6.44 27.80
N LEU C 328 -5.70 -5.80 28.83
CA LEU C 328 -4.27 -5.51 28.94
C LEU C 328 -3.74 -6.30 30.13
N LEU C 329 -3.14 -7.45 29.86
CA LEU C 329 -2.67 -8.36 30.90
C LEU C 329 -1.19 -8.15 31.14
N ASP C 330 -0.82 -7.97 32.41
CA ASP C 330 0.56 -7.72 32.81
C ASP C 330 1.16 -9.01 33.34
N PHE C 331 1.97 -9.67 32.53
CA PHE C 331 2.67 -10.87 32.95
C PHE C 331 3.93 -10.49 33.71
N SER C 332 4.10 -11.06 34.89
CA SER C 332 5.28 -10.80 35.70
C SER C 332 6.42 -11.69 35.20
N VAL C 333 7.53 -11.69 35.96
CA VAL C 333 8.65 -12.55 35.59
C VAL C 333 8.27 -14.01 35.71
N ASP C 334 7.57 -14.38 36.79
CA ASP C 334 7.16 -15.76 36.98
C ASP C 334 6.01 -16.17 36.06
N GLY C 335 5.40 -15.22 35.35
CA GLY C 335 4.43 -15.52 34.33
C GLY C 335 2.98 -15.30 34.71
N TYR C 336 2.68 -15.19 36.00
CA TYR C 336 1.31 -15.04 36.43
C TYR C 336 0.84 -13.60 36.31
N ILE C 337 -0.45 -13.43 36.04
CA ILE C 337 -1.04 -12.12 35.82
C ILE C 337 -1.59 -11.60 37.15
N ARG C 338 -1.11 -10.44 37.57
CA ARG C 338 -1.54 -9.84 38.83
C ARG C 338 -2.14 -8.46 38.65
N ARG C 339 -2.33 -8.00 37.42
CA ARG C 339 -2.86 -6.66 37.17
C ARG C 339 -3.34 -6.60 35.73
N ALA C 340 -4.59 -6.20 35.54
CA ALA C 340 -5.19 -6.16 34.22
C ALA C 340 -6.01 -4.90 34.05
N VAL C 341 -6.21 -4.50 32.80
CA VAL C 341 -7.03 -3.34 32.46
C VAL C 341 -8.06 -3.77 31.42
N ASP C 342 -9.32 -3.41 31.65
CA ASP C 342 -10.40 -3.64 30.70
C ASP C 342 -10.50 -2.42 29.81
N CYS C 343 -10.15 -2.57 28.53
CA CYS C 343 -10.01 -1.41 27.65
C CYS C 343 -11.32 -0.65 27.49
N GLY C 344 -12.43 -1.37 27.39
CA GLY C 344 -13.73 -0.77 27.22
C GLY C 344 -14.42 -0.35 28.50
N HIS C 345 -13.75 -0.43 29.65
CA HIS C 345 -14.36 -0.04 30.90
C HIS C 345 -14.65 1.45 30.94
N ASP C 346 -13.65 2.27 30.61
CA ASP C 346 -13.82 3.73 30.61
C ASP C 346 -12.79 4.32 29.65
N ASP C 347 -12.71 5.66 29.65
CA ASP C 347 -11.90 6.35 28.67
C ASP C 347 -10.41 6.12 28.89
N LEU C 348 -9.94 6.28 30.14
CA LEU C 348 -8.52 6.15 30.43
C LEU C 348 -8.02 4.74 30.17
N SER C 349 -8.86 3.73 30.37
CA SER C 349 -8.43 2.36 30.16
C SER C 349 -8.10 2.08 28.71
N GLN C 350 -8.83 2.69 27.77
CA GLN C 350 -8.47 2.56 26.35
C GLN C 350 -7.10 3.16 26.08
N LEU C 351 -6.71 4.18 26.85
CA LEU C 351 -5.40 4.79 26.69
C LEU C 351 -4.28 3.84 27.13
N TYR C 352 -4.48 3.15 28.26
CA TYR C 352 -3.49 2.19 28.72
C TYR C 352 -3.33 1.05 27.72
N CYS C 353 -4.43 0.60 27.12
CA CYS C 353 -4.37 -0.50 26.17
C CYS C 353 -3.63 -0.12 24.90
N SER C 354 -3.78 1.13 24.44
CA SER C 354 -3.17 1.55 23.19
C SER C 354 -1.65 1.47 23.26
N TYR C 355 -1.07 1.90 24.38
CA TYR C 355 0.37 1.83 24.58
C TYR C 355 0.85 0.48 25.07
N GLU C 356 -0.07 -0.42 25.45
CA GLU C 356 0.27 -1.71 26.04
C GLU C 356 1.21 -1.53 27.24
N SER C 357 0.90 -0.53 28.06
CA SER C 357 1.73 -0.22 29.20
C SER C 357 0.86 0.33 30.33
N PHE C 358 1.31 0.10 31.55
CA PHE C 358 0.68 0.66 32.74
C PHE C 358 1.29 1.99 33.17
N ASP C 359 2.38 2.41 32.53
CA ASP C 359 3.11 3.60 32.92
C ASP C 359 3.08 4.66 31.81
N VAL C 360 1.91 4.88 31.23
CA VAL C 360 1.77 5.87 30.17
C VAL C 360 1.95 7.26 30.77
N GLY C 361 2.82 8.06 30.16
CA GLY C 361 3.13 9.36 30.71
C GLY C 361 1.98 10.34 30.62
N SER C 362 2.11 11.41 31.38
CA SER C 362 1.08 12.43 31.43
C SER C 362 0.98 13.18 30.10
N GLY C 363 -0.19 13.71 29.83
CA GLY C 363 -0.42 14.45 28.60
C GLY C 363 -1.88 14.43 28.22
N VAL C 364 -2.15 15.02 27.06
CA VAL C 364 -3.47 14.99 26.45
C VAL C 364 -3.39 14.07 25.24
N TYR C 365 -4.22 13.04 25.22
CA TYR C 365 -4.19 12.03 24.18
C TYR C 365 -5.56 11.93 23.52
N SER C 366 -5.56 11.47 22.27
CA SER C 366 -6.78 11.21 21.52
C SER C 366 -7.02 9.71 21.45
N VAL C 367 -8.25 9.29 21.74
CA VAL C 367 -8.57 7.87 21.74
C VAL C 367 -9.67 7.59 20.74
N SER C 368 -10.07 6.32 20.63
CA SER C 368 -11.08 5.93 19.67
C SER C 368 -12.47 6.35 20.13
N SER C 369 -13.28 6.81 19.19
CA SER C 369 -14.67 7.12 19.46
C SER C 369 -15.46 5.85 19.72
N PHE C 370 -16.59 5.99 20.40
CA PHE C 370 -17.39 4.81 20.69
C PHE C 370 -18.28 4.47 19.50
N GLU C 371 -18.72 3.20 19.47
CA GLU C 371 -19.45 2.68 18.34
C GLU C 371 -20.77 3.41 18.15
N VAL C 372 -21.21 3.51 16.90
CA VAL C 372 -22.44 4.22 16.56
C VAL C 372 -23.58 3.22 16.51
N HIS C 373 -24.62 3.49 17.28
CA HIS C 373 -25.80 2.63 17.35
C HIS C 373 -26.90 3.19 16.45
N SER C 374 -27.53 2.30 15.68
CA SER C 374 -28.69 2.68 14.89
C SER C 374 -29.94 2.65 15.76
N ARG C 375 -30.68 3.75 15.77
CA ARG C 375 -31.86 3.89 16.61
C ARG C 375 -33.13 4.00 15.77
N GLY C 376 -33.24 3.17 14.74
CA GLY C 376 -34.40 3.16 13.89
C GLY C 376 -34.11 2.43 12.59
N GLN C 377 -35.06 2.55 11.66
CA GLN C 377 -34.95 1.87 10.38
C GLN C 377 -35.89 2.52 9.38
N PHE C 378 -35.33 2.95 8.25
CA PHE C 378 -36.09 3.58 7.18
C PHE C 378 -36.22 2.58 6.03
N ILE C 379 -37.45 2.21 5.71
CA ILE C 379 -37.72 1.19 4.69
C ILE C 379 -38.73 1.75 3.70
N GLU C 380 -38.39 1.66 2.41
CA GLU C 380 -39.30 2.04 1.32
C GLU C 380 -39.22 0.93 0.27
N GLN C 381 -40.05 -0.09 0.43
CA GLN C 381 -40.09 -1.21 -0.50
C GLN C 381 -41.42 -1.20 -1.24
N PRO C 382 -41.43 -0.90 -2.53
CA PRO C 382 -42.70 -0.87 -3.27
C PRO C 382 -43.25 -2.27 -3.50
N ASN C 383 -44.55 -2.33 -3.78
CA ASN C 383 -45.22 -3.59 -4.11
C ASN C 383 -44.99 -3.86 -5.60
N SER C 384 -43.77 -4.29 -5.91
CA SER C 384 -43.38 -4.51 -7.29
C SER C 384 -44.05 -5.77 -7.84
N VAL C 385 -44.06 -5.87 -9.17
CA VAL C 385 -44.66 -7.02 -9.82
C VAL C 385 -43.68 -8.19 -9.83
N GLU C 386 -44.21 -9.40 -9.94
CA GLU C 386 -43.37 -10.59 -9.96
C GLU C 386 -42.56 -10.66 -11.23
N CYS C 387 -41.35 -11.22 -11.11
CA CYS C 387 -40.51 -11.45 -12.28
C CYS C 387 -41.09 -12.56 -13.13
N ASP C 388 -40.69 -12.58 -14.41
CA ASP C 388 -41.25 -13.48 -15.40
C ASP C 388 -40.21 -14.53 -15.78
N PHE C 389 -40.35 -15.72 -15.20
CA PHE C 389 -39.50 -16.86 -15.53
C PHE C 389 -40.26 -17.92 -16.33
N THR C 390 -41.40 -17.55 -16.90
CA THR C 390 -42.22 -18.52 -17.63
C THR C 390 -41.48 -19.07 -18.84
N LYS C 391 -40.76 -18.22 -19.56
CA LYS C 391 -40.03 -18.67 -20.74
C LYS C 391 -39.01 -19.75 -20.38
N LEU C 392 -38.47 -19.71 -19.16
CA LEU C 392 -37.52 -20.72 -18.73
C LEU C 392 -38.22 -21.95 -18.17
N LEU C 393 -39.24 -21.74 -17.32
CA LEU C 393 -39.88 -22.87 -16.66
C LEU C 393 -40.78 -23.66 -17.59
N SER C 394 -41.29 -23.04 -18.65
CA SER C 394 -42.15 -23.71 -19.61
C SER C 394 -41.52 -23.66 -20.99
N GLY C 395 -41.33 -24.82 -21.60
CA GLY C 395 -40.82 -24.92 -22.94
C GLY C 395 -39.48 -25.63 -23.01
N THR C 396 -39.05 -25.88 -24.24
CA THR C 396 -37.79 -26.56 -24.51
C THR C 396 -36.65 -25.54 -24.49
N PRO C 397 -35.60 -25.77 -23.70
CA PRO C 397 -34.50 -24.81 -23.66
C PRO C 397 -33.75 -24.81 -24.98
N PRO C 398 -33.15 -23.70 -25.36
CA PRO C 398 -32.42 -23.62 -26.61
C PRO C 398 -31.04 -24.25 -26.48
N GLN C 399 -30.26 -24.15 -27.55
CA GLN C 399 -28.89 -24.65 -27.56
C GLN C 399 -27.94 -23.57 -27.07
N VAL C 400 -26.65 -23.91 -26.99
CA VAL C 400 -25.68 -23.01 -26.41
C VAL C 400 -25.46 -21.79 -27.31
N TYR C 401 -25.45 -22.00 -28.63
CA TYR C 401 -25.17 -20.90 -29.56
C TYR C 401 -26.40 -20.05 -29.86
N ASN C 402 -27.59 -20.53 -29.52
CA ASN C 402 -28.83 -19.80 -29.69
C ASN C 402 -29.47 -19.52 -28.34
N PHE C 403 -28.64 -19.15 -27.37
CA PHE C 403 -29.09 -18.99 -25.99
C PHE C 403 -30.10 -17.86 -25.86
N ASN C 404 -31.05 -18.04 -24.95
CA ASN C 404 -32.00 -17.00 -24.61
C ASN C 404 -31.44 -16.10 -23.52
N ARG C 405 -31.89 -14.84 -23.54
CA ARG C 405 -31.44 -13.85 -22.57
C ARG C 405 -32.66 -13.26 -21.87
N LEU C 406 -32.61 -13.20 -20.55
CA LEU C 406 -33.69 -12.66 -19.74
C LEU C 406 -33.15 -11.53 -18.87
N VAL C 407 -33.74 -10.35 -19.00
CA VAL C 407 -33.31 -9.17 -18.26
C VAL C 407 -34.44 -8.75 -17.33
N PHE C 408 -34.12 -8.54 -16.06
CA PHE C 408 -35.09 -8.17 -15.05
C PHE C 408 -34.71 -6.83 -14.45
N THR C 409 -35.66 -5.90 -14.41
CA THR C 409 -35.39 -4.53 -14.02
C THR C 409 -36.13 -4.09 -12.77
N ASN C 410 -37.46 -4.26 -12.74
CA ASN C 410 -38.30 -3.69 -11.69
C ASN C 410 -39.23 -4.72 -11.06
N CYS C 411 -38.70 -5.88 -10.70
CA CYS C 411 -39.53 -7.00 -10.27
C CYS C 411 -38.90 -7.73 -9.10
N ASN C 412 -39.74 -8.49 -8.39
CA ASN C 412 -39.32 -9.36 -7.30
C ASN C 412 -39.64 -10.80 -7.65
N TYR C 413 -38.69 -11.70 -7.39
CA TYR C 413 -38.84 -13.11 -7.73
C TYR C 413 -38.54 -13.97 -6.52
N ASN C 414 -39.04 -15.21 -6.56
CA ASN C 414 -38.81 -16.19 -5.50
C ASN C 414 -37.53 -16.94 -5.82
N LEU C 415 -36.41 -16.46 -5.28
CA LEU C 415 -35.12 -17.10 -5.54
C LEU C 415 -35.07 -18.50 -4.96
N THR C 416 -35.58 -18.68 -3.74
CA THR C 416 -35.57 -19.99 -3.11
C THR C 416 -36.43 -20.99 -3.86
N LYS C 417 -37.43 -20.53 -4.62
CA LYS C 417 -38.23 -21.44 -5.41
C LYS C 417 -37.47 -21.94 -6.64
N LEU C 418 -36.73 -21.05 -7.30
CA LEU C 418 -36.01 -21.43 -8.50
C LEU C 418 -34.95 -22.49 -8.22
N LEU C 419 -34.17 -22.28 -7.15
CA LEU C 419 -33.11 -23.23 -6.84
C LEU C 419 -33.67 -24.57 -6.39
N SER C 420 -34.90 -24.59 -5.86
CA SER C 420 -35.50 -25.86 -5.45
C SER C 420 -35.92 -26.69 -6.65
N LEU C 421 -36.19 -26.05 -7.79
CA LEU C 421 -36.60 -26.79 -8.97
C LEU C 421 -35.41 -27.46 -9.64
N PHE C 422 -34.24 -26.82 -9.61
CA PHE C 422 -33.05 -27.32 -10.27
C PHE C 422 -32.15 -28.05 -9.28
N MET C 423 -31.13 -28.70 -9.83
CA MET C 423 -30.15 -29.48 -9.07
C MET C 423 -28.77 -29.03 -9.56
N VAL C 424 -28.19 -28.08 -8.84
CA VAL C 424 -26.95 -27.46 -9.29
C VAL C 424 -25.80 -28.46 -9.17
N ASN C 425 -25.05 -28.60 -10.26
CA ASN C 425 -23.92 -29.50 -10.32
C ASN C 425 -22.60 -28.81 -10.06
N GLU C 426 -22.39 -27.62 -10.62
CA GLU C 426 -21.19 -26.84 -10.35
C GLU C 426 -21.45 -25.38 -10.67
N PHE C 427 -21.04 -24.50 -9.76
CA PHE C 427 -21.12 -23.06 -9.97
C PHE C 427 -19.76 -22.44 -9.70
N SER C 428 -19.45 -21.40 -10.46
CA SER C 428 -18.22 -20.63 -10.24
C SER C 428 -18.57 -19.17 -10.45
N CYS C 429 -18.48 -18.38 -9.38
CA CYS C 429 -18.85 -16.98 -9.39
C CYS C 429 -17.63 -16.10 -9.16
N ASP C 430 -17.59 -14.98 -9.87
CA ASP C 430 -16.55 -13.98 -9.70
C ASP C 430 -17.20 -12.63 -9.42
N GLY C 431 -16.73 -11.95 -8.38
CA GLY C 431 -17.24 -10.65 -8.01
C GLY C 431 -18.46 -10.69 -7.11
N ILE C 432 -19.16 -11.81 -7.06
CA ILE C 432 -20.36 -11.97 -6.23
C ILE C 432 -20.47 -13.45 -5.86
N SER C 433 -21.39 -13.76 -4.97
CA SER C 433 -21.68 -15.12 -4.53
C SER C 433 -23.17 -15.40 -4.71
N PRO C 434 -23.55 -16.67 -4.88
CA PRO C 434 -24.98 -17.00 -4.93
C PRO C 434 -25.72 -16.59 -3.67
N ASP C 435 -25.07 -16.67 -2.51
CA ASP C 435 -25.71 -16.20 -1.27
C ASP C 435 -25.95 -14.71 -1.32
N ALA C 436 -25.02 -13.95 -1.89
CA ALA C 436 -25.19 -12.51 -2.00
C ALA C 436 -26.39 -12.14 -2.86
N ILE C 437 -26.61 -12.90 -3.94
CA ILE C 437 -27.78 -12.66 -4.79
C ILE C 437 -29.06 -12.94 -4.02
N ALA C 438 -29.04 -13.93 -3.14
CA ALA C 438 -30.26 -14.35 -2.45
C ALA C 438 -30.69 -13.38 -1.36
N ARG C 439 -29.75 -12.63 -0.79
CA ARG C 439 -30.07 -11.76 0.33
C ARG C 439 -30.03 -10.27 0.01
N GLY C 440 -29.50 -9.88 -1.15
CA GLY C 440 -29.34 -8.50 -1.50
C GLY C 440 -30.28 -8.03 -2.59
N CYS C 441 -30.06 -6.79 -3.01
CA CYS C 441 -30.79 -6.17 -4.10
C CYS C 441 -29.80 -5.64 -5.13
N TYR C 442 -30.24 -5.61 -6.39
CA TYR C 442 -29.40 -5.18 -7.49
C TYR C 442 -30.27 -4.53 -8.55
N SER C 443 -29.65 -3.70 -9.38
CA SER C 443 -30.40 -2.89 -10.34
C SER C 443 -30.99 -3.74 -11.44
N SER C 444 -30.19 -4.63 -12.02
CA SER C 444 -30.67 -5.50 -13.08
C SER C 444 -30.04 -6.88 -12.92
N LEU C 445 -30.71 -7.87 -13.50
CA LEU C 445 -30.27 -9.26 -13.43
C LEU C 445 -30.43 -9.88 -14.82
N THR C 446 -29.34 -10.42 -15.35
CA THR C 446 -29.33 -11.01 -16.68
C THR C 446 -29.04 -12.50 -16.58
N VAL C 447 -29.87 -13.32 -17.20
CA VAL C 447 -29.72 -14.77 -17.19
C VAL C 447 -29.66 -15.24 -18.63
N ASP C 448 -28.56 -15.91 -18.98
CA ASP C 448 -28.40 -16.56 -20.28
C ASP C 448 -28.45 -18.06 -20.05
N TYR C 449 -29.56 -18.69 -20.44
CA TYR C 449 -29.76 -20.11 -20.22
C TYR C 449 -29.78 -20.87 -21.53
N PHE C 450 -29.28 -22.11 -21.50
CA PHE C 450 -29.19 -22.95 -22.66
C PHE C 450 -29.09 -24.40 -22.21
N ALA C 451 -29.29 -25.32 -23.15
CA ALA C 451 -29.13 -26.74 -22.90
C ALA C 451 -27.67 -27.13 -23.14
N TYR C 452 -27.07 -27.83 -22.18
CA TYR C 452 -25.64 -28.07 -22.22
C TYR C 452 -25.27 -29.31 -21.43
N PRO C 453 -24.55 -30.26 -22.04
CA PRO C 453 -24.16 -31.47 -21.30
C PRO C 453 -23.13 -31.17 -20.23
N LEU C 454 -23.27 -31.84 -19.09
CA LEU C 454 -22.34 -31.64 -17.98
C LEU C 454 -20.96 -32.23 -18.25
N SER C 455 -20.82 -33.05 -19.29
CA SER C 455 -19.52 -33.61 -19.65
C SER C 455 -18.62 -32.59 -20.33
N MET C 456 -19.13 -31.40 -20.64
CA MET C 456 -18.38 -30.40 -21.39
C MET C 456 -18.31 -29.06 -20.66
N LYS C 457 -18.51 -29.05 -19.34
CA LYS C 457 -18.42 -27.81 -18.59
C LYS C 457 -17.00 -27.28 -18.51
N SER C 458 -16.00 -28.08 -18.88
CA SER C 458 -14.64 -27.59 -18.96
C SER C 458 -14.44 -26.59 -20.10
N TYR C 459 -15.33 -26.60 -21.08
CA TYR C 459 -15.22 -25.68 -22.20
C TYR C 459 -15.87 -24.32 -21.92
N MET C 460 -16.59 -24.19 -20.81
CA MET C 460 -17.13 -22.90 -20.39
C MET C 460 -16.20 -22.15 -19.46
N GLN C 461 -15.11 -22.78 -19.02
CA GLN C 461 -14.17 -22.13 -18.12
C GLN C 461 -13.39 -21.05 -18.86
N PRO C 462 -13.03 -19.96 -18.18
CA PRO C 462 -12.29 -18.89 -18.84
C PRO C 462 -10.92 -19.38 -19.33
N GLY C 463 -10.50 -18.84 -20.46
CA GLY C 463 -9.25 -19.20 -21.07
C GLY C 463 -9.29 -20.44 -21.93
N SER C 464 -10.44 -21.07 -22.09
CA SER C 464 -10.54 -22.29 -22.87
C SER C 464 -10.33 -22.00 -24.35
N ALA C 465 -9.69 -22.95 -25.02
CA ALA C 465 -9.44 -22.87 -26.46
C ALA C 465 -10.40 -23.72 -27.27
N GLY C 466 -11.41 -24.32 -26.62
CA GLY C 466 -12.33 -25.19 -27.32
C GLY C 466 -13.25 -24.44 -28.26
N VAL C 467 -14.03 -25.22 -29.00
CA VAL C 467 -14.97 -24.64 -29.96
C VAL C 467 -16.05 -23.85 -29.25
N ILE C 468 -16.36 -24.19 -28.00
CA ILE C 468 -17.44 -23.51 -27.29
C ILE C 468 -17.10 -22.04 -27.08
N SER C 469 -15.87 -21.75 -26.63
CA SER C 469 -15.49 -20.38 -26.36
C SER C 469 -15.27 -19.57 -27.63
N GLN C 470 -15.25 -20.21 -28.80
CA GLN C 470 -14.98 -19.53 -30.06
C GLN C 470 -16.22 -19.32 -30.92
N TYR C 471 -17.14 -20.28 -30.96
CA TYR C 471 -18.27 -20.21 -31.87
C TYR C 471 -19.62 -20.39 -31.21
N ASN C 472 -19.67 -20.63 -29.90
CA ASN C 472 -20.95 -20.84 -29.22
C ASN C 472 -21.23 -19.78 -28.18
N TYR C 473 -20.35 -19.59 -27.19
CA TYR C 473 -20.61 -18.65 -26.11
C TYR C 473 -19.31 -18.36 -25.39
N LYS C 474 -19.10 -17.09 -25.08
CA LYS C 474 -17.94 -16.64 -24.30
C LYS C 474 -18.45 -15.74 -23.18
N GLN C 475 -17.99 -16.00 -21.97
CA GLN C 475 -18.51 -15.30 -20.80
C GLN C 475 -17.81 -13.94 -20.63
N SER C 476 -18.60 -12.89 -20.51
CA SER C 476 -18.08 -11.55 -20.28
C SER C 476 -17.98 -11.29 -18.77
N PHE C 477 -16.95 -10.54 -18.40
CA PHE C 477 -16.70 -10.20 -17.00
C PHE C 477 -16.83 -8.70 -16.76
N ALA C 478 -17.62 -8.01 -17.59
CA ALA C 478 -17.83 -6.59 -17.39
C ALA C 478 -18.61 -6.30 -16.11
N ASN C 479 -19.46 -7.23 -15.69
CA ASN C 479 -20.27 -7.11 -14.50
C ASN C 479 -20.06 -8.34 -13.63
N PRO C 480 -20.36 -8.25 -12.33
CA PRO C 480 -20.33 -9.45 -11.49
C PRO C 480 -21.20 -10.56 -12.07
N THR C 481 -20.58 -11.69 -12.42
CA THR C 481 -21.25 -12.75 -13.14
C THR C 481 -20.96 -14.09 -12.49
N CYS C 482 -21.84 -15.05 -12.77
CA CYS C 482 -21.64 -16.42 -12.32
C CYS C 482 -22.18 -17.38 -13.36
N ARG C 483 -21.49 -18.52 -13.52
CA ARG C 483 -21.92 -19.60 -14.39
C ARG C 483 -22.37 -20.77 -13.55
N ILE C 484 -23.59 -21.24 -13.78
CA ILE C 484 -24.22 -22.31 -13.01
C ILE C 484 -24.56 -23.45 -13.95
N PHE C 485 -24.15 -24.66 -13.59
CA PHE C 485 -24.50 -25.87 -14.33
C PHE C 485 -25.41 -26.72 -13.45
N ALA C 486 -26.59 -27.07 -13.97
CA ALA C 486 -27.60 -27.72 -13.17
C ALA C 486 -28.38 -28.72 -14.02
N THR C 487 -29.24 -29.46 -13.35
CA THR C 487 -30.14 -30.41 -13.99
C THR C 487 -31.58 -29.94 -13.82
N ALA C 488 -32.31 -29.91 -14.93
CA ALA C 488 -33.67 -29.41 -14.93
C ALA C 488 -34.64 -30.45 -14.35
N PRO C 489 -35.76 -30.00 -13.78
CA PRO C 489 -36.75 -30.95 -13.28
C PRO C 489 -37.34 -31.79 -14.41
N ALA C 490 -37.73 -33.02 -14.06
CA ALA C 490 -38.15 -33.99 -15.07
C ALA C 490 -39.64 -33.96 -15.37
N ASN C 491 -40.47 -33.80 -14.34
CA ASN C 491 -41.91 -33.91 -14.50
C ASN C 491 -42.59 -32.57 -14.76
N LEU C 492 -41.83 -31.49 -14.88
CA LEU C 492 -42.38 -30.16 -15.07
C LEU C 492 -42.43 -29.82 -16.55
N THR C 493 -42.61 -28.54 -16.86
CA THR C 493 -42.85 -28.07 -18.21
C THR C 493 -41.58 -27.76 -18.99
N ILE C 494 -40.44 -28.31 -18.61
CA ILE C 494 -39.18 -28.12 -19.33
C ILE C 494 -38.93 -29.39 -20.13
N THR C 495 -39.31 -29.39 -21.40
CA THR C 495 -39.19 -30.56 -22.25
C THR C 495 -37.77 -30.73 -22.75
N LYS C 496 -37.36 -31.98 -22.93
CA LYS C 496 -36.01 -32.28 -23.41
C LYS C 496 -35.88 -31.93 -24.88
N PRO C 497 -34.77 -31.33 -25.28
CA PRO C 497 -34.45 -31.23 -26.71
C PRO C 497 -34.08 -32.59 -27.27
N SER C 498 -34.05 -32.66 -28.61
CA SER C 498 -33.71 -33.91 -29.27
C SER C 498 -32.27 -34.32 -28.96
N SER C 499 -31.35 -33.36 -28.96
CA SER C 499 -29.94 -33.65 -28.74
C SER C 499 -29.21 -32.35 -28.46
N TYR C 500 -27.99 -32.49 -27.94
CA TYR C 500 -27.12 -31.34 -27.71
C TYR C 500 -26.32 -31.04 -28.97
N SER C 501 -26.23 -29.76 -29.33
CA SER C 501 -25.55 -29.34 -30.53
C SER C 501 -24.71 -28.11 -30.23
N PHE C 502 -23.63 -27.95 -30.99
CA PHE C 502 -22.78 -26.77 -30.88
C PHE C 502 -21.96 -26.62 -32.14
N ILE C 503 -21.67 -25.37 -32.50
CA ILE C 503 -20.92 -25.08 -33.72
C ILE C 503 -19.47 -25.51 -33.55
N SER C 504 -18.95 -26.24 -34.53
CA SER C 504 -17.58 -26.73 -34.49
C SER C 504 -16.64 -25.98 -35.42
N LYS C 505 -17.16 -25.25 -36.40
CA LYS C 505 -16.33 -24.46 -37.30
C LYS C 505 -17.18 -23.36 -37.89
N CYS C 506 -16.77 -22.10 -37.70
CA CYS C 506 -17.43 -20.94 -38.30
C CYS C 506 -16.33 -20.10 -38.94
N SER C 507 -16.04 -20.38 -40.21
CA SER C 507 -14.92 -19.76 -40.91
C SER C 507 -15.41 -19.02 -42.14
N ARG C 508 -14.51 -18.23 -42.72
CA ARG C 508 -14.78 -17.46 -43.92
C ARG C 508 -13.86 -17.93 -45.04
N LEU C 509 -14.45 -18.34 -46.16
CA LEU C 509 -13.69 -18.78 -47.33
C LEU C 509 -13.67 -17.62 -48.33
N THR C 510 -12.70 -16.73 -48.16
CA THR C 510 -12.55 -15.56 -49.01
C THR C 510 -11.19 -15.61 -49.72
N GLY C 511 -11.19 -15.23 -51.00
CA GLY C 511 -9.97 -15.21 -51.77
C GLY C 511 -10.14 -15.76 -53.17
N ASP C 512 -9.10 -16.39 -53.69
CA ASP C 512 -9.13 -16.98 -55.03
C ASP C 512 -9.38 -18.47 -54.91
N ASN C 513 -10.39 -18.95 -55.66
CA ASN C 513 -10.82 -20.36 -55.70
C ASN C 513 -11.13 -20.91 -54.31
N SER C 514 -11.30 -20.03 -53.32
CA SER C 514 -11.76 -20.40 -51.98
C SER C 514 -10.85 -21.47 -51.35
N HIS C 515 -9.59 -21.09 -51.13
CA HIS C 515 -8.63 -21.98 -50.50
C HIS C 515 -7.98 -21.35 -49.25
N ILE C 516 -8.59 -20.31 -48.70
CA ILE C 516 -8.10 -19.64 -47.50
C ILE C 516 -9.21 -19.64 -46.46
N GLU C 517 -8.90 -20.09 -45.25
CA GLU C 517 -9.87 -20.18 -44.16
C GLU C 517 -9.51 -19.18 -43.08
N THR C 518 -10.48 -18.35 -42.69
CA THR C 518 -10.32 -17.43 -41.58
C THR C 518 -11.44 -17.66 -40.58
N PRO C 519 -11.14 -18.21 -39.40
CA PRO C 519 -12.20 -18.44 -38.41
C PRO C 519 -12.80 -17.12 -37.93
N ILE C 520 -14.11 -17.15 -37.68
CA ILE C 520 -14.83 -16.00 -37.14
C ILE C 520 -15.05 -16.27 -35.65
N VAL C 521 -14.31 -15.57 -34.80
CA VAL C 521 -14.32 -15.83 -33.37
C VAL C 521 -15.40 -14.97 -32.72
N ILE C 522 -16.19 -15.58 -31.84
CA ILE C 522 -17.27 -14.87 -31.17
C ILE C 522 -16.71 -13.87 -30.17
N ASN C 523 -17.52 -12.86 -29.87
CA ASN C 523 -17.26 -11.91 -28.80
C ASN C 523 -18.05 -12.29 -27.55
N PRO C 524 -17.60 -11.85 -26.37
CA PRO C 524 -18.32 -12.20 -25.14
C PRO C 524 -19.76 -11.71 -25.16
N GLY C 525 -20.66 -12.58 -24.72
CA GLY C 525 -22.08 -12.28 -24.69
C GLY C 525 -22.76 -12.22 -26.05
N GLU C 526 -22.00 -12.19 -27.14
CA GLU C 526 -22.57 -12.07 -28.47
C GLU C 526 -22.85 -13.45 -29.08
N TYR C 527 -23.57 -13.44 -30.20
CA TYR C 527 -23.92 -14.63 -30.94
C TYR C 527 -22.95 -14.86 -32.08
N SER C 528 -22.94 -16.10 -32.57
CA SER C 528 -22.14 -16.46 -33.74
C SER C 528 -22.95 -16.22 -35.01
N ILE C 529 -22.27 -15.77 -36.06
CA ILE C 529 -22.93 -15.59 -37.35
C ILE C 529 -23.38 -16.92 -37.93
N CYS C 530 -22.78 -18.03 -37.49
CA CYS C 530 -23.19 -19.35 -37.95
C CYS C 530 -24.38 -19.91 -37.18
N LYS C 531 -24.91 -19.15 -36.23
CA LYS C 531 -26.11 -19.59 -35.51
C LYS C 531 -27.30 -19.73 -36.45
N ASN C 532 -27.33 -18.93 -37.53
CA ASN C 532 -28.49 -18.90 -38.40
C ASN C 532 -28.57 -20.09 -39.34
N PHE C 533 -27.56 -20.95 -39.37
CA PHE C 533 -27.64 -22.16 -40.18
C PHE C 533 -28.63 -23.15 -39.58
N ALA C 534 -28.54 -23.41 -38.28
CA ALA C 534 -29.43 -24.32 -37.57
C ALA C 534 -29.91 -23.63 -36.31
N PRO C 535 -30.91 -22.75 -36.43
CA PRO C 535 -31.35 -21.99 -35.26
C PRO C 535 -31.94 -22.85 -34.16
N ASN C 536 -32.43 -24.04 -34.47
CA ASN C 536 -33.04 -24.91 -33.47
C ASN C 536 -32.19 -26.13 -33.15
N GLY C 537 -31.14 -26.39 -33.89
CA GLY C 537 -30.24 -27.50 -33.61
C GLY C 537 -29.83 -28.23 -34.88
N PHE C 538 -28.64 -28.81 -34.84
CA PHE C 538 -28.15 -29.59 -35.96
C PHE C 538 -28.75 -30.98 -35.92
N SER C 539 -29.26 -31.44 -37.07
CA SER C 539 -29.94 -32.74 -37.10
C SER C 539 -28.98 -33.88 -36.88
N GLN C 540 -27.82 -33.85 -37.54
CA GLN C 540 -26.84 -34.93 -37.45
C GLN C 540 -25.46 -34.35 -37.16
N ASP C 541 -24.55 -35.22 -36.75
CA ASP C 541 -23.19 -34.83 -36.41
C ASP C 541 -22.40 -34.54 -37.67
N GLY C 542 -21.69 -33.43 -37.67
CA GLY C 542 -20.86 -33.07 -38.81
C GLY C 542 -21.60 -32.48 -39.99
N ASP C 543 -22.78 -31.92 -39.78
CA ASP C 543 -23.52 -31.30 -40.86
C ASP C 543 -22.75 -30.08 -41.39
N TYR C 544 -22.84 -29.86 -42.69
CA TYR C 544 -22.07 -28.83 -43.38
C TYR C 544 -23.01 -27.80 -43.98
N PHE C 545 -22.70 -26.53 -43.76
CA PHE C 545 -23.49 -25.43 -44.29
C PHE C 545 -22.58 -24.46 -45.04
N THR C 546 -23.14 -23.78 -46.03
CA THR C 546 -22.38 -22.85 -46.85
C THR C 546 -23.29 -21.72 -47.31
N ARG C 547 -22.90 -20.49 -47.03
CA ARG C 547 -23.66 -19.31 -47.41
C ARG C 547 -22.74 -18.26 -47.99
N GLN C 548 -23.21 -17.56 -49.02
CA GLN C 548 -22.47 -16.46 -49.62
C GLN C 548 -22.79 -15.17 -48.90
N LEU C 549 -21.75 -14.47 -48.45
CA LEU C 549 -21.91 -13.24 -47.71
C LEU C 549 -21.98 -12.05 -48.66
N SER C 550 -22.67 -11.00 -48.22
CA SER C 550 -22.80 -9.79 -49.02
C SER C 550 -21.55 -8.93 -48.90
N GLN C 551 -21.47 -7.91 -49.77
CA GLN C 551 -20.33 -6.99 -49.72
C GLN C 551 -20.33 -6.18 -48.45
N LEU C 552 -21.50 -5.93 -47.86
CA LEU C 552 -21.58 -5.21 -46.59
C LEU C 552 -21.13 -6.07 -45.41
N GLU C 553 -21.07 -7.39 -45.59
CA GLU C 553 -20.68 -8.31 -44.54
C GLU C 553 -19.23 -8.78 -44.67
N GLY C 554 -18.44 -8.11 -45.51
CA GLY C 554 -17.07 -8.52 -45.75
C GLY C 554 -16.88 -9.51 -46.88
N GLY C 555 -17.96 -9.95 -47.52
CA GLY C 555 -17.85 -10.86 -48.64
C GLY C 555 -17.37 -12.24 -48.21
N GLY C 556 -16.91 -12.99 -49.21
CA GLY C 556 -16.43 -14.34 -48.97
C GLY C 556 -17.56 -15.34 -48.85
N ILE C 557 -17.16 -16.57 -48.57
CA ILE C 557 -18.10 -17.68 -48.41
C ILE C 557 -18.07 -18.11 -46.95
N LEU C 558 -19.26 -18.14 -46.33
CA LEU C 558 -19.39 -18.55 -44.94
C LEU C 558 -19.57 -20.06 -44.89
N VAL C 559 -18.86 -20.71 -43.96
CA VAL C 559 -18.91 -22.15 -43.80
C VAL C 559 -19.19 -22.46 -42.33
N GLY C 560 -20.16 -23.33 -42.08
CA GLY C 560 -20.49 -23.73 -40.74
C GLY C 560 -20.68 -25.23 -40.58
N VAL C 561 -20.08 -25.80 -39.54
CA VAL C 561 -20.18 -27.22 -39.24
C VAL C 561 -20.68 -27.39 -37.82
N GLY C 562 -21.63 -28.29 -37.63
CA GLY C 562 -22.20 -28.54 -36.32
C GLY C 562 -21.98 -29.98 -35.88
N SER C 563 -21.81 -30.15 -34.57
CA SER C 563 -21.59 -31.46 -33.97
C SER C 563 -22.66 -31.72 -32.94
N VAL C 564 -23.04 -32.99 -32.81
CA VAL C 564 -24.18 -33.39 -31.99
C VAL C 564 -23.74 -34.47 -31.01
N THR C 565 -24.12 -34.31 -29.74
CA THR C 565 -23.96 -35.34 -28.73
C THR C 565 -25.33 -35.85 -28.29
N PRO C 566 -25.44 -37.14 -27.98
CA PRO C 566 -26.75 -37.69 -27.63
C PRO C 566 -27.30 -37.11 -26.35
N MET C 567 -28.63 -37.09 -26.26
CA MET C 567 -29.32 -36.56 -25.09
C MET C 567 -29.18 -37.51 -23.91
N THR C 568 -28.88 -36.95 -22.74
CA THR C 568 -28.74 -37.73 -21.53
C THR C 568 -30.11 -38.11 -20.97
N ASP C 569 -30.10 -38.93 -19.92
CA ASP C 569 -31.34 -39.37 -19.31
C ASP C 569 -32.06 -38.22 -18.62
N THR C 570 -31.32 -37.22 -18.13
CA THR C 570 -31.90 -36.04 -17.52
C THR C 570 -31.34 -34.80 -18.20
N LEU C 571 -32.18 -33.78 -18.32
CA LEU C 571 -31.79 -32.57 -19.03
C LEU C 571 -30.83 -31.74 -18.20
N GLN C 572 -29.71 -31.35 -18.79
CA GLN C 572 -28.69 -30.55 -18.13
C GLN C 572 -28.62 -29.20 -18.82
N MET C 573 -28.84 -28.13 -18.07
CA MET C 573 -28.84 -26.78 -18.59
C MET C 573 -27.59 -26.03 -18.15
N GLY C 574 -27.43 -24.83 -18.67
CA GLY C 574 -26.33 -23.96 -18.29
C GLY C 574 -26.74 -22.51 -18.21
N PHE C 575 -26.50 -21.88 -17.06
CA PHE C 575 -26.94 -20.52 -16.79
C PHE C 575 -25.72 -19.63 -16.57
N ILE C 576 -25.70 -18.49 -17.25
CA ILE C 576 -24.70 -17.46 -17.04
C ILE C 576 -25.45 -16.24 -16.50
N ILE C 577 -25.17 -15.88 -15.25
CA ILE C 577 -25.98 -14.91 -14.52
C ILE C 577 -25.09 -13.72 -14.17
N SER C 578 -25.52 -12.53 -14.59
CA SER C 578 -24.79 -11.31 -14.30
C SER C 578 -25.72 -10.31 -13.61
N VAL C 579 -25.20 -9.62 -12.61
CA VAL C 579 -25.94 -8.62 -11.86
C VAL C 579 -25.24 -7.29 -12.00
N GLN C 580 -26.02 -6.23 -12.23
CA GLN C 580 -25.51 -4.89 -12.38
C GLN C 580 -25.98 -4.04 -11.21
N TYR C 581 -25.13 -3.12 -10.77
CA TYR C 581 -25.39 -2.32 -9.58
C TYR C 581 -25.40 -0.85 -9.92
N GLY C 582 -26.36 -0.13 -9.34
CA GLY C 582 -26.44 1.31 -9.48
C GLY C 582 -26.68 1.81 -10.90
N THR C 583 -27.62 1.20 -11.61
CA THR C 583 -27.93 1.61 -12.97
C THR C 583 -29.41 1.89 -13.20
N ASP C 584 -30.23 1.83 -12.16
CA ASP C 584 -31.65 2.10 -12.32
C ASP C 584 -32.22 2.63 -11.00
N THR C 585 -33.35 3.32 -11.10
CA THR C 585 -34.00 3.85 -9.91
C THR C 585 -34.56 2.73 -9.05
N ASN C 586 -35.17 1.73 -9.67
CA ASN C 586 -35.72 0.59 -8.96
C ASN C 586 -34.73 -0.57 -9.00
N SER C 587 -35.07 -1.67 -8.34
CA SER C 587 -34.15 -2.79 -8.19
C SER C 587 -34.91 -4.10 -8.30
N VAL C 588 -34.14 -5.18 -8.40
CA VAL C 588 -34.66 -6.54 -8.42
C VAL C 588 -34.21 -7.21 -7.15
N CYS C 589 -35.15 -7.68 -6.34
CA CYS C 589 -34.86 -8.30 -5.07
C CYS C 589 -35.68 -9.58 -4.95
N PRO C 590 -35.18 -10.58 -4.27
CA PRO C 590 -36.04 -11.69 -3.85
C PRO C 590 -36.64 -11.42 -2.47
N MET C 591 -37.65 -12.21 -2.13
CA MET C 591 -38.33 -12.05 -0.85
C MET C 591 -37.40 -12.32 0.33
N ASN C 596 -42.48 -4.21 6.48
CA ASN C 596 -43.34 -3.28 5.77
C ASN C 596 -42.66 -1.93 5.60
N SER C 597 -43.27 -1.07 4.79
CA SER C 597 -42.72 0.28 4.58
C SER C 597 -42.85 1.11 5.85
N THR C 598 -41.85 1.94 6.10
CA THR C 598 -41.78 2.75 7.31
C THR C 598 -41.70 4.23 6.95
N THR C 599 -41.47 5.06 7.95
CA THR C 599 -41.37 6.50 7.79
C THR C 599 -40.15 7.01 8.54
N ILE C 600 -39.74 8.24 8.20
CA ILE C 600 -38.57 8.86 8.80
C ILE C 600 -38.89 10.14 9.55
N THR C 601 -40.13 10.64 9.47
CA THR C 601 -40.45 11.93 10.09
C THR C 601 -40.25 11.92 11.59
N ASP C 602 -40.39 10.75 12.23
CA ASP C 602 -40.18 10.64 13.66
C ASP C 602 -38.75 10.25 14.02
N LYS C 603 -37.88 10.06 13.03
CA LYS C 603 -36.50 9.65 13.27
C LYS C 603 -35.52 10.55 12.54
N LEU C 604 -35.90 11.81 12.30
CA LEU C 604 -35.00 12.75 11.65
C LEU C 604 -33.81 13.07 12.55
N GLY C 605 -32.64 13.22 11.94
CA GLY C 605 -31.44 13.53 12.70
C GLY C 605 -30.90 12.39 13.53
N VAL C 606 -31.40 11.17 13.32
CA VAL C 606 -30.98 9.99 14.06
C VAL C 606 -30.42 8.99 13.06
N CYS C 607 -29.22 8.48 13.35
CA CYS C 607 -28.55 7.53 12.47
C CYS C 607 -29.34 6.23 12.42
N VAL C 608 -29.98 5.97 11.27
CA VAL C 608 -30.87 4.83 11.10
C VAL C 608 -30.46 4.06 9.86
N GLU C 609 -30.54 2.73 9.94
CA GLU C 609 -30.29 1.89 8.78
C GLU C 609 -31.43 2.03 7.78
N TYR C 610 -31.10 2.11 6.50
CA TYR C 610 -32.08 2.32 5.46
C TYR C 610 -31.95 1.26 4.38
N ASN C 611 -33.07 0.98 3.73
CA ASN C 611 -33.13 0.09 2.55
C ASN C 611 -34.23 0.67 1.66
N LEU C 612 -33.82 1.51 0.71
CA LEU C 612 -34.73 2.32 -0.09
C LEU C 612 -34.62 1.88 -1.55
N TYR C 613 -35.62 1.14 -2.02
CA TYR C 613 -35.66 0.64 -3.39
C TYR C 613 -34.41 -0.15 -3.75
N GLY C 614 -33.83 -0.83 -2.77
CA GLY C 614 -32.65 -1.64 -2.97
C GLY C 614 -31.35 -0.99 -2.56
N VAL C 615 -31.31 0.33 -2.42
CA VAL C 615 -30.10 1.04 -2.00
C VAL C 615 -30.09 1.04 -0.48
N SER C 616 -29.37 0.10 0.10
CA SER C 616 -29.30 -0.07 1.55
C SER C 616 -28.04 0.59 2.11
N GLY C 617 -28.02 0.73 3.42
CA GLY C 617 -26.87 1.27 4.11
C GLY C 617 -27.28 1.91 5.42
N ARG C 618 -26.40 2.75 5.93
CA ARG C 618 -26.57 3.45 7.20
C ARG C 618 -26.30 4.93 6.99
N GLY C 619 -27.09 5.76 7.64
CA GLY C 619 -26.91 7.20 7.51
C GLY C 619 -27.98 7.93 8.29
N VAL C 620 -27.89 9.26 8.24
CA VAL C 620 -28.85 10.15 8.90
C VAL C 620 -29.58 10.93 7.82
N PHE C 621 -30.84 11.24 8.09
CA PHE C 621 -31.70 11.93 7.13
C PHE C 621 -32.08 13.30 7.67
N ILE C 622 -31.78 14.33 6.90
CA ILE C 622 -32.09 15.70 7.25
C ILE C 622 -33.04 16.26 6.20
N ASN C 623 -33.95 17.12 6.64
CA ASN C 623 -34.91 17.74 5.74
C ASN C 623 -34.25 18.98 5.13
N CYS C 624 -33.86 18.89 3.87
CA CYS C 624 -33.09 19.92 3.19
C CYS C 624 -33.88 20.42 1.97
N THR C 625 -33.27 21.34 1.23
CA THR C 625 -33.93 21.90 0.07
C THR C 625 -33.83 20.96 -1.12
N ALA C 626 -34.83 21.03 -2.00
CA ALA C 626 -34.91 20.13 -3.13
C ALA C 626 -33.85 20.45 -4.16
N VAL C 627 -32.94 19.52 -4.39
CA VAL C 627 -31.87 19.67 -5.37
C VAL C 627 -31.82 18.40 -6.22
N GLY C 628 -31.19 18.51 -7.37
CA GLY C 628 -31.10 17.41 -8.29
C GLY C 628 -32.39 17.19 -9.06
N VAL C 629 -32.41 16.09 -9.81
CA VAL C 629 -33.57 15.72 -10.61
C VAL C 629 -34.43 14.77 -9.80
N LYS C 630 -35.73 15.04 -9.73
CA LYS C 630 -36.60 14.25 -8.88
C LYS C 630 -36.83 12.85 -9.44
N GLN C 631 -36.96 12.72 -10.75
CA GLN C 631 -37.21 11.41 -11.34
C GLN C 631 -36.04 10.46 -11.09
N GLN C 632 -34.81 10.97 -11.20
CA GLN C 632 -33.65 10.24 -10.70
C GLN C 632 -33.72 10.24 -9.18
N ARG C 633 -34.07 9.10 -8.59
CA ARG C 633 -34.47 9.08 -7.19
C ARG C 633 -33.36 9.55 -6.26
N PHE C 634 -32.13 9.15 -6.52
CA PHE C 634 -31.02 9.40 -5.63
C PHE C 634 -30.09 10.47 -6.21
N VAL C 635 -29.45 11.23 -5.31
CA VAL C 635 -28.48 12.25 -5.68
C VAL C 635 -27.15 11.88 -5.06
N TYR C 636 -26.10 11.85 -5.89
CA TYR C 636 -24.78 11.40 -5.48
C TYR C 636 -23.77 12.53 -5.58
N ASP C 637 -22.52 12.20 -5.29
CA ASP C 637 -21.41 13.14 -5.43
C ASP C 637 -20.29 12.52 -6.26
N GLY C 638 -19.14 13.20 -6.33
CA GLY C 638 -18.03 12.71 -7.13
C GLY C 638 -17.41 11.41 -6.66
N PHE C 639 -17.91 10.81 -5.58
CA PHE C 639 -17.36 9.57 -5.05
C PHE C 639 -18.40 8.45 -5.00
N ASP C 640 -19.50 8.60 -5.73
CA ASP C 640 -20.57 7.60 -5.77
C ASP C 640 -21.10 7.29 -4.37
N ASN C 641 -21.43 8.35 -3.63
CA ASN C 641 -21.98 8.23 -2.28
C ASN C 641 -23.32 8.96 -2.23
N LEU C 642 -24.24 8.41 -1.45
CA LEU C 642 -25.59 8.93 -1.37
C LEU C 642 -25.61 10.21 -0.54
N ILE C 643 -25.98 11.33 -1.17
CA ILE C 643 -26.07 12.62 -0.48
C ILE C 643 -27.47 13.22 -0.59
N GLY C 644 -28.44 12.45 -1.06
CA GLY C 644 -29.81 12.92 -1.14
C GLY C 644 -30.78 11.84 -1.56
N TYR C 645 -32.04 11.96 -1.15
CA TYR C 645 -33.04 10.95 -1.46
C TYR C 645 -34.42 11.59 -1.48
N TYR C 646 -35.11 11.45 -2.60
CA TYR C 646 -36.52 11.84 -2.71
C TYR C 646 -37.39 10.69 -2.21
N SER C 647 -38.27 10.99 -1.27
CA SER C 647 -39.10 9.97 -0.64
C SER C 647 -40.52 10.03 -1.16
N ASP C 648 -41.22 8.91 -1.03
CA ASP C 648 -42.62 8.85 -1.42
C ASP C 648 -43.48 9.77 -0.57
N ASP C 649 -43.01 10.16 0.62
CA ASP C 649 -43.74 11.13 1.44
C ASP C 649 -43.80 12.50 0.78
N GLY C 650 -42.82 12.80 -0.07
CA GLY C 650 -42.81 14.08 -0.77
C GLY C 650 -41.59 14.91 -0.44
N ASN C 651 -41.14 14.86 0.81
CA ASN C 651 -40.00 15.65 1.22
C ASN C 651 -38.72 15.14 0.58
N TYR C 652 -37.74 16.02 0.49
CA TYR C 652 -36.40 15.68 0.03
C TYR C 652 -35.48 15.63 1.23
N TYR C 653 -34.90 14.47 1.49
CA TYR C 653 -34.06 14.24 2.66
C TYR C 653 -32.62 14.08 2.18
N CYS C 654 -31.82 15.13 2.31
CA CYS C 654 -30.42 15.03 1.91
C CYS C 654 -29.65 14.24 2.97
N VAL C 655 -28.86 13.29 2.52
CA VAL C 655 -28.30 12.25 3.38
C VAL C 655 -26.92 12.65 3.87
N ARG C 656 -26.66 12.38 5.14
CA ARG C 656 -25.37 12.58 5.76
C ARG C 656 -24.93 11.30 6.46
N PRO C 657 -23.62 11.04 6.52
CA PRO C 657 -23.15 9.79 7.11
C PRO C 657 -23.34 9.73 8.62
N CYS C 658 -23.39 8.50 9.12
CA CYS C 658 -23.43 8.27 10.56
C CYS C 658 -22.08 8.65 11.17
N VAL C 659 -22.10 9.44 12.24
CA VAL C 659 -20.87 9.95 12.84
C VAL C 659 -20.87 9.67 14.33
N SER C 660 -19.66 9.53 14.87
CA SER C 660 -19.44 9.33 16.30
C SER C 660 -18.56 10.45 16.84
N VAL C 661 -18.84 10.88 18.07
CA VAL C 661 -18.18 12.05 18.63
C VAL C 661 -16.71 11.75 18.90
N PRO C 662 -15.81 12.70 18.67
CA PRO C 662 -14.41 12.50 19.02
C PRO C 662 -14.20 12.45 20.52
N LEU C 663 -13.13 11.77 20.94
CA LEU C 663 -12.84 11.54 22.34
C LEU C 663 -11.38 11.86 22.61
N SER C 664 -11.10 12.36 23.81
CA SER C 664 -9.74 12.64 24.24
C SER C 664 -9.64 12.47 25.75
N VAL C 665 -8.43 12.16 26.22
CA VAL C 665 -8.16 11.96 27.64
C VAL C 665 -7.09 12.95 28.08
N VAL C 666 -7.30 13.54 29.25
CA VAL C 666 -6.34 14.46 29.86
C VAL C 666 -5.83 13.78 31.12
N TYR C 667 -4.69 13.09 31.01
CA TYR C 667 -4.20 12.23 32.07
C TYR C 667 -3.02 12.87 32.78
N ASP C 668 -3.07 12.84 34.12
CA ASP C 668 -1.96 13.27 34.96
C ASP C 668 -1.51 12.08 35.80
N LYS C 669 -0.25 11.69 35.66
CA LYS C 669 0.24 10.51 36.36
C LYS C 669 0.39 10.75 37.85
N THR C 670 0.75 11.97 38.25
CA THR C 670 1.04 12.24 39.66
C THR C 670 -0.20 12.09 40.52
N THR C 671 -1.34 12.56 40.05
CA THR C 671 -2.58 12.46 40.81
C THR C 671 -3.48 11.32 40.37
N ASN C 672 -3.15 10.65 39.26
CA ASN C 672 -3.96 9.57 38.71
C ASN C 672 -5.40 10.03 38.47
N SER C 673 -5.52 11.19 37.83
CA SER C 673 -6.81 11.79 37.52
C SER C 673 -6.88 12.09 36.03
N HIS C 674 -8.08 11.96 35.47
CA HIS C 674 -8.26 12.12 34.04
C HIS C 674 -9.59 12.80 33.74
N ALA C 675 -9.64 13.48 32.60
CA ALA C 675 -10.84 14.12 32.12
C ALA C 675 -11.04 13.77 30.64
N THR C 676 -12.30 13.67 30.23
CA THR C 676 -12.65 13.30 28.87
C THR C 676 -13.09 14.53 28.10
N ILE C 677 -12.47 14.76 26.94
CA ILE C 677 -12.77 15.91 26.09
C ILE C 677 -13.52 15.44 24.86
N PHE C 678 -14.68 16.04 24.61
CA PHE C 678 -15.49 15.74 23.44
C PHE C 678 -15.27 16.88 22.45
N GLY C 679 -14.24 16.74 21.62
CA GLY C 679 -13.82 17.79 20.72
C GLY C 679 -14.89 18.25 19.75
N SER C 680 -15.08 19.57 19.66
CA SER C 680 -16.05 20.20 18.76
C SER C 680 -17.48 19.78 19.05
N VAL C 681 -17.75 19.25 20.23
CA VAL C 681 -19.07 18.76 20.61
C VAL C 681 -19.59 19.63 21.74
N ALA C 682 -20.74 20.26 21.51
CA ALA C 682 -21.37 21.05 22.57
C ALA C 682 -21.98 20.11 23.60
N CYS C 683 -22.12 20.64 24.82
CA CYS C 683 -22.61 19.81 25.92
C CYS C 683 -24.09 19.45 25.78
N GLU C 684 -24.80 20.08 24.84
CA GLU C 684 -26.21 19.75 24.66
C GLU C 684 -26.41 18.33 24.17
N HIS C 685 -25.57 17.88 23.21
CA HIS C 685 -25.71 16.54 22.68
C HIS C 685 -25.42 15.48 23.75
N ILE C 686 -24.40 15.71 24.58
CA ILE C 686 -24.11 14.78 25.66
C ILE C 686 -25.25 14.75 26.66
N THR C 687 -25.82 15.92 26.97
CA THR C 687 -26.91 15.97 27.93
C THR C 687 -28.16 15.27 27.42
N THR C 688 -28.38 15.26 26.10
CA THR C 688 -29.62 14.73 25.54
C THR C 688 -29.51 13.25 25.16
N MET C 689 -28.59 12.93 24.25
CA MET C 689 -28.56 11.61 23.61
C MET C 689 -27.19 10.96 23.75
N LEU C 690 -26.65 10.95 24.95
CA LEU C 690 -25.38 10.25 25.21
C LEU C 690 -25.64 8.76 25.29
N HIS C 691 -24.95 8.00 24.45
CA HIS C 691 -25.09 6.55 24.43
C HIS C 691 -23.73 5.87 24.41
N GLY C 710 -19.02 17.05 35.84
CA GLY C 710 -19.99 17.96 35.27
C GLY C 710 -19.55 18.53 33.93
N PRO C 711 -20.40 18.38 32.92
CA PRO C 711 -20.06 18.91 31.58
C PRO C 711 -19.86 20.41 31.62
N LEU C 712 -18.86 20.88 30.87
CA LEU C 712 -18.54 22.30 30.78
C LEU C 712 -18.25 22.65 29.33
N GLN C 713 -18.90 23.69 28.83
CA GLN C 713 -18.71 24.12 27.45
C GLN C 713 -17.50 25.04 27.39
N THR C 714 -16.40 24.52 26.88
CA THR C 714 -15.17 25.27 26.71
C THR C 714 -15.00 25.63 25.23
N ALA C 715 -13.91 26.34 24.94
CA ALA C 715 -13.61 26.70 23.56
C ALA C 715 -13.26 25.48 22.70
N VAL C 716 -12.85 24.38 23.33
CA VAL C 716 -12.43 23.19 22.59
C VAL C 716 -13.51 22.11 22.54
N GLY C 717 -14.59 22.26 23.28
CA GLY C 717 -15.66 21.31 23.28
C GLY C 717 -16.24 21.16 24.67
N CYS C 718 -16.87 20.01 24.91
CA CYS C 718 -17.45 19.70 26.21
C CYS C 718 -16.47 18.83 26.98
N VAL C 719 -16.07 19.28 28.17
CA VAL C 719 -15.11 18.59 29.01
C VAL C 719 -15.85 17.97 30.20
N ILE C 720 -15.59 16.69 30.45
CA ILE C 720 -16.18 15.96 31.56
C ILE C 720 -15.06 15.52 32.48
N GLY C 721 -15.18 15.86 33.76
CA GLY C 721 -14.14 15.56 34.73
C GLY C 721 -13.27 16.72 35.14
N LEU C 722 -13.58 17.93 34.69
CA LEU C 722 -12.84 19.13 35.05
C LEU C 722 -13.75 20.08 35.82
N VAL C 723 -13.17 20.80 36.77
CA VAL C 723 -13.90 21.76 37.58
C VAL C 723 -13.52 23.16 37.13
N ASN C 724 -14.53 24.02 36.99
CA ASN C 724 -14.35 25.39 36.52
C ASN C 724 -13.86 26.24 37.69
N SER C 725 -12.60 25.99 38.07
CA SER C 725 -11.99 26.67 39.20
C SER C 725 -11.72 28.13 38.95
N SER C 726 -11.84 28.59 37.70
CA SER C 726 -11.59 29.99 37.32
C SER C 726 -10.18 30.41 37.73
N MET C 727 -9.20 29.69 37.19
CA MET C 727 -7.80 29.94 37.46
C MET C 727 -7.10 30.40 36.18
N VAL C 728 -6.25 31.40 36.31
CA VAL C 728 -5.43 31.90 35.22
C VAL C 728 -3.98 31.70 35.63
N VAL C 729 -3.30 30.75 34.98
CA VAL C 729 -1.98 30.31 35.40
C VAL C 729 -0.96 30.69 34.33
N ASP C 730 0.21 31.18 34.78
CA ASP C 730 1.24 31.63 33.85
C ASP C 730 1.77 30.48 33.01
N ASN C 731 2.17 29.37 33.65
CA ASN C 731 2.72 28.22 32.96
C ASN C 731 2.00 26.96 33.43
N CYS C 732 1.61 26.12 32.47
CA CYS C 732 0.88 24.91 32.81
C CYS C 732 1.11 23.86 31.74
N GLN C 733 1.43 22.64 32.16
CA GLN C 733 1.44 21.49 31.27
C GLN C 733 -0.01 21.03 31.09
N LEU C 734 -0.19 19.87 30.45
CA LEU C 734 -1.50 19.39 30.05
C LEU C 734 -2.30 20.46 29.31
N PRO C 735 -1.80 20.97 28.18
CA PRO C 735 -2.52 22.02 27.47
C PRO C 735 -3.64 21.45 26.60
N LEU C 736 -4.88 21.85 26.91
CA LEU C 736 -6.03 21.35 26.17
C LEU C 736 -6.14 21.99 24.78
N GLY C 737 -5.62 23.20 24.62
CA GLY C 737 -5.74 23.93 23.38
C GLY C 737 -6.62 25.16 23.53
N GLN C 738 -6.39 26.12 22.63
CA GLN C 738 -7.12 27.38 22.62
C GLN C 738 -6.97 28.13 23.94
N SER C 739 -5.74 28.14 24.47
CA SER C 739 -5.40 28.84 25.72
C SER C 739 -6.19 28.30 26.90
N LEU C 740 -6.37 26.98 26.93
CA LEU C 740 -6.97 26.29 28.07
C LEU C 740 -6.08 25.13 28.46
N CYS C 741 -5.78 25.03 29.75
CA CYS C 741 -4.96 23.94 30.27
C CYS C 741 -5.60 23.38 31.53
N ALA C 742 -5.32 22.11 31.78
CA ALA C 742 -5.83 21.41 32.96
C ALA C 742 -4.71 21.28 33.98
N VAL C 743 -4.96 21.75 35.19
CA VAL C 743 -3.95 21.72 36.26
C VAL C 743 -4.49 20.90 37.42
N PRO C 744 -3.66 20.08 38.07
CA PRO C 744 -4.14 19.31 39.22
C PRO C 744 -4.32 20.20 40.45
N SER C 745 -4.86 19.59 41.49
CA SER C 745 -5.09 20.30 42.75
C SER C 745 -3.79 20.72 43.40
N SER C 751 -7.75 13.68 43.27
CA SER C 751 -8.42 14.97 43.26
C SER C 751 -8.78 15.40 41.84
N GLN C 752 -9.93 16.04 41.69
CA GLN C 752 -10.40 16.45 40.37
C GLN C 752 -9.50 17.54 39.80
N LEU C 753 -9.19 17.42 38.52
CA LEU C 753 -8.36 18.41 37.84
C LEU C 753 -9.14 19.70 37.63
N GLN C 754 -8.41 20.80 37.53
CA GLN C 754 -8.98 22.15 37.47
C GLN C 754 -8.77 22.73 36.08
N LEU C 755 -9.86 23.23 35.48
CA LEU C 755 -9.73 23.97 34.23
C LEU C 755 -9.04 25.30 34.48
N ALA C 756 -8.11 25.67 33.60
CA ALA C 756 -7.31 26.87 33.77
C ALA C 756 -7.12 27.55 32.42
N THR C 757 -6.78 28.84 32.48
CA THR C 757 -6.52 29.65 31.30
C THR C 757 -5.07 30.12 31.35
N ILE C 758 -4.37 29.99 30.23
CA ILE C 758 -2.98 30.43 30.17
C ILE C 758 -2.93 31.95 30.34
N ASN C 759 -2.13 32.40 31.30
CA ASN C 759 -2.08 33.80 31.67
C ASN C 759 -1.13 34.56 30.78
N TYR C 760 -1.61 35.67 30.21
CA TYR C 760 -0.76 36.57 29.43
C TYR C 760 -0.20 37.62 30.39
N THR C 761 1.05 37.44 30.79
CA THR C 761 1.73 38.43 31.63
C THR C 761 1.98 39.69 30.81
N GLN C 762 1.24 40.74 31.13
CA GLN C 762 1.30 41.96 30.34
C GLN C 762 2.63 42.67 30.59
N PRO C 763 3.25 43.23 29.55
CA PRO C 763 4.48 43.99 29.75
C PRO C 763 4.25 45.25 30.56
N GLN C 764 5.27 45.63 31.32
CA GLN C 764 5.22 46.88 32.08
C GLN C 764 5.28 48.08 31.14
N LEU C 765 4.74 49.19 31.59
CA LEU C 765 4.65 50.41 30.79
C LEU C 765 5.56 51.47 31.38
N LEU C 766 6.41 52.06 30.53
CA LEU C 766 7.26 53.19 30.90
C LEU C 766 6.83 54.39 30.07
N SER C 767 6.07 55.29 30.69
CA SER C 767 5.55 56.43 29.96
C SER C 767 6.65 57.44 29.68
N PRO C 768 6.64 58.07 28.50
CA PRO C 768 7.64 59.10 28.22
C PRO C 768 7.44 60.31 29.11
N LEU C 769 8.54 61.01 29.39
CA LEU C 769 8.53 62.15 30.29
C LEU C 769 8.22 63.43 29.53
N ASN C 770 7.62 64.38 30.24
CA ASN C 770 7.31 65.69 29.68
C ASN C 770 8.49 66.66 29.74
N SER C 771 9.64 66.23 30.26
CA SER C 771 10.81 67.08 30.33
C SER C 771 11.49 67.12 28.96
N SER C 772 12.72 67.65 28.93
CA SER C 772 13.43 67.80 27.66
C SER C 772 13.89 66.45 27.12
N GLY C 773 14.42 65.59 27.98
CA GLY C 773 15.05 64.37 27.52
C GLY C 773 14.14 63.16 27.47
N PHE C 774 14.63 62.02 27.96
CA PHE C 774 13.87 60.80 28.00
C PHE C 774 14.23 60.02 29.26
N VAL C 775 13.38 59.06 29.60
CA VAL C 775 13.54 58.27 30.81
C VAL C 775 14.05 56.88 30.43
N VAL C 776 15.08 56.42 31.14
CA VAL C 776 15.73 55.15 30.87
C VAL C 776 15.89 54.39 32.18
N GLN C 777 15.69 53.08 32.14
CA GLN C 777 15.83 52.23 33.32
C GLN C 777 17.16 51.50 33.23
N VAL C 778 18.18 52.10 33.84
CA VAL C 778 19.52 51.51 33.85
C VAL C 778 19.61 50.54 35.02
N PRO C 779 20.07 49.31 34.81
CA PRO C 779 20.09 48.33 35.89
C PRO C 779 21.03 48.73 37.01
N THR C 780 20.68 48.31 38.23
CA THR C 780 21.53 48.46 39.40
C THR C 780 21.98 47.14 40.01
N ASN C 781 21.24 46.07 39.77
CA ASN C 781 21.64 44.73 40.19
C ASN C 781 21.35 43.77 39.04
N PHE C 782 22.08 42.66 39.00
CA PHE C 782 21.98 41.76 37.89
C PHE C 782 22.25 40.33 38.36
N SER C 783 22.16 39.40 37.42
CA SER C 783 22.49 38.01 37.64
C SER C 783 22.86 37.40 36.29
N PHE C 784 23.58 36.29 36.34
CA PHE C 784 24.02 35.60 35.13
C PHE C 784 23.03 34.49 34.80
N GLY C 785 22.54 34.49 33.57
CA GLY C 785 21.57 33.50 33.15
C GLY C 785 22.15 32.54 32.14
N ILE C 786 22.09 31.24 32.43
CA ILE C 786 22.60 30.21 31.54
C ILE C 786 21.43 29.66 30.75
N THR C 787 21.41 29.94 29.45
CA THR C 787 20.44 29.38 28.53
C THR C 787 21.07 28.21 27.80
N GLN C 788 20.40 27.07 27.81
CA GLN C 788 20.95 25.84 27.26
C GLN C 788 20.32 25.51 25.92
N GLU C 789 21.13 24.99 25.01
CA GLU C 789 20.66 24.59 23.69
C GLU C 789 21.28 23.24 23.32
N TYR C 790 20.58 22.51 22.48
CA TYR C 790 21.07 21.27 21.90
C TYR C 790 20.93 21.35 20.40
N ILE C 791 22.04 21.14 19.69
CA ILE C 791 22.05 21.11 18.23
C ILE C 791 22.49 19.73 17.80
N GLN C 792 21.63 19.04 17.05
CA GLN C 792 21.90 17.69 16.61
C GLN C 792 22.76 17.71 15.36
N THR C 793 23.81 16.90 15.35
CA THR C 793 24.75 16.88 14.24
C THR C 793 24.76 15.56 13.49
N THR C 794 24.44 14.45 14.14
CA THR C 794 24.47 13.14 13.51
C THR C 794 23.22 12.36 13.86
N ILE C 795 22.87 11.43 12.98
CA ILE C 795 21.91 10.38 13.29
C ILE C 795 22.67 9.07 13.33
N GLN C 796 22.03 8.04 13.88
CA GLN C 796 22.68 6.75 14.02
C GLN C 796 22.78 6.08 12.65
N LYS C 797 24.01 5.84 12.20
CA LYS C 797 24.21 5.22 10.89
C LYS C 797 23.69 3.79 10.91
N VAL C 798 22.76 3.50 10.00
CA VAL C 798 22.12 2.20 9.89
C VAL C 798 22.16 1.76 8.44
N THR C 799 22.57 0.51 8.22
CA THR C 799 22.53 -0.09 6.90
C THR C 799 21.82 -1.44 7.01
N VAL C 800 21.25 -1.89 5.89
CA VAL C 800 20.38 -3.05 5.88
C VAL C 800 20.88 -4.04 4.83
N ASP C 801 20.96 -5.31 5.21
CA ASP C 801 21.15 -6.40 4.26
C ASP C 801 19.79 -6.77 3.70
N CYS C 802 19.57 -6.45 2.41
CA CYS C 802 18.24 -6.58 1.84
C CYS C 802 17.80 -8.04 1.73
N LYS C 803 18.72 -8.93 1.35
CA LYS C 803 18.36 -10.34 1.24
C LYS C 803 18.01 -10.93 2.60
N GLN C 804 18.84 -10.68 3.60
CA GLN C 804 18.57 -11.21 4.94
C GLN C 804 17.31 -10.59 5.54
N TYR C 805 17.11 -9.29 5.36
CA TYR C 805 15.92 -8.64 5.90
C TYR C 805 14.65 -9.17 5.26
N VAL C 806 14.67 -9.38 3.94
CA VAL C 806 13.44 -9.74 3.23
C VAL C 806 13.19 -11.24 3.30
N CYS C 807 14.24 -12.06 3.27
CA CYS C 807 14.09 -13.49 3.11
C CYS C 807 14.53 -14.32 4.31
N ASN C 808 15.09 -13.70 5.36
CA ASN C 808 15.44 -14.39 6.59
C ASN C 808 16.35 -15.59 6.36
N GLY C 809 17.10 -15.57 5.27
CA GLY C 809 17.98 -16.69 4.95
C GLY C 809 17.26 -17.98 4.61
N PHE C 810 16.16 -17.90 3.89
CA PHE C 810 15.44 -19.09 3.41
C PHE C 810 15.66 -19.21 1.90
N GLN C 811 16.04 -20.41 1.46
CA GLN C 811 16.40 -20.61 0.06
C GLN C 811 15.22 -20.33 -0.87
N LYS C 812 14.03 -20.76 -0.47
CA LYS C 812 12.86 -20.62 -1.34
C LYS C 812 12.47 -19.16 -1.53
N CYS C 813 12.74 -18.32 -0.53
CA CYS C 813 12.52 -16.88 -0.71
C CYS C 813 13.64 -16.25 -1.54
N GLU C 814 14.88 -16.70 -1.34
CA GLU C 814 16.01 -16.11 -2.06
C GLU C 814 15.89 -16.33 -3.56
N GLN C 815 15.40 -17.51 -3.97
CA GLN C 815 15.17 -17.74 -5.39
C GLN C 815 14.12 -16.80 -5.94
N LEU C 816 13.07 -16.53 -5.16
CA LEU C 816 12.02 -15.60 -5.60
C LEU C 816 12.46 -14.15 -5.54
N LEU C 817 13.49 -13.83 -4.76
CA LEU C 817 13.99 -12.47 -4.66
C LEU C 817 14.90 -12.10 -5.82
N ARG C 818 15.25 -13.06 -6.67
CA ARG C 818 16.16 -12.78 -7.78
C ARG C 818 15.53 -11.82 -8.80
N GLU C 819 14.22 -11.89 -8.99
CA GLU C 819 13.53 -10.98 -9.89
C GLU C 819 13.44 -9.57 -9.33
N TYR C 820 13.79 -9.38 -8.06
CA TYR C 820 13.80 -8.06 -7.43
C TYR C 820 15.22 -7.65 -7.04
N GLY C 821 16.23 -8.20 -7.70
CA GLY C 821 17.60 -7.99 -7.28
C GLY C 821 18.04 -6.55 -7.38
N GLN C 822 17.64 -5.86 -8.45
CA GLN C 822 18.03 -4.47 -8.61
C GLN C 822 17.43 -3.60 -7.50
N PHE C 823 16.28 -3.99 -6.97
CA PHE C 823 15.68 -3.23 -5.88
C PHE C 823 16.37 -3.48 -4.56
N CYS C 824 16.87 -4.70 -4.34
CA CYS C 824 17.69 -4.95 -3.17
C CYS C 824 18.99 -4.17 -3.24
N ALA C 825 19.61 -4.13 -4.42
CA ALA C 825 20.87 -3.40 -4.58
C ALA C 825 20.68 -1.91 -4.36
N LYS C 826 19.64 -1.33 -4.95
CA LYS C 826 19.44 0.12 -4.84
C LYS C 826 19.21 0.55 -3.40
N ILE C 827 18.62 -0.32 -2.58
CA ILE C 827 18.42 0.00 -1.17
C ILE C 827 19.75 0.06 -0.44
N ASN C 828 20.61 -0.94 -0.68
CA ASN C 828 21.92 -0.95 -0.03
C ASN C 828 22.78 0.22 -0.49
N GLN C 829 22.72 0.56 -1.77
CA GLN C 829 23.52 1.66 -2.29
C GLN C 829 22.98 3.01 -1.81
N ALA C 830 21.66 3.14 -1.70
CA ALA C 830 21.08 4.39 -1.19
C ALA C 830 21.51 4.66 0.24
N LEU C 831 21.48 3.62 1.08
CA LEU C 831 21.93 3.79 2.46
C LEU C 831 23.44 3.92 2.56
N HIS C 832 24.18 3.42 1.56
CA HIS C 832 25.62 3.63 1.55
C HIS C 832 25.96 5.11 1.37
N GLY C 833 25.28 5.78 0.44
CA GLY C 833 25.55 7.19 0.22
C GLY C 833 25.03 8.07 1.31
N ALA C 834 23.99 7.63 2.03
CA ALA C 834 23.52 8.39 3.18
C ALA C 834 24.56 8.42 4.29
N ASN C 835 25.22 7.28 4.52
CA ASN C 835 26.25 7.23 5.55
C ASN C 835 27.55 7.89 5.10
N LEU C 836 27.87 7.84 3.81
CA LEU C 836 29.04 8.54 3.31
C LEU C 836 28.90 10.04 3.48
N MET C 837 27.70 10.57 3.20
CA MET C 837 27.46 12.00 3.39
C MET C 837 27.59 12.38 4.86
N GLN C 838 27.08 11.54 5.75
CA GLN C 838 27.14 11.82 7.18
C GLN C 838 28.58 11.83 7.67
N ASP C 839 29.40 10.90 7.21
CA ASP C 839 30.81 10.88 7.60
C ASP C 839 31.53 12.13 7.08
N GLU C 840 31.18 12.57 5.87
CA GLU C 840 31.77 13.79 5.34
C GLU C 840 31.29 15.03 6.09
N SER C 841 30.11 14.94 6.71
CA SER C 841 29.61 16.06 7.49
C SER C 841 30.31 16.17 8.84
N VAL C 842 30.62 15.03 9.46
CA VAL C 842 31.32 15.04 10.74
C VAL C 842 32.76 15.51 10.56
N ALA C 843 33.42 15.03 9.50
CA ALA C 843 34.80 15.46 9.25
C ALA C 843 34.87 16.96 9.00
N ASN C 844 33.92 17.49 8.22
CA ASN C 844 33.92 18.92 7.95
C ASN C 844 33.51 19.73 9.17
N LEU C 845 32.62 19.19 10.00
CA LEU C 845 32.19 19.90 11.19
C LEU C 845 33.33 20.09 12.18
N PHE C 846 34.13 19.04 12.40
CA PHE C 846 35.20 19.12 13.38
C PHE C 846 36.43 19.87 12.85
N SER C 847 36.53 20.09 11.54
CA SER C 847 37.57 20.94 11.02
C SER C 847 37.24 22.41 11.22
N ASP C 848 35.96 22.78 11.14
CA ASP C 848 35.55 24.18 11.27
C ASP C 848 35.56 24.66 12.72
N ILE C 849 35.37 23.75 13.68
CA ILE C 849 35.33 24.12 15.09
C ILE C 849 36.71 23.90 15.71
N LYS C 850 37.72 23.80 14.87
CA LYS C 850 39.07 23.49 15.33
C LYS C 850 39.73 24.70 15.98
N THR C 851 40.68 24.43 16.87
CA THR C 851 41.44 25.46 17.56
C THR C 851 42.88 25.43 17.05
N HIS C 852 43.33 26.56 16.51
CA HIS C 852 44.71 26.65 16.04
C HIS C 852 45.66 26.93 17.19
N LYS C 853 45.31 27.87 18.06
CA LYS C 853 46.13 28.26 19.20
C LYS C 853 45.30 28.24 20.47
N SER C 854 45.81 27.58 21.51
CA SER C 854 45.16 27.52 22.81
C SER C 854 46.11 28.09 23.85
N GLN C 855 45.66 28.12 25.10
CA GLN C 855 46.47 28.65 26.18
C GLN C 855 46.32 27.78 27.42
N PRO C 856 47.35 27.73 28.26
CA PRO C 856 47.26 26.91 29.48
C PRO C 856 46.33 27.51 30.52
N LEU C 857 45.18 26.87 30.73
CA LEU C 857 44.26 27.30 31.77
C LEU C 857 44.74 26.79 33.13
N ASN C 858 44.66 27.65 34.13
CA ASN C 858 44.99 27.24 35.48
C ASN C 858 43.97 26.22 35.97
N ALA C 859 44.46 25.17 36.63
CA ALA C 859 43.57 24.12 37.11
C ALA C 859 42.74 24.64 38.29
N GLY C 860 41.44 24.42 38.22
CA GLY C 860 40.55 24.87 39.28
C GLY C 860 40.01 26.27 39.05
N LEU C 861 40.63 27.26 39.68
CA LEU C 861 40.18 28.64 39.59
C LEU C 861 41.04 29.40 38.58
N ASN C 862 40.38 30.05 37.62
CA ASN C 862 41.01 30.99 36.70
C ASN C 862 40.57 32.38 37.12
N GLY C 863 41.50 33.14 37.69
CA GLY C 863 41.12 34.38 38.35
C GLY C 863 40.36 34.06 39.62
N ASP C 864 39.05 34.28 39.62
CA ASP C 864 38.19 33.85 40.70
C ASP C 864 37.01 33.03 40.18
N PHE C 865 37.09 32.53 38.95
CA PHE C 865 36.02 31.78 38.32
C PHE C 865 36.30 30.28 38.47
N ASN C 866 35.29 29.53 38.88
CA ASN C 866 35.42 28.08 39.06
C ASN C 866 34.97 27.41 37.77
N LEU C 867 35.93 26.99 36.95
CA LEU C 867 35.67 26.27 35.71
C LEU C 867 35.83 24.77 35.88
N THR C 868 35.67 24.26 37.11
CA THR C 868 35.92 22.85 37.36
C THR C 868 34.95 21.95 36.59
N LEU C 869 33.67 22.35 36.54
CA LEU C 869 32.68 21.53 35.86
C LEU C 869 32.95 21.42 34.36
N LEU C 870 33.78 22.28 33.81
CA LEU C 870 34.03 22.32 32.38
C LEU C 870 35.35 21.67 31.99
N GLN C 871 36.37 21.78 32.83
CA GLN C 871 37.69 21.28 32.50
C GLN C 871 37.78 19.78 32.72
N VAL C 872 38.52 19.11 31.86
CA VAL C 872 38.72 17.66 32.01
C VAL C 872 39.57 17.40 33.25
N PRO C 873 39.34 16.31 33.98
CA PRO C 873 40.06 16.10 35.23
C PRO C 873 41.54 15.85 35.00
N GLN C 874 42.32 16.15 36.04
CA GLN C 874 43.76 15.90 36.00
C GLN C 874 44.06 14.41 35.87
N VAL C 875 43.31 13.58 36.59
CA VAL C 875 43.44 12.12 36.53
C VAL C 875 42.10 11.57 36.09
N SER C 876 42.09 10.82 34.99
CA SER C 876 40.87 10.29 34.40
C SER C 876 40.61 8.89 34.95
N THR C 877 39.45 8.71 35.59
CA THR C 877 39.04 7.41 36.11
C THR C 877 38.07 6.70 35.18
N SER C 878 37.17 7.43 34.54
CA SER C 878 36.21 6.83 33.63
C SER C 878 36.90 6.36 32.35
N GLN C 879 36.14 5.63 31.52
CA GLN C 879 36.69 5.14 30.26
C GLN C 879 37.04 6.29 29.33
N TYR C 880 36.31 7.40 29.42
CA TYR C 880 36.54 8.54 28.55
C TYR C 880 37.49 9.52 29.22
N SER C 881 38.58 9.86 28.52
CA SER C 881 39.55 10.81 29.06
C SER C 881 39.04 12.24 28.92
N HIS C 882 38.79 12.68 27.70
CA HIS C 882 38.38 14.06 27.44
C HIS C 882 36.87 14.18 27.60
N ARG C 883 36.44 14.24 28.86
CA ARG C 883 35.03 14.44 29.17
C ARG C 883 34.92 15.26 30.44
N SER C 884 34.11 16.32 30.38
CA SER C 884 33.96 17.24 31.50
C SER C 884 33.04 16.65 32.57
N PRO C 885 33.16 17.13 33.82
CA PRO C 885 32.22 16.69 34.86
C PRO C 885 30.77 16.97 34.52
N ILE C 886 30.49 18.11 33.88
CA ILE C 886 29.11 18.40 33.48
C ILE C 886 28.68 17.46 32.36
N GLU C 887 29.61 17.03 31.51
CA GLU C 887 29.28 16.11 30.44
C GLU C 887 29.02 14.71 30.97
N ASP C 888 29.71 14.33 32.06
CA ASP C 888 29.37 13.07 32.72
C ASP C 888 27.94 13.06 33.20
N LEU C 889 27.48 14.18 33.79
CA LEU C 889 26.12 14.25 34.29
C LEU C 889 25.12 14.15 33.16
N LEU C 890 25.40 14.80 32.02
CA LEU C 890 24.49 14.72 30.88
C LEU C 890 24.34 13.30 30.38
N PHE C 891 25.45 12.55 30.29
CA PHE C 891 25.38 11.18 29.83
C PHE C 891 24.71 10.27 30.84
N ASN C 892 24.92 10.51 32.14
CA ASN C 892 24.29 9.70 33.16
C ASN C 892 22.79 9.92 33.23
N LYS C 893 22.29 11.05 32.74
CA LYS C 893 20.86 11.31 32.76
C LYS C 893 20.14 10.75 31.55
N VAL C 894 20.81 10.68 30.39
CA VAL C 894 20.20 10.12 29.19
C VAL C 894 20.25 8.60 29.27
N THR C 895 19.53 7.93 28.38
CA THR C 895 19.34 6.48 28.42
C THR C 895 19.76 5.85 27.10
N ILE C 896 20.97 6.20 26.64
CA ILE C 896 21.49 5.63 25.40
C ILE C 896 21.71 4.14 25.57
N ALA C 897 21.18 3.36 24.63
CA ALA C 897 21.42 1.92 24.62
C ALA C 897 22.77 1.63 23.96
N ASP C 898 23.50 0.68 24.52
CA ASP C 898 24.86 0.40 24.08
C ASP C 898 24.85 -0.27 22.71
N PRO C 899 25.49 0.32 21.69
CA PRO C 899 25.52 -0.34 20.38
C PRO C 899 26.47 -1.52 20.33
N GLY C 900 27.55 -1.51 21.09
CA GLY C 900 28.49 -2.62 21.11
C GLY C 900 29.27 -2.77 19.82
N TYR C 901 30.17 -1.84 19.55
CA TYR C 901 30.94 -1.86 18.31
C TYR C 901 32.13 -2.82 18.35
N MET C 902 32.44 -3.39 19.51
CA MET C 902 33.60 -4.26 19.64
C MET C 902 33.24 -5.70 19.97
N GLN C 903 32.27 -5.93 20.86
CA GLN C 903 31.86 -7.27 21.26
C GLN C 903 30.35 -7.41 21.26
N GLY C 904 29.65 -6.65 20.42
CA GLY C 904 28.20 -6.70 20.41
C GLY C 904 27.65 -8.06 20.01
N TYR C 905 28.32 -8.72 19.06
CA TYR C 905 27.89 -10.04 18.64
C TYR C 905 28.04 -11.05 19.76
N ASP C 906 29.15 -11.01 20.50
CA ASP C 906 29.37 -11.95 21.57
C ASP C 906 28.43 -11.71 22.74
N ASP C 907 28.17 -10.44 23.07
CA ASP C 907 27.31 -10.13 24.21
C ASP C 907 25.90 -10.65 23.98
N CYS C 908 25.36 -10.49 22.78
CA CYS C 908 24.00 -10.94 22.50
C CYS C 908 23.90 -12.45 22.59
N MET C 909 24.87 -13.18 22.03
CA MET C 909 24.82 -14.64 22.09
C MET C 909 24.98 -15.15 23.51
N LYS C 910 25.91 -14.56 24.28
CA LYS C 910 26.11 -14.99 25.66
C LYS C 910 24.93 -14.62 26.54
N GLN C 911 24.13 -13.63 26.14
CA GLN C 911 22.99 -13.20 26.94
C GLN C 911 21.73 -13.94 26.51
N GLY C 912 21.08 -14.59 27.48
CA GLY C 912 19.85 -15.30 27.22
C GLY C 912 18.61 -14.46 27.45
N PRO C 913 18.46 -13.90 28.66
CA PRO C 913 17.29 -13.08 28.93
C PRO C 913 17.32 -11.79 28.14
N PRO C 914 16.17 -11.22 27.82
CA PRO C 914 16.14 -9.93 27.12
C PRO C 914 16.64 -8.80 28.00
N SER C 915 17.17 -7.76 27.36
CA SER C 915 17.72 -6.62 28.05
C SER C 915 17.41 -5.37 27.23
N ALA C 916 17.98 -4.23 27.66
CA ALA C 916 17.77 -2.98 26.94
C ALA C 916 18.41 -2.98 25.56
N ARG C 917 19.34 -3.90 25.30
CA ARG C 917 19.99 -4.02 24.01
C ARG C 917 19.24 -4.96 23.06
N ASP C 918 17.93 -5.14 23.26
CA ASP C 918 17.16 -6.03 22.40
C ASP C 918 17.17 -5.54 20.96
N LEU C 919 16.93 -4.24 20.76
CA LEU C 919 17.04 -3.67 19.42
C LEU C 919 18.48 -3.75 18.91
N ILE C 920 19.45 -3.54 19.80
CA ILE C 920 20.85 -3.68 19.42
C ILE C 920 21.16 -5.14 19.10
N CYS C 921 20.54 -6.07 19.82
CA CYS C 921 20.71 -7.49 19.53
C CYS C 921 19.80 -7.98 18.41
N ALA C 922 18.83 -7.18 18.00
CA ALA C 922 17.99 -7.56 16.87
C ALA C 922 18.64 -7.25 15.53
N GLN C 923 19.78 -6.54 15.53
CA GLN C 923 20.48 -6.25 14.28
C GLN C 923 20.89 -7.54 13.59
N TYR C 924 21.58 -8.42 14.31
CA TYR C 924 22.13 -9.63 13.74
C TYR C 924 21.07 -10.66 13.40
N VAL C 925 19.83 -10.47 13.86
CA VAL C 925 18.73 -11.35 13.52
C VAL C 925 17.87 -10.78 12.40
N ALA C 926 17.54 -9.49 12.48
CA ALA C 926 16.68 -8.86 11.49
C ALA C 926 17.42 -8.42 10.23
N GLY C 927 18.74 -8.54 10.20
CA GLY C 927 19.51 -8.26 9.01
C GLY C 927 19.99 -6.83 8.85
N TYR C 928 19.59 -5.91 9.72
CA TYR C 928 20.11 -4.56 9.64
C TYR C 928 21.33 -4.42 10.55
N LYS C 929 22.13 -3.40 10.28
CA LYS C 929 23.39 -3.20 10.96
C LYS C 929 23.55 -1.75 11.38
N VAL C 930 23.96 -1.54 12.62
CA VAL C 930 24.25 -0.22 13.16
C VAL C 930 25.75 0.03 13.00
N LEU C 931 26.10 1.08 12.30
CA LEU C 931 27.49 1.36 11.97
C LEU C 931 28.15 2.22 13.05
N PRO C 932 29.45 2.07 13.26
CA PRO C 932 30.14 2.89 14.26
C PRO C 932 30.36 4.30 13.74
N PRO C 933 30.34 5.30 14.61
CA PRO C 933 30.57 6.67 14.18
C PRO C 933 32.01 6.87 13.70
N LEU C 934 32.23 8.01 13.05
CA LEU C 934 33.54 8.29 12.47
C LEU C 934 34.62 8.43 13.54
N TYR C 935 34.30 9.12 14.63
CA TYR C 935 35.27 9.40 15.68
C TYR C 935 34.86 8.69 16.97
N ASP C 936 35.84 8.21 17.71
CA ASP C 936 35.59 7.72 19.06
C ASP C 936 35.30 8.91 19.97
N PRO C 937 34.62 8.68 21.10
CA PRO C 937 34.28 9.80 21.98
C PRO C 937 35.48 10.57 22.48
N ASN C 938 36.66 9.95 22.53
CA ASN C 938 37.86 10.66 23.00
C ASN C 938 38.27 11.75 22.01
N MET C 939 38.32 11.42 20.71
CA MET C 939 38.69 12.42 19.72
C MET C 939 37.63 13.52 19.62
N GLU C 940 36.35 13.15 19.73
CA GLU C 940 35.30 14.17 19.74
C GLU C 940 35.44 15.09 20.94
N GLY C 941 35.76 14.52 22.11
CA GLY C 941 36.04 15.34 23.27
C GLY C 941 37.28 16.20 23.10
N ALA C 942 38.28 15.69 22.37
CA ALA C 942 39.52 16.43 22.19
C ALA C 942 39.28 17.75 21.45
N TYR C 943 38.47 17.72 20.40
CA TYR C 943 38.13 18.95 19.70
C TYR C 943 37.32 19.89 20.60
N THR C 944 36.35 19.34 21.33
CA THR C 944 35.48 20.17 22.14
C THR C 944 36.19 20.69 23.39
N SER C 945 36.94 19.82 24.07
CA SER C 945 37.63 20.23 25.29
C SER C 945 38.76 21.23 25.04
N SER C 946 39.18 21.39 23.78
CA SER C 946 40.21 22.35 23.44
C SER C 946 39.65 23.75 23.18
N LEU C 947 38.33 23.89 23.08
CA LEU C 947 37.72 25.19 22.81
C LEU C 947 37.60 26.07 24.05
N LEU C 948 37.92 25.54 25.23
CA LEU C 948 37.79 26.35 26.44
C LEU C 948 38.90 27.39 26.52
N GLY C 949 40.13 27.01 26.18
CA GLY C 949 41.26 27.90 26.26
C GLY C 949 41.68 28.50 24.93
N SER C 950 40.79 28.45 23.95
CA SER C 950 41.12 28.99 22.64
C SER C 950 41.28 30.50 22.69
N ILE C 951 42.31 31.00 22.02
CA ILE C 951 42.57 32.44 21.91
C ILE C 951 42.42 32.82 20.45
N ALA C 952 41.56 33.80 20.17
CA ALA C 952 41.20 34.15 18.80
C ALA C 952 41.13 35.65 18.61
N GLY C 953 41.94 36.41 19.34
CA GLY C 953 41.96 37.84 19.16
C GLY C 953 41.87 38.55 20.51
N ALA C 954 41.41 39.80 20.46
CA ALA C 954 41.34 40.63 21.65
C ALA C 954 40.01 41.32 21.86
N GLY C 955 39.01 41.08 21.02
CA GLY C 955 37.73 41.74 21.17
C GLY C 955 37.63 43.01 20.35
N TRP C 956 38.56 43.93 20.55
CA TRP C 956 38.64 45.12 19.70
C TRP C 956 39.42 44.86 18.42
N THR C 957 40.01 43.67 18.29
CA THR C 957 40.77 43.31 17.10
C THR C 957 39.85 42.78 16.02
N ALA C 958 40.01 43.30 14.80
CA ALA C 958 39.18 42.87 13.69
C ALA C 958 39.50 41.43 13.29
N GLY C 959 38.46 40.61 13.17
CA GLY C 959 38.66 39.24 12.77
C GLY C 959 39.43 38.42 13.80
N LEU C 960 40.17 37.44 13.29
CA LEU C 960 40.91 36.51 14.14
C LEU C 960 42.31 36.25 13.59
N SER C 961 42.85 37.20 12.82
CA SER C 961 44.18 37.04 12.25
C SER C 961 45.28 37.07 13.29
N SER C 962 44.99 37.52 14.52
CA SER C 962 45.97 37.56 15.60
C SER C 962 45.50 36.67 16.74
N PHE C 963 46.44 36.29 17.60
CA PHE C 963 46.17 35.44 18.75
C PHE C 963 46.75 36.09 19.99
N ALA C 964 45.88 36.45 20.93
CA ALA C 964 46.27 37.15 22.15
C ALA C 964 46.07 36.24 23.35
N ALA C 965 47.13 36.04 24.13
CA ALA C 965 47.10 35.16 25.30
C ALA C 965 46.58 35.91 26.53
N ILE C 966 45.31 36.29 26.45
CA ILE C 966 44.64 36.98 27.55
C ILE C 966 44.02 35.93 28.47
N PRO C 967 44.29 35.99 29.78
CA PRO C 967 43.69 35.02 30.70
C PRO C 967 42.17 35.08 30.68
N PHE C 968 41.56 34.00 31.16
CA PHE C 968 40.10 33.87 31.10
C PHE C 968 39.42 34.95 31.92
N ALA C 969 39.97 35.28 33.09
CA ALA C 969 39.35 36.29 33.95
C ALA C 969 39.31 37.65 33.25
N GLN C 970 40.40 38.01 32.57
CA GLN C 970 40.42 39.29 31.88
C GLN C 970 39.53 39.29 30.65
N SER C 971 39.40 38.14 29.98
CA SER C 971 38.53 38.06 28.81
C SER C 971 37.08 38.30 29.18
N ILE C 972 36.63 37.75 30.31
CA ILE C 972 35.25 37.96 30.74
C ILE C 972 34.99 39.43 31.04
N PHE C 973 35.93 40.07 31.74
CA PHE C 973 35.75 41.49 32.09
C PHE C 973 35.69 42.35 30.84
N TYR C 974 36.54 42.08 29.85
CA TYR C 974 36.48 42.83 28.60
C TYR C 974 35.17 42.59 27.87
N ARG C 975 34.67 41.35 27.88
CA ARG C 975 33.39 41.06 27.24
C ARG C 975 32.25 41.77 27.95
N MET C 976 32.33 41.89 29.27
CA MET C 976 31.31 42.64 30.00
C MET C 976 31.45 44.14 29.78
N ASN C 977 32.66 44.61 29.51
CA ASN C 977 32.87 46.02 29.17
C ASN C 977 32.26 46.37 27.82
N GLY C 978 32.09 45.39 26.93
CA GLY C 978 31.51 45.63 25.63
C GLY C 978 30.00 45.61 25.57
N ILE C 979 29.33 45.38 26.70
CA ILE C 979 27.87 45.39 26.74
C ILE C 979 27.32 46.62 27.43
N GLY C 980 28.16 47.43 28.07
CA GLY C 980 27.69 48.64 28.71
C GLY C 980 27.96 48.71 30.19
N ILE C 981 29.01 48.03 30.66
CA ILE C 981 29.45 48.11 32.04
C ILE C 981 30.78 48.85 32.06
N THR C 982 30.79 50.03 32.69
CA THR C 982 32.00 50.83 32.76
C THR C 982 33.02 50.18 33.69
N GLN C 983 34.30 50.55 33.49
CA GLN C 983 35.39 49.91 34.22
C GLN C 983 35.38 50.23 35.70
N GLN C 984 34.73 51.32 36.12
CA GLN C 984 34.65 51.60 37.54
C GLN C 984 33.75 50.60 38.25
N VAL C 985 32.72 50.10 37.57
CA VAL C 985 31.87 49.07 38.17
C VAL C 985 32.63 47.75 38.28
N LEU C 986 33.37 47.38 37.24
CA LEU C 986 34.06 46.09 37.25
C LEU C 986 35.14 46.05 38.33
N SER C 987 35.88 47.15 38.51
CA SER C 987 36.94 47.17 39.51
C SER C 987 36.37 47.03 40.91
N GLU C 988 35.26 47.70 41.20
CA GLU C 988 34.67 47.63 42.54
C GLU C 988 33.95 46.31 42.78
N ASN C 989 33.32 45.74 41.75
CA ASN C 989 32.51 44.54 41.90
C ASN C 989 33.21 43.29 41.37
N GLN C 990 34.55 43.25 41.43
CA GLN C 990 35.28 42.13 40.84
C GLN C 990 34.95 40.82 41.53
N LYS C 991 34.88 40.83 42.87
CA LYS C 991 34.58 39.59 43.60
C LYS C 991 33.12 39.20 43.46
N LEU C 992 32.22 40.20 43.46
CA LEU C 992 30.80 39.90 43.36
C LEU C 992 30.45 39.27 42.02
N ILE C 993 31.06 39.75 40.94
CA ILE C 993 30.76 39.21 39.61
C ILE C 993 31.28 37.79 39.49
N ALA C 994 32.46 37.51 40.05
CA ALA C 994 33.01 36.16 40.00
C ALA C 994 32.11 35.16 40.72
N ASN C 995 31.61 35.54 41.90
CA ASN C 995 30.71 34.65 42.64
C ASN C 995 29.42 34.40 41.87
N LYS C 996 28.85 35.44 41.25
CA LYS C 996 27.63 35.26 40.48
C LYS C 996 27.87 34.36 39.27
N PHE C 997 29.07 34.42 38.68
CA PHE C 997 29.39 33.52 37.59
C PHE C 997 29.46 32.07 38.07
N ASN C 998 30.06 31.84 39.24
CA ASN C 998 30.16 30.50 39.77
C ASN C 998 28.81 29.96 40.24
N GLN C 999 27.93 30.85 40.71
CA GLN C 999 26.58 30.42 41.08
C GLN C 999 25.83 29.90 39.87
N ALA C 1000 25.99 30.54 38.72
CA ALA C 1000 25.32 30.09 37.50
C ALA C 1000 25.82 28.71 37.09
N LEU C 1001 27.13 28.46 37.19
CA LEU C 1001 27.67 27.18 36.81
C LEU C 1001 27.24 26.06 37.76
N GLY C 1002 26.74 26.39 38.94
CA GLY C 1002 26.17 25.37 39.81
C GLY C 1002 24.72 25.07 39.53
N ALA C 1003 24.02 25.97 38.84
CA ALA C 1003 22.63 25.71 38.49
C ALA C 1003 22.51 24.70 37.35
N MET C 1004 23.52 24.65 36.46
CA MET C 1004 23.49 23.66 35.40
C MET C 1004 23.70 22.25 35.92
N GLN C 1005 24.30 22.10 37.10
CA GLN C 1005 24.44 20.79 37.72
C GLN C 1005 23.11 20.22 38.20
N THR C 1006 22.06 21.05 38.26
CA THR C 1006 20.72 20.60 38.61
C THR C 1006 19.68 21.07 37.59
N GLY C 1007 20.11 21.34 36.36
CA GLY C 1007 19.22 21.73 35.29
C GLY C 1007 18.84 20.64 34.32
N PHE C 1008 19.38 19.43 34.49
CA PHE C 1008 19.09 18.31 33.59
C PHE C 1008 17.80 17.64 34.02
N THR C 1009 16.69 18.26 33.64
CA THR C 1009 15.36 17.76 33.98
C THR C 1009 14.49 17.77 32.73
N THR C 1010 13.38 17.03 32.81
CA THR C 1010 12.42 16.98 31.71
C THR C 1010 11.73 18.32 31.49
N THR C 1011 11.83 19.26 32.44
CA THR C 1011 11.23 20.57 32.30
C THR C 1011 12.10 21.53 31.50
N ASN C 1012 13.30 21.11 31.08
CA ASN C 1012 14.18 21.93 30.27
C ASN C 1012 14.05 21.52 28.82
N LEU C 1013 13.87 22.50 27.94
CA LEU C 1013 13.70 22.20 26.52
C LEU C 1013 14.96 21.59 25.92
N ALA C 1014 16.13 22.12 26.28
CA ALA C 1014 17.37 21.65 25.68
C ALA C 1014 17.63 20.18 25.99
N PHE C 1015 17.41 19.77 27.23
CA PHE C 1015 17.64 18.38 27.60
C PHE C 1015 16.59 17.45 27.01
N SER C 1016 15.37 17.94 26.83
CA SER C 1016 14.33 17.13 26.22
C SER C 1016 14.68 16.79 24.77
N LYS C 1017 15.23 17.76 24.04
CA LYS C 1017 15.63 17.51 22.66
C LYS C 1017 16.79 16.53 22.57
N VAL C 1018 17.61 16.44 23.63
CA VAL C 1018 18.63 15.41 23.67
C VAL C 1018 18.00 14.03 23.69
N GLN C 1019 16.96 13.86 24.51
CA GLN C 1019 16.24 12.59 24.54
C GLN C 1019 15.48 12.34 23.24
N ASP C 1020 14.95 13.38 22.61
CA ASP C 1020 14.22 13.20 21.37
C ASP C 1020 15.12 12.66 20.26
N ALA C 1021 16.40 13.04 20.27
CA ALA C 1021 17.33 12.50 19.28
C ALA C 1021 17.62 11.03 19.55
N VAL C 1022 17.71 10.64 20.82
CA VAL C 1022 17.90 9.23 21.15
C VAL C 1022 16.68 8.43 20.73
N ASN C 1023 15.48 8.95 21.00
CA ASN C 1023 14.26 8.23 20.63
C ASN C 1023 14.10 8.12 19.13
N ALA C 1024 14.59 9.11 18.37
CA ALA C 1024 14.51 9.03 16.92
C ALA C 1024 15.31 7.86 16.38
N ASN C 1025 16.51 7.64 16.92
CA ASN C 1025 17.29 6.47 16.54
C ASN C 1025 16.60 5.18 16.98
N ALA C 1026 16.03 5.17 18.19
CA ALA C 1026 15.33 4.00 18.69
C ALA C 1026 14.11 3.68 17.83
N GLN C 1027 13.39 4.71 17.40
CA GLN C 1027 12.22 4.50 16.55
C GLN C 1027 12.61 3.91 15.20
N ALA C 1028 13.76 4.34 14.65
CA ALA C 1028 14.17 3.86 13.34
C ALA C 1028 14.45 2.37 13.36
N LEU C 1029 15.15 1.88 14.39
CA LEU C 1029 15.41 0.45 14.49
C LEU C 1029 14.16 -0.32 14.86
N SER C 1030 13.28 0.27 15.66
CA SER C 1030 12.07 -0.43 16.08
C SER C 1030 11.14 -0.69 14.90
N LYS C 1031 11.02 0.28 13.98
CA LYS C 1031 10.15 0.10 12.84
C LYS C 1031 10.64 -1.01 11.93
N LEU C 1032 11.95 -1.15 11.77
CA LEU C 1032 12.50 -2.26 10.99
C LEU C 1032 12.16 -3.60 11.62
N ALA C 1033 12.29 -3.71 12.95
CA ALA C 1033 12.00 -4.97 13.62
C ALA C 1033 10.51 -5.23 13.68
N SER C 1034 9.68 -4.18 13.77
CA SER C 1034 8.24 -4.38 13.87
C SER C 1034 7.65 -4.76 12.52
N GLU C 1035 8.26 -4.33 11.42
CA GLU C 1035 7.71 -4.63 10.10
C GLU C 1035 7.88 -6.09 9.72
N LEU C 1036 8.80 -6.80 10.36
CA LEU C 1036 8.93 -8.23 10.10
C LEU C 1036 7.78 -9.02 10.70
N SER C 1037 7.02 -8.43 11.61
CA SER C 1037 5.81 -9.04 12.14
C SER C 1037 4.60 -8.77 11.28
N ASN C 1038 4.75 -8.01 10.21
CA ASN C 1038 3.64 -7.74 9.29
C ASN C 1038 3.44 -8.92 8.36
N THR C 1039 2.18 -9.26 8.11
CA THR C 1039 1.85 -10.37 7.23
C THR C 1039 1.54 -9.95 5.80
N PHE C 1040 1.12 -8.70 5.59
CA PHE C 1040 0.79 -8.18 4.26
C PHE C 1040 -0.27 -9.04 3.58
N GLY C 1041 -1.24 -9.51 4.35
CA GLY C 1041 -2.26 -10.37 3.82
C GLY C 1041 -1.88 -11.83 3.68
N ALA C 1042 -0.64 -12.18 4.00
CA ALA C 1042 -0.24 -13.58 3.99
C ALA C 1042 -0.74 -14.29 5.24
N ILE C 1043 -0.67 -15.62 5.23
CA ILE C 1043 -1.17 -16.39 6.35
C ILE C 1043 -0.35 -16.15 7.61
N SER C 1044 0.92 -15.82 7.46
CA SER C 1044 1.79 -15.57 8.61
C SER C 1044 2.92 -14.65 8.18
N SER C 1045 3.44 -13.90 9.15
CA SER C 1045 4.57 -13.02 8.89
C SER C 1045 5.87 -13.80 8.70
N SER C 1046 5.92 -15.04 9.15
CA SER C 1046 7.13 -15.85 9.08
C SER C 1046 7.08 -16.76 7.87
N ILE C 1047 8.21 -16.86 7.16
CA ILE C 1047 8.31 -17.78 6.04
C ILE C 1047 8.23 -19.23 6.54
N SER C 1048 8.70 -19.49 7.75
CA SER C 1048 8.68 -20.85 8.28
C SER C 1048 7.26 -21.39 8.34
N ASP C 1049 6.32 -20.58 8.84
CA ASP C 1049 4.93 -21.02 8.88
C ASP C 1049 4.35 -21.19 7.48
N ILE C 1050 4.78 -20.35 6.53
CA ILE C 1050 4.27 -20.46 5.17
C ILE C 1050 4.78 -21.75 4.52
N LEU C 1051 6.03 -22.13 4.80
CA LEU C 1051 6.58 -23.35 4.22
C LEU C 1051 6.04 -24.59 4.91
N LYS C 1052 5.67 -24.49 6.19
CA LYS C 1052 5.10 -25.63 6.90
C LYS C 1052 3.64 -25.87 6.53
N ARG C 1053 2.91 -24.83 6.14
CA ARG C 1053 1.47 -24.92 5.96
C ARG C 1053 1.03 -25.06 4.52
N LEU C 1054 1.86 -24.66 3.55
CA LEU C 1054 1.42 -24.62 2.17
C LEU C 1054 2.41 -25.34 1.27
N ASP C 1055 1.94 -25.67 0.08
CA ASP C 1055 2.69 -26.30 -0.99
C ASP C 1055 2.58 -25.45 -2.25
N PRO C 1056 3.56 -25.55 -3.16
CA PRO C 1056 3.49 -24.76 -4.37
C PRO C 1056 2.29 -25.15 -5.21
N PRO C 1057 1.76 -24.22 -6.01
CA PRO C 1057 2.23 -22.85 -6.27
C PRO C 1057 1.71 -21.82 -5.27
N GLU C 1058 0.93 -22.25 -4.26
CA GLU C 1058 0.34 -21.29 -3.34
C GLU C 1058 1.38 -20.69 -2.41
N GLN C 1059 2.37 -21.49 -1.98
CA GLN C 1059 3.37 -20.97 -1.05
C GLN C 1059 4.23 -19.88 -1.67
N GLU C 1060 4.36 -19.86 -3.01
CA GLU C 1060 5.12 -18.79 -3.65
C GLU C 1060 4.35 -17.48 -3.65
N ALA C 1061 3.04 -17.54 -3.88
CA ALA C 1061 2.23 -16.32 -3.86
C ALA C 1061 2.21 -15.70 -2.48
N GLN C 1062 2.12 -16.52 -1.44
CA GLN C 1062 2.13 -16.01 -0.07
C GLN C 1062 3.49 -15.41 0.28
N ILE C 1063 4.58 -16.03 -0.17
CA ILE C 1063 5.90 -15.48 0.07
C ILE C 1063 6.10 -14.20 -0.74
N ASP C 1064 5.56 -14.15 -1.96
CA ASP C 1064 5.64 -12.94 -2.76
C ASP C 1064 4.91 -11.77 -2.09
N ARG C 1065 3.90 -12.06 -1.28
CA ARG C 1065 3.26 -11.00 -0.51
C ARG C 1065 4.24 -10.35 0.44
N LEU C 1066 5.08 -11.14 1.11
CA LEU C 1066 6.05 -10.59 2.05
C LEU C 1066 7.17 -9.87 1.32
N ILE C 1067 7.62 -10.40 0.18
CA ILE C 1067 8.74 -9.79 -0.54
C ILE C 1067 8.38 -8.38 -1.00
N ASN C 1068 7.20 -8.23 -1.60
CA ASN C 1068 6.77 -6.91 -2.04
C ASN C 1068 6.54 -5.98 -0.87
N GLY C 1069 5.97 -6.49 0.22
CA GLY C 1069 5.72 -5.65 1.38
C GLY C 1069 7.00 -5.18 2.05
N ARG C 1070 7.96 -6.08 2.24
CA ARG C 1070 9.19 -5.70 2.93
C ARG C 1070 10.07 -4.80 2.08
N LEU C 1071 10.08 -5.00 0.76
CA LEU C 1071 10.82 -4.09 -0.11
C LEU C 1071 10.23 -2.69 -0.09
N THR C 1072 8.91 -2.59 -0.12
CA THR C 1072 8.27 -1.28 -0.03
C THR C 1072 8.53 -0.65 1.33
N SER C 1073 8.54 -1.46 2.40
CA SER C 1073 8.88 -0.94 3.71
C SER C 1073 10.33 -0.48 3.76
N LEU C 1074 11.22 -1.22 3.11
CA LEU C 1074 12.62 -0.81 3.06
C LEU C 1074 12.78 0.49 2.30
N ASN C 1075 11.98 0.69 1.24
CA ASN C 1075 12.01 1.95 0.52
C ASN C 1075 11.59 3.12 1.41
N ALA C 1076 10.58 2.89 2.25
CA ALA C 1076 10.14 3.93 3.17
C ALA C 1076 11.20 4.23 4.22
N PHE C 1077 11.92 3.20 4.66
CA PHE C 1077 13.00 3.41 5.62
C PHE C 1077 14.13 4.24 5.01
N VAL C 1078 14.44 4.00 3.73
CA VAL C 1078 15.50 4.76 3.07
C VAL C 1078 15.11 6.23 2.95
N ALA C 1079 13.87 6.49 2.50
CA ALA C 1079 13.43 7.87 2.33
C ALA C 1079 13.38 8.60 3.66
N GLN C 1080 12.90 7.93 4.71
CA GLN C 1080 12.88 8.53 6.04
C GLN C 1080 14.29 8.83 6.53
N GLN C 1081 15.22 7.89 6.29
CA GLN C 1081 16.60 8.08 6.74
C GLN C 1081 17.30 9.17 5.94
N LEU C 1082 16.98 9.32 4.66
CA LEU C 1082 17.60 10.35 3.85
C LEU C 1082 17.24 11.74 4.35
N VAL C 1083 15.97 11.97 4.70
CA VAL C 1083 15.55 13.26 5.22
C VAL C 1083 16.23 13.53 6.56
N ARG C 1084 16.27 12.51 7.42
CA ARG C 1084 16.96 12.67 8.71
C ARG C 1084 18.44 12.93 8.52
N SER C 1085 19.06 12.26 7.54
CA SER C 1085 20.48 12.49 7.27
C SER C 1085 20.72 13.91 6.78
N GLU C 1086 19.85 14.41 5.90
CA GLU C 1086 20.03 15.76 5.38
C GLU C 1086 19.70 16.81 6.43
N THR C 1087 18.70 16.56 7.28
CA THR C 1087 18.37 17.49 8.34
C THR C 1087 19.52 17.62 9.34
N ALA C 1088 20.13 16.50 9.71
CA ALA C 1088 21.28 16.55 10.61
C ALA C 1088 22.52 17.11 9.93
N ALA C 1089 22.58 17.07 8.60
CA ALA C 1089 23.73 17.59 7.89
C ALA C 1089 23.72 19.11 7.84
N ARG C 1090 22.53 19.72 7.79
CA ARG C 1090 22.42 21.17 7.81
C ARG C 1090 22.31 21.72 9.22
N SER C 1091 21.80 20.92 10.16
CA SER C 1091 21.88 21.30 11.57
C SER C 1091 23.32 21.29 12.06
N ALA C 1092 24.18 20.49 11.44
CA ALA C 1092 25.61 20.53 11.76
C ALA C 1092 26.24 21.84 11.32
N GLN C 1093 25.72 22.45 10.25
CA GLN C 1093 26.21 23.76 9.83
C GLN C 1093 25.90 24.82 10.87
N LEU C 1094 24.72 24.74 11.50
CA LEU C 1094 24.38 25.67 12.55
C LEU C 1094 25.30 25.52 13.74
N ALA C 1095 25.63 24.28 14.11
CA ALA C 1095 26.53 24.05 15.23
C ALA C 1095 27.91 24.64 14.96
N SER C 1096 28.43 24.45 13.75
CA SER C 1096 29.72 25.03 13.41
C SER C 1096 29.66 26.55 13.45
N ASP C 1097 28.58 27.13 12.94
CA ASP C 1097 28.43 28.58 12.99
C ASP C 1097 28.19 29.06 14.41
N LYS C 1098 27.48 28.27 15.22
CA LYS C 1098 27.21 28.68 16.60
C LYS C 1098 28.47 28.65 17.46
N VAL C 1099 29.38 27.72 17.19
CA VAL C 1099 30.65 27.70 17.91
C VAL C 1099 31.44 28.96 17.63
N ASN C 1100 31.53 29.35 16.36
CA ASN C 1100 32.28 30.55 15.99
C ASN C 1100 31.59 31.81 16.52
N GLU C 1101 30.26 31.87 16.42
CA GLU C 1101 29.54 33.08 16.82
C GLU C 1101 29.43 33.22 18.33
N CYS C 1102 29.22 32.11 19.04
CA CYS C 1102 28.94 32.17 20.47
C CYS C 1102 30.14 31.75 21.33
N VAL C 1103 30.82 30.65 20.97
CA VAL C 1103 31.88 30.13 21.81
C VAL C 1103 33.19 30.86 21.57
N LYS C 1104 33.59 31.00 20.31
CA LYS C 1104 34.88 31.59 19.98
C LYS C 1104 34.88 33.11 20.05
N SER C 1105 33.73 33.74 20.23
CA SER C 1105 33.65 35.19 20.24
C SER C 1105 32.44 35.62 21.05
N GLN C 1106 32.22 36.92 21.12
CA GLN C 1106 31.05 37.49 21.77
C GLN C 1106 30.07 37.93 20.69
N SER C 1107 28.84 37.43 20.77
CA SER C 1107 27.83 37.71 19.76
C SER C 1107 27.03 38.95 20.14
N LYS C 1108 26.98 39.91 19.22
CA LYS C 1108 26.14 41.09 19.39
C LYS C 1108 24.68 40.82 19.07
N ARG C 1109 24.39 39.74 18.34
CA ARG C 1109 23.03 39.49 17.89
C ARG C 1109 22.13 39.13 19.06
N ASN C 1110 20.99 39.80 19.13
CA ASN C 1110 19.98 39.48 20.13
C ASN C 1110 19.26 38.20 19.73
N GLY C 1111 18.90 37.41 20.72
CA GLY C 1111 18.21 36.15 20.49
C GLY C 1111 19.13 34.99 20.19
N PHE C 1112 20.06 35.20 19.27
CA PHE C 1112 21.10 34.20 19.01
C PHE C 1112 22.01 34.07 20.22
N CYS C 1113 22.58 32.88 20.37
CA CYS C 1113 23.45 32.56 21.50
C CYS C 1113 22.73 32.78 22.83
N GLY C 1114 21.49 32.30 22.92
CA GLY C 1114 20.75 32.37 24.16
C GLY C 1114 20.03 33.68 24.36
N SER C 1115 19.33 33.76 25.48
CA SER C 1115 18.59 34.95 25.86
C SER C 1115 19.48 35.92 26.63
N GLY C 1116 18.99 37.15 26.78
CA GLY C 1116 19.76 38.18 27.43
C GLY C 1116 20.88 38.70 26.54
N THR C 1117 21.79 39.43 27.15
CA THR C 1117 22.95 39.98 26.46
C THR C 1117 24.10 38.98 26.59
N HIS C 1118 24.55 38.46 25.45
CA HIS C 1118 25.54 37.40 25.44
C HIS C 1118 26.87 37.88 26.00
N ILE C 1119 27.51 37.03 26.79
CA ILE C 1119 28.83 37.32 27.35
C ILE C 1119 29.80 36.23 26.91
N VAL C 1120 29.53 34.98 27.31
CA VAL C 1120 30.40 33.86 26.98
C VAL C 1120 29.52 32.64 26.76
N SER C 1121 30.04 31.67 26.01
CA SER C 1121 29.33 30.44 25.73
C SER C 1121 30.28 29.26 25.82
N PHE C 1122 29.73 28.10 26.17
CA PHE C 1122 30.50 26.87 26.29
C PHE C 1122 29.81 25.77 25.49
N VAL C 1123 30.60 24.81 25.03
CA VAL C 1123 30.10 23.69 24.24
C VAL C 1123 30.66 22.40 24.81
N ILE C 1124 29.79 21.39 24.93
CA ILE C 1124 30.18 20.06 25.36
C ILE C 1124 29.56 19.05 24.42
N ASN C 1125 30.11 17.84 24.42
CA ASN C 1125 29.56 16.78 23.60
C ASN C 1125 28.25 16.27 24.19
N ALA C 1126 27.30 15.98 23.31
CA ALA C 1126 26.01 15.42 23.65
C ALA C 1126 25.77 14.20 22.79
N PRO C 1127 24.84 13.33 23.18
CA PRO C 1127 24.49 12.20 22.30
C PRO C 1127 23.94 12.71 20.97
N ASN C 1128 24.65 12.38 19.90
CA ASN C 1128 24.27 12.73 18.52
C ASN C 1128 24.26 14.24 18.30
N GLY C 1129 25.12 14.98 18.98
CA GLY C 1129 25.18 16.40 18.76
C GLY C 1129 25.99 17.12 19.84
N PHE C 1130 25.77 18.42 19.93
CA PHE C 1130 26.47 19.28 20.89
C PHE C 1130 25.46 19.92 21.84
N TYR C 1131 25.97 20.31 23.01
CA TYR C 1131 25.16 20.96 24.04
C TYR C 1131 25.83 22.27 24.41
N PHE C 1132 25.06 23.36 24.39
CA PHE C 1132 25.59 24.70 24.58
C PHE C 1132 25.07 25.30 25.88
N PHE C 1133 25.95 26.00 26.59
CA PHE C 1133 25.59 26.81 27.75
C PHE C 1133 25.91 28.26 27.40
N HIS C 1134 24.92 29.13 27.52
CA HIS C 1134 25.04 30.53 27.12
C HIS C 1134 24.88 31.41 28.34
N VAL C 1135 25.96 32.04 28.78
CA VAL C 1135 25.92 32.98 29.90
C VAL C 1135 25.43 34.32 29.38
N GLY C 1136 24.31 34.80 29.89
CA GLY C 1136 23.72 36.04 29.45
C GLY C 1136 23.51 36.99 30.62
N TYR C 1137 23.90 38.25 30.40
CA TYR C 1137 23.70 39.30 31.40
C TYR C 1137 22.22 39.68 31.41
N VAL C 1138 21.48 39.14 32.37
CA VAL C 1138 20.07 39.45 32.54
C VAL C 1138 19.93 40.35 33.76
N PRO C 1139 19.52 41.61 33.60
CA PRO C 1139 19.33 42.48 34.76
C PRO C 1139 18.17 42.02 35.63
N THR C 1140 18.27 42.32 36.92
CA THR C 1140 17.24 41.99 37.89
C THR C 1140 16.43 43.19 38.35
N ASN C 1141 17.11 44.24 38.83
CA ASN C 1141 16.45 45.42 39.36
C ASN C 1141 16.86 46.65 38.55
N HIS C 1142 15.93 47.61 38.46
CA HIS C 1142 16.09 48.75 37.59
C HIS C 1142 15.86 50.05 38.36
N VAL C 1143 16.49 51.12 37.90
CA VAL C 1143 16.22 52.47 38.38
C VAL C 1143 15.97 53.36 37.17
N ASN C 1144 14.90 54.16 37.24
CA ASN C 1144 14.55 55.06 36.15
C ASN C 1144 15.13 56.44 36.41
N VAL C 1145 15.83 56.97 35.43
CA VAL C 1145 16.51 58.26 35.57
C VAL C 1145 16.33 59.08 34.30
N THR C 1146 16.35 60.40 34.46
CA THR C 1146 16.28 61.30 33.32
C THR C 1146 17.53 61.18 32.47
N ALA C 1147 17.34 61.09 31.15
CA ALA C 1147 18.43 60.96 30.21
C ALA C 1147 18.28 61.98 29.09
N ALA C 1148 19.40 62.53 28.64
CA ALA C 1148 19.42 63.52 27.57
C ALA C 1148 19.89 62.88 26.28
N TYR C 1149 19.31 63.32 25.16
CA TYR C 1149 19.79 62.88 23.86
C TYR C 1149 21.24 63.29 23.65
N GLY C 1150 21.57 64.53 24.00
CA GLY C 1150 22.93 65.02 23.91
C GLY C 1150 23.00 66.39 24.55
N LEU C 1151 24.24 66.84 24.75
CA LEU C 1151 24.51 68.11 25.41
C LEU C 1151 25.29 69.00 24.46
N CYS C 1152 24.82 70.23 24.27
CA CYS C 1152 25.44 71.16 23.35
C CYS C 1152 25.71 72.48 24.04
N ASN C 1153 26.87 73.08 23.75
CA ASN C 1153 27.26 74.35 24.36
C ASN C 1153 26.54 75.50 23.66
N THR C 1154 26.86 76.73 24.06
CA THR C 1154 26.17 77.91 23.58
C THR C 1154 27.14 78.87 22.87
N ASP C 1155 27.98 78.33 22.01
CA ASP C 1155 28.87 79.13 21.18
C ASP C 1155 28.31 79.23 19.77
N THR C 1156 29.08 79.84 18.87
CA THR C 1156 28.69 79.95 17.47
C THR C 1156 29.89 79.60 16.60
N PRO C 1157 29.87 78.45 15.90
CA PRO C 1157 28.83 77.41 15.89
C PRO C 1157 28.89 76.54 17.14
N PRO C 1158 27.74 76.06 17.61
CA PRO C 1158 27.73 75.23 18.81
C PRO C 1158 28.39 73.88 18.59
N ARG C 1159 28.89 73.30 19.68
CA ARG C 1159 29.51 71.98 19.67
C ARG C 1159 28.69 71.07 20.58
N CYS C 1160 28.25 69.94 20.04
CA CYS C 1160 27.40 69.01 20.77
C CYS C 1160 28.08 67.65 20.90
N ILE C 1161 27.87 66.99 22.03
CA ILE C 1161 28.46 65.68 22.31
C ILE C 1161 27.35 64.68 22.60
N ALA C 1162 27.66 63.41 22.37
CA ALA C 1162 26.76 62.31 22.62
C ALA C 1162 27.52 61.18 23.29
N PRO C 1163 26.85 60.36 24.10
CA PRO C 1163 27.55 59.29 24.81
C PRO C 1163 27.99 58.16 23.89
N ILE C 1164 28.90 57.33 24.39
CA ILE C 1164 29.40 56.16 23.70
C ILE C 1164 29.07 54.94 24.54
N ASP C 1165 28.19 54.08 24.03
CA ASP C 1165 27.77 52.87 24.73
C ASP C 1165 27.24 53.18 26.13
N GLY C 1166 26.44 54.23 26.24
CA GLY C 1166 25.93 54.63 27.53
C GLY C 1166 24.94 55.76 27.41
N TYR C 1167 24.69 56.43 28.53
CA TYR C 1167 23.69 57.47 28.62
C TYR C 1167 24.23 58.68 29.36
N PHE C 1168 23.63 59.83 29.09
CA PHE C 1168 23.82 61.03 29.88
C PHE C 1168 22.72 61.10 30.92
N VAL C 1169 23.10 61.19 32.19
CA VAL C 1169 22.19 60.91 33.30
C VAL C 1169 22.25 62.05 34.30
N LEU C 1170 21.08 62.47 34.78
CA LEU C 1170 20.96 63.41 35.89
C LEU C 1170 20.98 62.60 37.19
N ASN C 1171 22.11 62.61 37.88
CA ASN C 1171 22.24 61.88 39.14
C ASN C 1171 21.31 62.45 40.20
N ASP C 1180 21.86 71.72 37.33
CA ASP C 1180 21.66 70.49 36.57
C ASP C 1180 22.98 69.89 36.14
N GLN C 1181 23.73 69.35 37.10
CA GLN C 1181 24.99 68.69 36.79
C GLN C 1181 24.72 67.41 36.01
N TRP C 1182 25.52 67.19 34.97
CA TRP C 1182 25.35 66.05 34.07
C TRP C 1182 26.46 65.03 34.29
N TYR C 1183 26.14 63.76 34.02
CA TYR C 1183 27.05 62.65 34.23
C TYR C 1183 26.88 61.65 33.10
N TYR C 1184 27.64 60.56 33.19
CA TYR C 1184 27.58 59.46 32.24
C TYR C 1184 27.46 58.14 32.99
N THR C 1185 26.73 57.20 32.40
CA THR C 1185 26.62 55.86 32.96
C THR C 1185 26.70 54.84 31.84
N GLY C 1186 27.14 53.64 32.18
CA GLY C 1186 27.06 52.54 31.25
C GLY C 1186 25.63 52.11 31.03
N SER C 1187 25.35 51.58 29.84
CA SER C 1187 24.00 51.18 29.51
C SER C 1187 23.55 49.93 30.25
N SER C 1188 24.46 49.20 30.90
CA SER C 1188 24.12 47.97 31.58
C SER C 1188 24.31 48.01 33.09
N PHE C 1189 24.77 49.13 33.63
CA PHE C 1189 24.90 49.27 35.08
C PHE C 1189 24.94 50.75 35.40
N PHE C 1190 24.27 51.13 36.48
CA PHE C 1190 24.12 52.53 36.85
C PHE C 1190 25.27 52.94 37.75
N ASN C 1191 26.11 53.83 37.25
CA ASN C 1191 27.22 54.38 38.01
C ASN C 1191 27.62 55.72 37.41
N PRO C 1192 27.10 56.83 37.94
CA PRO C 1192 27.44 58.13 37.37
C PRO C 1192 28.95 58.38 37.41
N GLU C 1193 29.46 58.89 36.29
CA GLU C 1193 30.88 59.17 36.12
C GLU C 1193 31.04 60.52 35.44
N PRO C 1194 32.16 61.19 35.65
CA PRO C 1194 32.40 62.46 34.95
C PRO C 1194 32.46 62.24 33.44
N ILE C 1195 31.91 63.21 32.71
CA ILE C 1195 31.89 63.13 31.26
C ILE C 1195 33.21 63.66 30.73
N THR C 1196 33.90 62.85 29.94
CA THR C 1196 35.14 63.26 29.29
C THR C 1196 35.19 62.59 27.92
N MET C 1197 36.30 62.74 27.21
CA MET C 1197 36.42 62.18 25.87
C MET C 1197 36.40 60.67 25.86
N ALA C 1198 36.57 60.01 27.01
CA ALA C 1198 36.50 58.56 27.05
C ALA C 1198 35.09 58.03 26.88
N ASN C 1199 34.07 58.88 27.06
CA ASN C 1199 32.69 58.43 26.96
C ASN C 1199 31.79 59.41 26.22
N ALA C 1200 32.35 60.42 25.55
CA ALA C 1200 31.57 61.35 24.76
C ALA C 1200 32.17 61.47 23.36
N ARG C 1201 31.31 61.72 22.38
CA ARG C 1201 31.73 61.89 21.00
C ARG C 1201 31.03 63.10 20.39
N TYR C 1202 31.76 63.84 19.58
CA TYR C 1202 31.20 65.02 18.93
C TYR C 1202 30.17 64.60 17.87
N VAL C 1203 29.04 65.30 17.86
CA VAL C 1203 27.97 65.03 16.91
C VAL C 1203 27.44 66.34 16.36
N SER C 1204 26.72 66.26 15.24
CA SER C 1204 26.10 67.43 14.66
C SER C 1204 24.97 67.93 15.55
N GLN C 1205 24.64 69.21 15.39
CA GLN C 1205 23.67 69.84 16.28
C GLN C 1205 22.27 69.27 16.07
N ASP C 1206 21.58 69.05 17.19
CA ASP C 1206 20.22 68.55 17.19
C ASP C 1206 19.35 69.43 18.07
N VAL C 1207 18.14 69.72 17.59
CA VAL C 1207 17.22 70.58 18.35
C VAL C 1207 16.85 69.93 19.66
N LYS C 1208 16.86 68.61 19.73
CA LYS C 1208 16.50 67.89 20.95
C LYS C 1208 17.57 67.96 22.03
N PHE C 1209 18.78 68.38 21.69
CA PHE C 1209 19.87 68.37 22.64
C PHE C 1209 19.69 69.48 23.69
N GLU C 1210 20.31 69.26 24.85
CA GLU C 1210 20.19 70.20 25.96
C GLU C 1210 21.18 71.34 25.78
N ASN C 1211 20.69 72.57 25.92
CA ASN C 1211 21.52 73.77 25.73
C ASN C 1211 22.15 74.16 27.06
N LEU C 1212 23.25 73.49 27.38
CA LEU C 1212 23.96 73.75 28.63
C LEU C 1212 24.57 75.15 28.62
N THR C 1213 24.47 75.83 29.76
CA THR C 1213 24.98 77.19 29.90
C THR C 1213 26.10 77.30 30.91
N ASN C 1214 25.93 76.70 32.09
CA ASN C 1214 26.95 76.69 33.12
C ASN C 1214 27.35 75.26 33.45
N GLN C 1215 28.54 75.10 34.02
CA GLN C 1215 29.08 73.80 34.41
C GLN C 1215 29.14 72.85 33.23
N LEU C 1216 29.71 73.34 32.13
CA LEU C 1216 29.83 72.53 30.93
C LEU C 1216 30.86 71.42 31.13
N PRO C 1217 30.65 70.27 30.49
CA PRO C 1217 31.66 69.21 30.54
C PRO C 1217 32.94 69.66 29.86
N PRO C 1218 34.08 69.07 30.23
CA PRO C 1218 35.37 69.50 29.69
C PRO C 1218 35.43 69.47 28.17
N PRO C 1219 34.82 68.49 27.48
CA PRO C 1219 34.85 68.52 26.01
C PRO C 1219 34.16 69.72 25.40
N LEU C 1220 33.29 70.41 26.13
CA LEU C 1220 32.55 71.54 25.59
C LEU C 1220 33.13 72.89 26.02
N LEU C 1221 34.32 72.91 26.60
CA LEU C 1221 34.94 74.14 27.07
C LEU C 1221 36.09 74.54 26.15
N ASN C 1222 36.70 75.68 26.48
CA ASN C 1222 37.81 76.25 25.72
C ASN C 1222 37.42 76.54 24.28
N GLU D 1 -62.68 -36.84 19.08
CA GLU D 1 -63.14 -37.06 17.70
C GLU D 1 -63.46 -35.73 17.03
N VAL D 2 -63.24 -35.67 15.73
CA VAL D 2 -63.57 -34.48 14.94
C VAL D 2 -64.70 -34.77 13.99
N GLN D 3 -65.76 -33.97 14.10
CA GLN D 3 -66.86 -34.02 13.14
C GLN D 3 -66.94 -32.75 12.33
N LEU D 4 -67.10 -32.89 11.03
CA LEU D 4 -67.00 -31.77 10.11
C LEU D 4 -68.36 -31.55 9.44
N LEU D 5 -69.15 -30.67 10.01
CA LEU D 5 -70.36 -30.20 9.35
C LEU D 5 -70.03 -28.99 8.50
N GLU D 6 -70.71 -28.87 7.37
CA GLU D 6 -70.48 -27.78 6.43
C GLU D 6 -71.82 -27.14 6.08
N SER D 7 -71.77 -25.88 5.67
CA SER D 7 -72.98 -25.12 5.41
C SER D 7 -72.77 -24.18 4.23
N GLY D 8 -73.85 -23.91 3.53
CA GLY D 8 -73.86 -23.02 2.40
C GLY D 8 -75.18 -23.10 1.67
N PRO D 9 -75.27 -22.48 0.50
CA PRO D 9 -76.50 -22.57 -0.29
C PRO D 9 -76.65 -23.92 -0.96
N GLY D 10 -77.65 -24.06 -1.82
CA GLY D 10 -77.79 -25.23 -2.65
C GLY D 10 -78.03 -24.87 -4.10
N VAL D 11 -78.27 -23.59 -4.38
CA VAL D 11 -78.60 -23.12 -5.71
C VAL D 11 -77.74 -21.91 -6.02
N VAL D 12 -76.97 -21.99 -7.08
CA VAL D 12 -76.04 -20.93 -7.48
C VAL D 12 -76.26 -20.63 -8.95
N ARG D 13 -76.38 -19.36 -9.28
CA ARG D 13 -76.61 -18.93 -10.66
C ARG D 13 -75.30 -18.94 -11.44
N PRO D 14 -75.37 -19.01 -12.76
CA PRO D 14 -74.13 -18.96 -13.57
C PRO D 14 -73.35 -17.70 -13.29
N SER D 15 -72.03 -17.86 -13.20
CA SER D 15 -71.06 -16.78 -13.02
C SER D 15 -71.11 -16.19 -11.63
N GLU D 16 -72.07 -16.60 -10.81
CA GLU D 16 -72.12 -16.20 -9.41
C GLU D 16 -71.28 -17.15 -8.58
N THR D 17 -70.48 -16.59 -7.68
CA THR D 17 -69.51 -17.39 -6.94
C THR D 17 -70.21 -18.32 -5.95
N LEU D 18 -69.58 -19.45 -5.68
CA LEU D 18 -70.11 -20.46 -4.77
C LEU D 18 -69.27 -20.45 -3.50
N SER D 19 -69.93 -20.21 -2.36
CA SER D 19 -69.26 -20.16 -1.07
C SER D 19 -69.85 -21.25 -0.18
N LEU D 20 -68.96 -22.06 0.40
CA LEU D 20 -69.31 -23.05 1.39
C LEU D 20 -68.52 -22.78 2.66
N SER D 21 -69.04 -23.26 3.80
CA SER D 21 -68.36 -23.08 5.08
C SER D 21 -68.40 -24.39 5.85
N CYS D 22 -67.25 -24.99 6.07
CA CYS D 22 -67.12 -26.22 6.85
C CYS D 22 -66.42 -25.89 8.16
N ALA D 23 -67.14 -26.06 9.27
CA ALA D 23 -66.62 -25.77 10.60
C ALA D 23 -66.28 -27.07 11.31
N VAL D 24 -65.11 -27.13 11.91
CA VAL D 24 -64.65 -28.33 12.61
C VAL D 24 -65.11 -28.26 14.06
N SER D 25 -65.52 -29.40 14.61
CA SER D 25 -66.10 -29.44 15.94
C SER D 25 -65.31 -30.32 16.90
N GLY D 26 -64.19 -30.87 16.46
CA GLY D 26 -63.35 -31.65 17.34
C GLY D 26 -61.91 -31.23 17.22
N GLY D 27 -61.32 -30.81 18.32
CA GLY D 27 -59.99 -30.22 18.24
C GLY D 27 -60.08 -28.83 17.66
N SER D 28 -59.22 -28.55 16.69
CA SER D 28 -59.15 -27.22 16.08
C SER D 28 -58.52 -27.37 14.70
N ILE D 29 -58.45 -26.25 13.98
CA ILE D 29 -57.83 -26.26 12.67
C ILE D 29 -56.35 -26.64 12.77
N SER D 30 -55.70 -26.21 13.85
CA SER D 30 -54.27 -26.38 14.03
C SER D 30 -53.90 -27.72 14.64
N ASP D 31 -54.75 -28.73 14.51
CA ASP D 31 -54.47 -30.07 15.00
C ASP D 31 -54.53 -31.08 13.86
N SER D 32 -54.02 -30.69 12.70
CA SER D 32 -54.13 -31.49 11.50
C SER D 32 -53.06 -31.03 10.52
N TYR D 33 -52.84 -31.84 9.49
CA TYR D 33 -51.83 -31.51 8.49
C TYR D 33 -52.36 -30.47 7.51
N ARG D 34 -53.42 -30.83 6.79
CA ARG D 34 -54.05 -29.91 5.85
C ARG D 34 -55.48 -30.35 5.64
N TRP D 35 -56.33 -29.37 5.33
CA TRP D 35 -57.76 -29.58 5.14
C TRP D 35 -58.08 -29.40 3.66
N SER D 36 -58.86 -30.32 3.12
CA SER D 36 -59.04 -30.42 1.67
C SER D 36 -60.51 -30.48 1.31
N TRP D 37 -60.80 -30.12 0.07
CA TRP D 37 -62.15 -30.20 -0.49
C TRP D 37 -62.21 -31.26 -1.58
N ILE D 38 -63.30 -32.03 -1.58
CA ILE D 38 -63.54 -33.08 -2.55
C ILE D 38 -64.96 -32.92 -3.08
N ARG D 39 -65.12 -32.99 -4.39
CA ARG D 39 -66.42 -32.94 -5.00
C ARG D 39 -66.71 -34.24 -5.74
N GLN D 40 -67.97 -34.44 -6.09
CA GLN D 40 -68.41 -35.63 -6.81
C GLN D 40 -69.66 -35.28 -7.60
N PRO D 41 -69.55 -35.10 -8.91
CA PRO D 41 -70.74 -34.92 -9.71
C PRO D 41 -71.61 -36.16 -9.61
N PRO D 42 -72.93 -35.99 -9.71
CA PRO D 42 -73.83 -37.14 -9.55
C PRO D 42 -73.48 -38.30 -10.47
N GLY D 43 -73.05 -39.41 -9.89
CA GLY D 43 -72.68 -40.59 -10.66
C GLY D 43 -71.52 -40.38 -11.61
N LYS D 44 -70.48 -39.66 -11.16
CA LYS D 44 -69.34 -39.41 -12.03
C LYS D 44 -68.01 -39.52 -11.30
N GLY D 45 -67.95 -40.22 -10.19
CA GLY D 45 -66.71 -40.39 -9.46
C GLY D 45 -66.34 -39.15 -8.65
N LEU D 46 -65.40 -39.34 -7.73
CA LEU D 46 -64.94 -38.26 -6.90
C LEU D 46 -63.92 -37.40 -7.64
N GLU D 47 -63.55 -36.28 -7.03
CA GLU D 47 -62.66 -35.32 -7.65
C GLU D 47 -62.06 -34.42 -6.59
N TRP D 48 -60.78 -34.10 -6.75
CA TRP D 48 -60.05 -33.33 -5.75
C TRP D 48 -60.09 -31.85 -6.12
N VAL D 49 -60.55 -31.03 -5.17
CA VAL D 49 -60.80 -29.62 -5.43
C VAL D 49 -59.65 -28.75 -4.96
N GLY D 50 -58.99 -29.17 -3.89
CA GLY D 50 -57.84 -28.44 -3.37
C GLY D 50 -57.71 -28.67 -1.88
N TYR D 51 -56.67 -28.06 -1.32
CA TYR D 51 -56.45 -28.18 0.12
C TYR D 51 -55.74 -26.95 0.65
N ILE D 52 -55.82 -26.76 1.98
CA ILE D 52 -55.18 -25.64 2.66
C ILE D 52 -54.37 -26.20 3.84
N PHE D 53 -53.14 -25.73 3.96
CA PHE D 53 -52.30 -26.13 5.10
C PHE D 53 -52.86 -25.54 6.39
N ALA D 54 -52.85 -26.36 7.44
CA ALA D 54 -53.33 -25.88 8.73
C ALA D 54 -52.46 -24.77 9.27
N THR D 55 -51.14 -24.92 9.15
CA THR D 55 -50.20 -23.88 9.55
C THR D 55 -49.62 -23.24 8.30
N GLY D 56 -49.75 -21.92 8.19
CA GLY D 56 -49.32 -21.20 7.01
C GLY D 56 -50.48 -20.92 6.07
N THR D 57 -50.20 -20.11 5.05
CA THR D 57 -51.18 -19.75 4.05
C THR D 57 -50.96 -20.49 2.73
N THR D 58 -50.11 -21.52 2.72
CA THR D 58 -49.86 -22.26 1.49
C THR D 58 -51.08 -23.07 1.12
N THR D 59 -51.50 -22.96 -0.13
CA THR D 59 -52.66 -23.68 -0.64
C THR D 59 -52.33 -24.26 -2.01
N ASN D 60 -53.01 -25.35 -2.35
CA ASN D 60 -52.88 -25.98 -3.65
C ASN D 60 -54.26 -26.30 -4.19
N TYR D 61 -54.39 -26.28 -5.51
CA TYR D 61 -55.70 -26.43 -6.15
C TYR D 61 -55.58 -27.39 -7.32
N ASN D 62 -56.72 -27.80 -7.83
CA ASN D 62 -56.76 -28.61 -9.04
C ASN D 62 -56.48 -27.74 -10.25
N PRO D 63 -55.46 -28.06 -11.05
CA PRO D 63 -55.19 -27.23 -12.25
C PRO D 63 -56.33 -27.20 -13.23
N SER D 64 -57.19 -28.21 -13.23
CA SER D 64 -58.35 -28.23 -14.12
C SER D 64 -59.41 -27.22 -13.72
N LEU D 65 -59.20 -26.44 -12.66
CA LEU D 65 -60.18 -25.46 -12.24
C LEU D 65 -59.84 -24.05 -12.69
N LYS D 66 -58.79 -23.89 -13.51
CA LYS D 66 -58.46 -22.62 -14.16
C LYS D 66 -58.30 -21.48 -13.16
N SER D 67 -57.80 -21.80 -11.96
CA SER D 67 -57.54 -20.81 -10.91
C SER D 67 -58.81 -20.01 -10.58
N ARG D 68 -59.95 -20.68 -10.58
CA ARG D 68 -61.21 -20.09 -10.20
C ARG D 68 -61.57 -20.36 -8.75
N VAL D 69 -60.69 -21.02 -8.00
CA VAL D 69 -61.01 -21.57 -6.69
C VAL D 69 -60.08 -20.94 -5.66
N THR D 70 -60.66 -20.41 -4.59
CA THR D 70 -59.89 -19.85 -3.47
C THR D 70 -60.42 -20.46 -2.18
N ILE D 71 -59.56 -21.20 -1.48
CA ILE D 71 -59.93 -21.84 -0.22
C ILE D 71 -59.07 -21.23 0.89
N SER D 72 -59.73 -20.64 1.87
CA SER D 72 -59.06 -19.93 2.95
C SER D 72 -59.49 -20.52 4.29
N LYS D 73 -58.77 -20.11 5.34
CA LYS D 73 -59.05 -20.56 6.70
C LYS D 73 -59.14 -19.38 7.63
N ASP D 74 -59.91 -19.53 8.70
CA ASP D 74 -60.08 -18.50 9.71
C ASP D 74 -60.04 -19.18 11.07
N THR D 75 -58.90 -19.08 11.75
CA THR D 75 -58.73 -19.79 13.02
C THR D 75 -59.66 -19.23 14.10
N SER D 76 -60.08 -17.97 13.95
CA SER D 76 -60.91 -17.35 14.98
C SER D 76 -62.24 -18.08 15.14
N LYS D 77 -62.90 -18.38 14.02
CA LYS D 77 -64.19 -19.06 14.05
C LYS D 77 -64.06 -20.58 13.94
N ASN D 78 -62.85 -21.09 13.74
CA ASN D 78 -62.57 -22.53 13.64
C ASN D 78 -63.29 -23.14 12.43
N GLN D 79 -63.01 -22.57 11.26
CA GLN D 79 -63.63 -23.03 10.03
C GLN D 79 -62.71 -22.73 8.86
N PHE D 80 -62.92 -23.45 7.77
CA PHE D 80 -62.24 -23.16 6.51
C PHE D 80 -63.25 -23.29 5.38
N SER D 81 -63.22 -22.34 4.46
CA SER D 81 -64.27 -22.13 3.49
C SER D 81 -63.73 -22.29 2.08
N LEU D 82 -64.64 -22.30 1.11
CA LEU D 82 -64.29 -22.53 -0.28
C LEU D 82 -65.05 -21.55 -1.15
N LYS D 83 -64.37 -21.01 -2.16
CA LYS D 83 -64.97 -20.12 -3.15
C LYS D 83 -64.60 -20.62 -4.53
N LEU D 84 -65.62 -21.00 -5.31
CA LEU D 84 -65.44 -21.38 -6.70
C LEU D 84 -66.19 -20.36 -7.55
N SER D 85 -65.50 -19.77 -8.50
CA SER D 85 -66.06 -18.68 -9.30
C SER D 85 -66.47 -19.17 -10.68
N SER D 86 -67.42 -18.46 -11.29
CA SER D 86 -67.93 -18.77 -12.62
C SER D 86 -68.47 -20.19 -12.68
N VAL D 87 -69.50 -20.44 -11.89
CA VAL D 87 -70.05 -21.79 -11.76
C VAL D 87 -70.93 -22.10 -12.96
N THR D 88 -70.98 -23.37 -13.33
CA THR D 88 -71.68 -23.82 -14.52
C THR D 88 -72.50 -25.06 -14.17
N ALA D 89 -73.44 -25.41 -15.05
CA ALA D 89 -74.24 -26.60 -14.85
C ALA D 89 -73.37 -27.85 -14.79
N ALA D 90 -72.21 -27.83 -15.46
CA ALA D 90 -71.28 -28.95 -15.41
C ALA D 90 -70.54 -29.04 -14.08
N ASP D 91 -70.61 -28.01 -13.24
CA ASP D 91 -69.92 -28.00 -11.96
C ASP D 91 -70.80 -28.46 -10.81
N THR D 92 -72.08 -28.72 -11.04
CA THR D 92 -72.99 -29.13 -9.97
C THR D 92 -72.58 -30.50 -9.43
N ALA D 93 -72.48 -30.61 -8.11
CA ALA D 93 -71.96 -31.82 -7.48
C ALA D 93 -72.30 -31.77 -5.99
N VAL D 94 -71.71 -32.70 -5.24
CA VAL D 94 -71.79 -32.72 -3.78
C VAL D 94 -70.37 -32.56 -3.25
N TYR D 95 -70.18 -31.59 -2.37
CA TYR D 95 -68.83 -31.20 -1.94
C TYR D 95 -68.56 -31.76 -0.55
N TYR D 96 -67.47 -32.50 -0.43
CA TYR D 96 -67.11 -33.20 0.79
C TYR D 96 -65.98 -32.47 1.49
N CYS D 97 -66.26 -31.95 2.67
CA CYS D 97 -65.20 -31.50 3.57
C CYS D 97 -64.34 -32.69 3.97
N ALA D 98 -63.03 -32.48 4.06
CA ALA D 98 -62.11 -33.59 4.35
C ALA D 98 -61.03 -33.13 5.30
N ARG D 99 -60.18 -34.07 5.70
CA ARG D 99 -59.07 -33.80 6.60
C ARG D 99 -57.94 -34.77 6.30
N GLU D 100 -56.70 -34.27 6.38
CA GLU D 100 -55.52 -35.12 6.28
C GLU D 100 -54.82 -35.13 7.62
N PRO D 101 -54.75 -36.26 8.32
CA PRO D 101 -54.24 -36.27 9.69
C PRO D 101 -52.74 -36.48 9.79
N PHE D 102 -52.19 -36.03 10.91
CA PHE D 102 -50.83 -36.39 11.28
C PHE D 102 -50.76 -37.87 11.60
N LYS D 103 -49.58 -38.46 11.37
CA LYS D 103 -49.40 -39.85 11.76
C LYS D 103 -49.30 -39.99 13.26
N TYR D 104 -48.67 -39.02 13.92
CA TYR D 104 -48.68 -38.94 15.37
C TYR D 104 -48.45 -37.50 15.80
N CYS D 105 -49.07 -37.12 16.91
CA CYS D 105 -48.83 -35.86 17.58
C CYS D 105 -48.39 -36.19 19.00
N SER D 106 -47.11 -36.43 19.19
CA SER D 106 -46.57 -36.84 20.47
C SER D 106 -45.60 -35.78 21.00
N GLY D 107 -45.56 -35.65 22.31
CA GLY D 107 -44.78 -34.58 22.91
C GLY D 107 -45.32 -33.25 22.44
N GLY D 108 -44.51 -32.54 21.67
CA GLY D 108 -44.97 -31.34 21.01
C GLY D 108 -44.70 -31.41 19.52
N VAL D 109 -44.47 -32.61 19.02
CA VAL D 109 -44.08 -32.85 17.64
C VAL D 109 -45.19 -33.59 16.93
N CYS D 110 -45.60 -33.10 15.77
CA CYS D 110 -46.52 -33.80 14.89
C CYS D 110 -45.80 -34.10 13.58
N TYR D 111 -45.88 -35.36 13.14
CA TYR D 111 -45.15 -35.83 11.98
C TYR D 111 -46.13 -36.41 10.97
N ALA D 112 -46.14 -35.86 9.75
CA ALA D 112 -46.99 -36.35 8.69
C ALA D 112 -46.18 -36.47 7.41
N HIS D 113 -46.54 -37.45 6.57
CA HIS D 113 -45.90 -37.60 5.29
C HIS D 113 -46.29 -36.44 4.38
N LYS D 114 -45.61 -36.35 3.23
CA LYS D 114 -45.89 -35.24 2.33
C LYS D 114 -47.28 -35.33 1.72
N ASP D 115 -47.84 -36.54 1.64
CA ASP D 115 -49.17 -36.76 1.07
C ASP D 115 -49.77 -37.97 1.76
N ASN D 116 -50.91 -37.78 2.41
CA ASN D 116 -51.54 -38.84 3.19
C ASN D 116 -52.98 -39.01 2.75
N SER D 117 -53.56 -40.15 3.11
CA SER D 117 -54.91 -40.50 2.70
C SER D 117 -55.92 -39.80 3.60
N LEU D 118 -56.94 -39.22 2.98
CA LEU D 118 -57.97 -38.51 3.73
C LEU D 118 -58.65 -39.47 4.71
N ASP D 119 -58.82 -39.03 5.95
CA ASP D 119 -59.20 -39.92 7.04
C ASP D 119 -60.60 -39.66 7.57
N VAL D 120 -60.92 -38.43 7.93
CA VAL D 120 -62.22 -38.07 8.47
C VAL D 120 -62.90 -37.12 7.50
N TRP D 121 -64.12 -37.45 7.09
CA TRP D 121 -64.86 -36.69 6.10
C TRP D 121 -66.12 -36.12 6.71
N GLY D 122 -66.63 -35.06 6.09
CA GLY D 122 -67.93 -34.52 6.43
C GLY D 122 -69.04 -35.19 5.66
N GLN D 123 -70.27 -34.81 5.98
CA GLN D 123 -71.43 -35.42 5.33
C GLN D 123 -71.53 -34.98 3.88
N GLY D 124 -71.31 -33.70 3.61
CA GLY D 124 -71.37 -33.16 2.26
C GLY D 124 -72.63 -32.34 2.04
N VAL D 125 -72.46 -31.22 1.33
CA VAL D 125 -73.56 -30.32 0.99
C VAL D 125 -73.78 -30.38 -0.52
N LEU D 126 -75.03 -30.60 -0.91
CA LEU D 126 -75.36 -30.79 -2.32
C LEU D 126 -75.74 -29.45 -2.95
N VAL D 127 -74.98 -29.04 -3.96
CA VAL D 127 -75.22 -27.78 -4.65
C VAL D 127 -75.80 -28.07 -6.01
N THR D 128 -76.35 -27.02 -6.63
CA THR D 128 -76.93 -27.13 -7.96
C THR D 128 -76.84 -25.77 -8.64
N VAL D 129 -76.68 -25.78 -9.96
CA VAL D 129 -76.65 -24.56 -10.76
C VAL D 129 -77.87 -24.56 -11.66
N SER D 130 -78.72 -23.53 -11.52
CA SER D 130 -80.00 -23.52 -12.22
C SER D 130 -80.51 -22.09 -12.31
N SER D 131 -81.78 -21.96 -12.64
CA SER D 131 -82.45 -20.67 -12.67
C SER D 131 -83.93 -20.86 -12.39
N ILE E 5 -52.77 -39.13 -13.65
CA ILE E 5 -52.78 -40.49 -14.17
C ILE E 5 -54.21 -40.94 -14.42
N VAL E 6 -54.35 -42.20 -14.86
CA VAL E 6 -55.65 -42.79 -15.11
C VAL E 6 -55.69 -44.12 -14.37
N MET E 7 -56.35 -44.15 -13.23
CA MET E 7 -56.58 -45.39 -12.52
C MET E 7 -57.62 -46.24 -13.26
N THR E 8 -57.78 -47.48 -12.81
CA THR E 8 -58.87 -48.31 -13.32
C THR E 8 -59.20 -49.39 -12.31
N GLN E 9 -60.42 -49.89 -12.39
CA GLN E 9 -60.88 -51.04 -11.60
C GLN E 9 -61.51 -52.04 -12.56
N SER E 10 -61.06 -53.28 -12.51
CA SER E 10 -61.44 -54.21 -13.55
C SER E 10 -62.83 -54.84 -13.38
N PRO E 11 -63.22 -55.34 -12.20
CA PRO E 11 -64.36 -56.26 -12.16
C PRO E 11 -65.72 -55.60 -12.30
N ALA E 12 -65.77 -54.34 -12.72
CA ALA E 12 -67.01 -53.62 -13.00
C ALA E 12 -68.08 -53.84 -11.93
N THR E 13 -69.09 -54.63 -12.25
CA THR E 13 -70.20 -54.93 -11.33
C THR E 13 -70.06 -56.39 -10.89
N LEU E 14 -69.32 -56.61 -9.82
CA LEU E 14 -69.00 -57.96 -9.35
C LEU E 14 -70.00 -58.36 -8.26
N SER E 15 -71.21 -58.71 -8.70
CA SER E 15 -72.19 -59.25 -7.77
C SER E 15 -71.67 -60.52 -7.14
N LEU E 16 -72.14 -60.80 -5.92
CA LEU E 16 -71.57 -61.89 -5.14
C LEU E 16 -72.66 -62.55 -4.31
N SER E 17 -72.24 -63.54 -3.53
CA SER E 17 -73.09 -64.37 -2.69
C SER E 17 -72.55 -64.36 -1.27
N PRO E 18 -73.40 -64.61 -0.28
CA PRO E 18 -72.92 -64.55 1.11
C PRO E 18 -71.87 -65.62 1.37
N GLY E 19 -70.65 -65.18 1.59
CA GLY E 19 -69.56 -66.12 1.79
C GLY E 19 -68.89 -66.40 0.46
N GLU E 20 -67.74 -65.78 0.24
CA GLU E 20 -67.04 -65.88 -1.03
C GLU E 20 -65.55 -65.70 -0.75
N ARG E 21 -64.79 -65.36 -1.79
CA ARG E 21 -63.42 -64.89 -1.67
C ARG E 21 -63.25 -63.64 -2.52
N ALA E 22 -64.17 -62.69 -2.33
CA ALA E 22 -64.25 -61.50 -3.17
C ALA E 22 -62.90 -60.83 -3.33
N THR E 23 -62.47 -60.65 -4.58
CA THR E 23 -61.17 -60.10 -4.90
C THR E 23 -61.37 -58.98 -5.91
N LEU E 24 -61.19 -57.73 -5.45
CA LEU E 24 -61.19 -56.59 -6.34
C LEU E 24 -59.83 -56.43 -6.99
N SER E 25 -59.73 -55.43 -7.87
CA SER E 25 -58.48 -55.19 -8.60
C SER E 25 -58.48 -53.76 -9.10
N CYS E 26 -57.44 -53.01 -8.77
CA CYS E 26 -57.31 -51.62 -9.19
C CYS E 26 -55.92 -51.42 -9.77
N ARG E 27 -55.85 -51.02 -11.03
CA ARG E 27 -54.60 -50.86 -11.76
C ARG E 27 -54.38 -49.40 -12.09
N ALA E 28 -53.13 -48.95 -12.01
CA ALA E 28 -52.76 -47.57 -12.27
C ALA E 28 -52.04 -47.46 -13.60
N SER E 29 -52.13 -46.28 -14.22
CA SER E 29 -51.45 -46.05 -15.50
C SER E 29 -49.94 -46.20 -15.34
N GLN E 30 -49.39 -45.67 -14.25
CA GLN E 30 -47.99 -45.83 -13.91
C GLN E 30 -47.89 -46.30 -12.47
N SER E 31 -46.70 -46.77 -12.11
CA SER E 31 -46.49 -47.29 -10.76
C SER E 31 -46.67 -46.20 -9.73
N VAL E 32 -47.32 -46.54 -8.63
CA VAL E 32 -47.41 -45.68 -7.45
C VAL E 32 -46.56 -46.28 -6.36
N SER E 33 -45.97 -45.42 -5.52
CA SER E 33 -45.06 -45.88 -4.47
C SER E 33 -45.85 -46.35 -3.24
N SER E 34 -46.74 -47.32 -3.48
CA SER E 34 -47.59 -47.93 -2.46
C SER E 34 -48.55 -46.94 -1.83
N ASN E 35 -48.73 -45.77 -2.43
CA ASN E 35 -49.60 -44.73 -1.87
C ASN E 35 -51.04 -44.88 -2.36
N LEU E 36 -51.60 -46.07 -2.16
CA LEU E 36 -52.92 -46.41 -2.66
C LEU E 36 -53.82 -46.76 -1.49
N ALA E 37 -55.01 -46.19 -1.48
CA ALA E 37 -55.98 -46.42 -0.42
C ALA E 37 -57.20 -47.15 -0.98
N TRP E 38 -58.09 -47.54 -0.09
CA TRP E 38 -59.37 -48.12 -0.48
C TRP E 38 -60.48 -47.46 0.30
N TYR E 39 -61.54 -47.07 -0.40
CA TYR E 39 -62.66 -46.38 0.22
C TYR E 39 -63.95 -47.11 -0.13
N GLN E 40 -64.90 -47.06 0.79
CA GLN E 40 -66.16 -47.77 0.65
C GLN E 40 -67.30 -46.77 0.83
N GLN E 41 -68.24 -46.76 -0.11
CA GLN E 41 -69.27 -45.75 -0.14
C GLN E 41 -70.63 -46.42 -0.26
N LYS E 42 -71.39 -46.41 0.82
CA LYS E 42 -72.76 -46.88 0.79
C LYS E 42 -73.62 -45.89 0.03
N PRO E 43 -74.75 -46.32 -0.51
CA PRO E 43 -75.64 -45.39 -1.22
C PRO E 43 -76.08 -44.24 -0.33
N GLY E 44 -75.65 -43.03 -0.65
CA GLY E 44 -75.98 -41.88 0.15
C GLY E 44 -75.22 -41.85 1.46
N GLN E 45 -73.90 -41.74 1.36
CA GLN E 45 -73.04 -41.75 2.53
C GLN E 45 -71.70 -41.13 2.16
N ALA E 46 -71.08 -40.48 3.12
CA ALA E 46 -69.70 -40.03 2.91
C ALA E 46 -68.80 -41.25 2.79
N PRO E 47 -67.82 -41.22 1.89
CA PRO E 47 -66.93 -42.37 1.74
C PRO E 47 -66.17 -42.65 3.03
N ARG E 48 -65.98 -43.93 3.31
CA ARG E 48 -65.37 -44.39 4.55
C ARG E 48 -64.08 -45.15 4.22
N LEU E 49 -62.97 -44.70 4.79
CA LEU E 49 -61.67 -45.25 4.46
C LEU E 49 -61.53 -46.68 4.97
N LEU E 50 -60.81 -47.49 4.22
CA LEU E 50 -60.53 -48.87 4.61
C LEU E 50 -59.04 -49.11 4.84
N ILE E 51 -58.19 -48.86 3.85
CA ILE E 51 -56.76 -49.13 3.93
C ILE E 51 -56.02 -47.88 3.46
N HIS E 52 -54.86 -47.60 4.06
CA HIS E 52 -54.14 -46.37 3.75
C HIS E 52 -52.73 -46.63 3.24
N SER E 53 -52.43 -47.86 2.88
CA SER E 53 -51.20 -48.21 2.18
C SER E 53 -51.54 -49.43 1.32
N ALA E 54 -50.51 -50.16 0.89
CA ALA E 54 -50.74 -51.41 0.18
C ALA E 54 -51.68 -52.32 0.99
N SER E 55 -51.36 -52.55 2.26
CA SER E 55 -52.24 -53.37 3.10
C SER E 55 -52.35 -52.85 4.52
N SER E 56 -52.01 -51.58 4.77
CA SER E 56 -52.08 -51.03 6.12
C SER E 56 -53.53 -50.80 6.49
N ARG E 57 -54.12 -51.77 7.20
CA ARG E 57 -55.52 -51.66 7.61
C ARG E 57 -55.72 -50.48 8.54
N ALA E 58 -56.88 -49.86 8.44
CA ALA E 58 -57.21 -48.68 9.22
C ALA E 58 -58.10 -49.04 10.40
N THR E 59 -58.17 -48.14 11.36
CA THR E 59 -58.85 -48.41 12.62
C THR E 59 -60.33 -48.62 12.41
N GLY E 60 -60.88 -49.60 13.12
CA GLY E 60 -62.29 -49.91 13.05
C GLY E 60 -62.69 -50.83 11.92
N ILE E 61 -61.79 -51.09 10.99
CA ILE E 61 -62.11 -51.99 9.87
C ILE E 61 -62.05 -53.44 10.36
N PRO E 62 -63.08 -54.24 10.11
CA PRO E 62 -63.01 -55.65 10.50
C PRO E 62 -61.85 -56.35 9.82
N ASP E 63 -61.31 -57.36 10.52
CA ASP E 63 -60.07 -57.99 10.10
C ASP E 63 -60.20 -58.70 8.75
N ARG E 64 -61.42 -58.94 8.28
CA ARG E 64 -61.62 -59.69 7.04
C ARG E 64 -61.00 -59.00 5.83
N PHE E 65 -60.74 -57.70 5.90
CA PHE E 65 -60.20 -56.95 4.78
C PHE E 65 -58.68 -57.05 4.76
N SER E 66 -58.13 -57.40 3.61
CA SER E 66 -56.67 -57.41 3.44
C SER E 66 -56.38 -57.22 1.96
N GLY E 67 -56.02 -56.00 1.58
CA GLY E 67 -55.57 -55.75 0.23
C GLY E 67 -54.13 -56.19 0.04
N SER E 68 -53.67 -56.11 -1.20
CA SER E 68 -52.30 -56.51 -1.50
C SER E 68 -51.86 -55.86 -2.80
N GLY E 69 -50.56 -55.87 -3.04
CA GLY E 69 -50.02 -55.38 -4.28
C GLY E 69 -49.14 -54.16 -4.13
N SER E 70 -48.34 -53.88 -5.15
CA SER E 70 -47.54 -52.67 -5.19
C SER E 70 -47.24 -52.35 -6.65
N GLY E 71 -46.77 -51.13 -6.88
CA GLY E 71 -46.46 -50.69 -8.22
C GLY E 71 -47.68 -50.41 -9.06
N THR E 72 -47.91 -51.24 -10.08
CA THR E 72 -48.94 -50.99 -11.07
C THR E 72 -50.20 -51.82 -10.86
N GLU E 73 -50.18 -52.83 -9.99
CA GLU E 73 -51.34 -53.68 -9.79
C GLU E 73 -51.67 -53.75 -8.30
N PHE E 74 -52.95 -53.80 -7.99
CA PHE E 74 -53.41 -53.89 -6.61
C PHE E 74 -54.67 -54.74 -6.56
N SER E 75 -55.13 -55.01 -5.34
CA SER E 75 -56.33 -55.80 -5.14
C SER E 75 -56.88 -55.55 -3.75
N LEU E 76 -58.17 -55.84 -3.58
CA LEU E 76 -58.81 -55.87 -2.29
C LEU E 76 -59.53 -57.20 -2.14
N THR E 77 -59.23 -57.93 -1.08
CA THR E 77 -59.69 -59.30 -0.91
C THR E 77 -60.62 -59.40 0.30
N ILE E 78 -61.82 -59.92 0.07
CA ILE E 78 -62.82 -60.13 1.12
C ILE E 78 -63.34 -61.55 0.99
N SER E 79 -63.36 -62.29 2.09
CA SER E 79 -63.91 -63.64 2.09
C SER E 79 -65.33 -63.67 2.66
N SER E 80 -65.50 -63.22 3.89
CA SER E 80 -66.81 -63.23 4.55
C SER E 80 -67.67 -62.13 3.94
N LEU E 81 -68.55 -62.50 3.03
CA LEU E 81 -69.41 -61.53 2.35
C LEU E 81 -70.62 -61.26 3.23
N GLU E 82 -70.48 -60.28 4.11
CA GLU E 82 -71.53 -59.93 5.06
C GLU E 82 -72.40 -58.81 4.51
N ALA E 83 -73.68 -58.83 4.90
CA ALA E 83 -74.64 -57.90 4.34
C ALA E 83 -74.29 -56.45 4.62
N GLU E 84 -73.50 -56.18 5.66
CA GLU E 84 -73.05 -54.83 5.94
C GLU E 84 -71.81 -54.44 5.14
N ASP E 85 -71.51 -55.18 4.06
CA ASP E 85 -70.37 -54.87 3.21
C ASP E 85 -70.76 -54.60 1.76
N VAL E 86 -72.03 -54.76 1.40
CA VAL E 86 -72.46 -54.50 0.03
C VAL E 86 -72.39 -53.02 -0.26
N GLY E 87 -71.79 -52.66 -1.40
CA GLY E 87 -71.68 -51.26 -1.76
C GLY E 87 -70.72 -50.95 -2.89
N VAL E 88 -70.01 -49.83 -2.77
CA VAL E 88 -69.12 -49.33 -3.81
C VAL E 88 -67.73 -49.16 -3.22
N TYR E 89 -66.72 -49.53 -3.99
CA TYR E 89 -65.33 -49.52 -3.51
C TYR E 89 -64.46 -48.77 -4.50
N HIS E 90 -64.06 -47.55 -4.14
CA HIS E 90 -63.13 -46.77 -4.93
C HIS E 90 -61.70 -47.08 -4.48
N CYS E 91 -60.74 -46.75 -5.35
CA CYS E 91 -59.33 -46.79 -4.99
C CYS E 91 -58.73 -45.42 -5.21
N TYR E 92 -57.99 -44.94 -4.22
CA TYR E 92 -57.45 -43.59 -4.21
C TYR E 92 -55.93 -43.64 -4.25
N GLN E 93 -55.33 -42.74 -5.02
CA GLN E 93 -53.88 -42.67 -5.14
C GLN E 93 -53.42 -41.24 -4.96
N HIS E 94 -52.36 -41.07 -4.17
CA HIS E 94 -51.76 -39.76 -3.94
C HIS E 94 -50.29 -39.74 -4.33
N SER E 95 -49.84 -40.70 -5.14
CA SER E 95 -48.44 -40.72 -5.55
C SER E 95 -48.15 -39.62 -6.54
N SER E 96 -49.02 -39.43 -7.52
CA SER E 96 -48.91 -38.34 -8.49
C SER E 96 -50.27 -37.69 -8.61
N GLY E 97 -50.36 -36.42 -8.22
CA GLY E 97 -51.66 -35.80 -8.14
C GLY E 97 -52.48 -36.48 -7.07
N TYR E 98 -53.80 -36.34 -7.19
CA TYR E 98 -54.72 -36.99 -6.26
C TYR E 98 -55.97 -37.36 -7.05
N THR E 99 -56.14 -38.66 -7.32
CA THR E 99 -57.23 -39.12 -8.17
C THR E 99 -57.88 -40.35 -7.54
N PHE E 100 -59.14 -40.57 -7.88
CA PHE E 100 -59.90 -41.71 -7.40
C PHE E 100 -60.20 -42.66 -8.56
N GLY E 101 -60.53 -43.89 -8.21
CA GLY E 101 -60.78 -44.92 -9.20
C GLY E 101 -62.17 -44.81 -9.79
N PRO E 102 -62.40 -45.61 -10.84
CA PRO E 102 -63.73 -45.61 -11.48
C PRO E 102 -64.86 -46.00 -10.53
N GLY E 103 -64.63 -46.97 -9.66
CA GLY E 103 -65.67 -47.43 -8.75
C GLY E 103 -66.28 -48.76 -9.14
N THR E 104 -66.19 -49.73 -8.24
CA THR E 104 -66.76 -51.05 -8.45
C THR E 104 -68.22 -51.03 -7.97
N LYS E 105 -68.85 -52.20 -7.92
CA LYS E 105 -70.21 -52.30 -7.40
C LYS E 105 -70.56 -53.76 -7.12
N LEU E 106 -71.08 -54.04 -5.92
CA LEU E 106 -71.32 -55.39 -5.46
C LEU E 106 -72.75 -55.54 -5.00
N ASP E 107 -73.27 -56.76 -5.09
CA ASP E 107 -74.61 -57.05 -4.60
C ASP E 107 -74.77 -58.54 -4.39
N ILE E 108 -75.80 -58.91 -3.64
CA ILE E 108 -76.08 -60.29 -3.29
C ILE E 108 -76.83 -60.97 -4.42
N LYS E 109 -76.92 -62.30 -4.39
CA LYS E 109 -77.69 -63.03 -5.38
C LYS E 109 -78.80 -63.89 -4.77
C1 NAG F . -21.37 26.94 -28.41
C2 NAG F . -21.25 28.03 -29.49
C3 NAG F . -20.66 29.30 -28.89
C4 NAG F . -21.44 29.73 -27.66
C5 NAG F . -21.49 28.58 -26.66
C6 NAG F . -22.31 28.89 -25.43
C7 NAG F . -20.63 28.01 -31.86
C8 NAG F . -19.72 27.42 -32.89
N2 NAG F . -20.45 27.56 -30.60
O3 NAG F . -20.67 30.33 -29.87
O4 NAG F . -20.84 30.87 -27.07
O5 NAG F . -22.08 27.44 -27.28
O6 NAG F . -23.66 28.51 -25.61
O7 NAG F . -21.49 28.83 -32.14
C1 NAG F . -21.80 31.96 -27.13
C2 NAG F . -21.43 32.97 -26.05
C3 NAG F . -22.40 34.16 -26.09
C4 NAG F . -22.46 34.75 -27.49
C5 NAG F . -22.77 33.65 -28.52
C6 NAG F . -22.72 34.15 -29.94
C7 NAG F . -20.32 32.03 -24.08
C8 NAG F . -19.02 32.34 -24.78
N2 NAG F . -21.43 32.36 -24.73
O3 NAG F . -21.99 35.15 -25.16
O4 NAG F . -23.47 35.75 -27.55
O5 NAG F . -21.80 32.60 -28.41
O6 NAG F . -23.90 34.86 -30.29
O7 NAG F . -20.34 31.52 -22.97
C1 NAG G . -53.22 -0.80 -34.44
C2 NAG G . -54.51 -1.65 -34.44
C3 NAG G . -54.43 -2.76 -33.40
C4 NAG G . -53.18 -3.59 -33.63
C5 NAG G . -51.95 -2.69 -33.56
C6 NAG G . -50.66 -3.42 -33.83
C7 NAG G . -56.52 -0.45 -35.19
C8 NAG G . -57.68 0.40 -34.79
N2 NAG G . -55.69 -0.82 -34.22
O3 NAG G . -55.59 -3.58 -33.50
O4 NAG G . -53.08 -4.69 -32.73
O5 NAG G . -52.07 -1.66 -34.56
O6 NAG G . -50.60 -3.87 -35.18
O7 NAG G . -56.34 -0.80 -36.37
C1 NAG G . -53.20 -4.33 -31.34
C2 NAG G . -53.97 -5.46 -30.64
C3 NAG G . -54.07 -5.16 -29.15
C4 NAG G . -52.69 -4.92 -28.55
C5 NAG G . -51.98 -3.81 -29.34
C6 NAG G . -50.55 -3.59 -28.89
C7 NAG G . -55.54 -6.45 -32.24
C8 NAG G . -56.96 -6.50 -32.71
N2 NAG G . -55.29 -5.63 -31.23
O3 NAG G . -54.68 -6.28 -28.49
O4 NAG G . -52.80 -4.53 -27.20
O5 NAG G . -51.92 -4.16 -30.73
O6 NAG G . -50.06 -2.34 -29.32
O7 NAG G . -54.65 -7.12 -32.77
C1 NAG H . 22.01 -0.95 -43.63
C2 NAG H . 22.50 -0.39 -44.96
C3 NAG H . 23.54 -1.32 -45.56
C4 NAG H . 24.79 -1.33 -44.71
C5 NAG H . 24.46 -1.43 -43.22
C6 NAG H . 24.74 -0.16 -42.46
C7 NAG H . 20.86 1.02 -46.12
C8 NAG H . 21.47 2.18 -45.39
N2 NAG H . 21.39 -0.18 -45.87
O3 NAG H . 23.84 -0.89 -46.88
O4 NAG H . 25.59 -2.46 -45.05
O5 NAG H . 23.07 -1.77 -43.00
O6 NAG H . 25.85 -0.32 -41.57
O7 NAG H . 19.92 1.16 -46.91
C1 NAG H . 26.78 -2.05 -45.76
C2 NAG H . 27.23 -3.22 -46.62
C3 NAG H . 28.47 -2.86 -47.42
C4 NAG H . 28.23 -1.58 -48.21
C5 NAG H . 27.74 -0.46 -47.29
C6 NAG H . 27.37 0.80 -48.03
C7 NAG H . 26.56 -5.36 -45.59
C8 NAG H . 26.99 -6.50 -44.73
N2 NAG H . 27.48 -4.41 -45.81
O3 NAG H . 28.81 -3.91 -48.31
O4 NAG H . 29.43 -1.16 -48.85
O5 NAG H . 26.57 -0.90 -46.59
O6 NAG H . 26.08 0.68 -48.63
O7 NAG H . 25.43 -5.28 -46.06
C1 FUC H . 26.49 0.97 -41.43
C2 FUC H . 25.65 1.82 -40.43
C3 FUC H . 26.52 2.85 -39.68
C4 FUC H . 27.75 3.27 -40.51
C5 FUC H . 28.60 2.04 -40.86
C6 FUC H . 29.36 2.18 -42.18
O2 FUC H . 24.92 1.02 -39.52
O3 FUC H . 25.76 4.01 -39.38
O4 FUC H . 27.34 3.96 -41.69
O5 FUC H . 27.81 0.82 -40.96
C1 NAG I . -4.62 57.73 9.48
C2 NAG I . -5.53 58.90 9.09
C3 NAG I . -6.99 58.47 9.18
C4 NAG I . -7.24 57.20 8.39
C5 NAG I . -6.24 56.12 8.81
C6 NAG I . -6.33 54.87 7.97
C7 NAG I . -4.92 61.24 9.46
C8 NAG I . -4.71 62.32 10.49
N2 NAG I . -5.28 60.05 9.95
O3 NAG I . -7.82 59.52 8.67
O4 NAG I . -8.55 56.72 8.67
O5 NAG I . -4.90 56.62 8.67
O6 NAG I . -6.10 55.14 6.60
O7 NAG I . -4.77 61.44 8.26
C1 NAG I . -9.31 56.60 7.45
C2 NAG I . -10.63 55.92 7.81
C3 NAG I . -11.51 55.78 6.57
C4 NAG I . -11.69 57.14 5.90
C5 NAG I . -10.33 57.78 5.63
C6 NAG I . -10.43 59.18 5.07
C7 NAG I . -10.52 54.37 9.72
C8 NAG I . -10.94 55.53 10.57
N2 NAG I . -10.40 54.61 8.41
O3 NAG I . -12.78 55.25 6.94
O4 NAG I . -12.39 56.98 4.67
O5 NAG I . -9.59 57.87 6.85
O6 NAG I . -10.79 60.12 6.09
O7 NAG I . -10.31 53.26 10.19
C1 NAG J . 43.70 -15.08 -13.99
C2 NAG J . 45.13 -15.46 -13.59
C3 NAG J . 45.98 -14.20 -13.41
C4 NAG J . 45.92 -13.34 -14.66
C5 NAG J . 44.46 -13.00 -14.96
C6 NAG J . 44.28 -12.20 -16.22
C7 NAG J . 45.80 -17.41 -12.25
C8 NAG J . 46.55 -17.86 -13.46
N2 NAG J . 45.14 -16.25 -12.37
O3 NAG J . 47.33 -14.58 -13.16
O4 NAG J . 46.67 -12.14 -14.48
O5 NAG J . 43.73 -14.22 -15.14
O6 NAG J . 44.11 -13.05 -17.35
O7 NAG J . 45.79 -18.05 -11.21
C1 NAG J . 47.72 -12.11 -15.47
C2 NAG J . 48.00 -10.65 -15.84
C3 NAG J . 49.12 -10.58 -16.87
C4 NAG J . 50.35 -11.33 -16.38
C5 NAG J . 49.98 -12.75 -15.97
C6 NAG J . 51.13 -13.52 -15.35
C7 NAG J . 46.11 -9.09 -15.66
C8 NAG J . 46.65 -8.75 -14.31
N2 NAG J . 46.80 -10.02 -16.35
O3 NAG J . 49.45 -9.23 -17.12
O4 NAG J . 51.34 -11.38 -17.40
O5 NAG J . 48.93 -12.72 -14.99
O6 NAG J . 51.13 -14.88 -15.76
O7 NAG J . 45.10 -8.57 -16.11
C1 NAG K . 28.72 -46.58 -39.01
C2 NAG K . 28.14 -47.49 -40.09
C3 NAG K . 26.76 -46.99 -40.51
C4 NAG K . 25.86 -46.83 -39.29
C5 NAG K . 26.54 -45.95 -38.24
C6 NAG K . 25.75 -45.86 -36.96
C7 NAG K . 29.87 -48.59 -41.42
C8 NAG K . 30.72 -48.52 -42.66
N2 NAG K . 29.02 -47.58 -41.23
O3 NAG K . 26.19 -47.90 -41.43
O4 NAG K . 24.63 -46.22 -39.69
O5 NAG K . 27.82 -46.49 -37.90
O6 NAG K . 25.44 -47.15 -36.44
O7 NAG K . 29.96 -49.52 -40.62
C1 NAG K . 23.56 -47.17 -39.61
C2 NAG K . 22.27 -46.49 -40.05
C3 NAG K . 21.12 -47.48 -40.04
C4 NAG K . 21.46 -48.71 -40.87
C5 NAG K . 22.78 -49.31 -40.39
C6 NAG K . 23.24 -50.48 -41.23
C7 NAG K . 21.79 -44.11 -39.68
C8 NAG K . 21.49 -43.05 -38.67
N2 NAG K . 21.97 -45.34 -39.21
O3 NAG K . 19.95 -46.85 -40.57
O4 NAG K . 20.42 -49.68 -40.77
O5 NAG K . 23.81 -48.32 -40.44
O6 NAG K . 23.96 -50.03 -42.38
O7 NAG K . 21.86 -43.86 -40.88
C1 NAG L . 0.60 -47.02 8.99
C2 NAG L . 1.90 -47.74 9.36
C3 NAG L . 2.43 -48.54 8.16
C4 NAG L . 1.35 -49.45 7.60
C5 NAG L . 0.07 -48.65 7.33
C6 NAG L . -1.10 -49.52 6.91
C7 NAG L . 3.88 -47.11 10.66
C8 NAG L . 4.83 -46.00 11.03
N2 NAG L . 2.91 -46.79 9.81
O3 NAG L . 3.56 -49.30 8.56
O4 NAG L . 1.79 -50.03 6.38
O5 NAG L . -0.34 -47.97 8.52
O6 NAG L . -1.39 -50.50 7.90
O7 NAG L . 4.01 -48.25 11.12
C1 NAG L . 1.92 -51.46 6.56
C2 NAG L . 1.46 -52.14 5.26
C3 NAG L . 1.63 -53.66 5.39
C4 NAG L . 3.05 -54.01 5.79
C5 NAG L . 3.44 -53.24 7.06
C6 NAG L . 4.88 -53.45 7.46
C7 NAG L . -0.25 -51.03 3.91
C8 NAG L . 0.87 -50.51 3.07
N2 NAG L . 0.09 -51.81 4.93
O3 NAG L . 1.32 -54.27 4.14
O4 NAG L . 3.15 -55.40 6.04
O5 NAG L . 3.27 -51.84 6.85
O6 NAG L . 5.49 -54.47 6.68
O7 NAG L . -1.43 -50.75 3.66
C1 NAG M . 21.64 -24.77 34.15
C2 NAG M . 22.78 -25.43 34.93
C3 NAG M . 22.27 -26.01 36.24
C4 NAG M . 21.52 -24.94 37.04
C5 NAG M . 20.41 -24.35 36.17
C6 NAG M . 19.66 -23.22 36.85
C7 NAG M . 24.39 -26.23 33.25
C8 NAG M . 24.92 -27.42 32.52
N2 NAG M . 23.41 -26.47 34.13
O3 NAG M . 23.35 -26.51 37.01
O4 NAG M . 20.95 -25.50 38.22
O5 NAG M . 21.00 -23.79 34.98
O6 NAG M . 20.54 -22.30 37.46
O7 NAG M . 24.81 -25.10 33.05
C1 NAG M . 21.61 -24.91 39.35
C2 NAG M . 21.02 -25.49 40.64
C3 NAG M . 21.73 -24.91 41.85
C4 NAG M . 23.24 -25.10 41.74
C5 NAG M . 23.74 -24.54 40.41
C6 NAG M . 25.21 -24.81 40.18
C7 NAG M . 18.67 -26.05 40.19
C8 NAG M . 17.24 -25.62 40.36
N2 NAG M . 19.59 -25.23 40.72
O3 NAG M . 21.24 -25.54 43.04
O4 NAG M . 23.90 -24.44 42.81
O5 NAG M . 23.03 -25.16 39.33
O6 NAG M . 25.51 -26.20 40.27
O7 NAG M . 18.97 -27.07 39.60
C1 FUC M . 20.16 -20.97 37.04
C2 FUC M . 20.45 -20.00 38.21
C3 FUC M . 21.95 -19.90 38.46
C4 FUC M . 22.67 -19.50 37.16
C5 FUC M . 22.30 -20.47 36.05
C6 FUC M . 22.85 -20.04 34.69
O2 FUC M . 19.76 -20.37 39.39
O3 FUC M . 22.21 -18.89 39.43
O4 FUC M . 22.31 -18.18 36.80
O5 FUC M . 20.88 -20.60 35.88
C1 NAG N . 46.16 36.84 -16.35
C2 NAG N . 47.51 36.80 -17.06
C3 NAG N . 47.39 36.06 -18.38
C4 NAG N . 46.76 34.69 -18.19
C5 NAG N . 45.44 34.83 -17.45
C6 NAG N . 44.81 33.50 -17.09
C7 NAG N . 49.27 38.50 -16.92
C8 NAG N . 49.64 39.92 -17.20
N2 NAG N . 48.03 38.13 -17.26
O3 NAG N . 48.69 35.92 -18.97
O4 NAG N . 46.52 34.08 -19.46
O5 NAG N . 45.66 35.52 -16.20
O6 NAG N . 45.72 32.67 -16.39
O7 NAG N . 50.06 37.72 -16.40
C1 NAG N . 47.26 32.85 -19.56
C2 NAG N . 46.42 31.87 -20.36
C3 NAG N . 47.09 30.49 -20.39
C4 NAG N . 48.57 30.57 -20.02
C5 NAG N . 49.27 31.87 -20.48
C6 NAG N . 49.60 31.88 -21.96
C7 NAG N . 44.01 32.33 -20.41
C8 NAG N . 44.28 33.08 -21.69
N2 NAG N . 45.08 31.77 -19.83
O3 NAG N . 46.92 29.91 -21.66
O4 NAG N . 48.77 30.37 -18.63
O5 NAG N . 48.50 33.04 -20.21
O6 NAG N . 48.68 32.68 -22.69
O7 NAG N . 42.89 32.24 -19.95
C1 NAG O . 49.45 52.03 37.89
C2 NAG O . 49.66 50.57 38.28
C3 NAG O . 48.44 50.04 39.02
C4 NAG O . 48.08 50.94 40.20
C5 NAG O . 47.95 52.40 39.72
C6 NAG O . 47.74 53.36 40.86
C7 NAG O . 51.15 49.26 36.85
C8 NAG O . 51.27 48.44 35.60
N2 NAG O . 49.95 49.76 37.12
O3 NAG O . 48.71 48.72 39.49
O4 NAG O . 46.84 50.53 40.74
O5 NAG O . 49.15 52.81 39.05
O6 NAG O . 48.97 53.89 41.33
O7 NAG O . 52.12 49.46 37.58
C1 NAG O . 47.05 49.92 42.04
C2 NAG O . 45.86 50.25 42.93
C3 NAG O . 46.01 49.58 44.28
C4 NAG O . 46.24 48.09 44.11
C5 NAG O . 47.42 47.84 43.17
C6 NAG O . 47.62 46.37 42.86
C7 NAG O . 44.64 52.36 42.65
C8 NAG O . 44.66 53.85 42.89
N2 NAG O . 45.71 51.69 43.07
O3 NAG O . 44.84 49.82 45.06
O4 NAG O . 46.52 47.49 45.38
O5 NAG O . 47.19 48.50 41.92
O6 NAG O . 46.47 45.80 42.27
O7 NAG O . 43.69 51.80 42.10
C1 NAG P . -8.93 -3.08 43.04
C2 NAG P . -9.40 -2.25 44.25
C3 NAG P . -8.24 -1.42 44.82
C4 NAG P . -7.04 -2.31 45.11
C5 NAG P . -6.64 -3.02 43.82
C6 NAG P . -5.47 -3.95 44.00
C7 NAG P . -11.76 -1.61 44.31
C8 NAG P . -12.79 -0.62 43.83
N2 NAG P . -10.52 -1.39 43.89
O3 NAG P . -8.69 -0.80 46.03
O4 NAG P . -5.93 -1.62 45.66
O5 NAG P . -7.75 -3.81 43.38
O6 NAG P . -4.24 -3.28 43.80
O7 NAG P . -12.05 -2.55 45.02
C1 NAG P . -5.77 -0.24 45.27
C2 NAG P . -5.53 0.55 46.55
C3 NAG P . -5.31 2.02 46.23
C4 NAG P . -4.20 2.18 45.20
C5 NAG P . -4.49 1.31 43.97
C6 NAG P . -3.36 1.31 42.98
C7 NAG P . -6.44 0.27 48.81
C8 NAG P . -7.68 0.11 49.64
N2 NAG P . -6.62 0.39 47.49
O3 NAG P . -4.97 2.73 47.42
O4 NAG P . -4.10 3.54 44.80
O5 NAG P . -4.68 -0.05 44.38
O6 NAG P . -2.28 0.50 43.41
O7 NAG P . -5.32 0.29 49.32
C1 NAG Q . -34.39 -34.65 22.23
C2 NAG Q . -34.20 -35.58 21.01
C3 NAG Q . -35.51 -35.72 20.25
C4 NAG Q . -36.61 -36.19 21.19
C5 NAG Q . -36.72 -35.25 22.39
C6 NAG Q . -37.70 -35.73 23.43
C7 NAG Q . -32.15 -35.81 19.67
C8 NAG Q . -32.14 -37.24 20.11
N2 NAG Q . -33.15 -35.06 20.14
O3 NAG Q . -35.34 -36.66 19.19
O4 NAG Q . -37.86 -36.21 20.51
O5 NAG Q . -35.44 -35.16 23.04
O6 NAG Q . -38.31 -34.63 24.11
O7 NAG Q . -31.28 -35.34 18.94
C1 NAG Q . -38.27 -37.59 20.37
C2 NAG Q . -39.77 -37.65 20.16
C3 NAG Q . -40.23 -39.10 19.98
C4 NAG Q . -39.41 -39.79 18.89
C5 NAG Q . -37.91 -39.59 19.13
C6 NAG Q . -37.06 -40.11 17.99
C7 NAG Q . -40.50 -37.44 22.51
C8 NAG Q . -41.33 -36.62 23.47
N2 NAG Q . -40.50 -37.01 21.24
O3 NAG Q . -41.61 -39.11 19.65
O4 NAG Q . -39.65 -41.20 18.93
O5 NAG Q . -37.60 -38.20 19.27
O6 NAG Q . -37.39 -39.46 16.76
O7 NAG Q . -39.87 -38.42 22.88
C1 BMA Q . -40.74 -41.61 18.10
C2 BMA Q . -40.42 -43.03 17.62
C3 BMA Q . -41.64 -43.70 16.98
C4 BMA Q . -42.93 -43.48 17.78
C5 BMA Q . -43.10 -42.00 18.15
C6 BMA Q . -44.25 -41.75 19.10
O2 BMA Q . -40.03 -43.85 18.72
O3 BMA Q . -41.41 -45.10 16.85
O4 BMA Q . -44.04 -43.90 17.02
O5 BMA Q . -41.93 -41.57 18.84
O6 BMA Q . -45.49 -42.04 18.47
C1 MAN Q . -41.32 -45.47 15.45
C2 MAN Q . -40.76 -46.90 15.39
C3 MAN Q . -40.56 -47.33 13.94
C4 MAN Q . -39.83 -46.26 13.08
C5 MAN Q . -40.34 -44.82 13.34
C6 MAN Q . -41.68 -44.52 12.66
O2 MAN Q . -41.68 -47.84 15.96
O3 MAN Q . -41.78 -47.72 13.33
O4 MAN Q . -38.42 -46.31 13.32
O5 MAN Q . -40.50 -44.57 14.75
O6 MAN Q . -41.48 -44.59 11.25
C1 MAN Q . -46.25 -43.06 19.18
C2 MAN Q . -47.56 -42.35 19.74
C3 MAN Q . -47.43 -41.98 21.20
C4 MAN Q . -47.05 -43.21 21.98
C5 MAN Q . -45.61 -43.54 21.64
C6 MAN Q . -45.11 -44.78 22.35
O2 MAN Q . -48.68 -43.23 19.67
O3 MAN Q . -48.63 -41.43 21.71
O4 MAN Q . -47.15 -42.94 23.37
O5 MAN Q . -45.45 -43.79 20.19
O6 MAN Q . -45.70 -44.82 23.65
C1 NAG R . -19.51 -44.36 41.88
C2 NAG R . -18.74 -45.66 41.82
C3 NAG R . -18.20 -45.89 40.41
C4 NAG R . -19.33 -45.79 39.38
C5 NAG R . -20.11 -44.49 39.57
C6 NAG R . -21.34 -44.40 38.69
C7 NAG R . -17.14 -46.78 43.31
C8 NAG R . -16.01 -46.60 44.28
N2 NAG R . -17.64 -45.66 42.78
O3 NAG R . -17.58 -47.18 40.33
O4 NAG R . -18.78 -45.82 38.07
O5 NAG R . -20.56 -44.38 40.93
O6 NAG R . -21.16 -43.45 37.65
O7 NAG R . -17.56 -47.90 43.01
C1 NAG R . -19.24 -47.00 37.37
C2 NAG R . -18.22 -47.32 36.27
C3 NAG R . -18.63 -48.58 35.52
C4 NAG R . -18.84 -49.73 36.50
C5 NAG R . -19.83 -49.31 37.59
C6 NAG R . -20.00 -50.37 38.66
C7 NAG R . -17.31 -45.13 35.57
C8 NAG R . -17.30 -44.08 34.51
N2 NAG R . -18.10 -46.20 35.34
O3 NAG R . -17.61 -48.93 34.59
O4 NAG R . -19.35 -50.87 35.81
O5 NAG R . -19.36 -48.12 38.25
O6 NAG R . -18.91 -50.37 39.55
O7 NAG R . -16.66 -45.03 36.61
C1 NAG S . -39.55 19.31 5.26
C2 NAG S . -40.71 19.86 6.09
C3 NAG S . -41.84 20.33 5.18
C4 NAG S . -41.32 21.31 4.14
C5 NAG S . -40.16 20.66 3.37
C6 NAG S . -39.52 21.58 2.36
C7 NAG S . -41.14 18.98 8.35
C8 NAG S . -40.54 20.26 8.86
N2 NAG S . -41.20 18.84 7.02
O3 NAG S . -42.85 20.94 5.97
O4 NAG S . -42.35 21.66 3.23
O5 NAG S . -39.13 20.29 4.31
O6 NAG S . -39.22 22.85 2.93
O7 NAG S . -41.56 18.12 9.11
C1 NAG S . -42.50 23.10 3.23
C2 NAG S . -43.83 23.46 2.56
C3 NAG S . -44.04 24.97 2.59
C4 NAG S . -43.90 25.51 4.00
C5 NAG S . -42.57 25.06 4.61
C6 NAG S . -42.43 25.46 6.06
C7 NAG S . -44.80 22.07 0.78
C8 NAG S . -44.71 21.66 -0.65
N2 NAG S . -43.88 22.96 1.20
O3 NAG S . -45.33 25.28 2.07
O4 NAG S . -43.95 26.94 3.99
O5 NAG S . -42.47 23.63 4.56
O6 NAG S . -43.56 25.06 6.83
O7 NAG S . -45.66 21.62 1.53
C1 FUC S . -38.20 23.46 2.12
C2 FUC S . -38.50 24.96 2.02
C3 FUC S . -38.32 25.65 3.36
C4 FUC S . -36.91 25.36 3.90
C5 FUC S . -36.67 23.86 3.97
C6 FUC S . -35.25 23.49 4.36
O2 FUC S . -39.80 25.22 1.50
O3 FUC S . -38.44 27.07 3.22
O4 FUC S . -35.94 25.96 3.06
O5 FUC S . -36.92 23.24 2.69
C1 NAG T . 35.06 24.51 42.33
C2 NAG T . 35.11 24.39 43.87
C3 NAG T . 33.80 23.84 44.44
C4 NAG T . 33.40 22.53 43.76
C5 NAG T . 33.37 22.67 42.25
C6 NAG T . 32.21 23.50 41.72
C7 NAG T . 37.44 24.06 44.56
C8 NAG T . 38.48 23.07 44.97
N2 NAG T . 36.22 23.56 44.29
O3 NAG T . 32.77 24.82 44.33
O4 NAG T . 34.34 21.53 44.12
O5 NAG T . 34.59 23.26 41.75
O6 NAG T . 30.97 22.86 41.96
O7 NAG T . 37.67 25.26 44.47
C1 NAG T . 33.78 20.19 44.23
C2 NAG T . 32.60 20.19 45.21
C3 NAG T . 31.97 18.80 45.30
C4 NAG T . 31.60 18.29 43.91
C5 NAG T . 32.82 18.35 42.99
C6 NAG T . 32.51 17.94 41.57
C7 NAG T . 33.92 20.05 47.30
C8 NAG T . 34.20 20.69 48.63
N2 NAG T . 33.01 20.65 46.53
O3 NAG T . 30.81 18.86 46.11
O4 NAG T . 31.13 16.95 43.99
O5 NAG T . 33.33 19.69 42.94
O6 NAG T . 33.69 17.80 40.79
O7 NAG T . 34.52 19.03 46.93
C1 NAG U . 18.47 74.88 22.08
C2 NAG U . 17.03 74.41 22.10
C3 NAG U . 16.54 74.14 20.67
C4 NAG U . 16.86 75.31 19.73
C5 NAG U . 18.30 75.78 19.91
C6 NAG U . 18.60 77.07 19.18
C7 NAG U . 16.40 73.20 24.14
C8 NAG U . 15.96 74.53 24.69
N2 NAG U . 16.89 73.20 22.91
O3 NAG U . 15.14 73.91 20.69
O4 NAG U . 16.73 74.83 18.39
O5 NAG U . 18.59 76.03 21.29
O6 NAG U . 17.64 78.07 19.47
O7 NAG U . 16.29 72.16 24.80
C1 NAG U . 15.85 75.56 17.49
C2 NAG U . 14.60 76.08 18.21
C3 NAG U . 14.44 77.59 18.03
C4 NAG U . 14.57 77.99 16.56
C5 NAG U . 15.78 77.33 15.92
C6 NAG U . 16.69 78.33 15.23
C7 NAG U . 12.28 75.31 18.46
C8 NAG U . 11.15 74.55 17.82
N2 NAG U . 13.41 75.38 17.75
O3 NAG U . 15.43 78.26 18.80
O4 NAG U . 13.39 77.61 15.86
O5 NAG U . 16.56 76.66 16.91
O6 NAG U . 18.02 78.23 15.73
O7 NAG U . 12.17 75.81 19.57
C1 NAG V . -29.03 11.78 -59.06
C2 NAG V . -28.62 10.62 -59.98
C3 NAG V . -28.29 11.14 -61.38
C4 NAG V . -29.44 11.98 -61.92
C5 NAG V . -29.80 13.08 -60.93
C6 NAG V . -31.00 13.89 -61.34
C7 NAG V . -26.29 10.37 -59.19
C8 NAG V . -25.29 9.41 -58.63
N2 NAG V . -27.51 9.86 -59.43
O3 NAG V . -28.05 10.04 -62.24
O4 NAG V . -29.08 12.57 -63.16
O5 NAG V . -30.12 12.50 -59.65
O6 NAG V . -32.18 13.09 -61.39
O7 NAG V . -26.01 11.54 -59.43
C1 NAG W . -22.98 25.47 -5.54
C2 NAG W . -23.13 25.88 -4.08
C3 NAG W . -22.64 27.32 -3.90
C4 NAG W . -21.23 27.48 -4.46
C5 NAG W . -21.22 27.03 -5.92
C6 NAG W . -19.84 27.09 -6.55
C7 NAG W . -25.57 25.70 -4.38
C8 NAG W . -26.15 27.00 -4.80
N2 NAG W . -24.48 25.76 -3.59
O3 NAG W . -22.66 27.65 -2.51
O4 NAG W . -20.85 28.85 -4.41
O5 NAG W . -21.64 25.65 -5.99
O6 NAG W . -19.83 26.48 -7.83
O7 NAG W . -26.04 24.62 -4.73
C1 NAG X . -27.10 -7.27 -54.21
C2 NAG X . -26.89 -5.76 -54.48
C3 NAG X . -25.40 -5.44 -54.61
C4 NAG X . -24.64 -6.00 -53.41
C5 NAG X . -24.95 -7.48 -53.21
C6 NAG X . -24.30 -8.07 -51.99
C7 NAG X . -27.40 -5.78 -56.91
C8 NAG X . -28.25 -5.17 -57.99
N2 NAG X . -27.62 -5.32 -55.67
O3 NAG X . -25.23 -4.03 -54.69
O4 NAG X . -23.24 -5.84 -53.60
O5 NAG X . -26.37 -7.66 -53.05
O6 NAG X . -23.06 -8.71 -52.32
O7 NAG X . -26.55 -6.63 -57.16
C1 NAG Y . -33.33 -15.80 -41.11
C2 NAG Y . -32.85 -16.17 -42.51
C3 NAG Y . -33.06 -17.66 -42.76
C4 NAG Y . -32.44 -18.48 -41.65
C5 NAG Y . -32.90 -17.98 -40.28
C6 NAG Y . -32.21 -18.67 -39.13
C7 NAG Y . -32.97 -15.01 -44.68
C8 NAG Y . -33.83 -14.19 -45.60
N2 NAG Y . -33.54 -15.37 -43.52
O3 NAG Y . -32.49 -18.01 -44.02
O4 NAG Y . -32.80 -19.85 -41.80
O5 NAG Y . -32.62 -16.59 -40.15
O6 NAG Y . -31.69 -19.93 -39.53
O7 NAG Y . -31.82 -15.33 -44.97
C1 NAG Z . -42.50 -18.03 -37.32
C2 NAG Z . -43.84 -18.54 -37.88
C3 NAG Z . -43.97 -20.04 -37.65
C4 NAG Z . -42.75 -20.77 -38.20
C5 NAG Z . -41.46 -20.16 -37.64
C6 NAG Z . -40.21 -20.76 -38.26
C7 NAG Z . -46.13 -17.65 -37.90
C8 NAG Z . -47.17 -16.90 -37.13
N2 NAG Z . -44.96 -17.83 -37.28
O3 NAG Z . -45.15 -20.52 -38.27
O4 NAG Z . -42.80 -22.14 -37.85
O5 NAG Z . -41.43 -18.75 -37.92
O6 NAG Z . -40.17 -22.17 -38.08
O7 NAG Z . -46.33 -18.08 -39.03
C1 NAG AA . -50.29 7.24 -23.34
C2 NAG AA . -50.98 6.52 -22.19
C3 NAG AA . -52.32 5.95 -22.64
C4 NAG AA . -53.18 7.05 -23.25
C5 NAG AA . -52.40 7.78 -24.35
C6 NAG AA . -53.15 8.95 -24.91
C7 NAG AA . -49.51 5.53 -20.47
C8 NAG AA . -48.68 4.36 -20.09
N2 NAG AA . -50.13 5.46 -21.65
O3 NAG AA . -52.99 5.38 -21.52
O4 NAG AA . -54.37 6.50 -23.80
O5 NAG AA . -51.16 8.27 -23.84
O6 NAG AA . -54.55 8.71 -25.01
O7 NAG AA . -49.62 6.52 -19.75
C1 NAG BA . -5.41 -28.04 -39.14
C2 NAG BA . -5.25 -27.62 -40.59
C3 NAG BA . -6.59 -27.18 -41.17
C4 NAG BA . -7.64 -28.27 -40.96
C5 NAG BA . -7.70 -28.69 -39.49
C6 NAG BA . -8.62 -29.86 -39.25
C7 NAG BA . -3.05 -26.76 -41.27
C8 NAG BA . -2.16 -25.56 -41.33
N2 NAG BA . -4.26 -26.57 -40.74
O3 NAG BA . -6.46 -26.89 -42.55
O4 NAG BA . -8.92 -27.79 -41.36
O5 NAG BA . -6.39 -29.08 -39.05
O6 NAG BA . -7.91 -31.09 -39.29
O7 NAG BA . -2.70 -27.86 -41.70
C1 NAG CA . 11.14 35.92 -34.86
C2 NAG CA . 12.16 34.81 -34.63
C3 NAG CA . 13.57 35.39 -34.64
C4 NAG CA . 13.81 36.16 -35.93
C5 NAG CA . 12.72 37.22 -36.12
C6 NAG CA . 12.83 37.94 -37.44
C7 NAG CA . 12.04 32.81 -33.20
C8 NAG CA . 11.74 32.29 -31.83
N2 NAG CA . 11.91 34.14 -33.35
O3 NAG CA . 14.52 34.34 -34.52
O4 NAG CA . 15.08 36.81 -35.88
O5 NAG CA . 11.43 36.59 -36.10
O6 NAG CA . 14.15 37.90 -37.96
O7 NAG CA . 12.38 32.09 -34.12
C1 NAG DA . 50.40 64.20 -1.66
C2 NAG DA . 50.30 63.47 -3.00
C3 NAG DA . 51.08 62.15 -2.95
C4 NAG DA . 52.51 62.40 -2.48
C5 NAG DA . 52.50 63.16 -1.15
C6 NAG DA . 53.89 63.53 -0.69
C7 NAG DA . 48.18 64.09 -4.07
C8 NAG DA . 46.77 63.68 -4.36
N2 NAG DA . 48.93 63.22 -3.37
O3 NAG DA . 51.10 61.56 -4.24
O4 NAG DA . 53.18 61.16 -2.31
O5 NAG DA . 51.78 64.38 -1.30
O6 NAG DA . 54.43 64.60 -1.47
O7 NAG DA . 48.63 65.17 -4.45
C1 NAG EA . 30.46 0.78 -24.46
C2 NAG EA . 30.42 1.89 -25.50
C3 NAG EA . 31.29 3.07 -25.05
C4 NAG EA . 30.89 3.52 -23.66
C5 NAG EA . 30.93 2.35 -22.70
C6 NAG EA . 30.42 2.70 -21.31
C7 NAG EA . 30.02 1.19 -27.81
C8 NAG EA . 30.64 0.69 -29.08
N2 NAG EA . 30.86 1.41 -26.80
O3 NAG EA . 31.14 4.15 -25.98
O4 NAG EA . 31.78 4.53 -23.20
O5 NAG EA . 30.07 1.30 -23.19
O6 NAG EA . 30.91 1.78 -20.34
O7 NAG EA . 28.81 1.38 -27.72
C1 NAG FA . 29.88 -54.97 -6.23
C2 NAG FA . 29.80 -56.20 -5.32
C3 NAG FA . 29.63 -55.77 -3.87
C4 NAG FA . 30.74 -54.81 -3.47
C5 NAG FA . 30.80 -53.64 -4.46
C6 NAG FA . 31.96 -52.71 -4.19
C7 NAG FA . 28.89 -58.13 -6.55
C8 NAG FA . 27.67 -58.93 -6.87
N2 NAG FA . 28.72 -57.08 -5.74
O3 NAG FA . 29.67 -56.92 -3.03
O4 NAG FA . 30.50 -54.31 -2.16
O5 NAG FA . 30.95 -54.12 -5.80
O6 NAG FA . 32.96 -52.84 -5.19
O7 NAG FA . 29.99 -58.40 -7.02
C1 NAG GA . 16.51 -51.89 -15.94
C2 NAG GA . 15.13 -52.16 -16.51
C3 NAG GA . 14.40 -53.21 -15.68
C4 NAG GA . 15.25 -54.46 -15.52
C5 NAG GA . 16.62 -54.09 -14.98
C6 NAG GA . 17.58 -55.27 -14.93
C7 NAG GA . 14.21 -50.23 -17.71
C8 NAG GA . 13.37 -49.00 -17.61
N2 NAG GA . 14.34 -50.94 -16.58
O3 NAG GA . 13.16 -53.53 -16.30
O4 NAG GA . 14.63 -55.39 -14.65
O5 NAG GA . 17.25 -53.11 -15.83
O6 NAG GA . 18.71 -55.06 -15.76
O7 NAG GA . 14.74 -50.57 -18.76
C1 NAG HA . 28.29 -32.69 -41.29
C2 NAG HA . 27.79 -31.61 -42.26
C3 NAG HA . 26.80 -32.21 -43.26
C4 NAG HA . 27.40 -33.42 -43.95
C5 NAG HA . 27.91 -34.42 -42.92
C6 NAG HA . 28.63 -35.60 -43.54
C7 NAG HA . 26.14 -30.55 -40.76
C8 NAG HA . 25.71 -29.26 -40.12
N2 NAG HA . 27.21 -30.49 -41.55
O3 NAG HA . 26.44 -31.22 -44.22
O4 NAG HA . 26.42 -34.05 -44.77
O5 NAG HA . 28.85 -33.78 -42.03
O6 NAG HA . 29.94 -35.24 -43.95
O7 NAG HA . 25.55 -31.61 -40.54
C1 NAG IA . 49.51 -2.67 17.36
C2 NAG IA . 48.38 -3.01 18.32
C3 NAG IA . 48.44 -2.10 19.55
C4 NAG IA . 49.81 -2.18 20.20
C5 NAG IA . 50.90 -1.89 19.16
C6 NAG IA . 52.30 -2.08 19.70
C7 NAG IA . 46.19 -3.88 17.64
C8 NAG IA . 44.91 -3.59 16.92
N2 NAG IA . 47.08 -2.89 17.67
O3 NAG IA . 47.45 -2.50 20.49
O4 NAG IA . 49.91 -1.22 21.25
O5 NAG IA . 50.77 -2.78 18.05
O6 NAG IA . 52.28 -2.61 21.02
O7 NAG IA . 46.40 -4.97 18.18
C1 NAG JA . 11.53 -6.65 33.65
C2 NAG JA . 13.02 -6.83 33.94
C3 NAG JA . 13.58 -5.57 34.60
C4 NAG JA . 13.28 -4.35 33.74
C5 NAG JA . 11.78 -4.27 33.46
C6 NAG JA . 11.42 -3.14 32.52
C7 NAG JA . 13.77 -9.12 34.32
C8 NAG JA . 14.12 -9.16 32.87
N2 NAG JA . 13.24 -7.99 34.78
O3 NAG JA . 14.99 -5.71 34.75
O4 NAG JA . 13.69 -3.16 34.42
O5 NAG JA . 11.33 -5.48 32.85
O6 NAG JA . 10.11 -3.31 31.99
O7 NAG JA . 13.95 -10.09 35.06
C1 NAG KA . -44.58 -24.92 30.48
C2 NAG KA . -44.82 -23.42 30.27
C3 NAG KA . -46.08 -23.22 29.42
C4 NAG KA . -45.98 -24.01 28.12
C5 NAG KA . -45.66 -25.48 28.43
C6 NAG KA . -45.42 -26.29 27.17
C7 NAG KA . -44.70 -21.43 31.69
C8 NAG KA . -44.87 -20.88 33.08
N2 NAG KA . -44.95 -22.74 31.55
O3 NAG KA . -46.23 -21.83 29.13
O4 NAG KA . -47.21 -23.93 27.41
O5 NAG KA . -44.46 -25.57 29.21
O6 NAG KA . -46.32 -25.92 26.13
O7 NAG KA . -44.34 -20.72 30.76
C1 NAG LA . -29.84 -45.13 24.87
C2 NAG LA . -29.55 -45.58 23.44
C3 NAG LA . -30.62 -46.57 22.98
C4 NAG LA . -30.73 -47.73 23.97
C5 NAG LA . -30.95 -47.20 25.39
C6 NAG LA . -30.93 -48.29 26.42
C7 NAG LA . -28.35 -43.98 22.01
C8 NAG LA . -28.48 -42.80 21.11
N2 NAG LA . -29.49 -44.44 22.55
O3 NAG LA . -30.28 -47.06 21.69
O4 NAG LA . -31.81 -48.57 23.60
O5 NAG LA . -29.91 -46.28 25.73
O6 NAG LA . -30.16 -49.40 26.00
O7 NAG LA . -27.27 -44.51 22.25
C1 NAG MA . -16.80 29.28 34.64
C2 NAG MA . -18.01 29.34 33.71
C3 NAG MA . -18.23 30.78 33.24
C4 NAG MA . -18.34 31.73 34.43
C5 NAG MA . -17.10 31.57 35.30
C6 NAG MA . -17.17 32.41 36.56
C7 NAG MA . -18.35 27.22 32.53
C8 NAG MA . -18.08 26.44 31.28
N2 NAG MA . -17.84 28.46 32.58
O3 NAG MA . -19.44 30.84 32.47
O4 NAG MA . -18.43 33.07 33.98
O5 NAG MA . -16.97 30.20 35.73
O6 NAG MA . -17.23 33.80 36.26
O7 NAG MA . -19.01 26.76 33.45
#